data_2RTT
#
_entry.id   2RTT
#
_entity_poly.entity_id   1
_entity_poly.type   'polypeptide(L)'
_entity_poly.pdbx_seq_one_letter_code
;ATSATATFAKTSDWGTGFGGSWTVKNTGTTSLSSWTVEWDFPTGTKVTSAWDATVTNSGDHWTAKNVGWNGTLAPGASVS
FGFNGSGPGSPSNCKLNGGSCDGTS
;
_entity_poly.pdbx_strand_id   A
#
# COMPACT_ATOMS: atom_id res chain seq x y z
N ALA A 1 2.29 -6.11 15.92
CA ALA A 1 2.75 -6.21 17.30
C ALA A 1 4.07 -5.49 17.49
N THR A 2 4.04 -4.39 18.25
CA THR A 2 5.24 -3.61 18.50
C THR A 2 5.99 -3.30 17.21
N SER A 3 5.23 -2.94 16.18
CA SER A 3 5.82 -2.61 14.88
C SER A 3 4.76 -2.10 13.92
N ALA A 4 5.13 -1.96 12.65
CA ALA A 4 4.21 -1.48 11.63
C ALA A 4 3.49 -2.65 10.95
N THR A 5 2.17 -2.52 10.81
CA THR A 5 1.37 -3.56 10.19
C THR A 5 0.42 -2.97 9.15
N ALA A 6 0.05 -3.77 8.16
CA ALA A 6 -0.86 -3.33 7.11
C ALA A 6 -1.80 -4.45 6.70
N THR A 7 -2.87 -4.09 6.01
CA THR A 7 -3.87 -5.06 5.55
C THR A 7 -4.54 -4.60 4.26
N PHE A 8 -4.91 -5.56 3.42
CA PHE A 8 -5.56 -5.26 2.16
C PHE A 8 -7.08 -5.19 2.33
N ALA A 9 -7.71 -4.31 1.56
CA ALA A 9 -9.15 -4.14 1.63
C ALA A 9 -9.74 -3.80 0.26
N LYS A 10 -11.05 -3.95 0.12
CA LYS A 10 -11.73 -3.67 -1.15
C LYS A 10 -12.58 -2.41 -1.02
N THR A 11 -12.56 -1.58 -2.06
CA THR A 11 -13.33 -0.35 -2.07
C THR A 11 -14.60 -0.51 -2.91
N SER A 12 -14.42 -0.78 -4.20
CA SER A 12 -15.53 -0.95 -5.11
C SER A 12 -15.04 -1.32 -6.52
N ASP A 13 -15.64 -2.34 -7.10
CA ASP A 13 -15.27 -2.79 -8.44
C ASP A 13 -16.45 -2.66 -9.39
N TRP A 14 -16.21 -2.00 -10.52
CA TRP A 14 -17.25 -1.81 -11.52
C TRP A 14 -16.95 -2.60 -12.79
N GLY A 15 -17.39 -3.85 -12.82
CA GLY A 15 -17.14 -4.69 -13.98
C GLY A 15 -15.70 -5.16 -14.07
N THR A 16 -14.88 -4.41 -14.80
CA THR A 16 -13.48 -4.76 -14.96
C THR A 16 -12.60 -3.93 -14.03
N GLY A 17 -13.14 -2.82 -13.54
CA GLY A 17 -12.40 -1.96 -12.65
C GLY A 17 -12.54 -2.36 -11.19
N PHE A 18 -11.49 -2.13 -10.41
CA PHE A 18 -11.49 -2.47 -8.99
C PHE A 18 -10.87 -1.36 -8.16
N GLY A 19 -11.41 -1.14 -6.96
CA GLY A 19 -10.90 -0.10 -6.09
C GLY A 19 -10.07 -0.67 -4.94
N GLY A 20 -8.76 -0.45 -5.00
CA GLY A 20 -7.88 -0.96 -3.96
C GLY A 20 -7.89 -0.08 -2.73
N SER A 21 -7.89 -0.71 -1.55
CA SER A 21 -7.90 0.02 -0.29
C SER A 21 -6.91 -0.59 0.70
N TRP A 22 -5.71 -0.03 0.75
CA TRP A 22 -4.68 -0.52 1.66
C TRP A 22 -4.75 0.20 3.00
N THR A 23 -4.44 -0.52 4.07
CA THR A 23 -4.47 0.04 5.41
C THR A 23 -3.07 0.09 6.02
N VAL A 24 -2.65 1.28 6.45
CA VAL A 24 -1.34 1.45 7.05
C VAL A 24 -1.45 1.89 8.50
N LYS A 25 -0.72 1.22 9.38
CA LYS A 25 -0.73 1.54 10.80
C LYS A 25 0.66 1.39 11.41
N ASN A 26 1.20 2.49 11.92
CA ASN A 26 2.52 2.48 12.53
C ASN A 26 2.43 2.71 14.03
N THR A 27 2.55 1.63 14.80
CA THR A 27 2.46 1.72 16.26
C THR A 27 3.38 0.69 16.92
N GLY A 28 4.14 1.14 17.91
CA GLY A 28 5.04 0.24 18.61
C GLY A 28 6.50 0.55 18.34
N THR A 29 6.88 0.54 17.06
CA THR A 29 8.24 0.82 16.67
C THR A 29 8.65 2.25 17.04
N THR A 30 9.94 2.53 16.95
CA THR A 30 10.45 3.86 17.29
C THR A 30 9.88 4.93 16.35
N SER A 31 10.36 6.15 16.49
CA SER A 31 9.90 7.26 15.66
C SER A 31 9.97 6.89 14.17
N LEU A 32 8.84 7.03 13.49
CA LEU A 32 8.78 6.71 12.07
C LEU A 32 9.07 7.94 11.22
N SER A 33 8.97 7.79 9.90
CA SER A 33 9.22 8.89 8.98
C SER A 33 8.25 8.86 7.81
N SER A 34 8.18 7.70 7.14
CA SER A 34 7.29 7.53 5.99
C SER A 34 6.92 6.07 5.81
N TRP A 35 5.80 5.83 5.14
CA TRP A 35 5.33 4.47 4.89
C TRP A 35 5.36 4.15 3.40
N THR A 36 6.02 3.05 3.05
CA THR A 36 6.12 2.62 1.66
C THR A 36 5.67 1.17 1.48
N VAL A 37 4.44 0.99 1.01
CA VAL A 37 3.90 -0.33 0.79
C VAL A 37 3.95 -0.73 -0.68
N GLU A 38 4.65 -1.82 -0.97
CA GLU A 38 4.79 -2.30 -2.34
C GLU A 38 4.41 -3.77 -2.44
N TRP A 39 4.02 -4.20 -3.64
CA TRP A 39 3.64 -5.58 -3.87
C TRP A 39 3.87 -5.99 -5.32
N ASP A 40 3.74 -7.27 -5.60
CA ASP A 40 3.94 -7.78 -6.96
C ASP A 40 2.61 -7.97 -7.67
N PHE A 41 2.52 -7.45 -8.88
CA PHE A 41 1.29 -7.56 -9.68
C PHE A 41 1.51 -8.47 -10.88
N PRO A 42 1.47 -9.78 -10.64
CA PRO A 42 1.66 -10.79 -11.70
C PRO A 42 0.48 -10.84 -12.66
N THR A 43 -0.73 -10.92 -12.10
CA THR A 43 -1.94 -10.98 -12.91
C THR A 43 -2.25 -9.62 -13.54
N GLY A 44 -2.77 -9.65 -14.76
CA GLY A 44 -3.10 -8.41 -15.44
C GLY A 44 -3.72 -7.38 -14.52
N THR A 45 -2.88 -6.45 -14.05
CA THR A 45 -3.35 -5.40 -13.15
C THR A 45 -2.43 -4.18 -13.22
N LYS A 46 -2.98 -3.02 -12.88
CA LYS A 46 -2.22 -1.78 -12.90
C LYS A 46 -3.03 -0.62 -12.31
N VAL A 47 -2.42 0.12 -11.40
CA VAL A 47 -3.09 1.25 -10.77
C VAL A 47 -3.19 2.43 -11.72
N THR A 48 -4.33 2.55 -12.39
CA THR A 48 -4.56 3.63 -13.34
C THR A 48 -4.54 4.98 -12.64
N SER A 49 -5.18 5.05 -11.47
CA SER A 49 -5.23 6.28 -10.70
C SER A 49 -5.14 6.00 -9.20
N ALA A 50 -4.39 6.85 -8.49
CA ALA A 50 -4.22 6.69 -7.05
C ALA A 50 -4.46 8.01 -6.32
N TRP A 51 -5.15 7.93 -5.20
CA TRP A 51 -5.45 9.11 -4.41
C TRP A 51 -4.92 8.97 -2.98
N ASP A 52 -4.42 10.06 -2.43
CA ASP A 52 -3.88 10.06 -1.07
C ASP A 52 -2.65 9.16 -0.98
N ALA A 53 -2.10 8.79 -2.14
CA ALA A 53 -0.92 7.94 -2.19
C ALA A 53 -0.40 7.82 -3.61
N THR A 54 0.85 8.24 -3.82
CA THR A 54 1.46 8.17 -5.14
C THR A 54 1.91 6.75 -5.47
N VAL A 55 1.10 6.06 -6.26
CA VAL A 55 1.41 4.69 -6.66
C VAL A 55 2.23 4.65 -7.93
N THR A 56 3.43 4.09 -7.85
CA THR A 56 4.33 4.00 -9.00
C THR A 56 4.41 2.57 -9.51
N ASN A 57 5.05 2.40 -10.67
CA ASN A 57 5.18 1.07 -11.28
C ASN A 57 6.57 0.90 -11.88
N SER A 58 7.00 -0.35 -12.02
CA SER A 58 8.32 -0.65 -12.57
C SER A 58 8.36 -2.07 -13.12
N GLY A 59 7.93 -2.24 -14.37
CA GLY A 59 7.93 -3.55 -14.98
C GLY A 59 6.79 -4.43 -14.48
N ASP A 60 7.05 -5.18 -13.41
CA ASP A 60 6.04 -6.06 -12.84
C ASP A 60 5.87 -5.79 -11.35
N HIS A 61 6.64 -4.83 -10.84
CA HIS A 61 6.56 -4.47 -9.42
C HIS A 61 5.91 -3.10 -9.24
N TRP A 62 5.18 -2.95 -8.14
CA TRP A 62 4.50 -1.69 -7.85
C TRP A 62 4.79 -1.23 -6.42
N THR A 63 4.67 0.07 -6.18
CA THR A 63 4.91 0.63 -4.87
C THR A 63 4.04 1.86 -4.62
N ALA A 64 3.68 2.07 -3.36
CA ALA A 64 2.84 3.20 -2.99
C ALA A 64 3.48 4.01 -1.85
N LYS A 65 3.66 5.31 -2.08
CA LYS A 65 4.26 6.18 -1.09
C LYS A 65 3.52 7.51 -1.01
N ASN A 66 3.65 8.19 0.11
CA ASN A 66 2.99 9.48 0.32
C ASN A 66 3.97 10.52 0.85
N VAL A 67 4.66 10.16 1.93
CA VAL A 67 5.63 11.06 2.54
C VAL A 67 7.05 10.69 2.15
N GLY A 68 7.24 10.31 0.88
CA GLY A 68 8.56 9.93 0.41
C GLY A 68 9.44 11.13 0.14
N TRP A 69 8.91 12.33 0.37
CA TRP A 69 9.66 13.55 0.16
C TRP A 69 9.96 14.25 1.47
N ASN A 70 9.14 14.00 2.49
CA ASN A 70 9.32 14.60 3.80
C ASN A 70 9.76 13.56 4.82
N GLY A 71 9.10 12.41 4.80
CA GLY A 71 9.43 11.35 5.73
C GLY A 71 9.48 11.84 7.17
N THR A 72 8.37 12.43 7.62
CA THR A 72 8.28 12.94 8.99
C THR A 72 6.97 12.52 9.65
N LEU A 73 7.01 11.41 10.38
CA LEU A 73 5.83 10.91 11.07
C LEU A 73 6.17 10.45 12.48
N ALA A 74 5.16 10.34 13.33
CA ALA A 74 5.35 9.91 14.71
C ALA A 74 5.39 8.39 14.80
N PRO A 75 5.92 7.88 15.93
CA PRO A 75 6.03 6.44 16.16
C PRO A 75 4.67 5.78 16.39
N GLY A 76 3.64 6.60 16.52
CA GLY A 76 2.30 6.07 16.72
C GLY A 76 1.25 6.81 15.92
N ALA A 77 0.62 6.10 14.99
CA ALA A 77 -0.41 6.69 14.14
C ALA A 77 -0.98 5.66 13.18
N SER A 78 -2.04 6.05 12.47
CA SER A 78 -2.69 5.16 11.52
C SER A 78 -3.27 5.94 10.35
N VAL A 79 -2.98 5.48 9.13
CA VAL A 79 -3.47 6.14 7.93
C VAL A 79 -3.77 5.12 6.84
N SER A 80 -4.73 5.44 5.98
CA SER A 80 -5.12 4.55 4.89
C SER A 80 -5.17 5.31 3.57
N PHE A 81 -4.97 4.58 2.47
CA PHE A 81 -4.99 5.19 1.14
C PHE A 81 -5.66 4.26 0.13
N GLY A 82 -6.48 4.84 -0.75
CA GLY A 82 -7.16 4.06 -1.75
C GLY A 82 -6.74 4.42 -3.17
N PHE A 83 -7.25 3.66 -4.14
CA PHE A 83 -6.91 3.91 -5.54
C PHE A 83 -7.82 3.10 -6.46
N ASN A 84 -7.64 3.27 -7.77
CA ASN A 84 -8.44 2.56 -8.75
C ASN A 84 -7.54 1.93 -9.82
N GLY A 85 -7.70 0.62 -10.02
CA GLY A 85 -6.91 -0.08 -11.01
C GLY A 85 -7.75 -0.95 -11.92
N SER A 86 -7.25 -1.19 -13.12
CA SER A 86 -7.96 -2.00 -14.10
C SER A 86 -7.49 -3.46 -14.06
N GLY A 87 -8.34 -4.34 -13.55
CA GLY A 87 -7.99 -5.74 -13.46
C GLY A 87 -8.81 -6.48 -12.44
N PRO A 88 -8.30 -7.64 -11.99
CA PRO A 88 -8.98 -8.47 -10.98
C PRO A 88 -8.98 -7.83 -9.60
N GLY A 89 -7.85 -7.24 -9.23
CA GLY A 89 -7.73 -6.60 -7.93
C GLY A 89 -7.26 -7.55 -6.85
N SER A 90 -6.51 -8.57 -7.26
CA SER A 90 -5.99 -9.56 -6.32
C SER A 90 -4.47 -9.49 -6.23
N PRO A 91 -3.97 -8.43 -5.56
CA PRO A 91 -2.53 -8.21 -5.40
C PRO A 91 -1.91 -9.23 -4.45
N SER A 92 -0.58 -9.34 -4.50
CA SER A 92 0.15 -10.27 -3.65
C SER A 92 1.53 -9.73 -3.29
N ASN A 93 2.22 -10.43 -2.41
CA ASN A 93 3.55 -10.03 -1.98
C ASN A 93 3.50 -8.68 -1.25
N CYS A 94 2.60 -8.57 -0.29
CA CYS A 94 2.44 -7.34 0.48
C CYS A 94 3.65 -7.11 1.38
N LYS A 95 4.58 -6.28 0.91
CA LYS A 95 5.78 -5.97 1.66
C LYS A 95 5.97 -4.46 1.80
N LEU A 96 5.98 -3.98 3.03
CA LEU A 96 6.15 -2.55 3.30
C LEU A 96 7.23 -2.32 4.35
N ASN A 97 7.82 -1.14 4.32
CA ASN A 97 8.87 -0.78 5.28
C ASN A 97 10.09 -1.67 5.09
N GLY A 98 10.30 -2.14 3.86
CA GLY A 98 11.43 -3.00 3.56
C GLY A 98 11.18 -4.45 3.93
N GLY A 99 9.98 -4.93 3.62
CA GLY A 99 9.64 -6.31 3.93
C GLY A 99 8.94 -6.44 5.28
N SER A 100 7.71 -5.96 5.35
CA SER A 100 6.93 -6.03 6.58
C SER A 100 5.44 -5.98 6.28
N CYS A 101 4.68 -6.88 6.90
CA CYS A 101 3.24 -6.93 6.70
C CYS A 101 2.62 -8.05 7.54
N ASP A 102 1.67 -7.68 8.39
CA ASP A 102 1.00 -8.65 9.26
C ASP A 102 -0.49 -8.74 8.92
N GLY A 103 -1.10 -9.86 9.26
CA GLY A 103 -2.52 -10.05 8.98
C GLY A 103 -2.81 -10.10 7.49
N THR A 104 -1.79 -10.36 6.70
CA THR A 104 -1.95 -10.43 5.25
C THR A 104 -0.64 -10.80 4.57
N SER A 105 -0.67 -10.92 3.25
CA SER A 105 0.52 -11.27 2.48
C SER A 105 0.23 -11.20 0.97
N ALA A 1 2.29 -6.11 15.92
CA ALA A 1 2.75 -6.21 17.31
C ALA A 1 4.08 -5.48 17.50
N THR A 2 4.04 -4.39 18.25
CA THR A 2 5.24 -3.61 18.50
C THR A 2 5.99 -3.30 17.21
N SER A 3 5.23 -2.94 16.18
CA SER A 3 5.82 -2.61 14.88
C SER A 3 4.76 -2.10 13.92
N ALA A 4 5.14 -1.96 12.64
CA ALA A 4 4.22 -1.48 11.62
C ALA A 4 3.49 -2.65 10.95
N THR A 5 2.17 -2.52 10.81
CA THR A 5 1.37 -3.56 10.19
C THR A 5 0.42 -2.97 9.15
N ALA A 6 0.06 -3.78 8.16
CA ALA A 6 -0.85 -3.34 7.11
C ALA A 6 -1.80 -4.45 6.70
N THR A 7 -2.87 -4.09 6.01
CA THR A 7 -3.86 -5.06 5.56
C THR A 7 -4.54 -4.60 4.26
N PHE A 8 -4.91 -5.57 3.42
CA PHE A 8 -5.56 -5.26 2.16
C PHE A 8 -7.08 -5.19 2.33
N ALA A 9 -7.71 -4.31 1.56
CA ALA A 9 -9.15 -4.14 1.63
C ALA A 9 -9.74 -3.80 0.26
N LYS A 10 -11.04 -3.95 0.12
CA LYS A 10 -11.72 -3.68 -1.14
C LYS A 10 -12.58 -2.41 -1.02
N THR A 11 -12.56 -1.58 -2.06
CA THR A 11 -13.33 -0.35 -2.07
C THR A 11 -14.60 -0.51 -2.91
N SER A 12 -14.40 -0.79 -4.21
CA SER A 12 -15.53 -0.96 -5.11
C SER A 12 -15.04 -1.32 -6.52
N ASP A 13 -15.64 -2.35 -7.09
CA ASP A 13 -15.27 -2.79 -8.44
C ASP A 13 -16.44 -2.67 -9.39
N TRP A 14 -16.21 -2.00 -10.52
CA TRP A 14 -17.25 -1.81 -11.52
C TRP A 14 -16.95 -2.60 -12.79
N GLY A 15 -17.39 -3.85 -12.82
CA GLY A 15 -17.14 -4.69 -13.98
C GLY A 15 -15.70 -5.17 -14.07
N THR A 16 -14.88 -4.42 -14.79
CA THR A 16 -13.47 -4.76 -14.96
C THR A 16 -12.60 -3.93 -14.03
N GLY A 17 -13.14 -2.82 -13.54
CA GLY A 17 -12.39 -1.97 -12.64
C GLY A 17 -12.53 -2.37 -11.19
N PHE A 18 -11.49 -2.13 -10.41
CA PHE A 18 -11.49 -2.47 -8.99
C PHE A 18 -10.86 -1.37 -8.16
N GLY A 19 -11.41 -1.14 -6.96
CA GLY A 19 -10.89 -0.11 -6.09
C GLY A 19 -10.07 -0.67 -4.94
N GLY A 20 -8.76 -0.46 -5.00
CA GLY A 20 -7.88 -0.96 -3.96
C GLY A 20 -7.89 -0.08 -2.73
N SER A 21 -7.89 -0.71 -1.55
CA SER A 21 -7.90 0.02 -0.29
C SER A 21 -6.91 -0.60 0.70
N TRP A 22 -5.71 -0.03 0.75
CA TRP A 22 -4.68 -0.52 1.66
C TRP A 22 -4.75 0.20 3.00
N THR A 23 -4.44 -0.52 4.07
CA THR A 23 -4.47 0.04 5.42
C THR A 23 -3.07 0.09 6.02
N VAL A 24 -2.65 1.28 6.45
CA VAL A 24 -1.33 1.45 7.04
C VAL A 24 -1.45 1.89 8.50
N LYS A 25 -0.72 1.22 9.38
CA LYS A 25 -0.73 1.54 10.80
C LYS A 25 0.67 1.38 11.41
N ASN A 26 1.20 2.49 11.92
CA ASN A 26 2.53 2.48 12.53
C ASN A 26 2.43 2.72 14.04
N THR A 27 2.55 1.63 14.80
CA THR A 27 2.47 1.72 16.26
C THR A 27 3.38 0.69 16.92
N GLY A 28 4.14 1.14 17.91
CA GLY A 28 5.05 0.24 18.61
C GLY A 28 6.50 0.55 18.34
N THR A 29 6.88 0.54 17.06
CA THR A 29 8.25 0.83 16.67
C THR A 29 8.65 2.25 17.04
N THR A 30 9.94 2.53 16.95
CA THR A 30 10.45 3.86 17.29
C THR A 30 9.88 4.93 16.35
N SER A 31 10.36 6.15 16.49
CA SER A 31 9.90 7.26 15.66
C SER A 31 9.97 6.89 14.17
N LEU A 32 8.84 7.03 13.49
CA LEU A 32 8.78 6.71 12.07
C LEU A 32 9.07 7.94 11.22
N SER A 33 8.97 7.79 9.90
CA SER A 33 9.22 8.89 8.98
C SER A 33 8.25 8.86 7.81
N SER A 34 8.18 7.70 7.14
CA SER A 34 7.29 7.53 5.99
C SER A 34 6.92 6.07 5.81
N TRP A 35 5.80 5.83 5.14
CA TRP A 35 5.33 4.47 4.88
C TRP A 35 5.36 4.15 3.40
N THR A 36 6.02 3.05 3.05
CA THR A 36 6.12 2.62 1.66
C THR A 36 5.67 1.17 1.48
N VAL A 37 4.45 0.99 1.00
CA VAL A 37 3.90 -0.33 0.79
C VAL A 37 3.95 -0.73 -0.68
N GLU A 38 4.65 -1.82 -0.97
CA GLU A 38 4.79 -2.30 -2.34
C GLU A 38 4.41 -3.77 -2.44
N TRP A 39 4.02 -4.20 -3.64
CA TRP A 39 3.64 -5.59 -3.87
C TRP A 39 3.87 -5.99 -5.32
N ASP A 40 3.75 -7.28 -5.60
CA ASP A 40 3.94 -7.78 -6.96
C ASP A 40 2.61 -7.97 -7.67
N PHE A 41 2.53 -7.45 -8.89
CA PHE A 41 1.29 -7.56 -9.68
C PHE A 41 1.51 -8.47 -10.88
N PRO A 42 1.48 -9.79 -10.64
CA PRO A 42 1.66 -10.79 -11.70
C PRO A 42 0.48 -10.84 -12.66
N THR A 43 -0.73 -10.92 -12.10
CA THR A 43 -1.94 -10.98 -12.91
C THR A 43 -2.25 -9.63 -13.54
N GLY A 44 -2.77 -9.65 -14.76
CA GLY A 44 -3.10 -8.41 -15.44
C GLY A 44 -3.72 -7.38 -14.52
N THR A 45 -2.88 -6.45 -14.05
CA THR A 45 -3.34 -5.41 -13.14
C THR A 45 -2.43 -4.19 -13.21
N LYS A 46 -2.98 -3.02 -12.88
CA LYS A 46 -2.22 -1.78 -12.90
C LYS A 46 -3.03 -0.62 -12.31
N VAL A 47 -2.42 0.12 -11.40
CA VAL A 47 -3.08 1.24 -10.76
C VAL A 47 -3.19 2.43 -11.72
N THR A 48 -4.33 2.54 -12.39
CA THR A 48 -4.56 3.63 -13.34
C THR A 48 -4.54 4.98 -12.64
N SER A 49 -5.17 5.04 -11.46
CA SER A 49 -5.23 6.28 -10.70
C SER A 49 -5.14 6.00 -9.20
N ALA A 50 -4.39 6.85 -8.49
CA ALA A 50 -4.21 6.68 -7.05
C ALA A 50 -4.46 8.01 -6.32
N TRP A 51 -5.16 7.93 -5.20
CA TRP A 51 -5.45 9.11 -4.41
C TRP A 51 -4.92 8.97 -2.98
N ASP A 52 -4.42 10.06 -2.43
CA ASP A 52 -3.88 10.05 -1.07
C ASP A 52 -2.65 9.16 -0.98
N ALA A 53 -2.10 8.79 -2.14
CA ALA A 53 -0.92 7.94 -2.19
C ALA A 53 -0.40 7.82 -3.61
N THR A 54 0.85 8.24 -3.82
CA THR A 54 1.46 8.17 -5.14
C THR A 54 1.91 6.75 -5.47
N VAL A 55 1.10 6.06 -6.26
CA VAL A 55 1.41 4.69 -6.66
C VAL A 55 2.24 4.66 -7.94
N THR A 56 3.43 4.09 -7.85
CA THR A 56 4.33 4.00 -9.00
C THR A 56 4.41 2.57 -9.51
N ASN A 57 5.05 2.40 -10.67
CA ASN A 57 5.18 1.07 -11.28
C ASN A 57 6.58 0.90 -11.88
N SER A 58 7.00 -0.35 -12.02
CA SER A 58 8.32 -0.65 -12.57
C SER A 58 8.36 -2.07 -13.12
N GLY A 59 7.93 -2.24 -14.37
CA GLY A 59 7.93 -3.55 -14.98
C GLY A 59 6.80 -4.43 -14.49
N ASP A 60 7.06 -5.18 -13.42
CA ASP A 60 6.04 -6.06 -12.84
C ASP A 60 5.87 -5.79 -11.35
N HIS A 61 6.64 -4.83 -10.84
CA HIS A 61 6.57 -4.47 -9.43
C HIS A 61 5.91 -3.11 -9.24
N TRP A 62 5.18 -2.95 -8.14
CA TRP A 62 4.51 -1.70 -7.85
C TRP A 62 4.79 -1.24 -6.42
N THR A 63 4.68 0.07 -6.19
CA THR A 63 4.91 0.63 -4.87
C THR A 63 4.04 1.85 -4.62
N ALA A 64 3.68 2.07 -3.36
CA ALA A 64 2.84 3.20 -2.99
C ALA A 64 3.48 4.01 -1.85
N LYS A 65 3.66 5.31 -2.08
CA LYS A 65 4.26 6.18 -1.09
C LYS A 65 3.52 7.51 -1.01
N ASN A 66 3.65 8.19 0.11
CA ASN A 66 2.99 9.48 0.32
C ASN A 66 3.97 10.52 0.85
N VAL A 67 4.66 10.16 1.93
CA VAL A 67 5.63 11.06 2.54
C VAL A 67 7.05 10.69 2.15
N GLY A 68 7.24 10.31 0.89
CA GLY A 68 8.56 9.93 0.41
C GLY A 68 9.44 11.13 0.14
N TRP A 69 8.90 12.32 0.38
CA TRP A 69 9.66 13.55 0.16
C TRP A 69 9.97 14.26 1.48
N ASN A 70 9.14 14.00 2.49
CA ASN A 70 9.32 14.60 3.80
C ASN A 70 9.76 13.56 4.82
N GLY A 71 9.09 12.41 4.81
CA GLY A 71 9.43 11.35 5.73
C GLY A 71 9.47 11.83 7.18
N THR A 72 8.37 12.42 7.63
CA THR A 72 8.28 12.94 8.99
C THR A 72 6.97 12.52 9.64
N LEU A 73 7.01 11.41 10.38
CA LEU A 73 5.83 10.91 11.07
C LEU A 73 6.17 10.45 12.48
N ALA A 74 5.16 10.34 13.33
CA ALA A 74 5.35 9.91 14.71
C ALA A 74 5.40 8.39 14.81
N PRO A 75 5.92 7.88 15.93
CA PRO A 75 6.03 6.44 16.16
C PRO A 75 4.68 5.78 16.40
N GLY A 76 3.64 6.60 16.51
CA GLY A 76 2.30 6.07 16.72
C GLY A 76 1.25 6.81 15.92
N ALA A 77 0.62 6.10 14.99
CA ALA A 77 -0.41 6.69 14.15
C ALA A 77 -0.99 5.66 13.18
N SER A 78 -2.04 6.05 12.47
CA SER A 78 -2.69 5.16 11.52
C SER A 78 -3.27 5.94 10.35
N VAL A 79 -2.98 5.48 9.13
CA VAL A 79 -3.47 6.14 7.93
C VAL A 79 -3.77 5.12 6.84
N SER A 80 -4.74 5.44 5.99
CA SER A 80 -5.13 4.55 4.88
C SER A 80 -5.17 5.31 3.56
N PHE A 81 -4.98 4.59 2.47
CA PHE A 81 -5.00 5.20 1.14
C PHE A 81 -5.66 4.27 0.13
N GLY A 82 -6.48 4.85 -0.75
CA GLY A 82 -7.17 4.06 -1.75
C GLY A 82 -6.75 4.42 -3.16
N PHE A 83 -7.25 3.67 -4.14
CA PHE A 83 -6.92 3.91 -5.54
C PHE A 83 -7.82 3.10 -6.46
N ASN A 84 -7.64 3.29 -7.76
CA ASN A 84 -8.44 2.56 -8.75
C ASN A 84 -7.55 1.94 -9.82
N GLY A 85 -7.71 0.62 -10.01
CA GLY A 85 -6.92 -0.07 -11.01
C GLY A 85 -7.75 -0.93 -11.92
N SER A 86 -7.26 -1.19 -13.12
CA SER A 86 -7.97 -2.00 -14.10
C SER A 86 -7.49 -3.45 -14.06
N GLY A 87 -8.34 -4.33 -13.56
CA GLY A 87 -7.99 -5.74 -13.46
C GLY A 87 -8.81 -6.48 -12.44
N PRO A 88 -8.30 -7.64 -11.99
CA PRO A 88 -8.98 -8.47 -10.99
C PRO A 88 -8.98 -7.82 -9.61
N GLY A 89 -7.85 -7.24 -9.23
CA GLY A 89 -7.74 -6.59 -7.94
C GLY A 89 -7.26 -7.55 -6.85
N SER A 90 -6.51 -8.57 -7.26
CA SER A 90 -6.00 -9.56 -6.31
C SER A 90 -4.48 -9.48 -6.23
N PRO A 91 -3.97 -8.43 -5.56
CA PRO A 91 -2.54 -8.22 -5.39
C PRO A 91 -1.91 -9.23 -4.45
N SER A 92 -0.59 -9.33 -4.50
CA SER A 92 0.14 -10.28 -3.65
C SER A 92 1.52 -9.73 -3.29
N ASN A 93 2.22 -10.43 -2.41
CA ASN A 93 3.55 -10.02 -1.98
C ASN A 93 3.50 -8.68 -1.26
N CYS A 94 2.58 -8.57 -0.29
CA CYS A 94 2.43 -7.34 0.47
C CYS A 94 3.64 -7.10 1.37
N LYS A 95 4.57 -6.28 0.90
CA LYS A 95 5.78 -5.98 1.66
C LYS A 95 5.97 -4.46 1.80
N LEU A 96 5.97 -3.99 3.04
CA LEU A 96 6.15 -2.55 3.30
C LEU A 96 7.22 -2.33 4.35
N ASN A 97 7.81 -1.14 4.33
CA ASN A 97 8.87 -0.78 5.28
C ASN A 97 10.09 -1.67 5.09
N GLY A 98 10.29 -2.14 3.86
CA GLY A 98 11.43 -3.00 3.56
C GLY A 98 11.18 -4.45 3.93
N GLY A 99 9.97 -4.93 3.63
CA GLY A 99 9.64 -6.31 3.93
C GLY A 99 8.94 -6.44 5.28
N SER A 100 7.70 -5.97 5.34
CA SER A 100 6.93 -6.03 6.58
C SER A 100 5.44 -5.98 6.28
N CYS A 101 4.68 -6.88 6.90
CA CYS A 101 3.24 -6.93 6.70
C CYS A 101 2.62 -8.05 7.54
N ASP A 102 1.66 -7.68 8.39
CA ASP A 102 0.99 -8.65 9.25
C ASP A 102 -0.49 -8.74 8.92
N GLY A 103 -1.11 -9.87 9.25
CA GLY A 103 -2.53 -10.06 8.98
C GLY A 103 -2.82 -10.10 7.50
N THR A 104 -1.79 -10.36 6.70
CA THR A 104 -1.95 -10.43 5.25
C THR A 104 -0.64 -10.80 4.57
N SER A 105 -0.68 -10.91 3.24
CA SER A 105 0.51 -11.26 2.47
C SER A 105 0.23 -11.20 0.98
N ALA A 1 1.68 -6.56 18.47
CA ALA A 1 2.52 -6.12 17.37
C ALA A 1 3.33 -4.90 17.76
N THR A 2 4.65 -4.99 17.60
CA THR A 2 5.54 -3.88 17.93
C THR A 2 6.24 -3.35 16.69
N SER A 3 5.49 -3.25 15.60
CA SER A 3 6.04 -2.75 14.33
C SER A 3 4.93 -2.23 13.43
N ALA A 4 5.28 -1.93 12.18
CA ALA A 4 4.32 -1.42 11.21
C ALA A 4 3.70 -2.57 10.41
N THR A 5 2.39 -2.50 10.22
CA THR A 5 1.67 -3.52 9.47
C THR A 5 0.50 -2.93 8.68
N ALA A 6 0.05 -3.65 7.67
CA ALA A 6 -1.06 -3.19 6.85
C ALA A 6 -1.92 -4.36 6.37
N THR A 7 -3.14 -4.05 5.91
CA THR A 7 -4.06 -5.08 5.44
C THR A 7 -4.79 -4.62 4.19
N PHE A 8 -4.92 -5.53 3.21
CA PHE A 8 -5.60 -5.21 1.97
C PHE A 8 -7.12 -5.21 2.17
N ALA A 9 -7.79 -4.25 1.54
CA ALA A 9 -9.24 -4.14 1.65
C ALA A 9 -9.85 -3.70 0.33
N LYS A 10 -11.09 -4.13 0.09
CA LYS A 10 -11.80 -3.77 -1.14
C LYS A 10 -12.67 -2.54 -0.94
N THR A 11 -12.72 -1.69 -1.96
CA THR A 11 -13.53 -0.47 -1.88
C THR A 11 -14.76 -0.58 -2.76
N SER A 12 -14.55 -0.85 -4.05
CA SER A 12 -15.66 -0.97 -4.99
C SER A 12 -15.14 -1.31 -6.38
N ASP A 13 -15.77 -2.29 -7.02
CA ASP A 13 -15.36 -2.71 -8.36
C ASP A 13 -16.48 -2.45 -9.37
N TRP A 14 -16.15 -1.75 -10.45
CA TRP A 14 -17.13 -1.44 -11.48
C TRP A 14 -16.85 -2.21 -12.76
N GLY A 15 -17.34 -3.44 -12.82
CA GLY A 15 -17.14 -4.27 -14.00
C GLY A 15 -15.71 -4.80 -14.08
N THR A 16 -14.84 -4.06 -14.75
CA THR A 16 -13.45 -4.46 -14.91
C THR A 16 -12.54 -3.70 -13.94
N GLY A 17 -13.06 -2.59 -13.41
CA GLY A 17 -12.28 -1.80 -12.48
C GLY A 17 -12.47 -2.23 -11.04
N PHE A 18 -11.43 -2.08 -10.23
CA PHE A 18 -11.47 -2.47 -8.83
C PHE A 18 -10.87 -1.38 -7.93
N GLY A 19 -11.47 -1.17 -6.78
CA GLY A 19 -10.99 -0.17 -5.86
C GLY A 19 -10.15 -0.76 -4.74
N GLY A 20 -8.86 -0.52 -4.78
CA GLY A 20 -7.96 -1.05 -3.77
C GLY A 20 -7.81 -0.10 -2.59
N SER A 21 -7.97 -0.63 -1.38
CA SER A 21 -7.85 0.19 -0.17
C SER A 21 -6.81 -0.40 0.78
N TRP A 22 -5.61 0.16 0.75
CA TRP A 22 -4.52 -0.30 1.61
C TRP A 22 -4.53 0.44 2.93
N THR A 23 -4.72 -0.30 4.02
CA THR A 23 -4.73 0.29 5.36
C THR A 23 -3.36 0.18 6.02
N VAL A 24 -2.70 1.32 6.18
CA VAL A 24 -1.39 1.36 6.80
C VAL A 24 -1.46 1.95 8.21
N LYS A 25 -0.84 1.27 9.17
CA LYS A 25 -0.83 1.73 10.55
C LYS A 25 0.50 1.43 11.22
N ASN A 26 1.10 2.46 11.82
CA ASN A 26 2.38 2.31 12.49
C ASN A 26 2.24 2.53 13.99
N THR A 27 2.83 1.62 14.78
CA THR A 27 2.77 1.73 16.23
C THR A 27 3.66 0.69 16.89
N GLY A 28 4.15 1.01 18.09
CA GLY A 28 5.02 0.09 18.80
C GLY A 28 6.50 0.42 18.62
N THR A 29 6.87 0.79 17.39
CA THR A 29 8.25 1.13 17.10
C THR A 29 8.54 2.58 17.41
N THR A 30 9.82 2.95 17.39
CA THR A 30 10.22 4.33 17.68
C THR A 30 9.62 5.31 16.67
N SER A 31 10.04 6.55 16.75
CA SER A 31 9.54 7.59 15.84
C SER A 31 9.65 7.15 14.39
N LEU A 32 8.56 7.26 13.66
CA LEU A 32 8.52 6.88 12.25
C LEU A 32 8.88 8.05 11.35
N SER A 33 8.81 7.84 10.04
CA SER A 33 9.13 8.87 9.07
C SER A 33 8.17 8.83 7.89
N SER A 34 8.03 7.65 7.29
CA SER A 34 7.14 7.48 6.14
C SER A 34 6.69 6.03 6.02
N TRP A 35 5.81 5.76 5.06
CA TRP A 35 5.31 4.42 4.84
C TRP A 35 5.29 4.08 3.35
N THR A 36 5.91 2.95 3.00
CA THR A 36 5.97 2.52 1.60
C THR A 36 5.41 1.10 1.45
N VAL A 37 4.20 1.02 0.88
CA VAL A 37 3.56 -0.27 0.68
C VAL A 37 3.69 -0.72 -0.78
N GLU A 38 4.55 -1.71 -1.01
CA GLU A 38 4.77 -2.22 -2.36
C GLU A 38 4.36 -3.69 -2.44
N TRP A 39 3.98 -4.13 -3.64
CA TRP A 39 3.57 -5.51 -3.86
C TRP A 39 3.84 -5.93 -5.30
N ASP A 40 3.71 -7.23 -5.56
CA ASP A 40 3.94 -7.78 -6.89
C ASP A 40 2.64 -7.95 -7.65
N PHE A 41 2.59 -7.44 -8.87
CA PHE A 41 1.39 -7.53 -9.70
C PHE A 41 1.64 -8.44 -10.91
N PRO A 42 1.66 -9.76 -10.66
CA PRO A 42 1.89 -10.75 -11.71
C PRO A 42 0.71 -10.86 -12.67
N THR A 43 -0.49 -10.99 -12.11
CA THR A 43 -1.70 -11.10 -12.92
C THR A 43 -2.04 -9.78 -13.59
N GLY A 44 -2.58 -9.84 -14.81
CA GLY A 44 -2.93 -8.64 -15.53
C GLY A 44 -3.58 -7.61 -14.63
N THR A 45 -2.79 -6.65 -14.16
CA THR A 45 -3.30 -5.59 -13.28
C THR A 45 -2.41 -4.36 -13.35
N LYS A 46 -3.00 -3.20 -13.05
CA LYS A 46 -2.26 -1.94 -13.06
C LYS A 46 -3.09 -0.82 -12.47
N VAL A 47 -2.50 -0.06 -11.55
CA VAL A 47 -3.18 1.05 -10.90
C VAL A 47 -3.29 2.24 -11.84
N THR A 48 -4.47 2.42 -12.42
CA THR A 48 -4.72 3.52 -13.35
C THR A 48 -4.57 4.87 -12.64
N SER A 49 -5.17 4.98 -11.46
CA SER A 49 -5.10 6.21 -10.68
C SER A 49 -5.04 5.91 -9.19
N ALA A 50 -4.37 6.78 -8.44
CA ALA A 50 -4.24 6.61 -7.00
C ALA A 50 -4.45 7.93 -6.27
N TRP A 51 -5.19 7.89 -5.18
CA TRP A 51 -5.47 9.08 -4.39
C TRP A 51 -4.93 8.94 -2.96
N ASP A 52 -4.52 10.05 -2.37
CA ASP A 52 -4.00 10.05 -1.01
C ASP A 52 -2.70 9.24 -0.93
N ALA A 53 -2.12 8.95 -2.09
CA ALA A 53 -0.88 8.18 -2.16
C ALA A 53 -0.33 8.15 -3.58
N THR A 54 0.97 8.39 -3.72
CA THR A 54 1.61 8.39 -5.02
C THR A 54 2.05 6.98 -5.42
N VAL A 55 1.21 6.29 -6.18
CA VAL A 55 1.51 4.94 -6.62
C VAL A 55 2.32 4.95 -7.91
N THR A 56 3.32 4.07 -7.99
CA THR A 56 4.18 3.98 -9.16
C THR A 56 4.27 2.55 -9.67
N ASN A 57 4.87 2.38 -10.83
CA ASN A 57 5.02 1.05 -11.44
C ASN A 57 6.43 0.86 -12.00
N SER A 58 6.84 -0.39 -12.14
CA SER A 58 8.16 -0.70 -12.66
C SER A 58 8.21 -2.14 -13.18
N GLY A 59 7.81 -2.32 -14.44
CA GLY A 59 7.82 -3.63 -15.03
C GLY A 59 6.70 -4.52 -14.52
N ASP A 60 6.99 -5.28 -13.46
CA ASP A 60 6.00 -6.16 -12.86
C ASP A 60 5.86 -5.90 -11.37
N HIS A 61 6.50 -4.83 -10.90
CA HIS A 61 6.45 -4.47 -9.49
C HIS A 61 5.83 -3.08 -9.31
N TRP A 62 5.12 -2.90 -8.20
CA TRP A 62 4.48 -1.63 -7.91
C TRP A 62 4.79 -1.17 -6.49
N THR A 63 4.67 0.13 -6.25
CA THR A 63 4.94 0.69 -4.93
C THR A 63 4.14 1.98 -4.70
N ALA A 64 3.78 2.21 -3.45
CA ALA A 64 3.01 3.41 -3.09
C ALA A 64 3.64 4.13 -1.91
N LYS A 65 3.74 5.46 -2.02
CA LYS A 65 4.33 6.26 -0.96
C LYS A 65 3.63 7.63 -0.87
N ASN A 66 3.78 8.29 0.27
CA ASN A 66 3.17 9.60 0.48
C ASN A 66 4.19 10.58 1.05
N VAL A 67 4.86 10.18 2.12
CA VAL A 67 5.86 11.03 2.76
C VAL A 67 7.27 10.66 2.32
N GLY A 68 7.41 10.32 1.04
CA GLY A 68 8.72 9.94 0.51
C GLY A 68 9.62 11.14 0.28
N TRP A 69 9.10 12.32 0.56
CA TRP A 69 9.87 13.55 0.38
C TRP A 69 10.17 14.22 1.71
N ASN A 70 9.32 13.95 2.70
CA ASN A 70 9.49 14.52 4.04
C ASN A 70 9.95 13.46 5.03
N GLY A 71 9.29 12.31 5.01
CA GLY A 71 9.65 11.23 5.91
C GLY A 71 9.72 11.69 7.36
N THR A 72 8.64 12.27 7.85
CA THR A 72 8.60 12.75 9.23
C THR A 72 7.22 12.54 9.84
N LEU A 73 7.07 11.43 10.57
CA LEU A 73 5.80 11.11 11.21
C LEU A 73 6.01 10.59 12.62
N ALA A 74 4.97 10.64 13.44
CA ALA A 74 5.05 10.17 14.82
C ALA A 74 5.17 8.65 14.87
N PRO A 75 5.63 8.13 16.02
CA PRO A 75 5.81 6.69 16.23
C PRO A 75 4.47 5.95 16.31
N GLY A 76 3.38 6.71 16.36
CA GLY A 76 2.06 6.10 16.43
C GLY A 76 1.02 6.88 15.65
N ALA A 77 0.43 6.24 14.65
CA ALA A 77 -0.59 6.89 13.84
C ALA A 77 -1.14 5.92 12.79
N SER A 78 -2.19 6.34 12.09
CA SER A 78 -2.81 5.51 11.07
C SER A 78 -3.00 6.30 9.77
N VAL A 79 -2.59 5.70 8.66
CA VAL A 79 -2.72 6.34 7.36
C VAL A 79 -3.28 5.38 6.31
N SER A 80 -4.48 5.66 5.83
CA SER A 80 -5.13 4.82 4.84
C SER A 80 -5.23 5.54 3.49
N PHE A 81 -4.88 4.83 2.42
CA PHE A 81 -4.93 5.39 1.08
C PHE A 81 -5.59 4.44 0.10
N GLY A 82 -6.44 4.98 -0.77
CA GLY A 82 -7.13 4.15 -1.75
C GLY A 82 -6.68 4.43 -3.17
N PHE A 83 -7.27 3.72 -4.12
CA PHE A 83 -6.92 3.89 -5.53
C PHE A 83 -7.84 3.06 -6.42
N ASN A 84 -7.70 3.23 -7.73
CA ASN A 84 -8.51 2.50 -8.69
C ASN A 84 -7.63 1.85 -9.77
N GLY A 85 -7.79 0.55 -9.93
CA GLY A 85 -7.02 -0.18 -10.93
C GLY A 85 -7.87 -1.02 -11.85
N SER A 86 -7.40 -1.24 -13.07
CA SER A 86 -8.13 -2.02 -14.05
C SER A 86 -7.63 -3.46 -14.09
N GLY A 87 -8.45 -4.38 -13.58
CA GLY A 87 -8.07 -5.78 -13.57
C GLY A 87 -8.85 -6.58 -12.55
N PRO A 88 -8.28 -7.71 -12.11
CA PRO A 88 -8.90 -8.59 -11.12
C PRO A 88 -8.95 -7.96 -9.74
N GLY A 89 -7.86 -7.31 -9.35
CA GLY A 89 -7.79 -6.68 -8.04
C GLY A 89 -7.34 -7.63 -6.96
N SER A 90 -6.56 -8.65 -7.35
CA SER A 90 -6.06 -9.64 -6.40
C SER A 90 -4.55 -9.54 -6.27
N PRO A 91 -4.08 -8.50 -5.56
CA PRO A 91 -2.65 -8.27 -5.33
C PRO A 91 -2.03 -9.30 -4.41
N SER A 92 -0.71 -9.40 -4.43
CA SER A 92 0.00 -10.35 -3.58
C SER A 92 1.37 -9.80 -3.18
N ASN A 93 2.04 -10.50 -2.28
CA ASN A 93 3.36 -10.08 -1.80
C ASN A 93 3.29 -8.70 -1.17
N CYS A 94 2.47 -8.57 -0.13
CA CYS A 94 2.32 -7.30 0.58
C CYS A 94 3.52 -7.02 1.46
N LYS A 95 4.51 -6.32 0.93
CA LYS A 95 5.72 -5.99 1.67
C LYS A 95 5.87 -4.48 1.81
N LEU A 96 5.88 -4.00 3.04
CA LEU A 96 6.03 -2.57 3.30
C LEU A 96 7.14 -2.31 4.32
N ASN A 97 7.71 -1.12 4.28
CA ASN A 97 8.77 -0.74 5.21
C ASN A 97 10.01 -1.61 4.98
N GLY A 98 10.13 -2.18 3.78
CA GLY A 98 11.26 -3.02 3.46
C GLY A 98 11.02 -4.47 3.81
N GLY A 99 9.81 -4.96 3.52
CA GLY A 99 9.48 -6.34 3.81
C GLY A 99 9.00 -6.53 5.24
N SER A 100 7.80 -6.05 5.53
CA SER A 100 7.23 -6.15 6.87
C SER A 100 5.71 -6.09 6.82
N CYS A 101 5.06 -7.24 6.97
CA CYS A 101 3.60 -7.31 6.94
C CYS A 101 3.10 -8.44 7.83
N ASP A 102 2.04 -8.17 8.59
CA ASP A 102 1.46 -9.16 9.48
C ASP A 102 -0.04 -9.31 9.21
N GLY A 103 -0.58 -10.48 9.56
CA GLY A 103 -1.99 -10.73 9.34
C GLY A 103 -2.28 -11.40 8.02
N THR A 104 -1.44 -11.13 7.03
CA THR A 104 -1.61 -11.70 5.69
C THR A 104 -0.41 -11.40 4.81
N SER A 105 -0.48 -11.86 3.56
CA SER A 105 0.61 -11.65 2.61
C SER A 105 0.07 -11.51 1.19
N ALA A 1 1.23 -6.92 18.50
CA ALA A 1 1.12 -5.52 18.12
C ALA A 1 2.30 -4.71 18.67
N THR A 2 3.46 -4.88 18.05
CA THR A 2 4.66 -4.17 18.48
C THR A 2 5.47 -3.68 17.29
N SER A 3 4.77 -3.31 16.22
CA SER A 3 5.43 -2.85 15.00
C SER A 3 4.41 -2.28 14.02
N ALA A 4 4.90 -1.85 12.86
CA ALA A 4 4.03 -1.29 11.83
C ALA A 4 3.58 -2.37 10.84
N THR A 5 2.30 -2.37 10.51
CA THR A 5 1.75 -3.35 9.58
C THR A 5 0.67 -2.72 8.70
N ALA A 6 0.13 -3.51 7.77
CA ALA A 6 -0.91 -3.03 6.88
C ALA A 6 -1.81 -4.18 6.42
N THR A 7 -2.97 -3.83 5.88
CA THR A 7 -3.92 -4.83 5.41
C THR A 7 -4.61 -4.37 4.12
N PHE A 8 -4.94 -5.33 3.27
CA PHE A 8 -5.59 -5.03 2.00
C PHE A 8 -7.11 -5.07 2.15
N ALA A 9 -7.80 -4.20 1.41
CA ALA A 9 -9.25 -4.13 1.46
C ALA A 9 -9.83 -3.79 0.09
N LYS A 10 -11.04 -4.27 -0.16
CA LYS A 10 -11.71 -4.03 -1.44
C LYS A 10 -12.60 -2.80 -1.35
N THR A 11 -12.72 -2.08 -2.47
CA THR A 11 -13.54 -0.88 -2.52
C THR A 11 -14.78 -1.10 -3.37
N SER A 12 -14.58 -1.38 -4.65
CA SER A 12 -15.68 -1.62 -5.57
C SER A 12 -15.16 -1.93 -6.98
N ASP A 13 -15.88 -2.79 -7.68
CA ASP A 13 -15.49 -3.18 -9.03
C ASP A 13 -16.56 -2.76 -10.04
N TRP A 14 -16.14 -2.04 -11.08
CA TRP A 14 -17.06 -1.59 -12.11
C TRP A 14 -16.79 -2.30 -13.44
N GLY A 15 -17.41 -3.47 -13.61
CA GLY A 15 -17.23 -4.22 -14.83
C GLY A 15 -15.87 -4.91 -14.88
N THR A 16 -14.85 -4.17 -15.30
CA THR A 16 -13.51 -4.72 -15.41
C THR A 16 -12.55 -4.03 -14.44
N GLY A 17 -12.97 -2.86 -13.95
CA GLY A 17 -12.14 -2.12 -13.01
C GLY A 17 -12.39 -2.51 -11.57
N PHE A 18 -11.42 -2.21 -10.71
CA PHE A 18 -11.54 -2.56 -9.29
C PHE A 18 -10.99 -1.43 -8.42
N GLY A 19 -11.38 -1.42 -7.15
CA GLY A 19 -10.92 -0.40 -6.24
C GLY A 19 -10.14 -0.98 -5.07
N GLY A 20 -8.90 -0.54 -4.92
CA GLY A 20 -8.06 -1.02 -3.83
C GLY A 20 -8.08 -0.10 -2.63
N SER A 21 -7.97 -0.69 -1.44
CA SER A 21 -8.00 0.09 -0.21
C SER A 21 -6.96 -0.46 0.78
N TRP A 22 -5.77 0.14 0.77
CA TRP A 22 -4.69 -0.28 1.67
C TRP A 22 -4.75 0.50 2.98
N THR A 23 -4.57 -0.22 4.08
CA THR A 23 -4.59 0.40 5.41
C THR A 23 -3.22 0.38 6.05
N VAL A 24 -2.72 1.56 6.43
CA VAL A 24 -1.42 1.67 7.06
C VAL A 24 -1.54 2.13 8.51
N LYS A 25 -0.85 1.43 9.41
CA LYS A 25 -0.89 1.77 10.82
C LYS A 25 0.47 1.52 11.48
N ASN A 26 1.08 2.57 12.00
CA ASN A 26 2.38 2.46 12.65
C ASN A 26 2.24 2.58 14.16
N THR A 27 2.65 1.53 14.87
CA THR A 27 2.58 1.52 16.32
C THR A 27 3.56 0.51 16.91
N GLY A 28 3.88 0.69 18.19
CA GLY A 28 4.82 -0.21 18.84
C GLY A 28 6.25 0.07 18.49
N THR A 29 6.57 0.00 17.20
CA THR A 29 7.93 0.25 16.72
C THR A 29 8.39 1.64 17.12
N THR A 30 9.65 1.95 16.82
CA THR A 30 10.23 3.24 17.15
C THR A 30 9.76 4.31 16.17
N SER A 31 10.14 5.56 16.43
CA SER A 31 9.75 6.67 15.57
C SER A 31 10.11 6.38 14.12
N LEU A 32 9.16 6.61 13.23
CA LEU A 32 9.37 6.38 11.80
C LEU A 32 9.50 7.70 11.04
N SER A 33 9.48 7.63 9.73
CA SER A 33 9.60 8.81 8.88
C SER A 33 8.56 8.80 7.77
N SER A 34 8.51 7.70 7.03
CA SER A 34 7.56 7.56 5.93
C SER A 34 7.13 6.10 5.76
N TRP A 35 5.95 5.91 5.20
CA TRP A 35 5.42 4.57 4.98
C TRP A 35 5.45 4.20 3.50
N THR A 36 6.06 3.06 3.19
CA THR A 36 6.16 2.60 1.81
C THR A 36 5.51 1.23 1.64
N VAL A 37 4.32 1.21 1.05
CA VAL A 37 3.58 -0.03 0.83
C VAL A 37 3.71 -0.48 -0.62
N GLU A 38 4.52 -1.52 -0.85
CA GLU A 38 4.73 -2.04 -2.19
C GLU A 38 4.34 -3.52 -2.25
N TRP A 39 4.01 -3.99 -3.45
CA TRP A 39 3.63 -5.38 -3.65
C TRP A 39 3.83 -5.80 -5.10
N ASP A 40 3.72 -7.10 -5.36
CA ASP A 40 3.89 -7.63 -6.71
C ASP A 40 2.54 -7.85 -7.38
N PHE A 41 2.41 -7.38 -8.61
CA PHE A 41 1.17 -7.52 -9.36
C PHE A 41 1.35 -8.50 -10.52
N PRO A 42 1.29 -9.80 -10.22
CA PRO A 42 1.44 -10.86 -11.23
C PRO A 42 0.26 -10.93 -12.18
N THR A 43 -0.95 -10.93 -11.62
CA THR A 43 -2.16 -11.00 -12.42
C THR A 43 -2.44 -9.67 -13.12
N GLY A 44 -2.98 -9.73 -14.33
CA GLY A 44 -3.28 -8.53 -15.08
C GLY A 44 -3.90 -7.45 -14.22
N THR A 45 -3.08 -6.53 -13.75
CA THR A 45 -3.55 -5.43 -12.91
C THR A 45 -2.62 -4.23 -12.98
N LYS A 46 -3.19 -3.03 -12.94
CA LYS A 46 -2.41 -1.80 -13.00
C LYS A 46 -3.17 -0.65 -12.36
N VAL A 47 -2.49 0.08 -11.47
CA VAL A 47 -3.10 1.22 -10.79
C VAL A 47 -3.16 2.44 -11.69
N THR A 48 -4.28 2.60 -12.40
CA THR A 48 -4.45 3.73 -13.31
C THR A 48 -4.78 5.01 -12.54
N SER A 49 -5.45 4.85 -11.41
CA SER A 49 -5.83 5.99 -10.58
C SER A 49 -5.35 5.80 -9.15
N ALA A 50 -5.06 6.91 -8.47
CA ALA A 50 -4.59 6.87 -7.09
C ALA A 50 -4.89 8.19 -6.37
N TRP A 51 -5.18 8.09 -5.07
CA TRP A 51 -5.49 9.27 -4.28
C TRP A 51 -4.93 9.13 -2.87
N ASP A 52 -4.41 10.23 -2.32
CA ASP A 52 -3.85 10.23 -0.97
C ASP A 52 -2.63 9.31 -0.90
N ALA A 53 -2.10 8.94 -2.06
CA ALA A 53 -0.93 8.06 -2.12
C ALA A 53 -0.41 7.95 -3.55
N THR A 54 0.84 8.34 -3.74
CA THR A 54 1.46 8.28 -5.07
C THR A 54 1.93 6.86 -5.39
N VAL A 55 1.25 6.22 -6.33
CA VAL A 55 1.60 4.86 -6.73
C VAL A 55 2.54 4.86 -7.93
N THR A 56 3.53 3.99 -7.90
CA THR A 56 4.51 3.89 -8.99
C THR A 56 4.65 2.46 -9.48
N ASN A 57 4.80 2.30 -10.79
CA ASN A 57 4.94 0.98 -11.39
C ASN A 57 6.37 0.75 -11.86
N SER A 58 6.75 -0.51 -11.98
CA SER A 58 8.09 -0.87 -12.44
C SER A 58 8.14 -2.32 -12.94
N GLY A 59 7.80 -2.50 -14.21
CA GLY A 59 7.80 -3.83 -14.80
C GLY A 59 6.67 -4.69 -14.28
N ASP A 60 6.93 -5.42 -13.20
CA ASP A 60 5.93 -6.29 -12.61
C ASP A 60 5.76 -6.00 -11.12
N HIS A 61 6.42 -4.95 -10.66
CA HIS A 61 6.35 -4.56 -9.25
C HIS A 61 5.80 -3.14 -9.11
N TRP A 62 5.06 -2.91 -8.03
CA TRP A 62 4.47 -1.60 -7.78
C TRP A 62 4.79 -1.11 -6.37
N THR A 63 4.59 0.17 -6.13
CA THR A 63 4.86 0.76 -4.82
C THR A 63 3.97 1.97 -4.56
N ALA A 64 3.65 2.20 -3.30
CA ALA A 64 2.79 3.32 -2.92
C ALA A 64 3.44 4.14 -1.81
N LYS A 65 3.77 5.39 -2.13
CA LYS A 65 4.39 6.28 -1.16
C LYS A 65 3.67 7.63 -1.13
N ASN A 66 3.78 8.32 0.00
CA ASN A 66 3.14 9.61 0.17
C ASN A 66 4.12 10.64 0.74
N VAL A 67 4.78 10.28 1.83
CA VAL A 67 5.75 11.17 2.47
C VAL A 67 7.16 10.83 2.03
N GLY A 68 7.33 10.52 0.75
CA GLY A 68 8.64 10.18 0.23
C GLY A 68 9.52 11.40 0.03
N TRP A 69 8.97 12.57 0.33
CA TRP A 69 9.72 13.82 0.17
C TRP A 69 10.00 14.45 1.53
N ASN A 70 9.11 14.22 2.49
CA ASN A 70 9.26 14.77 3.84
C ASN A 70 9.77 13.69 4.80
N GLY A 71 9.15 12.52 4.73
CA GLY A 71 9.54 11.42 5.61
C GLY A 71 9.60 11.84 7.07
N THR A 72 8.49 12.36 7.57
CA THR A 72 8.41 12.81 8.96
C THR A 72 7.11 12.35 9.62
N LEU A 73 7.18 11.21 10.30
CA LEU A 73 6.01 10.65 10.98
C LEU A 73 6.37 10.17 12.38
N ALA A 74 5.35 10.01 13.22
CA ALA A 74 5.56 9.55 14.59
C ALA A 74 5.44 8.03 14.68
N PRO A 75 5.94 7.47 15.79
CA PRO A 75 5.90 6.02 16.03
C PRO A 75 4.49 5.51 16.29
N GLY A 76 3.54 6.45 16.43
CA GLY A 76 2.17 6.08 16.69
C GLY A 76 1.19 6.89 15.87
N ALA A 77 0.47 6.23 14.97
CA ALA A 77 -0.51 6.89 14.11
C ALA A 77 -1.19 5.90 13.18
N SER A 78 -2.21 6.37 12.47
CA SER A 78 -2.95 5.53 11.54
C SER A 78 -3.36 6.31 10.29
N VAL A 79 -3.10 5.72 9.14
CA VAL A 79 -3.44 6.37 7.87
C VAL A 79 -3.76 5.32 6.80
N SER A 80 -4.81 5.59 6.02
CA SER A 80 -5.23 4.68 4.97
C SER A 80 -5.28 5.39 3.62
N PHE A 81 -4.78 4.74 2.58
CA PHE A 81 -4.77 5.31 1.25
C PHE A 81 -5.44 4.37 0.25
N GLY A 82 -6.28 4.94 -0.62
CA GLY A 82 -6.98 4.14 -1.61
C GLY A 82 -6.53 4.47 -3.02
N PHE A 83 -6.99 3.66 -3.98
CA PHE A 83 -6.63 3.87 -5.38
C PHE A 83 -7.59 3.11 -6.31
N ASN A 84 -7.37 3.24 -7.60
CA ASN A 84 -8.21 2.56 -8.59
C ASN A 84 -7.37 1.93 -9.69
N GLY A 85 -7.64 0.68 -10.00
CA GLY A 85 -6.89 -0.02 -11.03
C GLY A 85 -7.78 -0.90 -11.89
N SER A 86 -7.35 -1.14 -13.12
CA SER A 86 -8.12 -1.97 -14.05
C SER A 86 -7.68 -3.43 -13.96
N GLY A 87 -8.61 -4.29 -13.54
CA GLY A 87 -8.30 -5.71 -13.41
C GLY A 87 -9.16 -6.40 -12.37
N PRO A 88 -8.71 -7.57 -11.91
CA PRO A 88 -9.44 -8.36 -10.91
C PRO A 88 -9.42 -7.70 -9.53
N GLY A 89 -8.24 -7.24 -9.12
CA GLY A 89 -8.11 -6.59 -7.82
C GLY A 89 -7.63 -7.54 -6.76
N SER A 90 -6.87 -8.56 -7.16
CA SER A 90 -6.35 -9.55 -6.23
C SER A 90 -4.82 -9.44 -6.12
N PRO A 91 -4.35 -8.41 -5.42
CA PRO A 91 -2.92 -8.17 -5.23
C PRO A 91 -2.27 -9.22 -4.32
N SER A 92 -0.94 -9.26 -4.34
CA SER A 92 -0.21 -10.22 -3.51
C SER A 92 1.14 -9.64 -3.09
N ASN A 93 1.92 -10.44 -2.38
CA ASN A 93 3.24 -10.01 -1.91
C ASN A 93 3.14 -8.67 -1.17
N CYS A 94 2.38 -8.66 -0.08
CA CYS A 94 2.21 -7.46 0.72
C CYS A 94 3.43 -7.19 1.57
N LYS A 95 4.22 -6.19 1.19
CA LYS A 95 5.43 -5.83 1.92
C LYS A 95 5.58 -4.32 2.03
N LEU A 96 6.09 -3.86 3.16
CA LEU A 96 6.28 -2.43 3.39
C LEU A 96 7.42 -2.19 4.38
N ASN A 97 8.01 -1.00 4.29
CA ASN A 97 9.12 -0.64 5.18
C ASN A 97 10.34 -1.50 4.90
N GLY A 98 10.64 -1.69 3.62
CA GLY A 98 11.79 -2.49 3.25
C GLY A 98 11.57 -3.98 3.52
N GLY A 99 10.38 -4.47 3.22
CA GLY A 99 10.08 -5.87 3.45
C GLY A 99 9.68 -6.15 4.88
N SER A 100 8.49 -5.68 5.26
CA SER A 100 7.99 -5.89 6.61
C SER A 100 6.46 -5.81 6.64
N CYS A 101 5.83 -6.97 6.76
CA CYS A 101 4.36 -7.04 6.81
C CYS A 101 3.90 -8.18 7.70
N ASP A 102 3.12 -7.84 8.72
CA ASP A 102 2.60 -8.84 9.65
C ASP A 102 1.10 -9.02 9.48
N GLY A 103 0.66 -10.28 9.39
CA GLY A 103 -0.75 -10.56 9.22
C GLY A 103 -1.24 -10.30 7.81
N THR A 104 -0.34 -10.49 6.84
CA THR A 104 -0.69 -10.27 5.44
C THR A 104 0.28 -11.01 4.52
N SER A 105 -0.07 -11.08 3.24
CA SER A 105 0.77 -11.75 2.26
C SER A 105 0.27 -11.47 0.84
N ALA A 1 1.70 -6.55 19.74
CA ALA A 1 2.82 -6.56 18.81
C ALA A 1 3.22 -5.13 18.43
N THR A 2 4.48 -4.79 18.73
CA THR A 2 4.99 -3.45 18.42
C THR A 2 5.75 -3.45 17.11
N SER A 3 5.06 -3.09 16.02
CA SER A 3 5.68 -3.04 14.70
C SER A 3 4.69 -2.52 13.66
N ALA A 4 5.14 -2.46 12.42
CA ALA A 4 4.30 -1.98 11.32
C ALA A 4 3.56 -3.13 10.66
N THR A 5 2.25 -2.94 10.45
CA THR A 5 1.42 -3.96 9.83
C THR A 5 0.26 -3.33 9.05
N ALA A 6 -0.08 -3.95 7.93
CA ALA A 6 -1.17 -3.45 7.10
C ALA A 6 -2.07 -4.59 6.62
N THR A 7 -3.26 -4.25 6.15
CA THR A 7 -4.21 -5.24 5.66
C THR A 7 -4.87 -4.79 4.37
N PHE A 8 -4.91 -5.67 3.38
CA PHE A 8 -5.53 -5.36 2.09
C PHE A 8 -7.05 -5.30 2.22
N ALA A 9 -7.64 -4.22 1.73
CA ALA A 9 -9.08 -4.04 1.79
C ALA A 9 -9.64 -3.61 0.43
N LYS A 10 -10.90 -3.92 0.18
CA LYS A 10 -11.55 -3.57 -1.07
C LYS A 10 -12.39 -2.32 -0.92
N THR A 11 -12.45 -1.51 -1.97
CA THR A 11 -13.22 -0.28 -1.96
C THR A 11 -14.50 -0.42 -2.78
N SER A 12 -14.33 -0.73 -4.06
CA SER A 12 -15.48 -0.88 -4.95
C SER A 12 -15.02 -1.26 -6.36
N ASP A 13 -15.64 -2.29 -6.92
CA ASP A 13 -15.29 -2.74 -8.27
C ASP A 13 -16.48 -2.61 -9.20
N TRP A 14 -16.27 -1.94 -10.33
CA TRP A 14 -17.33 -1.74 -11.32
C TRP A 14 -17.05 -2.54 -12.58
N GLY A 15 -17.52 -3.79 -12.61
CA GLY A 15 -17.31 -4.64 -13.78
C GLY A 15 -15.88 -5.15 -13.87
N THR A 16 -15.06 -4.42 -14.61
CA THR A 16 -13.66 -4.81 -14.78
C THR A 16 -12.74 -3.97 -13.88
N GLY A 17 -13.26 -2.86 -13.39
CA GLY A 17 -12.47 -1.99 -12.53
C GLY A 17 -12.60 -2.37 -11.07
N PHE A 18 -11.54 -2.14 -10.31
CA PHE A 18 -11.53 -2.46 -8.89
C PHE A 18 -10.89 -1.34 -8.07
N GLY A 19 -11.41 -1.12 -6.87
CA GLY A 19 -10.87 -0.08 -6.02
C GLY A 19 -10.02 -0.62 -4.89
N GLY A 20 -8.72 -0.35 -4.95
CA GLY A 20 -7.81 -0.83 -3.91
C GLY A 20 -7.82 0.04 -2.67
N SER A 21 -7.67 -0.58 -1.51
CA SER A 21 -7.67 0.15 -0.24
C SER A 21 -6.69 -0.47 0.75
N TRP A 22 -5.50 0.10 0.84
CA TRP A 22 -4.48 -0.40 1.75
C TRP A 22 -4.55 0.31 3.09
N THR A 23 -4.68 -0.46 4.17
CA THR A 23 -4.76 0.09 5.51
C THR A 23 -3.45 -0.13 6.27
N VAL A 24 -2.65 0.93 6.36
CA VAL A 24 -1.38 0.86 7.06
C VAL A 24 -1.50 1.43 8.48
N LYS A 25 -0.98 0.70 9.45
CA LYS A 25 -1.03 1.14 10.84
C LYS A 25 0.27 0.81 11.56
N ASN A 26 0.98 1.84 12.03
CA ASN A 26 2.23 1.66 12.74
C ASN A 26 2.12 2.10 14.18
N THR A 27 1.97 1.13 15.08
CA THR A 27 1.84 1.43 16.51
C THR A 27 2.79 0.57 17.33
N GLY A 28 3.45 1.19 18.31
CA GLY A 28 4.38 0.45 19.16
C GLY A 28 5.81 0.51 18.64
N THR A 29 5.96 0.51 17.32
CA THR A 29 7.28 0.57 16.70
C THR A 29 8.04 1.81 17.15
N THR A 30 9.29 1.93 16.69
CA THR A 30 10.12 3.07 17.04
C THR A 30 9.76 4.29 16.21
N SER A 31 10.37 5.42 16.54
CA SER A 31 10.11 6.67 15.82
C SER A 31 10.28 6.48 14.32
N LEU A 32 9.16 6.48 13.60
CA LEU A 32 9.18 6.30 12.15
C LEU A 32 9.47 7.62 11.44
N SER A 33 9.46 7.59 10.12
CA SER A 33 9.73 8.78 9.32
C SER A 33 8.83 8.83 8.09
N SER A 34 8.86 7.75 7.31
CA SER A 34 8.05 7.67 6.10
C SER A 34 7.48 6.27 5.93
N TRP A 35 6.34 6.18 5.25
CA TRP A 35 5.69 4.89 5.00
C TRP A 35 5.66 4.56 3.52
N THR A 36 6.15 3.39 3.17
CA THR A 36 6.19 2.96 1.77
C THR A 36 5.74 1.50 1.64
N VAL A 37 4.65 1.30 0.90
CA VAL A 37 4.11 -0.05 0.70
C VAL A 37 4.21 -0.45 -0.77
N GLU A 38 4.84 -1.59 -1.02
CA GLU A 38 4.99 -2.09 -2.40
C GLU A 38 4.66 -3.57 -2.47
N TRP A 39 4.23 -4.02 -3.65
CA TRP A 39 3.88 -5.42 -3.86
C TRP A 39 4.09 -5.82 -5.31
N ASP A 40 4.00 -7.12 -5.58
CA ASP A 40 4.18 -7.64 -6.93
C ASP A 40 2.83 -7.88 -7.60
N PHE A 41 2.69 -7.40 -8.83
CA PHE A 41 1.46 -7.57 -9.58
C PHE A 41 1.65 -8.52 -10.76
N PRO A 42 1.65 -9.83 -10.47
CA PRO A 42 1.83 -10.86 -11.50
C PRO A 42 0.62 -10.96 -12.43
N THR A 43 -0.57 -11.03 -11.85
CA THR A 43 -1.80 -11.13 -12.64
C THR A 43 -2.13 -9.80 -13.30
N GLY A 44 -2.69 -9.87 -14.50
CA GLY A 44 -3.05 -8.66 -15.23
C GLY A 44 -3.68 -7.62 -14.32
N THR A 45 -2.86 -6.68 -13.86
CA THR A 45 -3.34 -5.61 -12.98
C THR A 45 -2.42 -4.40 -13.04
N LYS A 46 -3.00 -3.22 -12.84
CA LYS A 46 -2.24 -1.98 -12.86
C LYS A 46 -3.06 -0.82 -12.32
N VAL A 47 -2.47 -0.06 -11.40
CA VAL A 47 -3.15 1.08 -10.80
C VAL A 47 -3.21 2.26 -11.78
N THR A 48 -4.38 2.42 -12.41
CA THR A 48 -4.58 3.51 -13.37
C THR A 48 -4.45 4.86 -12.70
N SER A 49 -5.10 5.01 -11.54
CA SER A 49 -5.07 6.26 -10.80
C SER A 49 -4.99 6.00 -9.29
N ALA A 50 -4.23 6.83 -8.60
CA ALA A 50 -4.06 6.69 -7.15
C ALA A 50 -4.22 8.03 -6.46
N TRP A 51 -4.75 8.01 -5.24
CA TRP A 51 -4.95 9.23 -4.46
C TRP A 51 -4.41 9.06 -3.05
N ASP A 52 -3.85 10.14 -2.51
CA ASP A 52 -3.30 10.12 -1.15
C ASP A 52 -2.10 9.17 -1.07
N ALA A 53 -1.59 8.78 -2.23
CA ALA A 53 -0.46 7.86 -2.29
C ALA A 53 0.04 7.70 -3.72
N THR A 54 1.19 8.30 -4.02
CA THR A 54 1.77 8.23 -5.35
C THR A 54 2.19 6.80 -5.69
N VAL A 55 1.27 6.05 -6.31
CA VAL A 55 1.54 4.67 -6.68
C VAL A 55 2.15 4.59 -8.07
N THR A 56 3.41 4.17 -8.14
CA THR A 56 4.11 4.05 -9.41
C THR A 56 4.28 2.59 -9.81
N ASN A 57 4.90 2.36 -10.97
CA ASN A 57 5.13 1.01 -11.46
C ASN A 57 6.52 0.88 -12.06
N SER A 58 7.00 -0.36 -12.16
CA SER A 58 8.32 -0.63 -12.72
C SER A 58 8.43 -2.07 -13.21
N GLY A 59 7.99 -2.30 -14.45
CA GLY A 59 8.04 -3.63 -15.02
C GLY A 59 6.94 -4.53 -14.49
N ASP A 60 7.22 -5.25 -13.41
CA ASP A 60 6.25 -6.15 -12.80
C ASP A 60 6.08 -5.85 -11.32
N HIS A 61 6.78 -4.83 -10.84
CA HIS A 61 6.71 -4.44 -9.43
C HIS A 61 6.03 -3.09 -9.28
N TRP A 62 5.31 -2.92 -8.18
CA TRP A 62 4.59 -1.67 -7.91
C TRP A 62 4.89 -1.17 -6.51
N THR A 63 4.81 0.15 -6.32
CA THR A 63 5.07 0.74 -5.02
C THR A 63 4.23 2.01 -4.82
N ALA A 64 3.86 2.28 -3.57
CA ALA A 64 3.07 3.46 -3.24
C ALA A 64 3.72 4.28 -2.15
N LYS A 65 3.75 5.60 -2.34
CA LYS A 65 4.35 6.50 -1.35
C LYS A 65 3.69 7.87 -1.42
N ASN A 66 3.39 8.43 -0.25
CA ASN A 66 2.77 9.75 -0.18
C ASN A 66 3.73 10.77 0.43
N VAL A 67 4.59 10.31 1.33
CA VAL A 67 5.55 11.18 1.98
C VAL A 67 6.88 11.17 1.24
N GLY A 68 6.82 11.17 -0.08
CA GLY A 68 8.03 11.15 -0.89
C GLY A 68 8.68 12.52 -0.99
N TRP A 69 8.07 13.51 -0.32
CA TRP A 69 8.61 14.87 -0.33
C TRP A 69 9.01 15.31 1.06
N ASN A 70 8.29 14.84 2.07
CA ASN A 70 8.57 15.19 3.46
C ASN A 70 9.30 14.05 4.17
N GLY A 71 8.59 12.95 4.38
CA GLY A 71 9.18 11.80 5.05
C GLY A 71 9.23 11.96 6.55
N THR A 72 8.12 12.42 7.13
CA THR A 72 8.04 12.62 8.58
C THR A 72 6.83 11.90 9.16
N LEU A 73 7.08 10.98 10.09
CA LEU A 73 6.02 10.22 10.74
C LEU A 73 6.36 9.92 12.19
N ALA A 74 5.35 9.59 12.97
CA ALA A 74 5.54 9.27 14.38
C ALA A 74 5.57 7.77 14.61
N PRO A 75 6.06 7.34 15.77
CA PRO A 75 6.15 5.93 16.14
C PRO A 75 4.78 5.31 16.39
N GLY A 76 3.75 6.15 16.41
CA GLY A 76 2.40 5.66 16.65
C GLY A 76 1.36 6.45 15.88
N ALA A 77 0.70 5.79 14.92
CA ALA A 77 -0.32 6.44 14.11
C ALA A 77 -0.88 5.48 13.06
N SER A 78 -1.93 5.92 12.37
CA SER A 78 -2.55 5.09 11.35
C SER A 78 -2.71 5.87 10.04
N VAL A 79 -2.30 5.26 8.94
CA VAL A 79 -2.38 5.88 7.63
C VAL A 79 -2.96 4.93 6.59
N SER A 80 -3.99 5.38 5.88
CA SER A 80 -4.64 4.57 4.86
C SER A 80 -4.82 5.36 3.57
N PHE A 81 -4.62 4.69 2.44
CA PHE A 81 -4.77 5.33 1.14
C PHE A 81 -5.54 4.43 0.18
N GLY A 82 -6.20 5.05 -0.80
CA GLY A 82 -6.97 4.30 -1.77
C GLY A 82 -6.56 4.58 -3.20
N PHE A 83 -7.16 3.87 -4.15
CA PHE A 83 -6.84 4.06 -5.55
C PHE A 83 -7.76 3.22 -6.44
N ASN A 84 -7.60 3.35 -7.75
CA ASN A 84 -8.42 2.61 -8.70
C ASN A 84 -7.55 1.93 -9.75
N GLY A 85 -7.73 0.62 -9.90
CA GLY A 85 -6.96 -0.13 -10.86
C GLY A 85 -7.83 -0.96 -11.79
N SER A 86 -7.34 -1.19 -13.00
CA SER A 86 -8.08 -1.97 -13.99
C SER A 86 -7.64 -3.43 -13.99
N GLY A 87 -8.50 -4.31 -13.49
CA GLY A 87 -8.17 -5.73 -13.45
C GLY A 87 -8.99 -6.47 -12.41
N PRO A 88 -8.47 -7.62 -11.96
CA PRO A 88 -9.14 -8.45 -10.95
C PRO A 88 -9.15 -7.80 -9.58
N GLY A 89 -8.03 -7.21 -9.19
CA GLY A 89 -7.93 -6.56 -7.90
C GLY A 89 -7.48 -7.51 -6.80
N SER A 90 -6.74 -8.54 -7.18
CA SER A 90 -6.25 -9.52 -6.23
C SER A 90 -4.73 -9.46 -6.10
N PRO A 91 -4.24 -8.40 -5.42
CA PRO A 91 -2.81 -8.19 -5.21
C PRO A 91 -2.21 -9.21 -4.25
N SER A 92 -0.90 -9.43 -4.38
CA SER A 92 -0.20 -10.38 -3.52
C SER A 92 1.23 -9.94 -3.26
N ASN A 93 1.86 -10.54 -2.26
CA ASN A 93 3.24 -10.21 -1.92
C ASN A 93 3.35 -8.75 -1.48
N CYS A 94 2.67 -8.41 -0.38
CA CYS A 94 2.70 -7.06 0.15
C CYS A 94 3.87 -6.87 1.12
N LYS A 95 4.62 -5.79 0.93
CA LYS A 95 5.76 -5.50 1.79
C LYS A 95 5.94 -3.99 1.96
N LEU A 96 5.90 -3.53 3.21
CA LEU A 96 6.06 -2.11 3.50
C LEU A 96 6.98 -1.90 4.70
N ASN A 97 7.59 -0.73 4.78
CA ASN A 97 8.49 -0.41 5.87
C ASN A 97 9.71 -1.32 5.86
N GLY A 98 10.22 -1.60 4.67
CA GLY A 98 11.38 -2.46 4.54
C GLY A 98 11.04 -3.93 4.62
N GLY A 99 9.78 -4.25 4.31
CA GLY A 99 9.33 -5.64 4.37
C GLY A 99 8.72 -6.00 5.70
N SER A 100 7.51 -5.47 5.96
CA SER A 100 6.82 -5.75 7.21
C SER A 100 5.31 -5.56 7.03
N CYS A 101 4.59 -6.67 6.96
CA CYS A 101 3.14 -6.63 6.80
C CYS A 101 2.53 -8.01 7.02
N ASP A 102 1.77 -8.14 8.10
CA ASP A 102 1.12 -9.40 8.43
C ASP A 102 0.15 -9.82 7.32
N GLY A 103 -0.12 -11.13 7.25
CA GLY A 103 -1.02 -11.64 6.24
C GLY A 103 -0.40 -11.62 4.85
N THR A 104 0.81 -12.14 4.74
CA THR A 104 1.50 -12.18 3.46
C THR A 104 0.72 -12.98 2.43
N SER A 105 1.32 -13.21 1.27
CA SER A 105 0.68 -13.95 0.19
C SER A 105 -0.58 -13.23 -0.29
N ALA A 1 14.72 -3.28 11.79
CA ALA A 1 13.74 -3.88 12.68
C ALA A 1 12.73 -2.82 13.16
N THR A 2 11.53 -2.84 12.57
CA THR A 2 10.49 -1.90 12.94
C THR A 2 9.18 -2.61 13.23
N SER A 3 8.21 -1.87 13.78
CA SER A 3 6.91 -2.44 14.10
C SER A 3 5.80 -1.74 13.32
N ALA A 4 5.39 -2.34 12.20
CA ALA A 4 4.34 -1.78 11.38
C ALA A 4 3.59 -2.87 10.62
N THR A 5 2.26 -2.80 10.65
CA THR A 5 1.43 -3.79 9.98
C THR A 5 0.50 -3.12 8.97
N ALA A 6 -0.17 -3.94 8.16
CA ALA A 6 -1.09 -3.42 7.14
C ALA A 6 -2.08 -4.50 6.72
N THR A 7 -3.16 -4.07 6.06
CA THR A 7 -4.19 -5.00 5.59
C THR A 7 -4.82 -4.50 4.30
N PHE A 8 -5.11 -5.43 3.40
CA PHE A 8 -5.73 -5.09 2.12
C PHE A 8 -7.24 -4.99 2.25
N ALA A 9 -7.83 -4.07 1.50
CA ALA A 9 -9.28 -3.87 1.52
C ALA A 9 -9.80 -3.47 0.16
N LYS A 10 -11.12 -3.57 -0.03
CA LYS A 10 -11.74 -3.21 -1.30
C LYS A 10 -12.51 -1.89 -1.16
N THR A 11 -12.85 -1.30 -2.30
CA THR A 11 -13.59 -0.04 -2.31
C THR A 11 -14.85 -0.14 -3.15
N SER A 12 -14.68 -0.42 -4.44
CA SER A 12 -15.80 -0.55 -5.36
C SER A 12 -15.33 -0.93 -6.76
N ASP A 13 -16.02 -1.88 -7.37
CA ASP A 13 -15.67 -2.33 -8.71
C ASP A 13 -16.81 -2.06 -9.69
N TRP A 14 -16.49 -1.40 -10.80
CA TRP A 14 -17.49 -1.07 -11.81
C TRP A 14 -17.24 -1.87 -13.09
N GLY A 15 -17.89 -3.02 -13.19
CA GLY A 15 -17.73 -3.85 -14.37
C GLY A 15 -16.39 -4.58 -14.39
N THR A 16 -15.39 -3.94 -14.99
CA THR A 16 -14.06 -4.53 -15.08
C THR A 16 -13.08 -3.83 -14.14
N GLY A 17 -13.46 -2.63 -13.70
CA GLY A 17 -12.61 -1.88 -12.80
C GLY A 17 -12.82 -2.25 -11.35
N PHE A 18 -11.79 -2.07 -10.52
CA PHE A 18 -11.87 -2.39 -9.11
C PHE A 18 -11.15 -1.34 -8.26
N GLY A 19 -11.66 -1.09 -7.07
CA GLY A 19 -11.05 -0.12 -6.19
C GLY A 19 -10.29 -0.75 -5.05
N GLY A 20 -9.03 -0.35 -4.87
CA GLY A 20 -8.22 -0.91 -3.81
C GLY A 20 -8.10 0.03 -2.63
N SER A 21 -8.02 -0.54 -1.43
CA SER A 21 -7.90 0.26 -0.21
C SER A 21 -6.89 -0.36 0.75
N TRP A 22 -5.68 0.18 0.75
CA TRP A 22 -4.62 -0.31 1.63
C TRP A 22 -4.63 0.41 2.97
N THR A 23 -4.41 -0.34 4.04
CA THR A 23 -4.39 0.22 5.38
C THR A 23 -3.00 0.13 6.01
N VAL A 24 -2.43 1.28 6.34
CA VAL A 24 -1.11 1.33 6.95
C VAL A 24 -1.18 1.80 8.40
N LYS A 25 -0.51 1.08 9.28
CA LYS A 25 -0.51 1.41 10.70
C LYS A 25 0.89 1.24 11.29
N ASN A 26 1.39 2.30 11.95
CA ASN A 26 2.70 2.25 12.56
C ASN A 26 2.61 2.44 14.07
N THR A 27 3.26 1.55 14.82
CA THR A 27 3.25 1.62 16.28
C THR A 27 4.21 0.60 16.87
N GLY A 28 4.60 0.83 18.12
CA GLY A 28 5.51 -0.08 18.79
C GLY A 28 6.96 0.35 18.67
N THR A 29 7.28 1.04 17.58
CA THR A 29 8.64 1.51 17.33
C THR A 29 8.77 3.00 17.64
N THR A 30 10.00 3.49 17.63
CA THR A 30 10.26 4.89 17.90
C THR A 30 9.56 5.79 16.88
N SER A 31 9.86 7.09 16.94
CA SER A 31 9.26 8.05 16.03
C SER A 31 9.42 7.59 14.58
N LEU A 32 8.31 7.57 13.85
CA LEU A 32 8.32 7.15 12.45
C LEU A 32 8.64 8.33 11.54
N SER A 33 8.60 8.08 10.24
CA SER A 33 8.90 9.13 9.25
C SER A 33 8.00 8.99 8.03
N SER A 34 7.98 7.80 7.44
CA SER A 34 7.16 7.54 6.26
C SER A 34 6.85 6.05 6.13
N TRP A 35 6.05 5.70 5.14
CA TRP A 35 5.67 4.31 4.91
C TRP A 35 5.66 3.99 3.42
N THR A 36 6.38 2.93 3.05
CA THR A 36 6.46 2.52 1.65
C THR A 36 5.80 1.16 1.44
N VAL A 37 4.60 1.17 0.86
CA VAL A 37 3.87 -0.07 0.60
C VAL A 37 3.99 -0.48 -0.87
N GLU A 38 4.75 -1.54 -1.11
CA GLU A 38 4.94 -2.04 -2.47
C GLU A 38 4.69 -3.55 -2.53
N TRP A 39 3.97 -3.97 -3.57
CA TRP A 39 3.65 -5.38 -3.75
C TRP A 39 3.93 -5.82 -5.18
N ASP A 40 3.89 -7.13 -5.42
CA ASP A 40 4.13 -7.68 -6.74
C ASP A 40 2.82 -7.97 -7.47
N PHE A 41 2.71 -7.47 -8.70
CA PHE A 41 1.51 -7.67 -9.50
C PHE A 41 1.79 -8.56 -10.71
N PRO A 42 1.91 -9.88 -10.45
CA PRO A 42 2.18 -10.86 -11.50
C PRO A 42 1.00 -11.04 -12.45
N THR A 43 -0.17 -11.25 -11.88
CA THR A 43 -1.39 -11.45 -12.67
C THR A 43 -1.84 -10.14 -13.32
N GLY A 44 -2.39 -10.24 -14.52
CA GLY A 44 -2.85 -9.06 -15.22
C GLY A 44 -3.45 -8.03 -14.29
N THR A 45 -2.67 -7.02 -13.93
CA THR A 45 -3.12 -5.97 -13.04
C THR A 45 -2.34 -4.68 -13.26
N LYS A 46 -2.96 -3.55 -12.91
CA LYS A 46 -2.33 -2.25 -13.07
C LYS A 46 -3.19 -1.14 -12.47
N VAL A 47 -2.56 -0.31 -11.65
CA VAL A 47 -3.27 0.80 -11.00
C VAL A 47 -3.41 1.99 -11.93
N THR A 48 -4.63 2.24 -12.39
CA THR A 48 -4.89 3.35 -13.31
C THR A 48 -4.58 4.69 -12.63
N SER A 49 -5.11 4.88 -11.44
CA SER A 49 -4.89 6.11 -10.70
C SER A 49 -4.82 5.85 -9.19
N ALA A 50 -4.13 6.73 -8.47
CA ALA A 50 -3.99 6.59 -7.03
C ALA A 50 -4.08 7.94 -6.34
N TRP A 51 -4.68 7.95 -5.15
CA TRP A 51 -4.84 9.18 -4.38
C TRP A 51 -4.32 9.00 -2.95
N ASP A 52 -3.75 10.06 -2.41
CA ASP A 52 -3.22 10.03 -1.04
C ASP A 52 -2.05 9.05 -0.95
N ALA A 53 -1.53 8.64 -2.10
CA ALA A 53 -0.41 7.71 -2.15
C ALA A 53 0.10 7.53 -3.57
N THR A 54 1.21 8.19 -3.88
CA THR A 54 1.81 8.12 -5.21
C THR A 54 2.19 6.68 -5.55
N VAL A 55 1.31 5.99 -6.27
CA VAL A 55 1.56 4.61 -6.67
C VAL A 55 2.21 4.54 -8.04
N THR A 56 3.46 4.10 -8.08
CA THR A 56 4.20 3.99 -9.33
C THR A 56 4.32 2.54 -9.77
N ASN A 57 4.89 2.32 -10.95
CA ASN A 57 5.07 0.97 -11.48
C ASN A 57 6.46 0.81 -12.09
N SER A 58 6.92 -0.43 -12.19
CA SER A 58 8.23 -0.73 -12.75
C SER A 58 8.31 -2.16 -13.24
N GLY A 59 7.87 -2.38 -14.47
CA GLY A 59 7.89 -3.72 -15.04
C GLY A 59 6.78 -4.60 -14.51
N ASP A 60 7.06 -5.32 -13.43
CA ASP A 60 6.06 -6.21 -12.83
C ASP A 60 5.91 -5.91 -11.33
N HIS A 61 6.59 -4.87 -10.87
CA HIS A 61 6.53 -4.48 -9.46
C HIS A 61 5.84 -3.12 -9.31
N TRP A 62 5.13 -2.96 -8.21
CA TRP A 62 4.42 -1.71 -7.93
C TRP A 62 4.70 -1.24 -6.50
N THR A 63 4.89 0.07 -6.34
CA THR A 63 5.15 0.65 -5.04
C THR A 63 4.40 1.97 -4.86
N ALA A 64 4.02 2.27 -3.62
CA ALA A 64 3.30 3.50 -3.32
C ALA A 64 3.89 4.19 -2.10
N LYS A 65 3.90 5.52 -2.12
CA LYS A 65 4.43 6.30 -1.02
C LYS A 65 3.61 7.56 -0.79
N ASN A 66 3.73 8.15 0.39
CA ASN A 66 3.00 9.37 0.73
C ASN A 66 3.94 10.41 1.33
N VAL A 67 4.69 10.01 2.35
CA VAL A 67 5.63 10.92 3.01
C VAL A 67 7.06 10.67 2.55
N GLY A 68 7.21 10.39 1.25
CA GLY A 68 8.53 10.14 0.71
C GLY A 68 9.31 11.41 0.43
N TRP A 69 8.70 12.54 0.74
CA TRP A 69 9.34 13.84 0.52
C TRP A 69 9.60 14.55 1.85
N ASN A 70 8.86 14.15 2.89
CA ASN A 70 9.01 14.74 4.20
C ASN A 70 9.52 13.72 5.21
N GLY A 71 8.96 12.52 5.18
CA GLY A 71 9.38 11.48 6.08
C GLY A 71 9.41 11.94 7.53
N THR A 72 8.28 12.44 8.01
CA THR A 72 8.18 12.92 9.38
C THR A 72 6.80 12.64 9.97
N LEU A 73 6.67 11.55 10.71
CA LEU A 73 5.41 11.17 11.32
C LEU A 73 5.62 10.67 12.74
N ALA A 74 4.55 10.68 13.53
CA ALA A 74 4.63 10.22 14.92
C ALA A 74 4.89 8.72 14.98
N PRO A 75 5.36 8.24 16.14
CA PRO A 75 5.66 6.83 16.36
C PRO A 75 4.39 5.97 16.40
N GLY A 76 3.25 6.60 16.64
CA GLY A 76 1.99 5.87 16.69
C GLY A 76 0.89 6.57 15.93
N ALA A 77 0.40 5.92 14.87
CA ALA A 77 -0.67 6.50 14.07
C ALA A 77 -1.10 5.54 12.95
N SER A 78 -2.17 5.88 12.26
CA SER A 78 -2.68 5.05 11.17
C SER A 78 -3.06 5.89 9.97
N VAL A 79 -2.59 5.48 8.80
CA VAL A 79 -2.88 6.19 7.55
C VAL A 79 -3.28 5.23 6.44
N SER A 80 -4.50 5.37 5.96
CA SER A 80 -5.02 4.51 4.90
C SER A 80 -5.18 5.29 3.60
N PHE A 81 -4.74 4.71 2.50
CA PHE A 81 -4.83 5.35 1.19
C PHE A 81 -5.60 4.48 0.21
N GLY A 82 -6.35 5.12 -0.68
CA GLY A 82 -7.12 4.38 -1.67
C GLY A 82 -6.66 4.64 -3.08
N PHE A 83 -7.22 3.89 -4.03
CA PHE A 83 -6.85 4.05 -5.44
C PHE A 83 -7.79 3.25 -6.34
N ASN A 84 -7.55 3.30 -7.64
CA ASN A 84 -8.37 2.58 -8.61
C ASN A 84 -7.51 1.79 -9.58
N GLY A 85 -7.78 0.50 -9.69
CA GLY A 85 -7.02 -0.35 -10.59
C GLY A 85 -7.91 -1.13 -11.54
N SER A 86 -7.35 -1.53 -12.67
CA SER A 86 -8.09 -2.28 -13.67
C SER A 86 -7.66 -3.75 -13.69
N GLY A 87 -8.58 -4.64 -13.35
CA GLY A 87 -8.27 -6.06 -13.34
C GLY A 87 -9.15 -6.83 -12.37
N PRO A 88 -8.68 -8.02 -11.97
CA PRO A 88 -9.41 -8.88 -11.03
C PRO A 88 -9.45 -8.31 -9.62
N GLY A 89 -8.38 -7.62 -9.23
CA GLY A 89 -8.32 -7.03 -7.91
C GLY A 89 -7.78 -7.99 -6.87
N SER A 90 -6.95 -8.93 -7.32
CA SER A 90 -6.37 -9.93 -6.42
C SER A 90 -4.86 -9.72 -6.30
N PRO A 91 -4.47 -8.70 -5.53
CA PRO A 91 -3.06 -8.37 -5.32
C PRO A 91 -2.34 -9.42 -4.46
N SER A 92 -1.02 -9.47 -4.58
CA SER A 92 -0.22 -10.43 -3.82
C SER A 92 1.15 -9.85 -3.48
N ASN A 93 1.91 -10.58 -2.67
CA ASN A 93 3.24 -10.14 -2.27
C ASN A 93 3.17 -8.79 -1.56
N CYS A 94 2.24 -8.66 -0.63
CA CYS A 94 2.08 -7.41 0.12
C CYS A 94 3.30 -7.14 0.99
N LYS A 95 4.16 -6.25 0.52
CA LYS A 95 5.38 -5.90 1.25
C LYS A 95 5.38 -4.41 1.60
N LEU A 96 5.91 -4.08 2.77
CA LEU A 96 5.99 -2.69 3.21
C LEU A 96 7.03 -2.53 4.31
N ASN A 97 7.70 -1.37 4.31
CA ASN A 97 8.72 -1.09 5.31
C ASN A 97 9.86 -2.10 5.22
N GLY A 98 10.45 -2.23 4.03
CA GLY A 98 11.53 -3.17 3.85
C GLY A 98 11.06 -4.61 3.82
N GLY A 99 9.92 -4.85 3.19
CA GLY A 99 9.38 -6.20 3.11
C GLY A 99 9.01 -6.75 4.48
N SER A 100 8.01 -6.13 5.09
CA SER A 100 7.55 -6.57 6.42
C SER A 100 6.09 -6.19 6.63
N CYS A 101 5.21 -7.19 6.55
CA CYS A 101 3.79 -6.96 6.73
C CYS A 101 3.13 -8.17 7.39
N ASP A 102 2.32 -7.91 8.41
CA ASP A 102 1.63 -8.98 9.13
C ASP A 102 0.13 -8.93 8.86
N GLY A 103 -0.53 -10.08 9.03
CA GLY A 103 -1.96 -10.15 8.80
C GLY A 103 -2.30 -10.69 7.43
N THR A 104 -1.39 -10.53 6.48
CA THR A 104 -1.58 -11.01 5.12
C THR A 104 -0.27 -11.09 4.36
N SER A 105 -0.33 -11.59 3.13
CA SER A 105 0.86 -11.72 2.30
C SER A 105 0.59 -11.22 0.89
N ALA A 1 1.98 -6.47 19.21
CA ALA A 1 2.65 -6.46 17.92
C ALA A 1 3.96 -5.69 17.98
N THR A 2 3.93 -4.52 18.61
CA THR A 2 5.10 -3.68 18.73
C THR A 2 5.79 -3.49 17.39
N SER A 3 4.99 -3.31 16.34
CA SER A 3 5.52 -3.13 14.99
C SER A 3 4.44 -2.61 14.05
N ALA A 4 4.84 -2.30 12.82
CA ALA A 4 3.91 -1.80 11.82
C ALA A 4 3.31 -2.93 10.99
N THR A 5 1.99 -2.89 10.81
CA THR A 5 1.29 -3.92 10.05
C THR A 5 0.41 -3.31 8.97
N ALA A 6 -0.24 -4.16 8.19
CA ALA A 6 -1.13 -3.69 7.13
C ALA A 6 -2.08 -4.80 6.68
N THR A 7 -3.14 -4.42 5.96
CA THR A 7 -4.12 -5.38 5.48
C THR A 7 -4.80 -4.87 4.21
N PHE A 8 -4.99 -5.77 3.25
CA PHE A 8 -5.63 -5.41 1.99
C PHE A 8 -7.15 -5.45 2.13
N ALA A 9 -7.82 -4.46 1.54
CA ALA A 9 -9.27 -4.38 1.58
C ALA A 9 -9.84 -3.86 0.28
N LYS A 10 -11.12 -4.14 0.04
CA LYS A 10 -11.78 -3.69 -1.19
C LYS A 10 -12.70 -2.51 -0.90
N THR A 11 -12.72 -1.55 -1.81
CA THR A 11 -13.55 -0.37 -1.66
C THR A 11 -14.83 -0.48 -2.50
N SER A 12 -14.66 -0.57 -3.82
CA SER A 12 -15.80 -0.69 -4.73
C SER A 12 -15.32 -0.83 -6.16
N ASP A 13 -16.04 -1.64 -6.94
CA ASP A 13 -15.70 -1.86 -8.34
C ASP A 13 -16.83 -1.40 -9.26
N TRP A 14 -16.49 -0.53 -10.21
CA TRP A 14 -17.48 -0.02 -11.15
C TRP A 14 -17.21 -0.52 -12.56
N GLY A 15 -18.05 -1.45 -13.02
CA GLY A 15 -17.89 -2.01 -14.34
C GLY A 15 -16.70 -2.95 -14.44
N THR A 16 -15.55 -2.41 -14.85
CA THR A 16 -14.34 -3.20 -14.98
C THR A 16 -13.25 -2.70 -14.03
N GLY A 17 -13.41 -1.48 -13.53
CA GLY A 17 -12.44 -0.92 -12.63
C GLY A 17 -12.72 -1.27 -11.18
N PHE A 18 -11.67 -1.54 -10.41
CA PHE A 18 -11.80 -1.90 -9.00
C PHE A 18 -11.10 -0.88 -8.12
N GLY A 19 -11.64 -0.70 -6.91
CA GLY A 19 -11.06 0.24 -5.98
C GLY A 19 -10.32 -0.44 -4.84
N GLY A 20 -9.00 -0.39 -4.88
CA GLY A 20 -8.20 -1.01 -3.84
C GLY A 20 -8.06 -0.12 -2.62
N SER A 21 -8.16 -0.73 -1.44
CA SER A 21 -8.04 0.01 -0.18
C SER A 21 -6.95 -0.59 0.70
N TRP A 22 -5.79 0.05 0.69
CA TRP A 22 -4.66 -0.41 1.50
C TRP A 22 -4.68 0.22 2.89
N THR A 23 -4.50 -0.61 3.91
CA THR A 23 -4.50 -0.12 5.29
C THR A 23 -3.10 -0.21 5.90
N VAL A 24 -2.59 0.93 6.36
CA VAL A 24 -1.27 0.97 6.97
C VAL A 24 -1.34 1.50 8.40
N LYS A 25 -0.69 0.80 9.32
CA LYS A 25 -0.67 1.19 10.72
C LYS A 25 0.69 0.94 11.34
N ASN A 26 1.25 1.96 11.97
CA ASN A 26 2.55 1.85 12.61
C ASN A 26 2.46 2.14 14.10
N THR A 27 3.11 1.30 14.90
CA THR A 27 3.09 1.47 16.36
C THR A 27 4.12 0.58 17.02
N GLY A 28 4.79 1.11 18.04
CA GLY A 28 5.80 0.34 18.76
C GLY A 28 7.20 0.86 18.51
N THR A 29 7.63 0.82 17.25
CA THR A 29 8.96 1.29 16.88
C THR A 29 9.14 2.77 17.23
N THR A 30 10.39 3.23 17.21
CA THR A 30 10.70 4.61 17.53
C THR A 30 9.99 5.56 16.56
N SER A 31 10.31 6.85 16.67
CA SER A 31 9.71 7.86 15.81
C SER A 31 9.83 7.46 14.34
N LEU A 32 8.70 7.46 13.64
CA LEU A 32 8.67 7.10 12.23
C LEU A 32 8.88 8.33 11.35
N SER A 33 8.80 8.13 10.04
CA SER A 33 8.98 9.22 9.08
C SER A 33 8.01 9.10 7.92
N SER A 34 7.98 7.93 7.29
CA SER A 34 7.10 7.69 6.17
C SER A 34 6.76 6.20 6.04
N TRP A 35 5.88 5.87 5.11
CA TRP A 35 5.47 4.49 4.89
C TRP A 35 5.51 4.14 3.41
N THR A 36 6.21 3.06 3.07
CA THR A 36 6.32 2.63 1.69
C THR A 36 5.73 1.23 1.50
N VAL A 37 4.55 1.17 0.89
CA VAL A 37 3.88 -0.09 0.65
C VAL A 37 3.99 -0.51 -0.82
N GLU A 38 4.59 -1.67 -1.06
CA GLU A 38 4.75 -2.17 -2.42
C GLU A 38 4.35 -3.64 -2.50
N TRP A 39 3.99 -4.08 -3.71
CA TRP A 39 3.58 -5.46 -3.93
C TRP A 39 3.91 -5.91 -5.35
N ASP A 40 3.80 -7.21 -5.60
CA ASP A 40 4.08 -7.76 -6.92
C ASP A 40 2.80 -7.97 -7.71
N PHE A 41 2.80 -7.53 -8.96
CA PHE A 41 1.64 -7.67 -9.82
C PHE A 41 1.91 -8.64 -10.97
N PRO A 42 1.97 -9.94 -10.65
CA PRO A 42 2.22 -10.98 -11.63
C PRO A 42 1.06 -11.17 -12.61
N THR A 43 -0.14 -11.31 -12.06
CA THR A 43 -1.34 -11.50 -12.88
C THR A 43 -1.74 -10.19 -13.55
N GLY A 44 -2.28 -10.31 -14.76
CA GLY A 44 -2.71 -9.13 -15.50
C GLY A 44 -3.35 -8.09 -14.60
N THR A 45 -2.56 -7.07 -14.23
CA THR A 45 -3.06 -6.00 -13.37
C THR A 45 -2.28 -4.72 -13.57
N LYS A 46 -2.88 -3.59 -13.21
CA LYS A 46 -2.24 -2.29 -13.35
C LYS A 46 -3.08 -1.19 -12.72
N VAL A 47 -2.44 -0.37 -11.89
CA VAL A 47 -3.14 0.73 -11.24
C VAL A 47 -3.28 1.94 -12.15
N THR A 48 -4.49 2.17 -12.63
CA THR A 48 -4.76 3.29 -13.52
C THR A 48 -4.49 4.62 -12.83
N SER A 49 -5.01 4.78 -11.62
CA SER A 49 -4.83 6.00 -10.86
C SER A 49 -4.75 5.70 -9.36
N ALA A 50 -4.12 6.60 -8.61
CA ALA A 50 -3.97 6.44 -7.18
C ALA A 50 -4.09 7.78 -6.46
N TRP A 51 -4.86 7.80 -5.38
CA TRP A 51 -5.06 9.02 -4.60
C TRP A 51 -4.56 8.85 -3.17
N ASP A 52 -4.02 9.92 -2.60
CA ASP A 52 -3.50 9.88 -1.24
C ASP A 52 -2.29 8.95 -1.15
N ALA A 53 -1.75 8.58 -2.30
CA ALA A 53 -0.59 7.69 -2.35
C ALA A 53 -0.06 7.55 -3.77
N THR A 54 1.04 8.24 -4.06
CA THR A 54 1.64 8.18 -5.39
C THR A 54 2.11 6.78 -5.73
N VAL A 55 1.29 6.05 -6.46
CA VAL A 55 1.63 4.68 -6.85
C VAL A 55 2.39 4.66 -8.17
N THR A 56 3.49 3.94 -8.20
CA THR A 56 4.32 3.83 -9.40
C THR A 56 4.42 2.39 -9.87
N ASN A 57 5.03 2.20 -11.04
CA ASN A 57 5.19 0.86 -11.61
C ASN A 57 6.60 0.67 -12.13
N SER A 58 7.03 -0.59 -12.21
CA SER A 58 8.37 -0.91 -12.70
C SER A 58 8.45 -2.37 -13.15
N GLY A 59 8.07 -2.61 -14.41
CA GLY A 59 8.11 -3.95 -14.94
C GLY A 59 6.98 -4.82 -14.40
N ASP A 60 7.27 -5.56 -13.34
CA ASP A 60 6.28 -6.44 -12.74
C ASP A 60 6.13 -6.14 -11.24
N HIS A 61 6.62 -4.98 -10.83
CA HIS A 61 6.55 -4.58 -9.42
C HIS A 61 5.97 -3.17 -9.29
N TRP A 62 5.23 -2.95 -8.21
CA TRP A 62 4.62 -1.65 -7.95
C TRP A 62 4.91 -1.16 -6.54
N THR A 63 4.77 0.14 -6.33
CA THR A 63 5.02 0.73 -5.02
C THR A 63 4.20 1.99 -4.80
N ALA A 64 3.82 2.25 -3.57
CA ALA A 64 3.03 3.43 -3.23
C ALA A 64 3.66 4.21 -2.08
N LYS A 65 3.73 5.53 -2.23
CA LYS A 65 4.32 6.39 -1.21
C LYS A 65 3.48 7.66 -1.03
N ASN A 66 3.59 8.27 0.13
CA ASN A 66 2.86 9.50 0.43
C ASN A 66 3.79 10.56 1.02
N VAL A 67 4.52 10.19 2.05
CA VAL A 67 5.44 11.11 2.71
C VAL A 67 6.88 10.84 2.27
N GLY A 68 7.07 10.53 1.00
CA GLY A 68 8.39 10.26 0.48
C GLY A 68 9.20 11.52 0.25
N TRP A 69 8.59 12.67 0.53
CA TRP A 69 9.25 13.95 0.34
C TRP A 69 9.48 14.65 1.68
N ASN A 70 8.64 14.32 2.66
CA ASN A 70 8.75 14.91 3.99
C ASN A 70 9.28 13.90 5.00
N GLY A 71 8.69 12.70 4.98
CA GLY A 71 9.11 11.66 5.90
C GLY A 71 9.12 12.13 7.35
N THR A 72 7.99 12.64 7.82
CA THR A 72 7.88 13.13 9.18
C THR A 72 6.57 12.66 9.82
N LEU A 73 6.63 11.56 10.56
CA LEU A 73 5.45 11.02 11.22
C LEU A 73 5.79 10.56 12.63
N ALA A 74 4.76 10.42 13.46
CA ALA A 74 4.95 9.98 14.84
C ALA A 74 5.19 8.48 14.91
N PRO A 75 5.74 8.02 16.05
CA PRO A 75 6.03 6.60 16.27
C PRO A 75 4.77 5.76 16.42
N GLY A 76 3.63 6.43 16.50
CA GLY A 76 2.36 5.73 16.64
C GLY A 76 1.22 6.43 15.94
N ALA A 77 0.66 5.77 14.92
CA ALA A 77 -0.44 6.35 14.16
C ALA A 77 -0.92 5.39 13.08
N SER A 78 -2.02 5.73 12.42
CA SER A 78 -2.58 4.90 11.37
C SER A 78 -2.91 5.72 10.14
N VAL A 79 -2.48 5.24 8.98
CA VAL A 79 -2.72 5.93 7.72
C VAL A 79 -3.18 4.97 6.63
N SER A 80 -4.12 5.41 5.81
CA SER A 80 -4.65 4.58 4.74
C SER A 80 -4.71 5.36 3.43
N PHE A 81 -4.86 4.64 2.32
CA PHE A 81 -4.92 5.25 1.00
C PHE A 81 -5.66 4.36 0.02
N GLY A 82 -6.43 4.97 -0.88
CA GLY A 82 -7.17 4.21 -1.87
C GLY A 82 -6.70 4.48 -3.28
N PHE A 83 -7.21 3.71 -4.23
CA PHE A 83 -6.83 3.86 -5.63
C PHE A 83 -7.75 3.04 -6.53
N ASN A 84 -7.51 3.11 -7.84
CA ASN A 84 -8.31 2.37 -8.80
C ASN A 84 -7.42 1.59 -9.77
N GLY A 85 -7.92 0.46 -10.24
CA GLY A 85 -7.15 -0.37 -11.15
C GLY A 85 -8.04 -1.21 -12.05
N SER A 86 -7.48 -1.68 -13.16
CA SER A 86 -8.22 -2.49 -14.12
C SER A 86 -7.81 -3.96 -14.02
N GLY A 87 -8.71 -4.79 -13.49
CA GLY A 87 -8.42 -6.21 -13.35
C GLY A 87 -9.21 -6.85 -12.23
N PRO A 88 -8.73 -8.01 -11.75
CA PRO A 88 -9.38 -8.75 -10.67
C PRO A 88 -9.27 -8.03 -9.33
N GLY A 89 -8.12 -7.40 -9.09
CA GLY A 89 -7.91 -6.69 -7.85
C GLY A 89 -7.36 -7.58 -6.75
N SER A 90 -6.65 -8.63 -7.15
CA SER A 90 -6.06 -9.57 -6.20
C SER A 90 -4.54 -9.47 -6.19
N PRO A 91 -4.02 -8.44 -5.52
CA PRO A 91 -2.57 -8.20 -5.42
C PRO A 91 -1.87 -9.26 -4.57
N SER A 92 -0.54 -9.27 -4.63
CA SER A 92 0.25 -10.22 -3.86
C SER A 92 1.57 -9.60 -3.42
N ASN A 93 2.29 -10.31 -2.56
CA ASN A 93 3.57 -9.83 -2.05
C ASN A 93 3.41 -8.52 -1.31
N CYS A 94 2.38 -8.45 -0.45
CA CYS A 94 2.12 -7.24 0.33
C CYS A 94 3.26 -6.97 1.31
N LYS A 95 4.22 -6.17 0.87
CA LYS A 95 5.36 -5.82 1.71
C LYS A 95 5.48 -4.31 1.87
N LEU A 96 5.90 -3.88 3.05
CA LEU A 96 6.06 -2.45 3.33
C LEU A 96 7.01 -2.23 4.51
N ASN A 97 7.62 -1.05 4.56
CA ASN A 97 8.55 -0.71 5.63
C ASN A 97 9.78 -1.61 5.57
N GLY A 98 10.35 -1.78 4.37
CA GLY A 98 11.52 -2.61 4.22
C GLY A 98 11.21 -4.09 4.36
N GLY A 99 10.09 -4.52 3.78
CA GLY A 99 9.70 -5.91 3.85
C GLY A 99 9.14 -6.28 5.21
N SER A 100 7.98 -5.73 5.55
CA SER A 100 7.34 -6.00 6.83
C SER A 100 5.84 -5.75 6.76
N CYS A 101 5.07 -6.82 6.79
CA CYS A 101 3.62 -6.73 6.73
C CYS A 101 2.97 -8.09 6.97
N ASP A 102 2.27 -8.22 8.09
CA ASP A 102 1.60 -9.47 8.44
C ASP A 102 0.33 -9.65 7.61
N GLY A 103 -0.21 -10.85 7.64
CA GLY A 103 -1.43 -11.15 6.89
C GLY A 103 -1.21 -11.08 5.40
N THR A 104 0.03 -11.30 4.96
CA THR A 104 0.38 -11.27 3.55
C THR A 104 -0.48 -12.26 2.76
N SER A 105 -0.32 -12.24 1.43
CA SER A 105 -1.08 -13.12 0.56
C SER A 105 -0.48 -13.16 -0.84
N ALA A 1 0.40 -5.49 18.26
CA ALA A 1 0.50 -4.05 18.05
C ALA A 1 1.81 -3.51 18.62
N THR A 2 2.93 -4.00 18.09
CA THR A 2 4.24 -3.56 18.54
C THR A 2 5.19 -3.37 17.37
N SER A 3 4.64 -2.95 16.23
CA SER A 3 5.44 -2.72 15.04
C SER A 3 4.58 -2.18 13.90
N ALA A 4 5.14 -2.12 12.70
CA ALA A 4 4.42 -1.63 11.54
C ALA A 4 3.78 -2.76 10.75
N THR A 5 2.51 -2.60 10.40
CA THR A 5 1.79 -3.61 9.65
C THR A 5 0.72 -2.99 8.76
N ALA A 6 0.15 -3.80 7.88
CA ALA A 6 -0.89 -3.32 6.96
C ALA A 6 -1.87 -4.43 6.63
N THR A 7 -3.05 -4.04 6.13
CA THR A 7 -4.09 -5.01 5.78
C THR A 7 -4.77 -4.61 4.48
N PHE A 8 -4.90 -5.58 3.57
CA PHE A 8 -5.54 -5.34 2.29
C PHE A 8 -7.06 -5.30 2.43
N ALA A 9 -7.70 -4.47 1.61
CA ALA A 9 -9.15 -4.33 1.65
C ALA A 9 -9.70 -3.89 0.30
N LYS A 10 -10.93 -4.28 -0.01
CA LYS A 10 -11.57 -3.92 -1.27
C LYS A 10 -12.38 -2.64 -1.11
N THR A 11 -12.34 -1.80 -2.14
CA THR A 11 -13.08 -0.54 -2.13
C THR A 11 -14.35 -0.64 -2.96
N SER A 12 -14.18 -0.86 -4.26
CA SER A 12 -15.32 -0.97 -5.18
C SER A 12 -14.85 -1.37 -6.57
N ASP A 13 -15.46 -2.42 -7.11
CA ASP A 13 -15.11 -2.90 -8.44
C ASP A 13 -16.29 -2.75 -9.40
N TRP A 14 -16.03 -2.12 -10.54
CA TRP A 14 -17.08 -1.91 -11.54
C TRP A 14 -16.82 -2.76 -12.79
N GLY A 15 -17.23 -4.02 -12.73
CA GLY A 15 -17.03 -4.91 -13.86
C GLY A 15 -15.58 -5.35 -14.00
N THR A 16 -14.79 -4.55 -14.72
CA THR A 16 -13.39 -4.86 -14.93
C THR A 16 -12.49 -4.02 -14.02
N GLY A 17 -13.05 -2.94 -13.49
CA GLY A 17 -12.29 -2.08 -12.60
C GLY A 17 -12.38 -2.50 -11.15
N PHE A 18 -11.36 -2.17 -10.37
CA PHE A 18 -11.33 -2.52 -8.96
C PHE A 18 -10.75 -1.38 -8.12
N GLY A 19 -11.27 -1.21 -6.92
CA GLY A 19 -10.79 -0.16 -6.04
C GLY A 19 -9.90 -0.69 -4.93
N GLY A 20 -8.63 -0.30 -4.96
CA GLY A 20 -7.69 -0.75 -3.95
C GLY A 20 -7.84 0.00 -2.64
N SER A 21 -7.81 -0.74 -1.54
CA SER A 21 -7.96 -0.12 -0.21
C SER A 21 -6.92 -0.70 0.76
N TRP A 22 -5.80 0.00 0.88
CA TRP A 22 -4.73 -0.43 1.78
C TRP A 22 -4.78 0.34 3.10
N THR A 23 -4.60 -0.38 4.20
CA THR A 23 -4.64 0.23 5.53
C THR A 23 -3.27 0.16 6.20
N VAL A 24 -2.57 1.29 6.24
CA VAL A 24 -1.25 1.36 6.86
C VAL A 24 -1.34 1.82 8.30
N LYS A 25 -0.68 1.10 9.20
CA LYS A 25 -0.68 1.44 10.62
C LYS A 25 0.73 1.32 11.21
N ASN A 26 1.22 2.42 11.75
CA ASN A 26 2.56 2.44 12.35
C ASN A 26 2.47 2.69 13.85
N THR A 27 2.98 1.74 14.63
CA THR A 27 2.95 1.85 16.08
C THR A 27 3.85 0.80 16.73
N GLY A 28 4.27 1.06 17.96
CA GLY A 28 5.14 0.13 18.67
C GLY A 28 6.61 0.52 18.58
N THR A 29 6.98 1.21 17.50
CA THR A 29 8.35 1.64 17.30
C THR A 29 8.51 3.13 17.60
N THR A 30 9.76 3.59 17.64
CA THR A 30 10.03 5.00 17.91
C THR A 30 9.41 5.89 16.86
N SER A 31 9.74 7.18 16.91
CA SER A 31 9.20 8.15 15.95
C SER A 31 9.41 7.66 14.52
N LEU A 32 8.31 7.59 13.77
CA LEU A 32 8.37 7.15 12.38
C LEU A 32 8.73 8.30 11.45
N SER A 33 8.73 8.03 10.15
CA SER A 33 9.06 9.04 9.16
C SER A 33 8.21 8.89 7.91
N SER A 34 8.20 7.68 7.35
CA SER A 34 7.42 7.40 6.16
C SER A 34 7.08 5.92 6.06
N TRP A 35 6.30 5.55 5.04
CA TRP A 35 5.91 4.16 4.85
C TRP A 35 5.82 3.83 3.36
N THR A 36 6.51 2.76 2.95
CA THR A 36 6.52 2.34 1.56
C THR A 36 5.93 0.95 1.40
N VAL A 37 4.68 0.88 0.99
CA VAL A 37 4.00 -0.40 0.80
C VAL A 37 3.95 -0.79 -0.68
N GLU A 38 4.62 -1.89 -1.02
CA GLU A 38 4.66 -2.37 -2.40
C GLU A 38 4.21 -3.82 -2.48
N TRP A 39 3.79 -4.23 -3.67
CA TRP A 39 3.33 -5.60 -3.88
C TRP A 39 3.59 -6.04 -5.32
N ASP A 40 3.38 -7.33 -5.59
CA ASP A 40 3.60 -7.88 -6.92
C ASP A 40 2.27 -7.97 -7.68
N PHE A 41 2.27 -7.46 -8.92
CA PHE A 41 1.07 -7.48 -9.74
C PHE A 41 1.26 -8.40 -10.94
N PRO A 42 1.20 -9.72 -10.70
CA PRO A 42 1.36 -10.73 -11.74
C PRO A 42 0.18 -10.76 -12.70
N THR A 43 -1.03 -10.81 -12.15
CA THR A 43 -2.23 -10.84 -12.97
C THR A 43 -2.52 -9.47 -13.59
N GLY A 44 -3.04 -9.48 -14.82
CA GLY A 44 -3.35 -8.25 -15.50
C GLY A 44 -3.95 -7.21 -14.57
N THR A 45 -3.13 -6.29 -14.08
CA THR A 45 -3.59 -5.24 -13.18
C THR A 45 -2.67 -4.03 -13.24
N LYS A 46 -3.23 -2.86 -12.93
CA LYS A 46 -2.46 -1.62 -12.94
C LYS A 46 -3.29 -0.46 -12.39
N VAL A 47 -2.71 0.29 -11.47
CA VAL A 47 -3.39 1.44 -10.87
C VAL A 47 -3.34 2.65 -11.79
N THR A 48 -4.40 2.85 -12.56
CA THR A 48 -4.49 3.98 -13.48
C THR A 48 -4.47 5.31 -12.73
N SER A 49 -5.18 5.36 -11.61
CA SER A 49 -5.24 6.57 -10.80
C SER A 49 -5.08 6.25 -9.32
N ALA A 50 -4.49 7.18 -8.57
CA ALA A 50 -4.29 7.00 -7.14
C ALA A 50 -4.57 8.28 -6.38
N TRP A 51 -4.79 8.15 -5.07
CA TRP A 51 -5.07 9.30 -4.23
C TRP A 51 -4.54 9.09 -2.82
N ASP A 52 -4.00 10.15 -2.22
CA ASP A 52 -3.47 10.07 -0.87
C ASP A 52 -2.34 9.04 -0.79
N ALA A 53 -1.77 8.72 -1.94
CA ALA A 53 -0.68 7.75 -2.00
C ALA A 53 -0.06 7.70 -3.40
N THR A 54 1.14 8.24 -3.53
CA THR A 54 1.84 8.27 -4.82
C THR A 54 2.25 6.86 -5.24
N VAL A 55 1.41 6.23 -6.05
CA VAL A 55 1.69 4.88 -6.54
C VAL A 55 2.61 4.91 -7.76
N THR A 56 3.55 3.96 -7.81
CA THR A 56 4.48 3.88 -8.92
C THR A 56 4.54 2.47 -9.50
N ASN A 57 4.66 2.38 -10.81
CA ASN A 57 4.71 1.09 -11.49
C ASN A 57 6.12 0.82 -12.03
N SER A 58 6.44 -0.45 -12.23
CA SER A 58 7.74 -0.85 -12.74
C SER A 58 7.71 -2.26 -13.28
N GLY A 59 7.32 -2.40 -14.55
CA GLY A 59 7.25 -3.71 -15.17
C GLY A 59 6.13 -4.56 -14.61
N ASP A 60 6.44 -5.35 -13.60
CA ASP A 60 5.45 -6.22 -12.97
C ASP A 60 5.40 -5.99 -11.46
N HIS A 61 5.93 -4.86 -11.02
CA HIS A 61 5.94 -4.51 -9.60
C HIS A 61 5.44 -3.09 -9.38
N TRP A 62 4.75 -2.89 -8.26
CA TRP A 62 4.22 -1.58 -7.93
C TRP A 62 4.57 -1.18 -6.50
N THR A 63 4.50 0.11 -6.21
CA THR A 63 4.81 0.61 -4.88
C THR A 63 3.99 1.85 -4.54
N ALA A 64 3.69 2.02 -3.26
CA ALA A 64 2.90 3.17 -2.81
C ALA A 64 3.60 3.91 -1.68
N LYS A 65 3.77 5.22 -1.84
CA LYS A 65 4.42 6.05 -0.84
C LYS A 65 3.67 7.35 -0.63
N ASN A 66 3.85 7.95 0.54
CA ASN A 66 3.19 9.21 0.88
C ASN A 66 4.19 10.22 1.43
N VAL A 67 4.98 9.79 2.41
CA VAL A 67 5.98 10.65 3.02
C VAL A 67 7.39 10.29 2.56
N GLY A 68 7.52 9.93 1.29
CA GLY A 68 8.81 9.55 0.76
C GLY A 68 9.66 10.75 0.40
N TRP A 69 9.13 11.94 0.63
CA TRP A 69 9.84 13.18 0.33
C TRP A 69 10.13 13.98 1.59
N ASN A 70 9.30 13.76 2.62
CA ASN A 70 9.47 14.46 3.89
C ASN A 70 9.91 13.49 4.99
N GLY A 71 9.37 12.28 4.95
CA GLY A 71 9.72 11.29 5.95
C GLY A 71 9.63 11.82 7.36
N THR A 72 8.46 12.36 7.71
CA THR A 72 8.25 12.91 9.05
C THR A 72 6.85 12.56 9.56
N LEU A 73 6.78 11.51 10.37
CA LEU A 73 5.50 11.07 10.94
C LEU A 73 5.67 10.66 12.39
N ALA A 74 4.56 10.63 13.13
CA ALA A 74 4.58 10.25 14.53
C ALA A 74 4.83 8.75 14.69
N PRO A 75 5.26 8.35 15.90
CA PRO A 75 5.54 6.94 16.20
C PRO A 75 4.27 6.10 16.27
N GLY A 76 3.13 6.77 16.48
CA GLY A 76 1.86 6.06 16.55
C GLY A 76 0.77 6.74 15.76
N ALA A 77 0.26 6.07 14.74
CA ALA A 77 -0.80 6.63 13.91
C ALA A 77 -1.22 5.63 12.83
N SER A 78 -2.30 5.98 12.12
CA SER A 78 -2.81 5.11 11.06
C SER A 78 -3.22 5.93 9.84
N VAL A 79 -2.78 5.49 8.67
CA VAL A 79 -3.09 6.18 7.42
C VAL A 79 -3.47 5.18 6.33
N SER A 80 -4.73 5.25 5.90
CA SER A 80 -5.23 4.35 4.86
C SER A 80 -5.33 5.08 3.52
N PHE A 81 -4.69 4.51 2.50
CA PHE A 81 -4.71 5.12 1.17
C PHE A 81 -5.45 4.21 0.19
N GLY A 82 -6.02 4.82 -0.86
CA GLY A 82 -6.75 4.06 -1.85
C GLY A 82 -6.44 4.51 -3.27
N PHE A 83 -6.85 3.70 -4.25
CA PHE A 83 -6.60 4.02 -5.65
C PHE A 83 -7.56 3.26 -6.56
N ASN A 84 -7.38 3.41 -7.87
CA ASN A 84 -8.22 2.73 -8.84
C ASN A 84 -7.38 2.05 -9.92
N GLY A 85 -7.71 0.81 -10.22
CA GLY A 85 -6.97 0.07 -11.23
C GLY A 85 -7.87 -0.84 -12.05
N SER A 86 -7.40 -1.20 -13.24
CA SER A 86 -8.17 -2.07 -14.13
C SER A 86 -7.68 -3.51 -14.05
N GLY A 87 -8.55 -4.41 -13.62
CA GLY A 87 -8.19 -5.81 -13.50
C GLY A 87 -8.99 -6.54 -12.45
N PRO A 88 -8.49 -7.70 -12.00
CA PRO A 88 -9.17 -8.52 -10.99
C PRO A 88 -9.14 -7.86 -9.60
N GLY A 89 -8.01 -7.25 -9.27
CA GLY A 89 -7.88 -6.60 -7.98
C GLY A 89 -7.38 -7.53 -6.90
N SER A 90 -6.64 -8.56 -7.30
CA SER A 90 -6.10 -9.54 -6.37
C SER A 90 -4.59 -9.43 -6.28
N PRO A 91 -4.11 -8.43 -5.53
CA PRO A 91 -2.67 -8.20 -5.35
C PRO A 91 -2.01 -9.28 -4.50
N SER A 92 -0.68 -9.31 -4.52
CA SER A 92 0.07 -10.30 -3.75
C SER A 92 1.41 -9.73 -3.30
N ASN A 93 2.14 -10.50 -2.50
CA ASN A 93 3.44 -10.08 -2.00
C ASN A 93 3.32 -8.77 -1.22
N CYS A 94 2.37 -8.73 -0.29
CA CYS A 94 2.16 -7.54 0.53
C CYS A 94 3.37 -7.26 1.42
N LYS A 95 4.28 -6.43 0.92
CA LYS A 95 5.49 -6.09 1.66
C LYS A 95 5.60 -4.58 1.82
N LEU A 96 6.12 -4.15 2.97
CA LEU A 96 6.28 -2.73 3.25
C LEU A 96 7.35 -2.50 4.32
N ASN A 97 7.94 -1.31 4.31
CA ASN A 97 8.97 -0.98 5.28
C ASN A 97 10.21 -1.85 5.09
N GLY A 98 10.63 -2.00 3.83
CA GLY A 98 11.80 -2.80 3.53
C GLY A 98 11.54 -4.29 3.71
N GLY A 99 10.38 -4.74 3.26
CA GLY A 99 10.02 -6.15 3.38
C GLY A 99 9.59 -6.51 4.79
N SER A 100 8.45 -5.99 5.21
CA SER A 100 7.93 -6.27 6.54
C SER A 100 6.41 -6.08 6.59
N CYS A 101 5.69 -7.19 6.64
CA CYS A 101 4.22 -7.14 6.68
C CYS A 101 3.65 -8.43 7.27
N ASP A 102 3.06 -8.32 8.45
CA ASP A 102 2.48 -9.47 9.12
C ASP A 102 1.18 -9.91 8.44
N GLY A 103 1.04 -11.21 8.20
CA GLY A 103 -0.15 -11.73 7.56
C GLY A 103 -0.11 -11.58 6.05
N THR A 104 1.07 -11.82 5.47
CA THR A 104 1.25 -11.69 4.03
C THR A 104 0.36 -12.70 3.28
N SER A 105 0.40 -12.64 1.95
CA SER A 105 -0.40 -13.54 1.14
C SER A 105 -0.05 -13.38 -0.35
N ALA A 1 9.35 -4.49 20.45
CA ALA A 1 10.17 -3.41 19.92
C ALA A 1 9.45 -2.67 18.81
N THR A 2 9.07 -3.40 17.76
CA THR A 2 8.38 -2.81 16.62
C THR A 2 7.05 -3.49 16.37
N SER A 3 6.04 -2.70 16.04
CA SER A 3 4.71 -3.23 15.77
C SER A 3 4.03 -2.48 14.62
N ALA A 4 4.15 -3.04 13.42
CA ALA A 4 3.55 -2.41 12.24
C ALA A 4 3.05 -3.47 11.27
N THR A 5 1.82 -3.30 10.79
CA THR A 5 1.22 -4.23 9.84
C THR A 5 0.25 -3.53 8.90
N ALA A 6 -0.14 -4.21 7.84
CA ALA A 6 -1.06 -3.65 6.86
C ALA A 6 -2.06 -4.70 6.39
N THR A 7 -3.16 -4.25 5.80
CA THR A 7 -4.19 -5.15 5.31
C THR A 7 -4.84 -4.60 4.04
N PHE A 8 -5.25 -5.50 3.14
CA PHE A 8 -5.89 -5.10 1.89
C PHE A 8 -7.40 -4.96 2.07
N ALA A 9 -7.98 -4.01 1.35
CA ALA A 9 -9.42 -3.77 1.43
C ALA A 9 -9.99 -3.44 0.06
N LYS A 10 -11.32 -3.34 -0.02
CA LYS A 10 -12.00 -3.03 -1.27
C LYS A 10 -12.71 -1.69 -1.18
N THR A 11 -13.01 -1.10 -2.34
CA THR A 11 -13.69 0.18 -2.39
C THR A 11 -14.93 0.11 -3.28
N SER A 12 -14.73 -0.26 -4.54
CA SER A 12 -15.82 -0.36 -5.49
C SER A 12 -15.32 -0.83 -6.85
N ASP A 13 -16.00 -1.82 -7.43
CA ASP A 13 -15.62 -2.36 -8.72
C ASP A 13 -16.70 -2.10 -9.76
N TRP A 14 -16.30 -1.51 -10.89
CA TRP A 14 -17.25 -1.20 -11.96
C TRP A 14 -17.00 -2.09 -13.18
N GLY A 15 -17.54 -3.30 -13.13
CA GLY A 15 -17.37 -4.23 -14.23
C GLY A 15 -15.97 -4.81 -14.30
N THR A 16 -15.07 -4.10 -14.97
CA THR A 16 -13.69 -4.55 -15.10
C THR A 16 -12.78 -3.81 -14.13
N GLY A 17 -13.26 -2.68 -13.62
CA GLY A 17 -12.46 -1.90 -12.69
C GLY A 17 -12.69 -2.32 -11.24
N PHE A 18 -11.70 -2.05 -10.40
CA PHE A 18 -11.79 -2.40 -8.98
C PHE A 18 -11.14 -1.34 -8.11
N GLY A 19 -11.73 -1.09 -6.94
CA GLY A 19 -11.19 -0.09 -6.03
C GLY A 19 -10.37 -0.70 -4.92
N GLY A 20 -9.08 -0.36 -4.87
CA GLY A 20 -8.21 -0.90 -3.85
C GLY A 20 -8.02 0.07 -2.70
N SER A 21 -7.92 -0.47 -1.49
CA SER A 21 -7.74 0.35 -0.30
C SER A 21 -6.77 -0.31 0.68
N TRP A 22 -5.61 0.30 0.85
CA TRP A 22 -4.59 -0.22 1.76
C TRP A 22 -4.67 0.47 3.11
N THR A 23 -4.60 -0.33 4.18
CA THR A 23 -4.66 0.20 5.54
C THR A 23 -3.36 -0.06 6.29
N VAL A 24 -2.58 0.99 6.51
CA VAL A 24 -1.31 0.86 7.22
C VAL A 24 -1.41 1.46 8.63
N LYS A 25 -0.94 0.69 9.62
CA LYS A 25 -0.97 1.13 11.00
C LYS A 25 0.32 0.76 11.72
N ASN A 26 1.04 1.77 12.20
CA ASN A 26 2.31 1.54 12.90
C ASN A 26 2.22 2.07 14.33
N THR A 27 2.02 1.16 15.28
CA THR A 27 1.92 1.54 16.69
C THR A 27 2.98 0.82 17.52
N GLY A 28 3.33 1.42 18.66
CA GLY A 28 4.33 0.82 19.53
C GLY A 28 5.61 0.47 18.79
N THR A 29 5.90 1.23 17.73
CA THR A 29 7.10 0.99 16.94
C THR A 29 8.07 2.17 17.05
N THR A 30 9.34 1.91 16.75
CA THR A 30 10.36 2.95 16.81
C THR A 30 9.94 4.18 16.02
N SER A 31 10.51 5.33 16.36
CA SER A 31 10.20 6.58 15.69
C SER A 31 10.33 6.43 14.18
N LEU A 32 9.21 6.51 13.47
CA LEU A 32 9.21 6.39 12.02
C LEU A 32 9.35 7.75 11.36
N SER A 33 9.47 7.75 10.03
CA SER A 33 9.61 8.98 9.27
C SER A 33 8.75 8.95 8.01
N SER A 34 8.91 7.89 7.23
CA SER A 34 8.15 7.74 5.99
C SER A 34 7.66 6.31 5.82
N TRP A 35 6.56 6.16 5.10
CA TRP A 35 5.97 4.83 4.87
C TRP A 35 5.94 4.51 3.38
N THR A 36 6.49 3.36 3.01
CA THR A 36 6.52 2.94 1.62
C THR A 36 5.90 1.55 1.45
N VAL A 37 4.71 1.51 0.86
CA VAL A 37 4.01 0.25 0.64
C VAL A 37 4.14 -0.19 -0.82
N GLU A 38 4.88 -1.29 -1.03
CA GLU A 38 5.08 -1.82 -2.37
C GLU A 38 4.83 -3.32 -2.40
N TRP A 39 4.16 -3.79 -3.45
CA TRP A 39 3.86 -5.20 -3.60
C TRP A 39 4.13 -5.67 -5.03
N ASP A 40 4.05 -6.98 -5.24
CA ASP A 40 4.29 -7.55 -6.56
C ASP A 40 2.96 -7.84 -7.27
N PHE A 41 2.84 -7.36 -8.50
CA PHE A 41 1.63 -7.56 -9.29
C PHE A 41 1.90 -8.48 -10.49
N PRO A 42 2.01 -9.78 -10.22
CA PRO A 42 2.28 -10.78 -11.26
C PRO A 42 1.08 -10.98 -12.17
N THR A 43 -0.09 -11.19 -11.57
CA THR A 43 -1.31 -11.40 -12.34
C THR A 43 -1.77 -10.11 -13.01
N GLY A 44 -2.35 -10.23 -14.21
CA GLY A 44 -2.81 -9.07 -14.93
C GLY A 44 -3.40 -8.02 -14.02
N THR A 45 -2.61 -6.99 -13.71
CA THR A 45 -3.05 -5.90 -12.84
C THR A 45 -2.30 -4.61 -13.13
N LYS A 46 -2.91 -3.49 -12.79
CA LYS A 46 -2.29 -2.19 -13.01
C LYS A 46 -3.13 -1.08 -12.39
N VAL A 47 -2.48 -0.20 -11.63
CA VAL A 47 -3.17 0.90 -10.97
C VAL A 47 -3.27 2.11 -11.91
N THR A 48 -4.49 2.43 -12.32
CA THR A 48 -4.72 3.56 -13.22
C THR A 48 -4.91 4.85 -12.43
N SER A 49 -5.49 4.73 -11.24
CA SER A 49 -5.73 5.90 -10.39
C SER A 49 -5.18 5.67 -8.99
N ALA A 50 -4.76 6.75 -8.34
CA ALA A 50 -4.20 6.67 -6.99
C ALA A 50 -4.21 8.04 -6.32
N TRP A 51 -4.68 8.08 -5.07
CA TRP A 51 -4.73 9.32 -4.32
C TRP A 51 -4.17 9.13 -2.91
N ASP A 52 -3.56 10.18 -2.37
CA ASP A 52 -2.98 10.13 -1.04
C ASP A 52 -1.86 9.11 -0.97
N ALA A 53 -1.37 8.70 -2.14
CA ALA A 53 -0.28 7.72 -2.21
C ALA A 53 0.20 7.55 -3.65
N THR A 54 1.26 8.28 -3.99
CA THR A 54 1.84 8.21 -5.33
C THR A 54 2.21 6.79 -5.70
N VAL A 55 1.34 6.13 -6.47
CA VAL A 55 1.58 4.76 -6.90
C VAL A 55 2.31 4.72 -8.23
N THR A 56 3.46 4.03 -8.26
CA THR A 56 4.26 3.92 -9.47
C THR A 56 4.33 2.48 -9.94
N ASN A 57 4.90 2.27 -11.13
CA ASN A 57 5.04 0.94 -11.69
C ASN A 57 6.44 0.72 -12.24
N SER A 58 6.86 -0.54 -12.30
CA SER A 58 8.19 -0.89 -12.79
C SER A 58 8.25 -2.35 -13.22
N GLY A 59 7.84 -2.61 -14.46
CA GLY A 59 7.85 -3.97 -14.98
C GLY A 59 6.74 -4.82 -14.40
N ASP A 60 7.03 -5.53 -13.33
CA ASP A 60 6.03 -6.38 -12.68
C ASP A 60 5.91 -6.06 -11.19
N HIS A 61 6.45 -4.90 -10.81
CA HIS A 61 6.41 -4.48 -9.42
C HIS A 61 5.83 -3.07 -9.30
N TRP A 62 5.12 -2.82 -8.20
CA TRP A 62 4.52 -1.52 -7.96
C TRP A 62 4.82 -1.01 -6.56
N THR A 63 4.88 0.30 -6.41
CA THR A 63 5.17 0.91 -5.11
C THR A 63 4.31 2.14 -4.88
N ALA A 64 3.95 2.39 -3.62
CA ALA A 64 3.14 3.55 -3.27
C ALA A 64 3.82 4.40 -2.22
N LYS A 65 3.94 5.70 -2.50
CA LYS A 65 4.59 6.64 -1.58
C LYS A 65 3.84 7.97 -1.56
N ASN A 66 3.47 8.41 -0.37
CA ASN A 66 2.75 9.67 -0.21
C ASN A 66 3.66 10.74 0.38
N VAL A 67 4.40 10.37 1.42
CA VAL A 67 5.32 11.29 2.08
C VAL A 67 6.72 11.20 1.49
N GLY A 68 6.80 11.04 0.17
CA GLY A 68 8.08 10.92 -0.49
C GLY A 68 8.78 12.27 -0.62
N TRP A 69 8.13 13.32 -0.14
CA TRP A 69 8.70 14.67 -0.21
C TRP A 69 8.97 15.21 1.19
N ASN A 70 8.13 14.83 2.14
CA ASN A 70 8.28 15.28 3.52
C ASN A 70 8.95 14.20 4.37
N GLY A 71 8.44 12.98 4.27
CA GLY A 71 9.00 11.88 5.03
C GLY A 71 8.95 12.12 6.52
N THR A 72 7.77 12.47 7.02
CA THR A 72 7.58 12.74 8.45
C THR A 72 6.48 11.87 9.04
N LEU A 73 6.85 11.02 9.99
CA LEU A 73 5.90 10.13 10.63
C LEU A 73 6.20 9.99 12.13
N ALA A 74 5.21 9.55 12.88
CA ALA A 74 5.37 9.37 14.33
C ALA A 74 5.53 7.90 14.68
N PRO A 75 6.02 7.64 15.90
CA PRO A 75 6.24 6.28 16.39
C PRO A 75 4.93 5.53 16.65
N GLY A 76 3.82 6.25 16.56
CA GLY A 76 2.53 5.64 16.78
C GLY A 76 1.40 6.40 16.09
N ALA A 77 0.78 5.75 15.11
CA ALA A 77 -0.31 6.38 14.37
C ALA A 77 -0.83 5.46 13.27
N SER A 78 -1.92 5.85 12.63
CA SER A 78 -2.51 5.06 11.55
C SER A 78 -2.58 5.87 10.26
N VAL A 79 -2.11 5.27 9.17
CA VAL A 79 -2.12 5.93 7.86
C VAL A 79 -2.70 5.02 6.80
N SER A 80 -3.71 5.52 6.09
CA SER A 80 -4.36 4.76 5.04
C SER A 80 -4.45 5.57 3.75
N PHE A 81 -4.56 4.87 2.62
CA PHE A 81 -4.66 5.53 1.32
C PHE A 81 -5.48 4.70 0.35
N GLY A 82 -6.32 5.37 -0.44
CA GLY A 82 -7.17 4.67 -1.40
C GLY A 82 -6.66 4.85 -2.82
N PHE A 83 -7.24 4.06 -3.74
CA PHE A 83 -6.85 4.14 -5.14
C PHE A 83 -7.75 3.24 -6.00
N ASN A 84 -7.54 3.30 -7.31
CA ASN A 84 -8.33 2.49 -8.23
C ASN A 84 -7.42 1.65 -9.14
N GLY A 85 -8.04 0.77 -9.93
CA GLY A 85 -7.28 -0.08 -10.82
C GLY A 85 -8.17 -0.91 -11.73
N SER A 86 -7.56 -1.52 -12.74
CA SER A 86 -8.31 -2.34 -13.69
C SER A 86 -7.79 -3.78 -13.69
N GLY A 87 -8.61 -4.68 -13.16
CA GLY A 87 -8.21 -6.08 -13.10
C GLY A 87 -9.03 -6.87 -12.09
N PRO A 88 -8.49 -8.02 -11.66
CA PRO A 88 -9.15 -8.89 -10.68
C PRO A 88 -9.18 -8.27 -9.29
N GLY A 89 -8.10 -7.57 -8.93
CA GLY A 89 -8.03 -6.95 -7.62
C GLY A 89 -7.47 -7.87 -6.56
N SER A 90 -6.67 -8.83 -6.99
CA SER A 90 -6.07 -9.80 -6.07
C SER A 90 -4.56 -9.60 -5.98
N PRO A 91 -4.15 -8.56 -5.23
CA PRO A 91 -2.73 -8.24 -5.04
C PRO A 91 -2.02 -9.27 -4.18
N SER A 92 -0.69 -9.31 -4.29
CA SER A 92 0.11 -10.25 -3.52
C SER A 92 1.47 -9.64 -3.16
N ASN A 93 2.22 -10.34 -2.31
CA ASN A 93 3.53 -9.86 -1.89
C ASN A 93 3.43 -8.50 -1.23
N CYS A 94 2.49 -8.36 -0.31
CA CYS A 94 2.28 -7.11 0.41
C CYS A 94 3.48 -6.79 1.30
N LYS A 95 4.34 -5.89 0.84
CA LYS A 95 5.52 -5.50 1.60
C LYS A 95 5.54 -4.00 1.83
N LEU A 96 5.98 -3.60 3.02
CA LEU A 96 6.06 -2.18 3.37
C LEU A 96 7.06 -1.95 4.50
N ASN A 97 7.70 -0.79 4.49
CA ASN A 97 8.68 -0.45 5.51
C ASN A 97 9.81 -1.47 5.55
N GLY A 98 10.46 -1.68 4.41
CA GLY A 98 11.55 -2.62 4.33
C GLY A 98 11.07 -4.06 4.31
N GLY A 99 10.01 -4.31 3.57
CA GLY A 99 9.46 -5.65 3.48
C GLY A 99 9.01 -6.18 4.83
N SER A 100 8.09 -5.47 5.47
CA SER A 100 7.58 -5.87 6.78
C SER A 100 6.07 -5.64 6.85
N CYS A 101 5.31 -6.73 6.79
CA CYS A 101 3.86 -6.64 6.86
C CYS A 101 3.26 -7.95 7.38
N ASP A 102 2.24 -7.83 8.22
CA ASP A 102 1.58 -9.01 8.80
C ASP A 102 0.08 -8.97 8.53
N GLY A 103 -0.54 -10.15 8.56
CA GLY A 103 -1.97 -10.23 8.33
C GLY A 103 -2.30 -10.88 6.99
N THR A 104 -1.36 -10.80 6.06
CA THR A 104 -1.55 -11.38 4.73
C THR A 104 -0.23 -11.49 3.98
N SER A 105 -0.16 -12.43 3.04
CA SER A 105 1.04 -12.64 2.25
C SER A 105 0.70 -12.90 0.79
N ALA A 1 12.66 -1.66 9.27
CA ALA A 1 13.15 -1.33 10.61
C ALA A 1 11.99 -1.11 11.58
N THR A 2 11.19 -0.08 11.31
CA THR A 2 10.05 0.24 12.16
C THR A 2 9.03 -0.88 12.15
N SER A 3 7.91 -0.67 12.84
CA SER A 3 6.85 -1.67 12.91
C SER A 3 5.59 -1.17 12.19
N ALA A 4 5.45 -1.59 10.94
CA ALA A 4 4.29 -1.20 10.13
C ALA A 4 3.60 -2.42 9.54
N THR A 5 2.28 -2.35 9.43
CA THR A 5 1.49 -3.45 8.88
C THR A 5 0.53 -2.96 7.81
N ALA A 6 0.20 -3.83 6.87
CA ALA A 6 -0.72 -3.48 5.78
C ALA A 6 -1.91 -4.44 5.75
N THR A 7 -3.08 -3.88 5.47
CA THR A 7 -4.31 -4.67 5.41
C THR A 7 -5.08 -4.40 4.13
N PHE A 8 -5.11 -5.36 3.22
CA PHE A 8 -5.82 -5.22 1.96
C PHE A 8 -7.32 -5.14 2.18
N ALA A 9 -7.98 -4.28 1.42
CA ALA A 9 -9.42 -4.11 1.53
C ALA A 9 -10.05 -3.76 0.18
N LYS A 10 -11.29 -4.17 -0.02
CA LYS A 10 -11.99 -3.91 -1.26
C LYS A 10 -12.90 -2.68 -1.13
N THR A 11 -12.68 -1.70 -1.99
CA THR A 11 -13.48 -0.47 -1.96
C THR A 11 -14.73 -0.62 -2.83
N SER A 12 -14.54 -0.90 -4.11
CA SER A 12 -15.66 -1.06 -5.04
C SER A 12 -15.15 -1.40 -6.43
N ASP A 13 -15.83 -2.34 -7.09
CA ASP A 13 -15.46 -2.75 -8.44
C ASP A 13 -16.55 -2.40 -9.44
N TRP A 14 -16.17 -1.70 -10.51
CA TRP A 14 -17.12 -1.30 -11.53
C TRP A 14 -16.87 -2.06 -12.84
N GLY A 15 -17.45 -3.24 -12.94
CA GLY A 15 -17.27 -4.05 -14.14
C GLY A 15 -15.90 -4.68 -14.21
N THR A 16 -14.95 -3.98 -14.80
CA THR A 16 -13.58 -4.48 -14.93
C THR A 16 -12.64 -3.75 -14.00
N GLY A 17 -13.07 -2.58 -13.51
CA GLY A 17 -12.24 -1.81 -12.60
C GLY A 17 -12.43 -2.20 -11.16
N PHE A 18 -11.35 -2.15 -10.39
CA PHE A 18 -11.40 -2.50 -8.97
C PHE A 18 -10.79 -1.41 -8.10
N GLY A 19 -11.43 -1.15 -6.97
CA GLY A 19 -10.93 -0.11 -6.07
C GLY A 19 -10.14 -0.69 -4.91
N GLY A 20 -8.82 -0.54 -4.96
CA GLY A 20 -7.98 -1.06 -3.90
C GLY A 20 -7.99 -0.18 -2.66
N SER A 21 -7.98 -0.80 -1.49
CA SER A 21 -7.99 -0.06 -0.23
C SER A 21 -6.96 -0.61 0.73
N TRP A 22 -5.78 -0.01 0.74
CA TRP A 22 -4.69 -0.44 1.61
C TRP A 22 -4.74 0.30 2.94
N THR A 23 -4.54 -0.44 4.04
CA THR A 23 -4.57 0.14 5.37
C THR A 23 -3.19 0.11 6.01
N VAL A 24 -2.54 1.27 6.08
CA VAL A 24 -1.21 1.36 6.67
C VAL A 24 -1.29 1.82 8.13
N LYS A 25 -0.58 1.11 9.00
CA LYS A 25 -0.57 1.44 10.42
C LYS A 25 0.84 1.34 11.00
N ASN A 26 1.32 2.43 11.58
CA ASN A 26 2.65 2.46 12.16
C ASN A 26 2.58 2.69 13.67
N THR A 27 2.78 1.63 14.45
CA THR A 27 2.74 1.72 15.90
C THR A 27 3.48 0.55 16.55
N GLY A 28 4.36 0.86 17.49
CA GLY A 28 5.12 -0.18 18.17
C GLY A 28 6.60 0.15 18.26
N THR A 29 7.10 0.91 17.28
CA THR A 29 8.50 1.28 17.25
C THR A 29 8.67 2.77 17.58
N THR A 30 9.93 3.21 17.63
CA THR A 30 10.24 4.60 17.93
C THR A 30 9.62 5.53 16.89
N SER A 31 9.97 6.81 16.97
CA SER A 31 9.44 7.80 16.04
C SER A 31 9.63 7.34 14.60
N LEU A 32 8.55 7.44 13.81
CA LEU A 32 8.60 7.04 12.41
C LEU A 32 8.88 8.23 11.52
N SER A 33 8.86 8.00 10.21
CA SER A 33 9.12 9.05 9.23
C SER A 33 8.19 8.93 8.04
N SER A 34 8.17 7.74 7.43
CA SER A 34 7.33 7.48 6.26
C SER A 34 6.99 6.01 6.15
N TRP A 35 6.16 5.67 5.18
CA TRP A 35 5.74 4.28 4.97
C TRP A 35 5.72 3.94 3.48
N THR A 36 6.40 2.87 3.11
CA THR A 36 6.45 2.43 1.72
C THR A 36 5.75 1.10 1.54
N VAL A 37 4.55 1.14 0.95
CA VAL A 37 3.78 -0.07 0.71
C VAL A 37 3.89 -0.52 -0.74
N GLU A 38 4.65 -1.58 -0.96
CA GLU A 38 4.84 -2.11 -2.31
C GLU A 38 4.49 -3.60 -2.37
N TRP A 39 4.07 -4.05 -3.54
CA TRP A 39 3.70 -5.45 -3.73
C TRP A 39 3.92 -5.88 -5.18
N ASP A 40 3.79 -7.18 -5.43
CA ASP A 40 3.97 -7.73 -6.77
C ASP A 40 2.63 -7.93 -7.46
N PHE A 41 2.53 -7.45 -8.70
CA PHE A 41 1.29 -7.58 -9.46
C PHE A 41 1.48 -8.53 -10.64
N PRO A 42 1.45 -9.84 -10.35
CA PRO A 42 1.61 -10.88 -11.37
C PRO A 42 0.41 -10.95 -12.32
N THR A 43 -0.79 -10.99 -11.76
CA THR A 43 -2.01 -11.07 -12.55
C THR A 43 -2.29 -9.73 -13.24
N GLY A 44 -2.83 -9.80 -14.45
CA GLY A 44 -3.15 -8.60 -15.19
C GLY A 44 -3.79 -7.54 -14.32
N THR A 45 -2.98 -6.59 -13.84
CA THR A 45 -3.47 -5.52 -12.99
C THR A 45 -2.55 -4.31 -13.04
N LYS A 46 -3.14 -3.11 -13.02
CA LYS A 46 -2.37 -1.88 -13.07
C LYS A 46 -3.14 -0.73 -12.41
N VAL A 47 -2.48 0.00 -11.53
CA VAL A 47 -3.10 1.11 -10.84
C VAL A 47 -3.21 2.33 -11.76
N THR A 48 -4.37 2.52 -12.36
CA THR A 48 -4.61 3.64 -13.26
C THR A 48 -4.47 4.96 -12.52
N SER A 49 -5.05 5.04 -11.33
CA SER A 49 -5.00 6.25 -10.53
C SER A 49 -4.92 5.93 -9.04
N ALA A 50 -4.16 6.73 -8.31
CA ALA A 50 -4.00 6.53 -6.87
C ALA A 50 -4.16 7.84 -6.11
N TRP A 51 -4.83 7.76 -4.97
CA TRP A 51 -5.07 8.94 -4.14
C TRP A 51 -4.53 8.73 -2.73
N ASP A 52 -4.00 9.80 -2.14
CA ASP A 52 -3.44 9.74 -0.79
C ASP A 52 -2.22 8.82 -0.75
N ALA A 53 -1.71 8.46 -1.93
CA ALA A 53 -0.54 7.60 -2.03
C ALA A 53 -0.05 7.49 -3.46
N THR A 54 1.05 8.17 -3.76
CA THR A 54 1.62 8.15 -5.11
C THR A 54 2.07 6.75 -5.50
N VAL A 55 1.22 6.04 -6.23
CA VAL A 55 1.54 4.68 -6.66
C VAL A 55 2.31 4.69 -7.98
N THR A 56 3.37 3.90 -8.04
CA THR A 56 4.19 3.82 -9.24
C THR A 56 4.27 2.38 -9.76
N ASN A 57 4.84 2.22 -10.95
CA ASN A 57 4.98 0.90 -11.55
C ASN A 57 6.41 0.69 -12.07
N SER A 58 6.82 -0.57 -12.13
CA SER A 58 8.17 -0.91 -12.59
C SER A 58 8.22 -2.37 -13.07
N GLY A 59 7.86 -2.59 -14.32
CA GLY A 59 7.88 -3.93 -14.87
C GLY A 59 6.72 -4.77 -14.39
N ASP A 60 6.95 -5.54 -13.32
CA ASP A 60 5.92 -6.40 -12.76
C ASP A 60 5.74 -6.12 -11.27
N HIS A 61 6.32 -5.01 -10.80
CA HIS A 61 6.22 -4.64 -9.39
C HIS A 61 5.73 -3.20 -9.25
N TRP A 62 4.97 -2.95 -8.18
CA TRP A 62 4.43 -1.62 -7.92
C TRP A 62 4.77 -1.17 -6.50
N THR A 63 4.72 0.14 -6.28
CA THR A 63 5.02 0.71 -4.97
C THR A 63 4.17 1.94 -4.70
N ALA A 64 3.85 2.17 -3.43
CA ALA A 64 3.05 3.31 -3.04
C ALA A 64 3.71 4.08 -1.90
N LYS A 65 3.82 5.40 -2.08
CA LYS A 65 4.44 6.25 -1.07
C LYS A 65 3.62 7.52 -0.86
N ASN A 66 3.76 8.13 0.32
CA ASN A 66 3.03 9.35 0.65
C ASN A 66 3.97 10.40 1.22
N VAL A 67 4.73 10.02 2.24
CA VAL A 67 5.67 10.93 2.88
C VAL A 67 7.10 10.65 2.41
N GLY A 68 7.26 10.37 1.12
CA GLY A 68 8.57 10.09 0.58
C GLY A 68 9.37 11.36 0.34
N TRP A 69 8.78 12.50 0.65
CA TRP A 69 9.45 13.78 0.45
C TRP A 69 9.70 14.46 1.80
N ASN A 70 8.87 14.15 2.79
CA ASN A 70 9.02 14.73 4.12
C ASN A 70 9.56 13.71 5.11
N GLY A 71 8.99 12.51 5.09
CA GLY A 71 9.42 11.46 5.99
C GLY A 71 9.47 11.92 7.43
N THR A 72 8.34 12.42 7.94
CA THR A 72 8.26 12.89 9.31
C THR A 72 6.89 12.59 9.91
N LEU A 73 6.80 11.47 10.63
CA LEU A 73 5.55 11.07 11.26
C LEU A 73 5.80 10.60 12.69
N ALA A 74 4.74 10.58 13.50
CA ALA A 74 4.83 10.14 14.88
C ALA A 74 5.02 8.63 14.96
N PRO A 75 5.49 8.15 16.13
CA PRO A 75 5.73 6.73 16.37
C PRO A 75 4.42 5.94 16.45
N GLY A 76 3.29 6.64 16.47
CA GLY A 76 2.01 5.98 16.55
C GLY A 76 0.95 6.69 15.73
N ALA A 77 0.44 6.00 14.72
CA ALA A 77 -0.58 6.57 13.84
C ALA A 77 -1.03 5.56 12.78
N SER A 78 -2.08 5.90 12.04
CA SER A 78 -2.59 5.03 11.00
C SER A 78 -3.12 5.84 9.83
N VAL A 79 -2.72 5.45 8.62
CA VAL A 79 -3.16 6.14 7.41
C VAL A 79 -3.55 5.15 6.31
N SER A 80 -4.81 5.19 5.91
CA SER A 80 -5.32 4.29 4.88
C SER A 80 -5.39 5.01 3.53
N PHE A 81 -4.70 4.46 2.53
CA PHE A 81 -4.69 5.06 1.20
C PHE A 81 -5.38 4.12 0.20
N GLY A 82 -6.23 4.71 -0.65
CA GLY A 82 -6.93 3.92 -1.64
C GLY A 82 -6.51 4.25 -3.05
N PHE A 83 -7.10 3.57 -4.02
CA PHE A 83 -6.78 3.80 -5.43
C PHE A 83 -7.71 3.00 -6.34
N ASN A 84 -7.56 3.20 -7.65
CA ASN A 84 -8.39 2.51 -8.62
C ASN A 84 -7.53 1.88 -9.72
N GLY A 85 -7.71 0.58 -9.93
CA GLY A 85 -6.94 -0.11 -10.96
C GLY A 85 -7.80 -0.96 -11.86
N SER A 86 -7.38 -1.14 -13.10
CA SER A 86 -8.13 -1.93 -14.06
C SER A 86 -7.69 -3.39 -14.02
N GLY A 87 -8.58 -4.26 -13.56
CA GLY A 87 -8.27 -5.67 -13.48
C GLY A 87 -9.11 -6.39 -12.44
N PRO A 88 -8.64 -7.57 -12.00
CA PRO A 88 -9.34 -8.37 -11.00
C PRO A 88 -9.31 -7.74 -9.62
N GLY A 89 -8.14 -7.25 -9.21
CA GLY A 89 -8.01 -6.62 -7.92
C GLY A 89 -7.52 -7.58 -6.85
N SER A 90 -6.77 -8.60 -7.28
CA SER A 90 -6.24 -9.60 -6.35
C SER A 90 -4.71 -9.49 -6.27
N PRO A 91 -4.23 -8.48 -5.54
CA PRO A 91 -2.80 -8.24 -5.35
C PRO A 91 -2.15 -9.31 -4.48
N SER A 92 -0.81 -9.34 -4.48
CA SER A 92 -0.07 -10.31 -3.69
C SER A 92 1.26 -9.73 -3.23
N ASN A 93 2.03 -10.53 -2.50
CA ASN A 93 3.33 -10.10 -2.00
C ASN A 93 3.21 -8.76 -1.26
N CYS A 94 2.44 -8.76 -0.18
CA CYS A 94 2.26 -7.55 0.62
C CYS A 94 3.45 -7.30 1.53
N LYS A 95 4.29 -6.35 1.13
CA LYS A 95 5.47 -6.01 1.91
C LYS A 95 5.66 -4.49 1.99
N LEU A 96 6.07 -4.01 3.16
CA LEU A 96 6.29 -2.59 3.36
C LEU A 96 7.40 -2.34 4.37
N ASN A 97 8.01 -1.17 4.30
CA ASN A 97 9.10 -0.82 5.21
C ASN A 97 10.29 -1.75 5.03
N GLY A 98 10.64 -2.01 3.77
CA GLY A 98 11.77 -2.88 3.47
C GLY A 98 11.47 -4.34 3.78
N GLY A 99 10.26 -4.78 3.42
CA GLY A 99 9.88 -6.16 3.66
C GLY A 99 9.43 -6.39 5.09
N SER A 100 8.26 -5.87 5.43
CA SER A 100 7.71 -6.03 6.77
C SER A 100 6.19 -5.89 6.76
N CYS A 101 5.51 -7.02 6.89
CA CYS A 101 4.05 -7.04 6.90
C CYS A 101 3.52 -8.27 7.63
N ASP A 102 2.48 -8.07 8.44
CA ASP A 102 1.89 -9.16 9.19
C ASP A 102 0.58 -9.62 8.55
N GLY A 103 0.63 -10.76 7.87
CA GLY A 103 -0.56 -11.29 7.22
C GLY A 103 -0.45 -11.24 5.70
N THR A 104 0.70 -11.64 5.18
CA THR A 104 0.92 -11.64 3.74
C THR A 104 0.13 -12.74 3.06
N SER A 105 0.20 -12.79 1.73
CA SER A 105 -0.51 -13.80 0.96
C SER A 105 -0.20 -13.68 -0.53
N ALA A 1 1.38 -2.20 19.16
CA ALA A 1 2.05 -2.37 20.44
C ALA A 1 3.29 -3.24 20.30
N THR A 2 3.88 -3.25 19.10
CA THR A 2 5.07 -4.04 18.84
C THR A 2 5.76 -3.58 17.55
N SER A 3 4.99 -3.45 16.49
CA SER A 3 5.52 -3.03 15.20
C SER A 3 4.41 -2.50 14.29
N ALA A 4 4.76 -2.20 13.05
CA ALA A 4 3.80 -1.68 12.08
C ALA A 4 3.19 -2.82 11.26
N THR A 5 1.89 -2.71 10.98
CA THR A 5 1.19 -3.72 10.20
C THR A 5 0.34 -3.09 9.11
N ALA A 6 -0.27 -3.93 8.29
CA ALA A 6 -1.13 -3.44 7.20
C ALA A 6 -2.06 -4.55 6.71
N THR A 7 -3.10 -4.15 5.97
CA THR A 7 -4.06 -5.10 5.44
C THR A 7 -4.71 -4.58 4.17
N PHE A 8 -5.06 -5.49 3.27
CA PHE A 8 -5.68 -5.11 2.00
C PHE A 8 -7.20 -5.00 2.16
N ALA A 9 -7.79 -4.07 1.42
CA ALA A 9 -9.23 -3.85 1.47
C ALA A 9 -9.79 -3.53 0.10
N LYS A 10 -11.11 -3.40 0.02
CA LYS A 10 -11.77 -3.09 -1.25
C LYS A 10 -12.52 -1.76 -1.15
N THR A 11 -12.94 -1.24 -2.31
CA THR A 11 -13.66 0.03 -2.36
C THR A 11 -14.91 -0.10 -3.21
N SER A 12 -14.73 -0.46 -4.48
CA SER A 12 -15.85 -0.61 -5.41
C SER A 12 -15.36 -1.06 -6.78
N ASP A 13 -16.04 -2.04 -7.35
CA ASP A 13 -15.68 -2.57 -8.66
C ASP A 13 -16.79 -2.31 -9.68
N TRP A 14 -16.42 -1.71 -10.80
CA TRP A 14 -17.39 -1.40 -11.85
C TRP A 14 -17.16 -2.28 -13.08
N GLY A 15 -17.68 -3.50 -13.05
CA GLY A 15 -17.52 -4.41 -14.15
C GLY A 15 -16.11 -4.98 -14.25
N THR A 16 -15.22 -4.24 -14.91
CA THR A 16 -13.84 -4.68 -15.06
C THR A 16 -12.92 -3.93 -14.10
N GLY A 17 -13.40 -2.81 -13.59
CA GLY A 17 -12.61 -2.02 -12.66
C GLY A 17 -12.80 -2.45 -11.22
N PHE A 18 -11.79 -2.19 -10.38
CA PHE A 18 -11.85 -2.56 -8.98
C PHE A 18 -11.16 -1.49 -8.12
N GLY A 19 -11.72 -1.25 -6.93
CA GLY A 19 -11.15 -0.27 -6.04
C GLY A 19 -10.35 -0.90 -4.92
N GLY A 20 -9.07 -0.51 -4.82
CA GLY A 20 -8.21 -1.05 -3.79
C GLY A 20 -7.95 -0.06 -2.67
N SER A 21 -7.95 -0.55 -1.44
CA SER A 21 -7.72 0.30 -0.27
C SER A 21 -6.74 -0.37 0.69
N TRP A 22 -5.54 0.21 0.78
CA TRP A 22 -4.51 -0.32 1.66
C TRP A 22 -4.53 0.39 3.02
N THR A 23 -4.44 -0.38 4.09
CA THR A 23 -4.45 0.17 5.44
C THR A 23 -3.08 0.05 6.10
N VAL A 24 -2.59 1.16 6.63
CA VAL A 24 -1.29 1.17 7.30
C VAL A 24 -1.40 1.74 8.71
N LYS A 25 -0.81 1.04 9.68
CA LYS A 25 -0.84 1.47 11.06
C LYS A 25 0.50 1.19 11.75
N ASN A 26 1.16 2.23 12.21
CA ASN A 26 2.45 2.09 12.89
C ASN A 26 2.30 2.28 14.39
N THR A 27 3.06 1.52 15.15
CA THR A 27 3.02 1.60 16.61
C THR A 27 4.11 0.76 17.25
N GLY A 28 4.50 1.12 18.47
CA GLY A 28 5.53 0.39 19.16
C GLY A 28 6.93 0.84 18.76
N THR A 29 7.24 0.73 17.47
CA THR A 29 8.55 1.12 16.96
C THR A 29 8.85 2.58 17.30
N THR A 30 10.13 2.93 17.28
CA THR A 30 10.56 4.29 17.59
C THR A 30 9.94 5.29 16.61
N SER A 31 10.35 6.54 16.73
CA SER A 31 9.83 7.60 15.86
C SER A 31 9.94 7.20 14.39
N LEU A 32 8.84 7.33 13.67
CA LEU A 32 8.82 6.98 12.24
C LEU A 32 9.06 8.21 11.38
N SER A 33 8.99 8.02 10.06
CA SER A 33 9.20 9.12 9.12
C SER A 33 8.23 9.02 7.96
N SER A 34 8.21 7.85 7.31
CA SER A 34 7.33 7.63 6.17
C SER A 34 7.01 6.14 6.01
N TRP A 35 6.07 5.84 5.13
CA TRP A 35 5.67 4.46 4.88
C TRP A 35 5.67 4.14 3.39
N THR A 36 6.37 3.07 3.01
CA THR A 36 6.45 2.67 1.62
C THR A 36 5.81 1.29 1.40
N VAL A 37 4.62 1.28 0.82
CA VAL A 37 3.91 0.05 0.56
C VAL A 37 4.05 -0.37 -0.90
N GLU A 38 4.74 -1.47 -1.13
CA GLU A 38 4.94 -1.98 -2.49
C GLU A 38 4.68 -3.48 -2.56
N TRP A 39 4.06 -3.92 -3.65
CA TRP A 39 3.74 -5.33 -3.84
C TRP A 39 4.03 -5.77 -5.26
N ASP A 40 3.98 -7.07 -5.51
CA ASP A 40 4.23 -7.62 -6.83
C ASP A 40 2.93 -7.91 -7.56
N PHE A 41 2.82 -7.40 -8.78
CA PHE A 41 1.62 -7.60 -9.58
C PHE A 41 1.91 -8.46 -10.80
N PRO A 42 2.03 -9.78 -10.58
CA PRO A 42 2.31 -10.74 -11.64
C PRO A 42 1.14 -10.91 -12.60
N THR A 43 -0.04 -11.13 -12.05
CA THR A 43 -1.25 -11.31 -12.85
C THR A 43 -1.70 -9.99 -13.46
N GLY A 44 -2.24 -10.06 -14.67
CA GLY A 44 -2.70 -8.86 -15.35
C GLY A 44 -3.33 -7.86 -14.40
N THR A 45 -2.54 -6.86 -14.00
CA THR A 45 -3.01 -5.84 -13.07
C THR A 45 -2.24 -4.54 -13.25
N LYS A 46 -2.87 -3.42 -12.90
CA LYS A 46 -2.24 -2.12 -13.02
C LYS A 46 -3.13 -1.03 -12.42
N VAL A 47 -2.54 -0.19 -11.58
CA VAL A 47 -3.27 0.89 -10.94
C VAL A 47 -3.48 2.06 -11.90
N THR A 48 -4.71 2.23 -12.38
CA THR A 48 -5.04 3.30 -13.30
C THR A 48 -4.83 4.66 -12.66
N SER A 49 -5.36 4.83 -11.45
CA SER A 49 -5.24 6.09 -10.73
C SER A 49 -5.15 5.85 -9.23
N ALA A 50 -4.48 6.76 -8.52
CA ALA A 50 -4.32 6.63 -7.08
C ALA A 50 -4.39 8.00 -6.41
N TRP A 51 -4.69 8.01 -5.12
CA TRP A 51 -4.80 9.25 -4.36
C TRP A 51 -4.24 9.08 -2.95
N ASP A 52 -3.62 10.13 -2.42
CA ASP A 52 -3.04 10.09 -1.09
C ASP A 52 -1.90 9.09 -1.01
N ALA A 53 -1.42 8.66 -2.17
CA ALA A 53 -0.33 7.70 -2.24
C ALA A 53 0.13 7.50 -3.68
N THR A 54 1.18 8.23 -4.07
CA THR A 54 1.71 8.13 -5.42
C THR A 54 2.16 6.70 -5.74
N VAL A 55 1.30 5.94 -6.40
CA VAL A 55 1.61 4.57 -6.76
C VAL A 55 2.23 4.49 -8.15
N THR A 56 3.51 4.11 -8.21
CA THR A 56 4.22 4.00 -9.47
C THR A 56 4.35 2.54 -9.90
N ASN A 57 4.89 2.32 -11.09
CA ASN A 57 5.07 0.98 -11.62
C ASN A 57 6.47 0.81 -12.20
N SER A 58 6.92 -0.45 -12.29
CA SER A 58 8.24 -0.74 -12.82
C SER A 58 8.32 -2.19 -13.28
N GLY A 59 7.91 -2.43 -14.53
CA GLY A 59 7.93 -3.77 -15.08
C GLY A 59 6.81 -4.65 -14.53
N ASP A 60 7.11 -5.37 -13.46
CA ASP A 60 6.12 -6.25 -12.84
C ASP A 60 5.99 -5.96 -11.35
N HIS A 61 6.57 -4.85 -10.92
CA HIS A 61 6.51 -4.44 -9.51
C HIS A 61 5.84 -3.09 -9.37
N TRP A 62 5.14 -2.90 -8.26
CA TRP A 62 4.44 -1.65 -8.00
C TRP A 62 4.71 -1.16 -6.57
N THR A 63 4.84 0.14 -6.41
CA THR A 63 5.10 0.74 -5.09
C THR A 63 4.34 2.03 -4.91
N ALA A 64 3.93 2.31 -3.68
CA ALA A 64 3.19 3.52 -3.37
C ALA A 64 3.80 4.27 -2.19
N LYS A 65 3.84 5.59 -2.28
CA LYS A 65 4.40 6.42 -1.22
C LYS A 65 3.56 7.67 -1.00
N ASN A 66 3.70 8.27 0.18
CA ASN A 66 2.96 9.49 0.50
C ASN A 66 3.88 10.55 1.09
N VAL A 67 4.65 10.17 2.11
CA VAL A 67 5.58 11.09 2.75
C VAL A 67 7.02 10.83 2.29
N GLY A 68 7.17 10.53 1.00
CA GLY A 68 8.50 10.26 0.47
C GLY A 68 9.29 11.53 0.22
N TRP A 69 8.69 12.67 0.52
CA TRP A 69 9.34 13.96 0.33
C TRP A 69 9.59 14.66 1.66
N ASN A 70 8.83 14.28 2.68
CA ASN A 70 8.97 14.87 4.00
C ASN A 70 9.49 13.83 4.99
N GLY A 71 8.88 12.65 4.99
CA GLY A 71 9.30 11.60 5.89
C GLY A 71 9.34 12.06 7.33
N THR A 72 8.23 12.58 7.81
CA THR A 72 8.14 13.06 9.19
C THR A 72 6.82 12.65 9.84
N LEU A 73 6.86 11.53 10.57
CA LEU A 73 5.67 11.01 11.23
C LEU A 73 6.01 10.56 12.66
N ALA A 74 4.98 10.46 13.49
CA ALA A 74 5.16 10.03 14.87
C ALA A 74 5.30 8.51 14.97
N PRO A 75 5.83 8.03 16.10
CA PRO A 75 6.03 6.60 16.34
C PRO A 75 4.71 5.85 16.52
N GLY A 76 3.62 6.60 16.61
CA GLY A 76 2.32 5.99 16.79
C GLY A 76 1.22 6.74 16.06
N ALA A 77 0.62 6.08 15.07
CA ALA A 77 -0.45 6.70 14.29
C ALA A 77 -0.98 5.74 13.24
N SER A 78 -2.06 6.13 12.57
CA SER A 78 -2.68 5.30 11.55
C SER A 78 -2.89 6.09 10.26
N VAL A 79 -2.47 5.52 9.14
CA VAL A 79 -2.62 6.17 7.85
C VAL A 79 -3.08 5.18 6.78
N SER A 80 -4.00 5.61 5.93
CA SER A 80 -4.53 4.77 4.87
C SER A 80 -4.66 5.54 3.57
N PHE A 81 -4.70 4.82 2.45
CA PHE A 81 -4.81 5.44 1.13
C PHE A 81 -5.59 4.55 0.17
N GLY A 82 -6.37 5.17 -0.71
CA GLY A 82 -7.15 4.41 -1.67
C GLY A 82 -6.72 4.65 -3.09
N PHE A 83 -7.30 3.91 -4.03
CA PHE A 83 -6.96 4.05 -5.44
C PHE A 83 -7.87 3.18 -6.30
N ASN A 84 -7.72 3.31 -7.62
CA ASN A 84 -8.53 2.53 -8.56
C ASN A 84 -7.66 1.76 -9.53
N GLY A 85 -7.98 0.49 -9.73
CA GLY A 85 -7.21 -0.34 -10.65
C GLY A 85 -8.09 -1.14 -11.59
N SER A 86 -7.51 -1.56 -12.71
CA SER A 86 -8.26 -2.33 -13.70
C SER A 86 -7.77 -3.78 -13.73
N GLY A 87 -8.65 -4.71 -13.37
CA GLY A 87 -8.30 -6.11 -13.36
C GLY A 87 -9.12 -6.91 -12.37
N PRO A 88 -8.59 -8.07 -11.96
CA PRO A 88 -9.27 -8.96 -10.99
C PRO A 88 -9.31 -8.36 -9.60
N GLY A 89 -8.26 -7.65 -9.23
CA GLY A 89 -8.20 -7.04 -7.91
C GLY A 89 -7.66 -7.99 -6.86
N SER A 90 -6.83 -8.93 -7.29
CA SER A 90 -6.25 -9.91 -6.37
C SER A 90 -4.74 -9.71 -6.25
N PRO A 91 -4.34 -8.65 -5.50
CA PRO A 91 -2.93 -8.33 -5.29
C PRO A 91 -2.22 -9.34 -4.41
N SER A 92 -0.91 -9.43 -4.55
CA SER A 92 -0.11 -10.38 -3.77
C SER A 92 1.29 -9.82 -3.50
N ASN A 93 2.08 -10.56 -2.75
CA ASN A 93 3.44 -10.15 -2.41
C ASN A 93 3.43 -8.81 -1.68
N CYS A 94 2.48 -8.63 -0.78
CA CYS A 94 2.36 -7.40 -0.01
C CYS A 94 3.57 -7.19 0.88
N LYS A 95 4.25 -6.05 0.70
CA LYS A 95 5.44 -5.74 1.48
C LYS A 95 5.54 -4.24 1.73
N LEU A 96 5.84 -3.86 2.97
CA LEU A 96 5.97 -2.46 3.33
C LEU A 96 7.04 -2.26 4.39
N ASN A 97 7.70 -1.11 4.37
CA ASN A 97 8.75 -0.80 5.34
C ASN A 97 9.91 -1.77 5.20
N GLY A 98 10.36 -1.99 3.96
CA GLY A 98 11.47 -2.89 3.73
C GLY A 98 11.04 -4.34 3.71
N GLY A 99 9.74 -4.57 3.56
CA GLY A 99 9.22 -5.93 3.53
C GLY A 99 8.81 -6.41 4.92
N SER A 100 7.72 -5.86 5.43
CA SER A 100 7.24 -6.24 6.76
C SER A 100 5.74 -5.95 6.88
N CYS A 101 4.94 -7.00 6.82
CA CYS A 101 3.48 -6.86 6.92
C CYS A 101 2.85 -8.12 7.50
N ASP A 102 1.91 -7.94 8.42
CA ASP A 102 1.24 -9.07 9.05
C ASP A 102 -0.27 -9.01 8.80
N GLY A 103 -0.87 -10.16 8.56
CA GLY A 103 -2.30 -10.22 8.30
C GLY A 103 -2.62 -10.62 6.88
N THR A 104 -1.64 -10.45 5.99
CA THR A 104 -1.82 -10.80 4.58
C THR A 104 -0.52 -11.28 3.96
N SER A 105 -0.60 -11.76 2.73
CA SER A 105 0.57 -12.26 2.03
C SER A 105 0.46 -12.01 0.52
N ALA A 1 12.08 -3.07 18.42
CA ALA A 1 12.16 -2.06 17.37
C ALA A 1 11.47 -2.54 16.10
N THR A 2 10.97 -1.59 15.31
CA THR A 2 10.29 -1.93 14.05
C THR A 2 9.03 -2.73 14.32
N SER A 3 7.89 -2.08 14.15
CA SER A 3 6.60 -2.73 14.37
C SER A 3 5.49 -2.04 13.57
N ALA A 4 5.21 -2.58 12.38
CA ALA A 4 4.18 -2.02 11.52
C ALA A 4 3.44 -3.12 10.76
N THR A 5 2.11 -3.00 10.69
CA THR A 5 1.30 -3.99 9.99
C THR A 5 0.31 -3.31 9.05
N ALA A 6 -0.13 -4.05 8.03
CA ALA A 6 -1.08 -3.52 7.06
C ALA A 6 -2.02 -4.61 6.56
N THR A 7 -3.12 -4.21 5.94
CA THR A 7 -4.10 -5.15 5.42
C THR A 7 -4.76 -4.61 4.15
N PHE A 8 -5.12 -5.53 3.25
CA PHE A 8 -5.76 -5.14 2.00
C PHE A 8 -7.27 -5.06 2.15
N ALA A 9 -7.89 -4.13 1.43
CA ALA A 9 -9.33 -3.95 1.49
C ALA A 9 -9.90 -3.59 0.12
N LYS A 10 -11.20 -3.82 -0.05
CA LYS A 10 -11.87 -3.52 -1.31
C LYS A 10 -12.71 -2.25 -1.20
N THR A 11 -12.96 -1.61 -2.33
CA THR A 11 -13.76 -0.39 -2.36
C THR A 11 -15.00 -0.57 -3.21
N SER A 12 -14.81 -0.87 -4.49
CA SER A 12 -15.92 -1.06 -5.41
C SER A 12 -15.42 -1.41 -6.81
N ASP A 13 -16.17 -2.25 -7.51
CA ASP A 13 -15.80 -2.66 -8.86
C ASP A 13 -16.85 -2.22 -9.88
N TRP A 14 -16.41 -1.53 -10.91
CA TRP A 14 -17.31 -1.04 -11.94
C TRP A 14 -17.07 -1.78 -13.26
N GLY A 15 -17.73 -2.93 -13.42
CA GLY A 15 -17.58 -3.71 -14.63
C GLY A 15 -16.24 -4.43 -14.69
N THR A 16 -15.22 -3.74 -15.18
CA THR A 16 -13.89 -4.33 -15.30
C THR A 16 -12.92 -3.68 -14.33
N GLY A 17 -13.29 -2.50 -13.83
CA GLY A 17 -12.43 -1.78 -12.90
C GLY A 17 -12.68 -2.18 -11.46
N PHE A 18 -11.64 -2.09 -10.63
CA PHE A 18 -11.76 -2.44 -9.22
C PHE A 18 -11.17 -1.35 -8.34
N GLY A 19 -11.64 -1.28 -7.10
CA GLY A 19 -11.15 -0.28 -6.16
C GLY A 19 -10.37 -0.89 -5.02
N GLY A 20 -9.11 -0.52 -4.90
CA GLY A 20 -8.27 -1.04 -3.84
C GLY A 20 -8.16 -0.08 -2.67
N SER A 21 -8.01 -0.63 -1.46
CA SER A 21 -7.91 0.17 -0.26
C SER A 21 -6.91 -0.44 0.72
N TRP A 22 -5.72 0.13 0.77
CA TRP A 22 -4.68 -0.36 1.67
C TRP A 22 -4.74 0.34 3.02
N THR A 23 -4.45 -0.41 4.08
CA THR A 23 -4.47 0.13 5.44
C THR A 23 -3.11 0.02 6.10
N VAL A 24 -2.55 1.16 6.52
CA VAL A 24 -1.26 1.18 7.17
C VAL A 24 -1.37 1.69 8.61
N LYS A 25 -0.76 0.96 9.53
CA LYS A 25 -0.80 1.34 10.93
C LYS A 25 0.54 1.05 11.62
N ASN A 26 1.18 2.10 12.11
CA ASN A 26 2.47 1.96 12.78
C ASN A 26 2.35 2.24 14.27
N THR A 27 3.01 1.43 15.08
CA THR A 27 2.97 1.59 16.54
C THR A 27 3.96 0.65 17.22
N GLY A 28 4.70 1.18 18.19
CA GLY A 28 5.66 0.37 18.91
C GLY A 28 7.08 0.80 18.64
N THR A 29 7.47 0.82 17.37
CA THR A 29 8.83 1.21 16.99
C THR A 29 9.10 2.66 17.33
N THR A 30 10.34 3.08 17.17
CA THR A 30 10.73 4.46 17.47
C THR A 30 10.07 5.44 16.51
N SER A 31 10.44 6.71 16.61
CA SER A 31 9.88 7.75 15.75
C SER A 31 9.97 7.35 14.30
N LEU A 32 8.85 7.40 13.59
CA LEU A 32 8.80 7.05 12.17
C LEU A 32 9.01 8.28 11.30
N SER A 33 8.92 8.09 9.99
CA SER A 33 9.09 9.18 9.04
C SER A 33 8.12 9.05 7.88
N SER A 34 8.12 7.89 7.23
CA SER A 34 7.23 7.64 6.10
C SER A 34 6.94 6.15 5.97
N TRP A 35 5.92 5.83 5.17
CA TRP A 35 5.53 4.44 4.96
C TRP A 35 5.61 4.08 3.48
N THR A 36 6.33 3.00 3.17
CA THR A 36 6.49 2.56 1.80
C THR A 36 5.85 1.19 1.59
N VAL A 37 4.65 1.17 1.03
CA VAL A 37 3.94 -0.08 0.77
C VAL A 37 4.04 -0.48 -0.70
N GLU A 38 4.79 -1.54 -0.97
CA GLU A 38 4.98 -2.03 -2.34
C GLU A 38 4.70 -3.52 -2.42
N TRP A 39 4.03 -3.93 -3.50
CA TRP A 39 3.70 -5.33 -3.69
C TRP A 39 4.01 -5.77 -5.12
N ASP A 40 3.91 -7.07 -5.38
CA ASP A 40 4.18 -7.62 -6.71
C ASP A 40 2.88 -7.83 -7.49
N PHE A 41 2.87 -7.36 -8.73
CA PHE A 41 1.69 -7.50 -9.58
C PHE A 41 1.97 -8.43 -10.75
N PRO A 42 2.05 -9.74 -10.47
CA PRO A 42 2.32 -10.76 -11.49
C PRO A 42 1.15 -10.94 -12.44
N THR A 43 -0.04 -11.11 -11.89
CA THR A 43 -1.25 -11.30 -12.69
C THR A 43 -1.67 -10.00 -13.36
N GLY A 44 -2.21 -10.11 -14.57
CA GLY A 44 -2.66 -8.93 -15.29
C GLY A 44 -3.30 -7.90 -14.38
N THR A 45 -2.52 -6.89 -13.98
CA THR A 45 -3.02 -5.84 -13.11
C THR A 45 -2.21 -4.56 -13.28
N LYS A 46 -2.82 -3.43 -12.94
CA LYS A 46 -2.16 -2.14 -13.05
C LYS A 46 -3.02 -1.03 -12.44
N VAL A 47 -2.41 -0.21 -11.59
CA VAL A 47 -3.11 0.89 -10.94
C VAL A 47 -3.25 2.09 -11.88
N THR A 48 -4.44 2.26 -12.45
CA THR A 48 -4.69 3.36 -13.36
C THR A 48 -4.84 4.68 -12.61
N SER A 49 -5.45 4.62 -11.43
CA SER A 49 -5.65 5.81 -10.62
C SER A 49 -5.20 5.56 -9.18
N ALA A 50 -4.76 6.63 -8.52
CA ALA A 50 -4.29 6.54 -7.14
C ALA A 50 -4.40 7.88 -6.42
N TRP A 51 -4.83 7.84 -5.17
CA TRP A 51 -4.97 9.05 -4.38
C TRP A 51 -4.46 8.85 -2.96
N ASP A 52 -3.95 9.91 -2.35
CA ASP A 52 -3.43 9.85 -0.99
C ASP A 52 -2.22 8.93 -0.92
N ALA A 53 -1.66 8.61 -2.08
CA ALA A 53 -0.50 7.73 -2.15
C ALA A 53 0.07 7.67 -3.56
N THR A 54 1.24 8.30 -3.76
CA THR A 54 1.88 8.32 -5.07
C THR A 54 2.33 6.92 -5.48
N VAL A 55 1.49 6.24 -6.25
CA VAL A 55 1.81 4.89 -6.71
C VAL A 55 2.74 4.93 -7.92
N THR A 56 3.65 3.96 -7.99
CA THR A 56 4.60 3.89 -9.09
C THR A 56 4.71 2.46 -9.62
N ASN A 57 4.85 2.33 -10.94
CA ASN A 57 4.97 1.02 -11.57
C ASN A 57 6.39 0.80 -12.09
N SER A 58 6.77 -0.47 -12.22
CA SER A 58 8.10 -0.82 -12.70
C SER A 58 8.14 -2.26 -13.18
N GLY A 59 7.77 -2.47 -14.45
CA GLY A 59 7.77 -3.81 -15.00
C GLY A 59 6.67 -4.68 -14.42
N ASP A 60 7.00 -5.42 -13.37
CA ASP A 60 6.04 -6.31 -12.73
C ASP A 60 5.97 -6.03 -11.23
N HIS A 61 6.39 -4.82 -10.84
CA HIS A 61 6.38 -4.43 -9.44
C HIS A 61 5.81 -3.03 -9.28
N TRP A 62 5.11 -2.80 -8.17
CA TRP A 62 4.52 -1.49 -7.89
C TRP A 62 4.81 -1.05 -6.46
N THR A 63 4.89 0.26 -6.26
CA THR A 63 5.16 0.82 -4.94
C THR A 63 4.27 2.03 -4.66
N ALA A 64 3.95 2.23 -3.38
CA ALA A 64 3.11 3.35 -2.98
C ALA A 64 3.78 4.18 -1.89
N LYS A 65 3.93 5.48 -2.14
CA LYS A 65 4.56 6.38 -1.18
C LYS A 65 3.80 7.70 -1.10
N ASN A 66 3.56 8.17 0.12
CA ASN A 66 2.85 9.42 0.34
C ASN A 66 3.78 10.49 0.90
N VAL A 67 4.48 10.14 1.97
CA VAL A 67 5.41 11.07 2.61
C VAL A 67 6.85 10.78 2.18
N GLY A 68 7.03 10.46 0.91
CA GLY A 68 8.35 10.17 0.39
C GLY A 68 9.17 11.42 0.15
N TRP A 69 8.57 12.58 0.42
CA TRP A 69 9.24 13.86 0.22
C TRP A 69 9.48 14.56 1.55
N ASN A 70 8.63 14.25 2.53
CA ASN A 70 8.75 14.85 3.86
C ASN A 70 9.28 13.84 4.87
N GLY A 71 8.70 12.65 4.86
CA GLY A 71 9.12 11.61 5.78
C GLY A 71 9.18 12.09 7.22
N THR A 72 8.05 12.60 7.70
CA THR A 72 7.96 13.10 9.07
C THR A 72 6.66 12.65 9.74
N LEU A 73 6.73 11.56 10.48
CA LEU A 73 5.57 11.02 11.17
C LEU A 73 5.93 10.58 12.58
N ALA A 74 4.91 10.45 13.43
CA ALA A 74 5.12 10.02 14.82
C ALA A 74 5.32 8.51 14.90
N PRO A 75 5.86 8.05 16.03
CA PRO A 75 6.12 6.62 16.27
C PRO A 75 4.83 5.83 16.46
N GLY A 76 3.71 6.54 16.57
CA GLY A 76 2.43 5.90 16.75
C GLY A 76 1.31 6.63 16.05
N ALA A 77 0.70 5.97 15.06
CA ALA A 77 -0.39 6.56 14.31
C ALA A 77 -0.91 5.59 13.25
N SER A 78 -2.02 5.97 12.61
CA SER A 78 -2.62 5.13 11.59
C SER A 78 -2.94 5.94 10.33
N VAL A 79 -2.52 5.43 9.17
CA VAL A 79 -2.76 6.11 7.90
C VAL A 79 -3.20 5.13 6.83
N SER A 80 -4.20 5.53 6.05
CA SER A 80 -4.72 4.68 4.98
C SER A 80 -4.79 5.44 3.66
N PHE A 81 -4.73 4.71 2.55
CA PHE A 81 -4.78 5.32 1.23
C PHE A 81 -5.54 4.42 0.25
N GLY A 82 -6.30 5.05 -0.65
CA GLY A 82 -7.06 4.29 -1.62
C GLY A 82 -6.57 4.51 -3.03
N PHE A 83 -7.16 3.79 -3.99
CA PHE A 83 -6.76 3.90 -5.39
C PHE A 83 -7.68 3.08 -6.28
N ASN A 84 -7.43 3.13 -7.59
CA ASN A 84 -8.25 2.40 -8.55
C ASN A 84 -7.36 1.66 -9.55
N GLY A 85 -7.81 0.48 -9.96
CA GLY A 85 -7.04 -0.32 -10.91
C GLY A 85 -7.93 -1.13 -11.84
N SER A 86 -7.38 -1.54 -12.97
CA SER A 86 -8.12 -2.33 -13.94
C SER A 86 -7.72 -3.79 -13.88
N GLY A 87 -8.63 -4.63 -13.37
CA GLY A 87 -8.36 -6.06 -13.27
C GLY A 87 -9.19 -6.73 -12.19
N PRO A 88 -8.72 -7.90 -11.72
CA PRO A 88 -9.42 -8.65 -10.68
C PRO A 88 -9.36 -7.97 -9.32
N GLY A 89 -8.24 -7.31 -9.04
CA GLY A 89 -8.08 -6.63 -7.77
C GLY A 89 -7.56 -7.53 -6.67
N SER A 90 -6.83 -8.58 -7.07
CA SER A 90 -6.27 -9.53 -6.11
C SER A 90 -4.75 -9.42 -6.08
N PRO A 91 -4.23 -8.38 -5.41
CA PRO A 91 -2.79 -8.16 -5.28
C PRO A 91 -2.11 -9.18 -4.39
N SER A 92 -0.80 -9.33 -4.55
CA SER A 92 -0.05 -10.29 -3.75
C SER A 92 1.31 -9.71 -3.35
N ASN A 93 2.05 -10.45 -2.53
CA ASN A 93 3.36 -10.01 -2.07
C ASN A 93 3.26 -8.66 -1.37
N CYS A 94 2.28 -8.53 -0.47
CA CYS A 94 2.08 -7.28 0.26
C CYS A 94 3.24 -7.01 1.20
N LYS A 95 4.20 -6.21 0.75
CA LYS A 95 5.37 -5.87 1.54
C LYS A 95 5.42 -4.37 1.83
N LEU A 96 5.88 -4.01 3.02
CA LEU A 96 5.98 -2.62 3.42
C LEU A 96 7.01 -2.43 4.53
N ASN A 97 7.67 -1.28 4.54
CA ASN A 97 8.68 -0.98 5.54
C ASN A 97 9.85 -1.96 5.45
N GLY A 98 10.40 -2.09 4.24
CA GLY A 98 11.52 -2.98 4.03
C GLY A 98 11.10 -4.44 3.98
N GLY A 99 9.82 -4.66 3.71
CA GLY A 99 9.30 -6.03 3.63
C GLY A 99 8.87 -6.56 4.98
N SER A 100 7.80 -5.99 5.52
CA SER A 100 7.28 -6.41 6.81
C SER A 100 5.80 -6.08 6.95
N CYS A 101 4.96 -7.10 6.84
CA CYS A 101 3.51 -6.91 6.94
C CYS A 101 2.86 -8.12 7.60
N ASP A 102 1.85 -7.86 8.44
CA ASP A 102 1.14 -8.94 9.13
C ASP A 102 -0.36 -8.86 8.84
N GLY A 103 -1.00 -10.03 8.81
CA GLY A 103 -2.44 -10.08 8.55
C GLY A 103 -2.75 -10.06 7.07
N THR A 104 -1.77 -10.42 6.26
CA THR A 104 -1.94 -10.45 4.80
C THR A 104 -0.83 -11.24 4.13
N SER A 105 -0.86 -11.28 2.80
CA SER A 105 0.14 -12.01 2.04
C SER A 105 0.52 -11.25 0.78
N ALA A 1 13.77 -2.77 14.15
CA ALA A 1 13.23 -1.46 14.48
C ALA A 1 12.19 -1.02 13.45
N THR A 2 11.10 -1.77 13.35
CA THR A 2 10.04 -1.45 12.41
C THR A 2 8.91 -2.49 12.49
N SER A 3 7.73 -2.03 12.87
CA SER A 3 6.57 -2.90 12.98
C SER A 3 5.31 -2.23 12.46
N ALA A 4 4.99 -2.49 11.20
CA ALA A 4 3.81 -1.91 10.57
C ALA A 4 2.96 -2.98 9.90
N THR A 5 1.65 -2.93 10.15
CA THR A 5 0.73 -3.90 9.57
C THR A 5 -0.16 -3.25 8.52
N ALA A 6 -0.19 -3.84 7.33
CA ALA A 6 -0.99 -3.33 6.23
C ALA A 6 -2.07 -4.33 5.82
N THR A 7 -3.32 -3.98 6.06
CA THR A 7 -4.44 -4.85 5.72
C THR A 7 -5.10 -4.42 4.41
N PHE A 8 -5.08 -5.30 3.42
CA PHE A 8 -5.67 -5.00 2.13
C PHE A 8 -7.19 -5.00 2.21
N ALA A 9 -7.83 -4.11 1.46
CA ALA A 9 -9.28 -4.00 1.45
C ALA A 9 -9.79 -3.67 0.05
N LYS A 10 -11.08 -3.92 -0.18
CA LYS A 10 -11.70 -3.66 -1.48
C LYS A 10 -12.56 -2.40 -1.41
N THR A 11 -12.69 -1.72 -2.54
CA THR A 11 -13.48 -0.51 -2.62
C THR A 11 -14.75 -0.73 -3.44
N SER A 12 -14.57 -1.03 -4.72
CA SER A 12 -15.70 -1.26 -5.62
C SER A 12 -15.21 -1.61 -7.02
N ASP A 13 -16.00 -2.42 -7.72
CA ASP A 13 -15.66 -2.83 -9.08
C ASP A 13 -16.71 -2.35 -10.08
N TRP A 14 -16.27 -1.66 -11.12
CA TRP A 14 -17.18 -1.15 -12.14
C TRP A 14 -16.96 -1.88 -13.46
N GLY A 15 -17.65 -3.01 -13.64
CA GLY A 15 -17.52 -3.78 -14.86
C GLY A 15 -16.21 -4.54 -14.93
N THR A 16 -15.15 -3.85 -15.33
CA THR A 16 -13.84 -4.47 -15.45
C THR A 16 -12.84 -3.83 -14.48
N GLY A 17 -13.18 -2.64 -14.00
CA GLY A 17 -12.31 -1.94 -13.08
C GLY A 17 -12.55 -2.33 -11.64
N PHE A 18 -11.58 -2.05 -10.77
CA PHE A 18 -11.69 -2.38 -9.36
C PHE A 18 -11.04 -1.30 -8.49
N GLY A 19 -11.40 -1.28 -7.21
CA GLY A 19 -10.85 -0.29 -6.30
C GLY A 19 -10.13 -0.93 -5.13
N GLY A 20 -8.93 -0.44 -4.83
CA GLY A 20 -8.16 -0.97 -3.72
C GLY A 20 -8.19 -0.07 -2.50
N SER A 21 -7.98 -0.66 -1.33
CA SER A 21 -7.99 0.10 -0.09
C SER A 21 -6.93 -0.43 0.88
N TRP A 22 -5.76 0.22 0.86
CA TRP A 22 -4.66 -0.20 1.73
C TRP A 22 -4.72 0.54 3.07
N THR A 23 -4.74 -0.21 4.16
CA THR A 23 -4.80 0.37 5.49
C THR A 23 -3.49 0.17 6.23
N VAL A 24 -2.67 1.22 6.29
CA VAL A 24 -1.39 1.16 6.97
C VAL A 24 -1.51 1.65 8.41
N LYS A 25 -0.96 0.88 9.35
CA LYS A 25 -1.01 1.23 10.75
C LYS A 25 0.35 0.99 11.42
N ASN A 26 0.95 2.07 11.92
CA ASN A 26 2.24 1.98 12.58
C ASN A 26 2.09 2.08 14.10
N THR A 27 2.66 1.11 14.81
CA THR A 27 2.60 1.08 16.26
C THR A 27 3.47 -0.02 16.83
N GLY A 28 4.44 0.37 17.66
CA GLY A 28 5.34 -0.60 18.26
C GLY A 28 6.80 -0.22 18.09
N THR A 29 7.19 0.07 16.85
CA THR A 29 8.57 0.44 16.57
C THR A 29 8.87 1.87 17.02
N THR A 30 10.13 2.25 16.95
CA THR A 30 10.54 3.60 17.35
C THR A 30 9.93 4.65 16.45
N SER A 31 10.22 5.92 16.75
CA SER A 31 9.68 7.03 15.96
C SER A 31 9.96 6.82 14.48
N LEU A 32 8.91 6.50 13.74
CA LEU A 32 9.03 6.28 12.30
C LEU A 32 9.36 7.58 11.57
N SER A 33 9.36 7.52 10.24
CA SER A 33 9.68 8.70 9.43
C SER A 33 8.83 8.71 8.16
N SER A 34 8.87 7.62 7.40
CA SER A 34 8.11 7.51 6.17
C SER A 34 7.49 6.12 6.03
N TRP A 35 6.45 6.02 5.20
CA TRP A 35 5.78 4.75 4.98
C TRP A 35 5.66 4.46 3.50
N THR A 36 6.11 3.26 3.10
CA THR A 36 6.05 2.85 1.70
C THR A 36 5.52 1.43 1.57
N VAL A 37 4.33 1.30 0.99
CA VAL A 37 3.72 -0.01 0.80
C VAL A 37 3.88 -0.49 -0.64
N GLU A 38 4.77 -1.45 -0.84
CA GLU A 38 5.02 -1.99 -2.17
C GLU A 38 4.65 -3.47 -2.23
N TRP A 39 4.13 -3.90 -3.37
CA TRP A 39 3.73 -5.29 -3.56
C TRP A 39 3.97 -5.74 -5.00
N ASP A 40 3.87 -7.04 -5.24
CA ASP A 40 4.07 -7.60 -6.57
C ASP A 40 2.74 -7.84 -7.26
N PHE A 41 2.61 -7.33 -8.49
CA PHE A 41 1.39 -7.49 -9.27
C PHE A 41 1.62 -8.39 -10.47
N PRO A 42 1.69 -9.71 -10.22
CA PRO A 42 1.90 -10.70 -11.28
C PRO A 42 0.70 -10.84 -12.21
N THR A 43 -0.48 -11.01 -11.61
CA THR A 43 -1.72 -11.16 -12.38
C THR A 43 -2.12 -9.83 -13.02
N GLY A 44 -2.69 -9.92 -14.22
CA GLY A 44 -3.12 -8.72 -14.92
C GLY A 44 -3.66 -7.66 -13.98
N THR A 45 -2.82 -6.68 -13.64
CA THR A 45 -3.22 -5.62 -12.73
C THR A 45 -2.40 -4.36 -12.97
N LYS A 46 -2.96 -3.21 -12.62
CA LYS A 46 -2.27 -1.93 -12.78
C LYS A 46 -3.07 -0.80 -12.17
N VAL A 47 -2.40 0.02 -11.35
CA VAL A 47 -3.05 1.15 -10.69
C VAL A 47 -3.16 2.33 -11.63
N THR A 48 -4.29 2.42 -12.33
CA THR A 48 -4.53 3.51 -13.27
C THR A 48 -4.58 4.85 -12.55
N SER A 49 -5.21 4.87 -11.38
CA SER A 49 -5.33 6.09 -10.59
C SER A 49 -5.05 5.81 -9.11
N ALA A 50 -4.60 6.85 -8.40
CA ALA A 50 -4.29 6.72 -6.98
C ALA A 50 -4.50 8.04 -6.26
N TRP A 51 -4.93 7.96 -5.00
CA TRP A 51 -5.16 9.16 -4.20
C TRP A 51 -4.61 8.99 -2.79
N ASP A 52 -4.07 10.06 -2.23
CA ASP A 52 -3.50 10.03 -0.89
C ASP A 52 -2.29 9.09 -0.83
N ALA A 53 -1.78 8.74 -2.00
CA ALA A 53 -0.62 7.85 -2.08
C ALA A 53 -0.11 7.75 -3.52
N THR A 54 1.06 8.33 -3.77
CA THR A 54 1.65 8.30 -5.10
C THR A 54 2.13 6.89 -5.46
N VAL A 55 1.35 6.22 -6.31
CA VAL A 55 1.69 4.86 -6.73
C VAL A 55 2.57 4.88 -7.97
N THR A 56 3.60 4.03 -7.97
CA THR A 56 4.52 3.95 -9.10
C THR A 56 4.70 2.51 -9.57
N ASN A 57 4.78 2.33 -10.89
CA ASN A 57 4.95 1.00 -11.46
C ASN A 57 6.38 0.79 -11.93
N SER A 58 6.78 -0.47 -12.03
CA SER A 58 8.12 -0.82 -12.47
C SER A 58 8.19 -2.26 -12.96
N GLY A 59 7.86 -2.47 -14.23
CA GLY A 59 7.89 -3.81 -14.79
C GLY A 59 6.75 -4.67 -14.28
N ASP A 60 7.01 -5.41 -13.21
CA ASP A 60 5.99 -6.29 -12.63
C ASP A 60 5.81 -5.99 -11.15
N HIS A 61 6.44 -4.91 -10.68
CA HIS A 61 6.34 -4.52 -9.27
C HIS A 61 5.83 -3.09 -9.15
N TRP A 62 5.08 -2.84 -8.08
CA TRP A 62 4.52 -1.51 -7.83
C TRP A 62 4.86 -1.03 -6.43
N THR A 63 4.83 0.29 -6.24
CA THR A 63 5.13 0.88 -4.94
C THR A 63 4.20 2.06 -4.65
N ALA A 64 3.92 2.28 -3.37
CA ALA A 64 3.06 3.38 -2.95
C ALA A 64 3.72 4.22 -1.87
N LYS A 65 3.70 5.54 -2.06
CA LYS A 65 4.30 6.46 -1.10
C LYS A 65 3.64 7.83 -1.18
N ASN A 66 3.40 8.43 -0.02
CA ASN A 66 2.77 9.74 0.04
C ASN A 66 3.71 10.77 0.69
N VAL A 67 4.63 10.27 1.51
CA VAL A 67 5.59 11.14 2.19
C VAL A 67 6.96 11.07 1.52
N GLY A 68 6.96 11.01 0.19
CA GLY A 68 8.21 10.94 -0.55
C GLY A 68 8.88 12.30 -0.66
N TRP A 69 8.28 13.32 -0.07
CA TRP A 69 8.83 14.67 -0.11
C TRP A 69 9.20 15.15 1.30
N ASN A 70 8.41 14.73 2.28
CA ASN A 70 8.65 15.12 3.66
C ASN A 70 9.34 14.01 4.43
N GLY A 71 8.73 12.83 4.43
CA GLY A 71 9.30 11.69 5.14
C GLY A 71 9.27 11.87 6.64
N THR A 72 8.12 12.29 7.17
CA THR A 72 7.98 12.50 8.61
C THR A 72 6.76 11.75 9.15
N LEU A 73 7.01 10.85 10.09
CA LEU A 73 5.93 10.08 10.70
C LEU A 73 6.23 9.78 12.16
N ALA A 74 5.19 9.44 12.92
CA ALA A 74 5.35 9.13 14.33
C ALA A 74 5.36 7.62 14.57
N PRO A 75 5.84 7.21 15.75
CA PRO A 75 5.92 5.79 16.12
C PRO A 75 4.55 5.18 16.35
N GLY A 76 3.52 6.01 16.35
CA GLY A 76 2.17 5.53 16.56
C GLY A 76 1.13 6.34 15.82
N ALA A 77 0.47 5.72 14.84
CA ALA A 77 -0.54 6.40 14.04
C ALA A 77 -1.10 5.48 12.97
N SER A 78 -2.14 5.94 12.29
CA SER A 78 -2.78 5.16 11.23
C SER A 78 -2.98 5.99 9.97
N VAL A 79 -2.57 5.45 8.83
CA VAL A 79 -2.70 6.15 7.56
C VAL A 79 -3.19 5.20 6.46
N SER A 80 -4.42 5.41 6.02
CA SER A 80 -5.01 4.57 4.98
C SER A 80 -5.05 5.31 3.65
N PHE A 81 -4.62 4.64 2.59
CA PHE A 81 -4.60 5.23 1.26
C PHE A 81 -5.30 4.33 0.25
N GLY A 82 -6.18 4.91 -0.56
CA GLY A 82 -6.90 4.15 -1.56
C GLY A 82 -6.44 4.45 -2.97
N PHE A 83 -7.00 3.73 -3.93
CA PHE A 83 -6.64 3.93 -5.33
C PHE A 83 -7.60 3.17 -6.25
N ASN A 84 -7.30 3.20 -7.56
CA ASN A 84 -8.14 2.51 -8.53
C ASN A 84 -7.28 1.82 -9.59
N GLY A 85 -7.66 0.61 -9.96
CA GLY A 85 -6.92 -0.14 -10.95
C GLY A 85 -7.80 -1.02 -11.81
N SER A 86 -7.27 -1.47 -12.94
CA SER A 86 -8.04 -2.33 -13.85
C SER A 86 -7.55 -3.77 -13.76
N GLY A 87 -8.40 -4.64 -13.21
CA GLY A 87 -8.04 -6.04 -13.07
C GLY A 87 -8.95 -6.77 -12.11
N PRO A 88 -8.50 -7.96 -11.67
CA PRO A 88 -9.27 -8.80 -10.73
C PRO A 88 -9.33 -8.19 -9.34
N GLY A 89 -8.26 -7.51 -8.94
CA GLY A 89 -8.21 -6.89 -7.63
C GLY A 89 -7.69 -7.83 -6.57
N SER A 90 -6.87 -8.80 -6.98
CA SER A 90 -6.31 -9.76 -6.04
C SER A 90 -4.80 -9.58 -5.92
N PRO A 91 -4.39 -8.55 -5.17
CA PRO A 91 -2.97 -8.23 -4.96
C PRO A 91 -2.28 -9.26 -4.07
N SER A 92 -0.96 -9.32 -4.15
CA SER A 92 -0.18 -10.26 -3.36
C SER A 92 1.19 -9.68 -3.00
N ASN A 93 1.94 -10.41 -2.19
CA ASN A 93 3.27 -9.97 -1.78
C ASN A 93 3.19 -8.63 -1.05
N CYS A 94 2.36 -8.57 -0.01
CA CYS A 94 2.19 -7.35 0.76
C CYS A 94 3.44 -7.05 1.58
N LYS A 95 4.18 -6.01 1.17
CA LYS A 95 5.40 -5.62 1.85
C LYS A 95 5.46 -4.11 2.04
N LEU A 96 6.01 -3.67 3.17
CA LEU A 96 6.12 -2.25 3.47
C LEU A 96 7.23 -1.99 4.48
N ASN A 97 7.80 -0.79 4.44
CA ASN A 97 8.87 -0.42 5.35
C ASN A 97 10.02 -1.42 5.28
N GLY A 98 10.54 -1.64 4.08
CA GLY A 98 11.63 -2.57 3.90
C GLY A 98 11.17 -4.01 3.90
N GLY A 99 9.88 -4.22 3.66
CA GLY A 99 9.34 -5.56 3.64
C GLY A 99 9.05 -6.09 5.04
N SER A 100 8.02 -5.54 5.67
CA SER A 100 7.64 -5.96 7.02
C SER A 100 6.16 -5.71 7.27
N CYS A 101 5.37 -6.78 7.24
CA CYS A 101 3.93 -6.67 7.47
C CYS A 101 3.46 -7.72 8.48
N ASP A 102 2.44 -7.38 9.24
CA ASP A 102 1.90 -8.29 10.25
C ASP A 102 0.39 -8.44 10.08
N GLY A 103 -0.02 -9.48 9.37
CA GLY A 103 -1.43 -9.72 9.14
C GLY A 103 -1.82 -9.57 7.69
N THR A 104 -1.02 -10.14 6.79
CA THR A 104 -1.29 -10.06 5.36
C THR A 104 -0.34 -10.95 4.57
N SER A 105 -0.61 -11.10 3.28
CA SER A 105 0.21 -11.94 2.42
C SER A 105 -0.10 -11.67 0.95
N ALA A 1 13.37 -2.85 17.38
CA ALA A 1 12.01 -3.39 17.47
C ALA A 1 11.16 -2.89 16.31
N THR A 2 10.21 -3.72 15.88
CA THR A 2 9.32 -3.37 14.78
C THR A 2 7.89 -3.75 15.10
N SER A 3 6.95 -2.90 14.69
CA SER A 3 5.54 -3.14 14.92
C SER A 3 4.67 -2.30 13.99
N ALA A 4 4.26 -2.90 12.87
CA ALA A 4 3.43 -2.21 11.89
C ALA A 4 3.03 -3.15 10.76
N THR A 5 1.77 -3.04 10.33
CA THR A 5 1.27 -3.88 9.25
C THR A 5 0.18 -3.16 8.47
N ALA A 6 -0.01 -3.56 7.21
CA ALA A 6 -1.02 -2.96 6.35
C ALA A 6 -2.00 -4.01 5.82
N THR A 7 -3.26 -3.89 6.22
CA THR A 7 -4.29 -4.83 5.79
C THR A 7 -4.92 -4.38 4.48
N PHE A 8 -5.03 -5.30 3.54
CA PHE A 8 -5.62 -5.00 2.24
C PHE A 8 -7.14 -4.93 2.34
N ALA A 9 -7.74 -3.97 1.64
CA ALA A 9 -9.18 -3.80 1.65
C ALA A 9 -9.69 -3.44 0.26
N LYS A 10 -11.01 -3.53 0.09
CA LYS A 10 -11.64 -3.20 -1.20
C LYS A 10 -12.42 -1.90 -1.10
N THR A 11 -12.75 -1.34 -2.26
CA THR A 11 -13.50 -0.09 -2.32
C THR A 11 -14.74 -0.23 -3.19
N SER A 12 -14.55 -0.63 -4.44
CA SER A 12 -15.65 -0.81 -5.37
C SER A 12 -15.15 -1.28 -6.73
N ASP A 13 -15.79 -2.33 -7.25
CA ASP A 13 -15.41 -2.89 -8.55
C ASP A 13 -16.54 -2.72 -9.56
N TRP A 14 -16.22 -2.14 -10.71
CA TRP A 14 -17.20 -1.93 -11.76
C TRP A 14 -16.93 -2.84 -12.96
N GLY A 15 -17.39 -4.08 -12.87
CA GLY A 15 -17.19 -5.03 -13.95
C GLY A 15 -15.75 -5.51 -14.04
N THR A 16 -14.92 -4.77 -14.75
CA THR A 16 -13.51 -5.13 -14.91
C THR A 16 -12.62 -4.29 -14.00
N GLY A 17 -13.17 -3.19 -13.50
CA GLY A 17 -12.41 -2.32 -12.61
C GLY A 17 -12.56 -2.70 -11.15
N PHE A 18 -11.57 -2.36 -10.34
CA PHE A 18 -11.60 -2.68 -8.92
C PHE A 18 -10.98 -1.55 -8.10
N GLY A 19 -11.55 -1.31 -6.92
CA GLY A 19 -11.04 -0.26 -6.05
C GLY A 19 -10.20 -0.80 -4.91
N GLY A 20 -8.95 -0.36 -4.85
CA GLY A 20 -8.05 -0.81 -3.80
C GLY A 20 -8.07 0.09 -2.59
N SER A 21 -7.93 -0.50 -1.41
CA SER A 21 -7.94 0.26 -0.16
C SER A 21 -6.91 -0.28 0.82
N TRP A 22 -5.72 0.32 0.82
CA TRP A 22 -4.65 -0.11 1.71
C TRP A 22 -4.70 0.65 3.03
N THR A 23 -4.79 -0.09 4.12
CA THR A 23 -4.85 0.51 5.45
C THR A 23 -3.57 0.24 6.24
N VAL A 24 -2.70 1.24 6.30
CA VAL A 24 -1.44 1.10 7.02
C VAL A 24 -1.58 1.61 8.46
N LYS A 25 -1.11 0.81 9.41
CA LYS A 25 -1.18 1.18 10.82
C LYS A 25 0.12 0.82 11.54
N ASN A 26 0.81 1.84 12.06
CA ASN A 26 2.07 1.62 12.77
C ASN A 26 1.90 1.93 14.25
N THR A 27 2.37 1.02 15.09
CA THR A 27 2.28 1.19 16.54
C THR A 27 3.12 0.14 17.27
N GLY A 28 3.99 0.61 18.15
CA GLY A 28 4.84 -0.30 18.91
C GLY A 28 6.31 -0.14 18.57
N THR A 29 6.58 0.47 17.42
CA THR A 29 7.96 0.68 16.98
C THR A 29 8.45 2.07 17.37
N THR A 30 9.73 2.33 17.10
CA THR A 30 10.32 3.62 17.43
C THR A 30 9.77 4.73 16.53
N SER A 31 10.13 5.97 16.84
CA SER A 31 9.67 7.11 16.05
C SER A 31 9.94 6.90 14.57
N LEU A 32 8.89 6.67 13.80
CA LEU A 32 9.02 6.45 12.37
C LEU A 32 9.32 7.76 11.64
N SER A 33 9.33 7.70 10.31
CA SER A 33 9.60 8.89 9.50
C SER A 33 8.79 8.85 8.21
N SER A 34 8.92 7.76 7.47
CA SER A 34 8.19 7.60 6.21
C SER A 34 7.62 6.19 6.07
N TRP A 35 6.62 6.04 5.22
CA TRP A 35 5.99 4.74 5.01
C TRP A 35 5.92 4.42 3.52
N THR A 36 6.42 3.24 3.15
CA THR A 36 6.41 2.82 1.76
C THR A 36 5.68 1.49 1.59
N VAL A 37 4.52 1.53 0.95
CA VAL A 37 3.72 0.34 0.73
C VAL A 37 3.83 -0.15 -0.71
N GLU A 38 4.58 -1.22 -0.92
CA GLU A 38 4.78 -1.78 -2.26
C GLU A 38 4.42 -3.26 -2.28
N TRP A 39 4.05 -3.75 -3.46
CA TRP A 39 3.68 -5.15 -3.62
C TRP A 39 3.94 -5.63 -5.04
N ASP A 40 3.86 -6.94 -5.26
CA ASP A 40 4.08 -7.51 -6.59
C ASP A 40 2.76 -7.77 -7.29
N PHE A 41 2.65 -7.27 -8.52
CA PHE A 41 1.43 -7.45 -9.31
C PHE A 41 1.69 -8.35 -10.51
N PRO A 42 1.77 -9.66 -10.26
CA PRO A 42 2.01 -10.66 -11.31
C PRO A 42 0.82 -10.82 -12.24
N THR A 43 -0.36 -10.99 -11.67
CA THR A 43 -1.58 -11.16 -12.45
C THR A 43 -2.00 -9.84 -13.10
N GLY A 44 -2.56 -9.93 -14.30
CA GLY A 44 -3.00 -8.74 -15.00
C GLY A 44 -3.57 -7.69 -14.07
N THR A 45 -2.75 -6.71 -13.71
CA THR A 45 -3.17 -5.64 -12.81
C THR A 45 -2.34 -4.38 -13.03
N LYS A 46 -2.93 -3.24 -12.69
CA LYS A 46 -2.25 -1.96 -12.85
C LYS A 46 -3.08 -0.82 -12.26
N VAL A 47 -2.44 0.01 -11.44
CA VAL A 47 -3.13 1.14 -10.81
C VAL A 47 -3.25 2.31 -11.77
N THR A 48 -4.43 2.47 -12.35
CA THR A 48 -4.68 3.55 -13.30
C THR A 48 -4.55 4.91 -12.61
N SER A 49 -5.14 5.04 -11.44
CA SER A 49 -5.09 6.29 -10.68
C SER A 49 -5.03 6.02 -9.18
N ALA A 50 -4.34 6.90 -8.46
CA ALA A 50 -4.21 6.75 -7.01
C ALA A 50 -4.32 8.11 -6.31
N TRP A 51 -4.58 8.07 -5.02
CA TRP A 51 -4.73 9.30 -4.24
C TRP A 51 -4.19 9.11 -2.82
N ASP A 52 -3.60 10.15 -2.27
CA ASP A 52 -3.05 10.10 -0.91
C ASP A 52 -1.90 9.11 -0.84
N ALA A 53 -1.39 8.71 -2.01
CA ALA A 53 -0.28 7.76 -2.07
C ALA A 53 0.22 7.61 -3.51
N THR A 54 1.35 8.23 -3.81
CA THR A 54 1.94 8.16 -5.14
C THR A 54 2.30 6.72 -5.50
N VAL A 55 1.38 6.05 -6.20
CA VAL A 55 1.60 4.67 -6.61
C VAL A 55 2.23 4.61 -8.00
N THR A 56 3.47 4.15 -8.06
CA THR A 56 4.19 4.05 -9.33
C THR A 56 4.31 2.59 -9.77
N ASN A 57 4.85 2.38 -10.96
CA ASN A 57 5.02 1.03 -11.50
C ASN A 57 6.43 0.83 -12.01
N SER A 58 6.87 -0.43 -12.07
CA SER A 58 8.21 -0.77 -12.53
C SER A 58 8.28 -2.22 -12.99
N GLY A 59 7.91 -2.45 -14.24
CA GLY A 59 7.93 -3.80 -14.78
C GLY A 59 6.80 -4.66 -14.25
N ASP A 60 7.06 -5.39 -13.17
CA ASP A 60 6.04 -6.25 -12.58
C ASP A 60 5.89 -5.95 -11.09
N HIS A 61 6.45 -4.83 -10.65
CA HIS A 61 6.37 -4.43 -9.25
C HIS A 61 5.78 -3.03 -9.13
N TRP A 62 5.05 -2.80 -8.04
CA TRP A 62 4.43 -1.50 -7.80
C TRP A 62 4.71 -1.03 -6.37
N THR A 63 4.83 0.29 -6.21
CA THR A 63 5.10 0.88 -4.91
C THR A 63 4.34 2.18 -4.73
N ALA A 64 3.89 2.43 -3.50
CA ALA A 64 3.14 3.65 -3.20
C ALA A 64 3.85 4.46 -2.12
N LYS A 65 3.97 5.77 -2.38
CA LYS A 65 4.63 6.67 -1.43
C LYS A 65 3.93 8.02 -1.38
N ASN A 66 3.57 8.46 -0.18
CA ASN A 66 2.90 9.74 -0.01
C ASN A 66 3.84 10.77 0.64
N VAL A 67 4.74 10.29 1.48
CA VAL A 67 5.69 11.16 2.16
C VAL A 67 7.07 11.06 1.52
N GLY A 68 7.11 10.97 0.21
CA GLY A 68 8.38 10.87 -0.50
C GLY A 68 9.07 12.21 -0.65
N TRP A 69 8.46 13.24 -0.08
CA TRP A 69 9.03 14.59 -0.15
C TRP A 69 9.38 15.11 1.26
N ASN A 70 8.58 14.72 2.24
CA ASN A 70 8.80 15.14 3.61
C ASN A 70 9.44 14.02 4.43
N GLY A 71 8.78 12.87 4.46
CA GLY A 71 9.30 11.74 5.20
C GLY A 71 9.23 11.94 6.70
N THR A 72 8.07 12.38 7.18
CA THR A 72 7.88 12.63 8.60
C THR A 72 6.67 11.87 9.13
N LEU A 73 6.90 11.01 10.12
CA LEU A 73 5.83 10.21 10.71
C LEU A 73 6.11 9.92 12.19
N ALA A 74 5.07 9.56 12.93
CA ALA A 74 5.22 9.25 14.34
C ALA A 74 5.27 7.74 14.57
N PRO A 75 5.73 7.35 15.77
CA PRO A 75 5.83 5.92 16.13
C PRO A 75 4.47 5.27 16.34
N GLY A 76 3.43 6.09 16.32
CA GLY A 76 2.07 5.58 16.50
C GLY A 76 1.04 6.39 15.75
N ALA A 77 0.41 5.77 14.75
CA ALA A 77 -0.61 6.44 13.96
C ALA A 77 -1.14 5.53 12.85
N SER A 78 -2.18 5.98 12.17
CA SER A 78 -2.78 5.21 11.09
C SER A 78 -2.90 6.03 9.81
N VAL A 79 -2.46 5.48 8.70
CA VAL A 79 -2.52 6.16 7.42
C VAL A 79 -2.98 5.22 6.31
N SER A 80 -4.18 5.47 5.79
CA SER A 80 -4.74 4.64 4.73
C SER A 80 -4.79 5.41 3.41
N PHE A 81 -4.50 4.72 2.31
CA PHE A 81 -4.52 5.34 0.99
C PHE A 81 -5.29 4.48 -0.01
N GLY A 82 -6.22 5.09 -0.72
CA GLY A 82 -7.02 4.36 -1.68
C GLY A 82 -6.58 4.64 -3.12
N PHE A 83 -7.17 3.93 -4.06
CA PHE A 83 -6.84 4.12 -5.47
C PHE A 83 -7.76 3.27 -6.36
N ASN A 84 -7.60 3.42 -7.68
CA ASN A 84 -8.42 2.68 -8.63
C ASN A 84 -7.54 1.90 -9.60
N GLY A 85 -7.81 0.59 -9.70
CA GLY A 85 -7.03 -0.25 -10.59
C GLY A 85 -7.92 -1.11 -11.49
N SER A 86 -7.40 -1.45 -12.67
CA SER A 86 -8.15 -2.27 -13.61
C SER A 86 -7.68 -3.72 -13.56
N GLY A 87 -8.59 -4.62 -13.19
CA GLY A 87 -8.26 -6.03 -13.11
C GLY A 87 -9.11 -6.77 -12.11
N PRO A 88 -8.63 -7.92 -11.65
CA PRO A 88 -9.34 -8.76 -10.69
C PRO A 88 -9.39 -8.13 -9.30
N GLY A 89 -8.33 -7.43 -8.93
CA GLY A 89 -8.27 -6.78 -7.63
C GLY A 89 -7.76 -7.71 -6.55
N SER A 90 -6.95 -8.68 -6.94
CA SER A 90 -6.39 -9.64 -5.98
C SER A 90 -4.89 -9.47 -5.86
N PRO A 91 -4.47 -8.41 -5.15
CA PRO A 91 -3.05 -8.11 -4.93
C PRO A 91 -2.37 -9.11 -4.01
N SER A 92 -1.06 -9.26 -4.17
CA SER A 92 -0.31 -10.20 -3.34
C SER A 92 1.12 -9.69 -3.14
N ASN A 93 1.92 -10.49 -2.43
CA ASN A 93 3.31 -10.13 -2.16
C ASN A 93 3.40 -8.74 -1.54
N CYS A 94 2.63 -8.52 -0.48
CA CYS A 94 2.62 -7.23 0.20
C CYS A 94 3.88 -7.05 1.05
N LYS A 95 4.56 -5.93 0.87
CA LYS A 95 5.78 -5.64 1.62
C LYS A 95 5.97 -4.14 1.76
N LEU A 96 6.08 -3.67 3.01
CA LEU A 96 6.28 -2.26 3.29
C LEU A 96 7.37 -2.05 4.33
N ASN A 97 7.98 -0.88 4.31
CA ASN A 97 9.05 -0.56 5.25
C ASN A 97 10.25 -1.47 5.04
N GLY A 98 10.55 -1.76 3.79
CA GLY A 98 11.68 -2.63 3.49
C GLY A 98 11.37 -4.10 3.72
N GLY A 99 10.10 -4.47 3.55
CA GLY A 99 9.70 -5.84 3.75
C GLY A 99 9.20 -6.10 5.16
N SER A 100 7.99 -5.65 5.44
CA SER A 100 7.40 -5.83 6.77
C SER A 100 5.87 -5.78 6.70
N CYS A 101 5.24 -6.95 6.78
CA CYS A 101 3.79 -7.03 6.73
C CYS A 101 3.30 -8.35 7.31
N ASP A 102 2.00 -8.61 7.19
CA ASP A 102 1.41 -9.83 7.70
C ASP A 102 0.61 -10.55 6.62
N GLY A 103 0.84 -11.85 6.48
CA GLY A 103 0.14 -12.64 5.48
C GLY A 103 1.05 -13.09 4.35
N THR A 104 2.18 -13.70 4.72
CA THR A 104 3.14 -14.19 3.74
C THR A 104 2.46 -15.07 2.70
N SER A 105 2.23 -14.52 1.51
CA SER A 105 1.58 -15.27 0.44
C SER A 105 1.73 -14.52 -0.89
N ALA A 1 0.68 -4.29 16.65
CA ALA A 1 0.72 -4.15 18.11
C ALA A 1 2.05 -3.56 18.57
N THR A 2 3.14 -4.01 17.92
CA THR A 2 4.48 -3.52 18.26
C THR A 2 5.36 -3.45 17.02
N SER A 3 4.76 -3.12 15.89
CA SER A 3 5.50 -3.02 14.63
C SER A 3 4.62 -2.43 13.53
N ALA A 4 5.12 -2.49 12.30
CA ALA A 4 4.38 -1.96 11.16
C ALA A 4 3.68 -3.07 10.40
N THR A 5 2.41 -2.86 10.08
CA THR A 5 1.63 -3.86 9.35
C THR A 5 0.56 -3.18 8.49
N ALA A 6 0.26 -3.80 7.36
CA ALA A 6 -0.74 -3.27 6.44
C ALA A 6 -1.76 -4.33 6.05
N THR A 7 -2.98 -3.90 5.75
CA THR A 7 -4.04 -4.82 5.37
C THR A 7 -4.71 -4.39 4.06
N PHE A 8 -5.06 -5.37 3.24
CA PHE A 8 -5.70 -5.10 1.96
C PHE A 8 -7.22 -5.07 2.10
N ALA A 9 -7.84 -4.07 1.49
CA ALA A 9 -9.29 -3.93 1.54
C ALA A 9 -9.86 -3.49 0.20
N LYS A 10 -11.06 -3.93 -0.11
CA LYS A 10 -11.71 -3.58 -1.37
C LYS A 10 -12.57 -2.33 -1.20
N THR A 11 -12.55 -1.47 -2.22
CA THR A 11 -13.33 -0.24 -2.19
C THR A 11 -14.62 -0.38 -2.98
N SER A 12 -14.49 -0.75 -4.26
CA SER A 12 -15.65 -0.92 -5.13
C SER A 12 -15.23 -1.35 -6.53
N ASP A 13 -16.07 -2.14 -7.17
CA ASP A 13 -15.78 -2.62 -8.52
C ASP A 13 -16.82 -2.12 -9.52
N TRP A 14 -16.36 -1.49 -10.59
CA TRP A 14 -17.25 -0.96 -11.61
C TRP A 14 -17.11 -1.74 -12.92
N GLY A 15 -17.85 -2.84 -13.03
CA GLY A 15 -17.79 -3.65 -14.23
C GLY A 15 -16.53 -4.47 -14.31
N THR A 16 -15.45 -3.86 -14.78
CA THR A 16 -14.17 -4.55 -14.91
C THR A 16 -13.11 -3.93 -13.99
N GLY A 17 -13.38 -2.71 -13.54
CA GLY A 17 -12.45 -2.03 -12.66
C GLY A 17 -12.65 -2.39 -11.20
N PHE A 18 -11.66 -2.07 -10.37
CA PHE A 18 -11.73 -2.37 -8.95
C PHE A 18 -11.06 -1.27 -8.12
N GLY A 19 -11.42 -1.19 -6.86
CA GLY A 19 -10.85 -0.18 -5.98
C GLY A 19 -10.04 -0.79 -4.86
N GLY A 20 -8.81 -0.32 -4.69
CA GLY A 20 -7.95 -0.84 -3.64
C GLY A 20 -7.88 0.09 -2.44
N SER A 21 -7.71 -0.49 -1.25
CA SER A 21 -7.63 0.29 -0.02
C SER A 21 -6.64 -0.34 0.96
N TRP A 22 -5.41 0.17 0.95
CA TRP A 22 -4.37 -0.34 1.84
C TRP A 22 -4.37 0.42 3.16
N THR A 23 -4.62 -0.31 4.25
CA THR A 23 -4.64 0.30 5.58
C THR A 23 -3.28 0.19 6.26
N VAL A 24 -2.54 1.29 6.26
CA VAL A 24 -1.22 1.32 6.88
C VAL A 24 -1.31 1.70 8.34
N LYS A 25 -0.64 0.92 9.19
CA LYS A 25 -0.64 1.18 10.63
C LYS A 25 0.77 1.10 11.20
N ASN A 26 1.25 2.22 11.75
CA ASN A 26 2.59 2.28 12.33
C ASN A 26 2.51 2.59 13.82
N THR A 27 2.66 1.56 14.65
CA THR A 27 2.63 1.74 16.09
C THR A 27 3.61 0.81 16.79
N GLY A 28 4.17 1.27 17.90
CA GLY A 28 5.12 0.47 18.64
C GLY A 28 6.54 1.01 18.54
N THR A 29 7.10 0.98 17.33
CA THR A 29 8.45 1.47 17.10
C THR A 29 8.57 2.95 17.45
N THR A 30 9.80 3.45 17.52
CA THR A 30 10.05 4.84 17.84
C THR A 30 9.41 5.77 16.82
N SER A 31 9.69 7.05 16.93
CA SER A 31 9.14 8.04 16.01
C SER A 31 9.37 7.63 14.56
N LEU A 32 8.29 7.53 13.81
CA LEU A 32 8.36 7.14 12.40
C LEU A 32 8.65 8.35 11.52
N SER A 33 8.66 8.13 10.21
CA SER A 33 8.92 9.20 9.25
C SER A 33 8.06 9.05 8.01
N SER A 34 8.11 7.86 7.41
CA SER A 34 7.33 7.58 6.21
C SER A 34 7.04 6.09 6.08
N TRP A 35 6.23 5.72 5.09
CA TRP A 35 5.87 4.33 4.87
C TRP A 35 5.84 4.01 3.38
N THR A 36 6.57 2.96 2.98
CA THR A 36 6.62 2.56 1.58
C THR A 36 5.99 1.18 1.38
N VAL A 37 4.79 1.16 0.82
CA VAL A 37 4.08 -0.08 0.58
C VAL A 37 4.17 -0.50 -0.88
N GLU A 38 4.86 -1.62 -1.13
CA GLU A 38 5.03 -2.12 -2.49
C GLU A 38 4.76 -3.62 -2.55
N TRP A 39 4.05 -4.05 -3.58
CA TRP A 39 3.71 -5.46 -3.75
C TRP A 39 3.98 -5.90 -5.18
N ASP A 40 3.85 -7.20 -5.43
CA ASP A 40 4.08 -7.76 -6.76
C ASP A 40 2.76 -7.95 -7.50
N PHE A 41 2.70 -7.47 -8.73
CA PHE A 41 1.50 -7.59 -9.56
C PHE A 41 1.74 -8.51 -10.75
N PRO A 42 1.80 -9.82 -10.47
CA PRO A 42 2.02 -10.83 -11.52
C PRO A 42 0.82 -10.98 -12.45
N THR A 43 -0.36 -11.14 -11.86
CA THR A 43 -1.58 -11.29 -12.65
C THR A 43 -1.99 -9.96 -13.28
N GLY A 44 -2.58 -10.05 -14.48
CA GLY A 44 -3.01 -8.85 -15.17
C GLY A 44 -3.60 -7.82 -14.24
N THR A 45 -2.78 -6.83 -13.85
CA THR A 45 -3.23 -5.78 -12.95
C THR A 45 -2.40 -4.52 -13.12
N LYS A 46 -2.98 -3.37 -12.79
CA LYS A 46 -2.30 -2.10 -12.92
C LYS A 46 -3.15 -0.97 -12.34
N VAL A 47 -2.52 -0.14 -11.50
CA VAL A 47 -3.22 0.98 -10.87
C VAL A 47 -3.35 2.15 -11.84
N THR A 48 -4.54 2.32 -12.40
CA THR A 48 -4.79 3.41 -13.33
C THR A 48 -4.63 4.77 -12.66
N SER A 49 -5.11 4.87 -11.42
CA SER A 49 -5.03 6.12 -10.67
C SER A 49 -4.87 5.84 -9.18
N ALA A 50 -4.42 6.85 -8.44
CA ALA A 50 -4.24 6.71 -7.00
C ALA A 50 -4.34 8.07 -6.30
N TRP A 51 -4.58 8.04 -5.00
CA TRP A 51 -4.70 9.26 -4.22
C TRP A 51 -4.16 9.07 -2.81
N ASP A 52 -3.55 10.11 -2.26
CA ASP A 52 -2.99 10.06 -0.92
C ASP A 52 -1.83 9.05 -0.85
N ALA A 53 -1.35 8.63 -2.02
CA ALA A 53 -0.26 7.68 -2.09
C ALA A 53 0.22 7.50 -3.53
N THR A 54 1.31 8.17 -3.87
CA THR A 54 1.86 8.09 -5.22
C THR A 54 2.24 6.66 -5.57
N VAL A 55 1.34 5.98 -6.28
CA VAL A 55 1.57 4.60 -6.68
C VAL A 55 2.22 4.53 -8.07
N THR A 56 3.48 4.07 -8.10
CA THR A 56 4.21 3.97 -9.36
C THR A 56 4.31 2.51 -9.80
N ASN A 57 4.88 2.31 -10.98
CA ASN A 57 5.04 0.95 -11.53
C ASN A 57 6.42 0.78 -12.14
N SER A 58 6.85 -0.47 -12.29
CA SER A 58 8.15 -0.78 -12.86
C SER A 58 8.21 -2.22 -13.35
N GLY A 59 7.76 -2.44 -14.58
CA GLY A 59 7.77 -3.77 -15.15
C GLY A 59 6.65 -4.64 -14.60
N ASP A 60 6.95 -5.38 -13.54
CA ASP A 60 5.96 -6.26 -12.91
C ASP A 60 5.85 -5.97 -11.42
N HIS A 61 6.47 -4.88 -10.98
CA HIS A 61 6.44 -4.50 -9.58
C HIS A 61 5.77 -3.15 -9.40
N TRP A 62 5.08 -2.98 -8.28
CA TRP A 62 4.38 -1.72 -7.99
C TRP A 62 4.65 -1.27 -6.56
N THR A 63 4.85 0.04 -6.39
CA THR A 63 5.12 0.60 -5.07
C THR A 63 4.39 1.94 -4.89
N ALA A 64 4.00 2.22 -3.65
CA ALA A 64 3.30 3.45 -3.34
C ALA A 64 3.90 4.14 -2.12
N LYS A 65 3.95 5.46 -2.15
CA LYS A 65 4.51 6.24 -1.04
C LYS A 65 3.69 7.50 -0.81
N ASN A 66 3.84 8.08 0.38
CA ASN A 66 3.12 9.30 0.73
C ASN A 66 4.07 10.34 1.32
N VAL A 67 4.85 9.92 2.33
CA VAL A 67 5.80 10.82 2.98
C VAL A 67 7.22 10.48 2.58
N GLY A 68 7.42 10.13 1.31
CA GLY A 68 8.74 9.79 0.83
C GLY A 68 9.58 11.01 0.50
N TRP A 69 9.00 12.19 0.72
CA TRP A 69 9.69 13.44 0.44
C TRP A 69 9.90 14.25 1.71
N ASN A 70 9.04 14.01 2.70
CA ASN A 70 9.14 14.71 3.97
C ASN A 70 9.55 13.77 5.10
N GLY A 71 9.04 12.54 5.05
CA GLY A 71 9.37 11.55 6.06
C GLY A 71 9.18 12.09 7.46
N THR A 72 7.99 12.60 7.75
CA THR A 72 7.68 13.15 9.07
C THR A 72 6.35 12.61 9.59
N LEU A 73 6.42 11.54 10.38
CA LEU A 73 5.22 10.94 10.94
C LEU A 73 5.44 10.54 12.40
N ALA A 74 4.35 10.36 13.13
CA ALA A 74 4.43 9.98 14.53
C ALA A 74 4.69 8.49 14.69
N PRO A 75 5.15 8.08 15.88
CA PRO A 75 5.45 6.68 16.18
C PRO A 75 4.20 5.83 16.26
N GLY A 76 3.06 6.47 16.53
CA GLY A 76 1.80 5.74 16.64
C GLY A 76 0.68 6.43 15.88
N ALA A 77 0.17 5.76 14.85
CA ALA A 77 -0.92 6.31 14.06
C ALA A 77 -1.32 5.35 12.95
N SER A 78 -2.41 5.68 12.24
CA SER A 78 -2.90 4.83 11.16
C SER A 78 -3.34 5.69 9.98
N VAL A 79 -2.89 5.30 8.79
CA VAL A 79 -3.23 6.02 7.57
C VAL A 79 -3.52 5.07 6.42
N SER A 80 -4.77 5.04 5.98
CA SER A 80 -5.17 4.16 4.89
C SER A 80 -5.38 4.95 3.60
N PHE A 81 -4.62 4.59 2.56
CA PHE A 81 -4.71 5.28 1.28
C PHE A 81 -5.47 4.41 0.27
N GLY A 82 -6.22 5.08 -0.62
CA GLY A 82 -6.97 4.35 -1.63
C GLY A 82 -6.49 4.65 -3.04
N PHE A 83 -7.04 3.93 -4.01
CA PHE A 83 -6.66 4.11 -5.40
C PHE A 83 -7.61 3.35 -6.33
N ASN A 84 -7.41 3.52 -7.63
CA ASN A 84 -8.24 2.86 -8.62
C ASN A 84 -7.39 1.98 -9.55
N GLY A 85 -7.90 0.79 -9.85
CA GLY A 85 -7.17 -0.12 -10.72
C GLY A 85 -8.11 -0.90 -11.64
N SER A 86 -7.54 -1.49 -12.68
CA SER A 86 -8.32 -2.27 -13.64
C SER A 86 -7.90 -3.74 -13.61
N GLY A 87 -8.79 -4.59 -13.09
CA GLY A 87 -8.50 -6.00 -13.02
C GLY A 87 -9.31 -6.71 -11.95
N PRO A 88 -8.83 -7.89 -11.52
CA PRO A 88 -9.50 -8.69 -10.49
C PRO A 88 -9.43 -8.04 -9.11
N GLY A 89 -8.29 -7.40 -8.82
CA GLY A 89 -8.12 -6.75 -7.54
C GLY A 89 -7.55 -7.70 -6.49
N SER A 90 -6.82 -8.71 -6.93
CA SER A 90 -6.23 -9.68 -6.02
C SER A 90 -4.71 -9.57 -6.01
N PRO A 91 -4.21 -8.54 -5.31
CA PRO A 91 -2.76 -8.30 -5.20
C PRO A 91 -2.05 -9.35 -4.36
N SER A 92 -0.73 -9.42 -4.49
CA SER A 92 0.06 -10.40 -3.76
C SER A 92 1.42 -9.82 -3.38
N ASN A 93 2.21 -10.58 -2.64
CA ASN A 93 3.53 -10.14 -2.21
C ASN A 93 3.46 -8.79 -1.51
N CYS A 94 2.49 -8.65 -0.61
CA CYS A 94 2.32 -7.40 0.13
C CYS A 94 3.51 -7.14 1.03
N LYS A 95 4.39 -6.25 0.59
CA LYS A 95 5.59 -5.91 1.36
C LYS A 95 5.63 -4.41 1.64
N LEU A 96 6.12 -4.04 2.82
CA LEU A 96 6.23 -2.64 3.20
C LEU A 96 7.31 -2.44 4.26
N ASN A 97 7.89 -1.25 4.30
CA ASN A 97 8.94 -0.93 5.26
C ASN A 97 10.12 -1.89 5.11
N GLY A 98 10.62 -2.01 3.89
CA GLY A 98 11.75 -2.88 3.64
C GLY A 98 11.36 -4.35 3.68
N GLY A 99 10.21 -4.68 3.10
CA GLY A 99 9.74 -6.05 3.08
C GLY A 99 9.41 -6.56 4.46
N SER A 100 8.34 -6.03 5.05
CA SER A 100 7.91 -6.44 6.39
C SER A 100 6.42 -6.16 6.59
N CYS A 101 5.62 -7.21 6.53
CA CYS A 101 4.18 -7.08 6.72
C CYS A 101 3.58 -8.38 7.27
N ASP A 102 3.09 -8.32 8.49
CA ASP A 102 2.49 -9.48 9.14
C ASP A 102 1.09 -9.74 8.61
N GLY A 103 0.96 -10.77 7.78
CA GLY A 103 -0.34 -11.10 7.22
C GLY A 103 -0.39 -10.86 5.71
N THR A 104 0.71 -11.14 5.03
CA THR A 104 0.78 -10.95 3.59
C THR A 104 0.27 -12.18 2.85
N SER A 105 -0.03 -12.00 1.56
CA SER A 105 -0.54 -13.09 0.74
C SER A 105 0.47 -13.48 -0.33
N ALA A 1 13.01 -2.24 18.44
CA ALA A 1 11.62 -2.26 18.89
C ALA A 1 10.69 -1.61 17.87
N THR A 2 10.12 -2.43 17.01
CA THR A 2 9.22 -1.94 15.98
C THR A 2 7.93 -2.76 15.93
N SER A 3 6.98 -2.32 15.11
CA SER A 3 5.71 -3.02 14.97
C SER A 3 4.80 -2.30 13.96
N ALA A 4 4.83 -2.76 12.71
CA ALA A 4 4.02 -2.17 11.66
C ALA A 4 3.45 -3.24 10.74
N THR A 5 2.19 -3.09 10.37
CA THR A 5 1.52 -4.04 9.48
C THR A 5 0.46 -3.37 8.64
N ALA A 6 0.11 -4.00 7.52
CA ALA A 6 -0.90 -3.46 6.62
C ALA A 6 -1.80 -4.56 6.07
N THR A 7 -3.09 -4.25 5.91
CA THR A 7 -4.04 -5.21 5.40
C THR A 7 -4.73 -4.69 4.14
N PHE A 8 -4.91 -5.57 3.16
CA PHE A 8 -5.55 -5.20 1.91
C PHE A 8 -7.07 -5.20 2.05
N ALA A 9 -7.71 -4.17 1.53
CA ALA A 9 -9.17 -4.06 1.59
C ALA A 9 -9.75 -3.67 0.24
N LYS A 10 -11.07 -3.77 0.13
CA LYS A 10 -11.75 -3.42 -1.12
C LYS A 10 -12.53 -2.12 -0.97
N THR A 11 -12.64 -1.37 -2.07
CA THR A 11 -13.35 -0.11 -2.06
C THR A 11 -14.61 -0.18 -2.92
N SER A 12 -14.43 -0.51 -4.19
CA SER A 12 -15.54 -0.60 -5.12
C SER A 12 -15.06 -1.01 -6.51
N ASP A 13 -15.74 -1.98 -7.10
CA ASP A 13 -15.39 -2.47 -8.43
C ASP A 13 -16.53 -2.26 -9.41
N TRP A 14 -16.24 -1.61 -10.53
CA TRP A 14 -17.26 -1.35 -11.55
C TRP A 14 -16.98 -2.16 -12.82
N GLY A 15 -17.54 -3.36 -12.87
CA GLY A 15 -17.35 -4.22 -14.02
C GLY A 15 -15.96 -4.83 -14.06
N THR A 16 -15.05 -4.18 -14.78
CA THR A 16 -13.67 -4.67 -14.90
C THR A 16 -12.74 -3.90 -13.98
N GLY A 17 -13.19 -2.73 -13.51
CA GLY A 17 -12.38 -1.93 -12.64
C GLY A 17 -12.57 -2.28 -11.17
N PHE A 18 -11.52 -2.13 -10.38
CA PHE A 18 -11.58 -2.44 -8.96
C PHE A 18 -10.91 -1.35 -8.13
N GLY A 19 -11.41 -1.13 -6.92
CA GLY A 19 -10.85 -0.12 -6.05
C GLY A 19 -10.08 -0.71 -4.88
N GLY A 20 -8.77 -0.48 -4.86
CA GLY A 20 -7.95 -1.01 -3.79
C GLY A 20 -7.90 -0.08 -2.58
N SER A 21 -7.79 -0.67 -1.39
CA SER A 21 -7.74 0.10 -0.16
C SER A 21 -6.74 -0.49 0.82
N TRP A 22 -5.54 0.08 0.85
CA TRP A 22 -4.48 -0.41 1.74
C TRP A 22 -4.55 0.31 3.09
N THR A 23 -4.67 -0.46 4.16
CA THR A 23 -4.73 0.10 5.51
C THR A 23 -3.41 -0.05 6.23
N VAL A 24 -2.64 1.03 6.29
CA VAL A 24 -1.34 1.02 6.97
C VAL A 24 -1.45 1.55 8.39
N LYS A 25 -0.88 0.82 9.33
CA LYS A 25 -0.91 1.21 10.74
C LYS A 25 0.41 0.89 11.43
N ASN A 26 1.03 1.91 12.01
CA ASN A 26 2.30 1.74 12.71
C ASN A 26 2.17 2.11 14.18
N THR A 27 2.59 1.20 15.05
CA THR A 27 2.53 1.44 16.50
C THR A 27 3.60 0.64 17.22
N GLY A 28 3.76 0.93 18.52
CA GLY A 28 4.76 0.23 19.31
C GLY A 28 6.13 0.26 18.67
N THR A 29 6.40 1.30 17.88
CA THR A 29 7.68 1.43 17.21
C THR A 29 8.30 2.81 17.47
N THR A 30 9.59 2.94 17.17
CA THR A 30 10.29 4.20 17.37
C THR A 30 9.78 5.28 16.42
N SER A 31 10.36 6.46 16.52
CA SER A 31 9.95 7.59 15.67
C SER A 31 9.93 7.17 14.20
N LEU A 32 8.83 7.47 13.53
CA LEU A 32 8.68 7.12 12.11
C LEU A 32 8.95 8.34 11.23
N SER A 33 8.85 8.15 9.93
CA SER A 33 9.08 9.23 8.98
C SER A 33 8.15 9.11 7.77
N SER A 34 8.16 7.94 7.14
CA SER A 34 7.32 7.69 5.97
C SER A 34 6.95 6.21 5.88
N TRP A 35 5.96 5.91 5.06
CA TRP A 35 5.51 4.54 4.86
C TRP A 35 5.53 4.16 3.38
N THR A 36 6.20 3.04 3.07
CA THR A 36 6.29 2.57 1.70
C THR A 36 5.69 1.19 1.55
N VAL A 37 4.51 1.12 0.94
CA VAL A 37 3.83 -0.16 0.73
C VAL A 37 3.93 -0.59 -0.72
N GLU A 38 4.77 -1.59 -0.98
CA GLU A 38 4.95 -2.11 -2.34
C GLU A 38 4.58 -3.58 -2.41
N TRP A 39 4.18 -4.03 -3.59
CA TRP A 39 3.80 -5.43 -3.79
C TRP A 39 4.02 -5.85 -5.24
N ASP A 40 3.92 -7.15 -5.50
CA ASP A 40 4.12 -7.68 -6.84
C ASP A 40 2.77 -7.92 -7.53
N PHE A 41 2.63 -7.38 -8.73
CA PHE A 41 1.40 -7.53 -9.50
C PHE A 41 1.62 -8.40 -10.73
N PRO A 42 1.68 -9.72 -10.52
CA PRO A 42 1.90 -10.69 -11.60
C PRO A 42 0.69 -10.80 -12.53
N THR A 43 -0.49 -10.97 -11.95
CA THR A 43 -1.71 -11.09 -12.71
C THR A 43 -2.13 -9.75 -13.31
N GLY A 44 -2.70 -9.79 -14.51
CA GLY A 44 -3.13 -8.57 -15.17
C GLY A 44 -3.67 -7.54 -14.19
N THR A 45 -2.83 -6.59 -13.81
CA THR A 45 -3.23 -5.55 -12.87
C THR A 45 -2.38 -4.29 -13.05
N LYS A 46 -2.95 -3.14 -12.70
CA LYS A 46 -2.25 -1.87 -12.82
C LYS A 46 -3.07 -0.74 -12.20
N VAL A 47 -2.42 0.05 -11.35
CA VAL A 47 -3.08 1.17 -10.70
C VAL A 47 -3.20 2.37 -11.63
N THR A 48 -4.31 2.41 -12.39
CA THR A 48 -4.54 3.50 -13.33
C THR A 48 -4.68 4.84 -12.60
N SER A 49 -5.34 4.81 -11.44
CA SER A 49 -5.55 6.01 -10.66
C SER A 49 -5.12 5.79 -9.21
N ALA A 50 -4.62 6.86 -8.59
CA ALA A 50 -4.17 6.79 -7.20
C ALA A 50 -4.43 8.10 -6.47
N TRP A 51 -5.05 8.01 -5.30
CA TRP A 51 -5.36 9.19 -4.50
C TRP A 51 -4.85 9.03 -3.07
N ASP A 52 -4.38 10.12 -2.49
CA ASP A 52 -3.86 10.10 -1.12
C ASP A 52 -2.64 9.19 -1.02
N ALA A 53 -2.06 8.85 -2.16
CA ALA A 53 -0.89 7.98 -2.19
C ALA A 53 -0.31 7.89 -3.60
N THR A 54 0.94 8.31 -3.76
CA THR A 54 1.61 8.27 -5.05
C THR A 54 2.09 6.86 -5.38
N VAL A 55 1.41 6.21 -6.30
CA VAL A 55 1.77 4.86 -6.71
C VAL A 55 2.68 4.87 -7.93
N THR A 56 3.69 3.99 -7.94
CA THR A 56 4.63 3.91 -9.04
C THR A 56 4.75 2.49 -9.55
N ASN A 57 4.87 2.35 -10.87
CA ASN A 57 5.00 1.03 -11.49
C ASN A 57 6.42 0.81 -12.01
N SER A 58 6.80 -0.46 -12.15
CA SER A 58 8.14 -0.80 -12.64
C SER A 58 8.17 -2.23 -13.15
N GLY A 59 7.79 -2.42 -14.41
CA GLY A 59 7.78 -3.74 -15.01
C GLY A 59 6.67 -4.62 -14.47
N ASP A 60 6.96 -5.36 -13.41
CA ASP A 60 5.96 -6.24 -12.80
C ASP A 60 5.84 -5.97 -11.31
N HIS A 61 6.48 -4.88 -10.85
CA HIS A 61 6.43 -4.51 -9.44
C HIS A 61 5.88 -3.10 -9.27
N TRP A 62 5.17 -2.88 -8.17
CA TRP A 62 4.59 -1.58 -7.89
C TRP A 62 4.94 -1.11 -6.48
N THR A 63 4.78 0.19 -6.23
CA THR A 63 5.08 0.76 -4.92
C THR A 63 4.19 1.95 -4.62
N ALA A 64 3.91 2.17 -3.35
CA ALA A 64 3.06 3.28 -2.93
C ALA A 64 3.74 4.11 -1.85
N LYS A 65 3.82 5.42 -2.06
CA LYS A 65 4.44 6.32 -1.10
C LYS A 65 3.68 7.64 -1.02
N ASN A 66 3.78 8.30 0.14
CA ASN A 66 3.10 9.57 0.34
C ASN A 66 4.06 10.62 0.92
N VAL A 67 4.75 10.25 1.99
CA VAL A 67 5.71 11.15 2.63
C VAL A 67 7.14 10.78 2.27
N GLY A 68 7.35 10.40 1.01
CA GLY A 68 8.68 10.03 0.55
C GLY A 68 9.56 11.24 0.29
N TRP A 69 9.00 12.43 0.51
CA TRP A 69 9.75 13.66 0.28
C TRP A 69 9.97 14.41 1.60
N ASN A 70 9.05 14.23 2.54
CA ASN A 70 9.14 14.88 3.83
C ASN A 70 9.58 13.89 4.91
N GLY A 71 9.03 12.68 4.84
CA GLY A 71 9.38 11.66 5.82
C GLY A 71 9.25 12.15 7.25
N THR A 72 8.07 12.67 7.59
CA THR A 72 7.82 13.19 8.93
C THR A 72 6.53 12.60 9.51
N LEU A 73 6.66 11.52 10.28
CA LEU A 73 5.52 10.88 10.89
C LEU A 73 5.82 10.48 12.34
N ALA A 74 4.77 10.26 13.11
CA ALA A 74 4.91 9.87 14.50
C ALA A 74 5.11 8.36 14.64
N PRO A 75 5.63 7.93 15.79
CA PRO A 75 5.89 6.51 16.07
C PRO A 75 4.60 5.72 16.25
N GLY A 76 3.47 6.44 16.31
CA GLY A 76 2.18 5.78 16.48
C GLY A 76 1.07 6.51 15.77
N ALA A 77 0.48 5.86 14.77
CA ALA A 77 -0.61 6.45 14.01
C ALA A 77 -1.10 5.50 12.93
N SER A 78 -2.20 5.87 12.26
CA SER A 78 -2.78 5.04 11.21
C SER A 78 -3.00 5.86 9.94
N VAL A 79 -2.55 5.33 8.81
CA VAL A 79 -2.70 6.01 7.53
C VAL A 79 -3.21 5.05 6.46
N SER A 80 -4.38 5.37 5.90
CA SER A 80 -4.97 4.54 4.86
C SER A 80 -5.09 5.30 3.55
N PHE A 81 -4.73 4.64 2.45
CA PHE A 81 -4.79 5.27 1.14
C PHE A 81 -5.52 4.36 0.15
N GLY A 82 -6.31 4.97 -0.73
CA GLY A 82 -7.05 4.20 -1.72
C GLY A 82 -6.61 4.51 -3.14
N PHE A 83 -6.95 3.63 -4.07
CA PHE A 83 -6.59 3.80 -5.47
C PHE A 83 -7.54 3.03 -6.38
N ASN A 84 -7.33 3.16 -7.69
CA ASN A 84 -8.16 2.47 -8.67
C ASN A 84 -7.31 1.79 -9.73
N GLY A 85 -7.56 0.50 -9.94
CA GLY A 85 -6.79 -0.25 -10.93
C GLY A 85 -7.69 -1.11 -11.81
N SER A 86 -7.24 -1.36 -13.03
CA SER A 86 -8.00 -2.17 -13.98
C SER A 86 -7.55 -3.63 -13.91
N GLY A 87 -8.42 -4.48 -13.37
CA GLY A 87 -8.10 -5.90 -13.26
C GLY A 87 -9.02 -6.62 -12.30
N PRO A 88 -8.59 -7.82 -11.86
CA PRO A 88 -9.37 -8.64 -10.92
C PRO A 88 -9.42 -8.04 -9.53
N GLY A 89 -8.32 -7.41 -9.11
CA GLY A 89 -8.26 -6.81 -7.80
C GLY A 89 -7.77 -7.77 -6.74
N SER A 90 -6.99 -8.76 -7.15
CA SER A 90 -6.46 -9.76 -6.22
C SER A 90 -4.95 -9.63 -6.09
N PRO A 91 -4.50 -8.61 -5.34
CA PRO A 91 -3.08 -8.35 -5.11
C PRO A 91 -2.43 -9.41 -4.23
N SER A 92 -1.12 -9.57 -4.37
CA SER A 92 -0.38 -10.55 -3.59
C SER A 92 1.03 -10.05 -3.27
N ASN A 93 1.76 -10.83 -2.48
CA ASN A 93 3.12 -10.46 -2.11
C ASN A 93 3.17 -9.04 -1.54
N CYS A 94 2.47 -8.82 -0.44
CA CYS A 94 2.43 -7.51 0.20
C CYS A 94 3.66 -7.31 1.10
N LYS A 95 4.31 -6.18 0.94
CA LYS A 95 5.50 -5.85 1.73
C LYS A 95 5.65 -4.35 1.89
N LEU A 96 6.12 -3.93 3.06
CA LEU A 96 6.33 -2.50 3.34
C LEU A 96 7.45 -2.30 4.35
N ASN A 97 8.05 -1.11 4.34
CA ASN A 97 9.14 -0.80 5.25
C ASN A 97 10.36 -1.65 4.95
N GLY A 98 10.68 -1.82 3.67
CA GLY A 98 11.83 -2.60 3.28
C GLY A 98 11.61 -4.09 3.51
N GLY A 99 10.42 -4.57 3.18
CA GLY A 99 10.11 -5.98 3.37
C GLY A 99 9.66 -6.30 4.78
N SER A 100 8.45 -5.87 5.12
CA SER A 100 7.90 -6.10 6.45
C SER A 100 6.38 -6.06 6.44
N CYS A 101 5.76 -7.23 6.50
CA CYS A 101 4.30 -7.34 6.49
C CYS A 101 3.85 -8.68 7.04
N ASP A 102 3.15 -8.64 8.17
CA ASP A 102 2.65 -9.87 8.79
C ASP A 102 1.39 -10.37 8.09
N GLY A 103 1.23 -11.69 8.06
CA GLY A 103 0.07 -12.28 7.40
C GLY A 103 0.19 -12.26 5.89
N THR A 104 1.34 -12.69 5.38
CA THR A 104 1.57 -12.72 3.94
C THR A 104 0.49 -13.53 3.23
N SER A 105 0.34 -13.29 1.93
CA SER A 105 -0.66 -13.99 1.13
C SER A 105 -0.47 -13.69 -0.35
N ALA A 1 3.37 -7.35 17.34
CA ALA A 1 2.89 -6.87 18.63
C ALA A 1 3.13 -5.37 18.78
N THR A 2 4.31 -4.93 18.37
CA THR A 2 4.67 -3.51 18.46
C THR A 2 5.54 -3.09 17.29
N SER A 3 4.90 -2.77 16.17
CA SER A 3 5.63 -2.36 14.97
C SER A 3 4.65 -1.87 13.89
N ALA A 4 5.18 -1.65 12.68
CA ALA A 4 4.36 -1.20 11.57
C ALA A 4 3.84 -2.37 10.75
N THR A 5 2.55 -2.33 10.42
CA THR A 5 1.94 -3.40 9.64
C THR A 5 0.79 -2.86 8.79
N ALA A 6 0.31 -3.68 7.87
CA ALA A 6 -0.79 -3.30 6.99
C ALA A 6 -1.65 -4.50 6.62
N THR A 7 -2.85 -4.23 6.11
CA THR A 7 -3.77 -5.29 5.71
C THR A 7 -4.51 -4.92 4.42
N PHE A 8 -4.48 -5.83 3.46
CA PHE A 8 -5.15 -5.60 2.18
C PHE A 8 -6.67 -5.55 2.36
N ALA A 9 -7.32 -4.70 1.59
CA ALA A 9 -8.78 -4.55 1.67
C ALA A 9 -9.36 -4.15 0.31
N LYS A 10 -10.64 -4.44 0.11
CA LYS A 10 -11.32 -4.12 -1.14
C LYS A 10 -12.27 -2.95 -0.94
N THR A 11 -12.00 -1.84 -1.63
CA THR A 11 -12.84 -0.66 -1.51
C THR A 11 -14.16 -0.85 -2.28
N SER A 12 -14.06 -1.00 -3.59
CA SER A 12 -15.24 -1.20 -4.42
C SER A 12 -14.84 -1.35 -5.89
N ASP A 13 -15.54 -2.25 -6.59
CA ASP A 13 -15.26 -2.50 -7.99
C ASP A 13 -16.50 -2.23 -8.85
N TRP A 14 -16.35 -1.40 -9.87
CA TRP A 14 -17.45 -1.06 -10.76
C TRP A 14 -17.22 -1.62 -12.15
N GLY A 15 -17.96 -2.65 -12.50
CA GLY A 15 -17.82 -3.26 -13.81
C GLY A 15 -16.54 -4.07 -13.95
N THR A 16 -15.48 -3.42 -14.41
CA THR A 16 -14.19 -4.08 -14.59
C THR A 16 -13.13 -3.45 -13.70
N GLY A 17 -13.40 -2.24 -13.22
CA GLY A 17 -12.45 -1.55 -12.37
C GLY A 17 -12.61 -1.91 -10.90
N PHE A 18 -11.51 -1.92 -10.17
CA PHE A 18 -11.53 -2.26 -8.76
C PHE A 18 -10.82 -1.19 -7.93
N GLY A 19 -11.20 -1.09 -6.66
CA GLY A 19 -10.59 -0.10 -5.78
C GLY A 19 -9.74 -0.73 -4.69
N GLY A 20 -8.43 -0.62 -4.83
CA GLY A 20 -7.53 -1.19 -3.85
C GLY A 20 -7.50 -0.39 -2.56
N SER A 21 -7.93 -1.02 -1.46
CA SER A 21 -7.95 -0.35 -0.16
C SER A 21 -6.83 -0.89 0.74
N TRP A 22 -5.71 -0.19 0.76
CA TRP A 22 -4.58 -0.59 1.58
C TRP A 22 -4.59 0.14 2.93
N THR A 23 -4.64 -0.64 4.01
CA THR A 23 -4.66 -0.07 5.35
C THR A 23 -3.27 -0.13 5.99
N VAL A 24 -2.70 1.04 6.27
CA VAL A 24 -1.39 1.12 6.87
C VAL A 24 -1.45 1.83 8.22
N LYS A 25 -0.81 1.24 9.23
CA LYS A 25 -0.80 1.82 10.57
C LYS A 25 0.56 1.60 11.24
N ASN A 26 1.01 2.61 11.99
CA ASN A 26 2.29 2.54 12.67
C ASN A 26 2.10 2.67 14.19
N THR A 27 2.81 1.82 14.94
CA THR A 27 2.72 1.85 16.39
C THR A 27 3.82 0.99 17.01
N GLY A 28 4.09 1.22 18.30
CA GLY A 28 5.11 0.46 18.99
C GLY A 28 6.37 1.28 19.25
N THR A 29 7.39 1.07 18.43
CA THR A 29 8.65 1.79 18.57
C THR A 29 8.45 3.29 18.38
N THR A 30 9.53 4.04 18.54
CA THR A 30 9.47 5.49 18.39
C THR A 30 8.99 5.88 17.00
N SER A 31 8.98 7.18 16.72
CA SER A 31 8.53 7.68 15.42
C SER A 31 9.27 6.96 14.29
N LEU A 32 8.56 6.76 13.18
CA LEU A 32 9.14 6.09 12.02
C LEU A 32 9.86 7.08 11.12
N SER A 33 10.35 6.59 9.98
CA SER A 33 11.07 7.43 9.04
C SER A 33 10.22 7.68 7.79
N SER A 34 9.36 6.73 7.46
CA SER A 34 8.49 6.84 6.30
C SER A 34 7.62 5.60 6.14
N TRP A 35 6.57 5.72 5.34
CA TRP A 35 5.65 4.61 5.10
C TRP A 35 5.42 4.40 3.61
N THR A 36 5.60 3.17 3.15
CA THR A 36 5.40 2.84 1.74
C THR A 36 5.00 1.38 1.57
N VAL A 37 3.88 1.16 0.89
CA VAL A 37 3.39 -0.20 0.64
C VAL A 37 3.59 -0.60 -0.80
N GLU A 38 4.45 -1.60 -1.02
CA GLU A 38 4.74 -2.07 -2.37
C GLU A 38 4.40 -3.56 -2.49
N TRP A 39 4.06 -3.98 -3.71
CA TRP A 39 3.71 -5.38 -3.96
C TRP A 39 3.97 -5.74 -5.42
N ASP A 40 3.95 -7.05 -5.71
CA ASP A 40 4.18 -7.52 -7.07
C ASP A 40 2.86 -7.81 -7.77
N PHE A 41 2.72 -7.28 -8.98
CA PHE A 41 1.51 -7.48 -9.76
C PHE A 41 1.79 -8.34 -10.99
N PRO A 42 1.88 -9.66 -10.78
CA PRO A 42 2.14 -10.62 -11.86
C PRO A 42 0.97 -10.75 -12.81
N THR A 43 -0.22 -10.97 -12.25
CA THR A 43 -1.43 -11.12 -13.05
C THR A 43 -1.87 -9.78 -13.64
N GLY A 44 -2.42 -9.83 -14.86
CA GLY A 44 -2.88 -8.62 -15.50
C GLY A 44 -3.48 -7.62 -14.54
N THR A 45 -2.68 -6.63 -14.12
CA THR A 45 -3.14 -5.62 -13.19
C THR A 45 -2.35 -4.33 -13.35
N LYS A 46 -2.98 -3.20 -13.00
CA LYS A 46 -2.33 -1.90 -13.11
C LYS A 46 -3.22 -0.81 -12.51
N VAL A 47 -2.62 0.01 -11.65
CA VAL A 47 -3.35 1.10 -11.02
C VAL A 47 -3.50 2.29 -11.96
N THR A 48 -4.72 2.51 -12.45
CA THR A 48 -5.00 3.61 -13.36
C THR A 48 -4.74 4.96 -12.68
N SER A 49 -5.32 5.14 -11.50
CA SER A 49 -5.14 6.38 -10.75
C SER A 49 -5.01 6.10 -9.26
N ALA A 50 -4.12 6.84 -8.60
CA ALA A 50 -3.89 6.67 -7.17
C ALA A 50 -4.17 7.98 -6.42
N TRP A 51 -4.73 7.85 -5.22
CA TRP A 51 -5.04 9.02 -4.40
C TRP A 51 -4.52 8.84 -2.98
N ASP A 52 -3.99 9.92 -2.41
CA ASP A 52 -3.46 9.90 -1.06
C ASP A 52 -2.24 8.99 -0.98
N ALA A 53 -1.70 8.62 -2.14
CA ALA A 53 -0.53 7.76 -2.20
C ALA A 53 -0.02 7.62 -3.64
N THR A 54 1.11 8.27 -3.91
CA THR A 54 1.70 8.23 -5.24
C THR A 54 2.09 6.81 -5.64
N VAL A 55 1.18 6.14 -6.33
CA VAL A 55 1.43 4.76 -6.77
C VAL A 55 2.15 4.73 -8.11
N THR A 56 3.32 4.10 -8.13
CA THR A 56 4.12 4.00 -9.34
C THR A 56 4.31 2.54 -9.76
N ASN A 57 4.88 2.34 -10.94
CA ASN A 57 5.12 0.99 -11.46
C ASN A 57 6.55 0.86 -11.98
N SER A 58 7.02 -0.38 -12.07
CA SER A 58 8.37 -0.65 -12.56
C SER A 58 8.49 -2.08 -13.06
N GLY A 59 8.13 -2.28 -14.33
CA GLY A 59 8.20 -3.61 -14.91
C GLY A 59 7.08 -4.52 -14.43
N ASP A 60 7.34 -5.26 -13.36
CA ASP A 60 6.34 -6.17 -12.80
C ASP A 60 6.12 -5.88 -11.33
N HIS A 61 6.78 -4.86 -10.81
CA HIS A 61 6.66 -4.48 -9.41
C HIS A 61 6.00 -3.11 -9.27
N TRP A 62 5.24 -2.92 -8.20
CA TRP A 62 4.56 -1.66 -7.95
C TRP A 62 4.87 -1.15 -6.55
N THR A 63 4.67 0.15 -6.34
CA THR A 63 4.92 0.77 -5.05
C THR A 63 4.04 1.99 -4.84
N ALA A 64 3.69 2.26 -3.58
CA ALA A 64 2.85 3.41 -3.25
C ALA A 64 3.43 4.19 -2.07
N LYS A 65 3.81 5.43 -2.34
CA LYS A 65 4.39 6.29 -1.30
C LYS A 65 3.77 7.68 -1.34
N ASN A 66 3.66 8.31 -0.17
CA ASN A 66 3.08 9.64 -0.07
C ASN A 66 4.03 10.60 0.65
N VAL A 67 4.71 10.08 1.66
CA VAL A 67 5.66 10.88 2.44
C VAL A 67 7.05 10.81 1.84
N GLY A 68 7.13 10.86 0.51
CA GLY A 68 8.42 10.80 -0.16
C GLY A 68 9.15 12.12 -0.12
N TRP A 69 8.55 13.11 0.53
CA TRP A 69 9.16 14.43 0.63
C TRP A 69 9.59 14.72 2.08
N ASN A 70 9.02 13.97 3.02
CA ASN A 70 9.34 14.15 4.42
C ASN A 70 9.61 12.80 5.09
N GLY A 71 8.55 12.02 5.27
CA GLY A 71 8.69 10.72 5.90
C GLY A 71 8.54 10.78 7.40
N THR A 72 9.07 11.84 8.00
CA THR A 72 9.00 12.01 9.45
C THR A 72 7.57 11.86 9.95
N LEU A 73 7.27 10.70 10.54
CA LEU A 73 5.93 10.44 11.05
C LEU A 73 5.98 10.15 12.55
N ALA A 74 4.83 10.29 13.21
CA ALA A 74 4.74 10.05 14.65
C ALA A 74 4.85 8.56 14.97
N PRO A 75 5.16 8.25 16.23
CA PRO A 75 5.31 6.86 16.68
C PRO A 75 3.97 6.12 16.72
N GLY A 76 2.89 6.88 16.67
CA GLY A 76 1.56 6.28 16.71
C GLY A 76 0.56 7.03 15.84
N ALA A 77 0.07 6.37 14.80
CA ALA A 77 -0.90 6.97 13.89
C ALA A 77 -1.36 5.97 12.84
N SER A 78 -2.37 6.37 12.07
CA SER A 78 -2.91 5.50 11.03
C SER A 78 -2.98 6.23 9.69
N VAL A 79 -2.49 5.57 8.64
CA VAL A 79 -2.49 6.16 7.31
C VAL A 79 -3.13 5.21 6.30
N SER A 80 -4.28 5.62 5.75
CA SER A 80 -4.99 4.81 4.77
C SER A 80 -4.89 5.42 3.37
N PHE A 81 -4.61 4.59 2.38
CA PHE A 81 -4.48 5.06 1.01
C PHE A 81 -5.13 4.06 0.04
N GLY A 82 -5.86 4.59 -0.93
CA GLY A 82 -6.52 3.73 -1.90
C GLY A 82 -6.31 4.21 -3.34
N PHE A 83 -6.71 3.39 -4.30
CA PHE A 83 -6.56 3.72 -5.70
C PHE A 83 -7.53 2.91 -6.56
N ASN A 84 -7.48 3.14 -7.88
CA ASN A 84 -8.34 2.43 -8.80
C ASN A 84 -7.52 1.74 -9.89
N GLY A 85 -7.75 0.43 -10.05
CA GLY A 85 -7.02 -0.33 -11.05
C GLY A 85 -7.94 -1.19 -11.90
N SER A 86 -7.48 -1.56 -13.08
CA SER A 86 -8.26 -2.39 -13.99
C SER A 86 -7.77 -3.84 -13.98
N GLY A 87 -8.58 -4.72 -13.40
CA GLY A 87 -8.21 -6.12 -13.34
C GLY A 87 -9.03 -6.89 -12.32
N PRO A 88 -8.53 -8.07 -11.91
CA PRO A 88 -9.22 -8.92 -10.94
C PRO A 88 -9.22 -8.32 -9.54
N GLY A 89 -8.12 -7.66 -9.18
CA GLY A 89 -8.02 -7.04 -7.87
C GLY A 89 -7.47 -7.99 -6.83
N SER A 90 -6.67 -8.97 -7.28
CA SER A 90 -6.07 -9.94 -6.38
C SER A 90 -4.56 -9.76 -6.31
N PRO A 91 -4.12 -8.73 -5.56
CA PRO A 91 -2.70 -8.42 -5.39
C PRO A 91 -1.98 -9.48 -4.55
N SER A 92 -0.65 -9.46 -4.60
CA SER A 92 0.16 -10.42 -3.84
C SER A 92 1.49 -9.80 -3.44
N ASN A 93 2.21 -10.49 -2.57
CA ASN A 93 3.51 -10.00 -2.09
C ASN A 93 3.36 -8.65 -1.42
N CYS A 94 2.52 -8.60 -0.39
CA CYS A 94 2.28 -7.36 0.35
C CYS A 94 3.45 -7.07 1.28
N LYS A 95 4.42 -6.29 0.80
CA LYS A 95 5.59 -5.93 1.58
C LYS A 95 5.72 -4.41 1.70
N LEU A 96 5.71 -3.90 2.92
CA LEU A 96 5.84 -2.47 3.16
C LEU A 96 6.98 -2.18 4.13
N ASN A 97 7.52 -0.96 4.05
CA ASN A 97 8.61 -0.56 4.93
C ASN A 97 9.85 -1.42 4.68
N GLY A 98 9.96 -1.96 3.47
CA GLY A 98 11.10 -2.80 3.13
C GLY A 98 10.91 -4.23 3.57
N GLY A 99 9.71 -4.77 3.36
CA GLY A 99 9.43 -6.13 3.75
C GLY A 99 8.79 -6.23 5.11
N SER A 100 7.53 -5.79 5.21
CA SER A 100 6.81 -5.82 6.49
C SER A 100 5.31 -5.85 6.25
N CYS A 101 4.63 -6.79 6.89
CA CYS A 101 3.18 -6.92 6.75
C CYS A 101 2.58 -7.67 7.94
N ASP A 102 1.26 -7.63 8.06
CA ASP A 102 0.57 -8.31 9.15
C ASP A 102 0.35 -9.78 8.81
N GLY A 103 1.43 -10.56 8.79
CA GLY A 103 1.33 -11.96 8.48
C GLY A 103 0.67 -12.22 7.14
N THR A 104 0.73 -11.23 6.25
CA THR A 104 0.13 -11.35 4.93
C THR A 104 1.11 -11.98 3.94
N SER A 105 0.57 -12.55 2.88
CA SER A 105 1.40 -13.20 1.85
C SER A 105 1.98 -12.16 0.90
N ALA A 1 12.39 -2.97 16.81
CA ALA A 1 13.14 -2.75 15.58
C ALA A 1 12.23 -2.22 14.48
N THR A 2 11.01 -2.74 14.42
CA THR A 2 10.04 -2.32 13.41
C THR A 2 8.65 -2.84 13.73
N SER A 3 7.76 -1.94 14.13
CA SER A 3 6.39 -2.31 14.48
C SER A 3 5.40 -1.63 13.54
N ALA A 4 5.00 -2.34 12.50
CA ALA A 4 4.04 -1.80 11.53
C ALA A 4 3.53 -2.90 10.59
N THR A 5 2.24 -2.87 10.30
CA THR A 5 1.63 -3.87 9.42
C THR A 5 0.57 -3.22 8.53
N ALA A 6 0.14 -3.97 7.52
CA ALA A 6 -0.87 -3.47 6.59
C ALA A 6 -1.87 -4.56 6.24
N THR A 7 -3.10 -4.16 5.90
CA THR A 7 -4.14 -5.11 5.53
C THR A 7 -4.90 -4.65 4.29
N PHE A 8 -4.88 -5.49 3.26
CA PHE A 8 -5.56 -5.17 2.01
C PHE A 8 -7.08 -5.11 2.22
N ALA A 9 -7.73 -4.23 1.48
CA ALA A 9 -9.17 -4.07 1.57
C ALA A 9 -9.78 -3.71 0.22
N LYS A 10 -11.08 -3.94 0.08
CA LYS A 10 -11.78 -3.64 -1.16
C LYS A 10 -12.62 -2.36 -1.03
N THR A 11 -12.65 -1.57 -2.09
CA THR A 11 -13.41 -0.33 -2.09
C THR A 11 -14.66 -0.44 -2.95
N SER A 12 -14.46 -0.66 -4.25
CA SER A 12 -15.57 -0.78 -5.18
C SER A 12 -15.07 -1.14 -6.58
N ASP A 13 -15.73 -2.09 -7.22
CA ASP A 13 -15.35 -2.53 -8.56
C ASP A 13 -16.50 -2.31 -9.54
N TRP A 14 -16.21 -1.61 -10.63
CA TRP A 14 -17.22 -1.33 -11.65
C TRP A 14 -16.91 -2.08 -12.94
N GLY A 15 -17.57 -3.22 -13.13
CA GLY A 15 -17.34 -4.02 -14.32
C GLY A 15 -16.00 -4.72 -14.32
N THR A 16 -14.99 -4.07 -14.89
CA THR A 16 -13.66 -4.64 -14.96
C THR A 16 -12.70 -3.90 -14.02
N GLY A 17 -13.09 -2.71 -13.60
CA GLY A 17 -12.27 -1.92 -12.70
C GLY A 17 -12.50 -2.27 -11.24
N PHE A 18 -11.46 -2.14 -10.44
CA PHE A 18 -11.56 -2.44 -9.00
C PHE A 18 -10.90 -1.34 -8.17
N GLY A 19 -11.41 -1.16 -6.96
CA GLY A 19 -10.86 -0.14 -6.08
C GLY A 19 -10.09 -0.73 -4.90
N GLY A 20 -8.78 -0.51 -4.89
CA GLY A 20 -7.96 -1.04 -3.82
C GLY A 20 -7.93 -0.13 -2.60
N SER A 21 -7.83 -0.73 -1.42
CA SER A 21 -7.80 0.04 -0.18
C SER A 21 -6.78 -0.55 0.80
N TRP A 22 -5.59 0.03 0.80
CA TRP A 22 -4.52 -0.43 1.69
C TRP A 22 -4.57 0.30 3.03
N THR A 23 -4.65 -0.46 4.12
CA THR A 23 -4.71 0.12 5.45
C THR A 23 -3.36 0.02 6.15
N VAL A 24 -2.63 1.13 6.18
CA VAL A 24 -1.31 1.16 6.81
C VAL A 24 -1.41 1.70 8.24
N LYS A 25 -0.79 1.00 9.17
CA LYS A 25 -0.80 1.39 10.57
C LYS A 25 0.55 1.12 11.23
N ASN A 26 1.11 2.14 11.88
CA ASN A 26 2.39 2.01 12.55
C ASN A 26 2.26 2.30 14.04
N THR A 27 2.83 1.40 14.85
CA THR A 27 2.77 1.55 16.30
C THR A 27 3.65 0.52 17.00
N GLY A 28 4.49 0.98 17.91
CA GLY A 28 5.38 0.09 18.63
C GLY A 28 6.83 0.53 18.58
N THR A 29 7.31 0.86 17.39
CA THR A 29 8.68 1.29 17.21
C THR A 29 8.83 2.79 17.52
N THR A 30 10.07 3.27 17.45
CA THR A 30 10.34 4.68 17.72
C THR A 30 9.64 5.59 16.73
N SER A 31 9.92 6.88 16.80
CA SER A 31 9.32 7.85 15.90
C SER A 31 9.49 7.44 14.45
N LEU A 32 8.38 7.35 13.73
CA LEU A 32 8.40 6.95 12.32
C LEU A 32 8.74 8.14 11.43
N SER A 33 8.69 7.92 10.12
CA SER A 33 8.98 8.98 9.15
C SER A 33 8.05 8.90 7.95
N SER A 34 7.98 7.72 7.34
CA SER A 34 7.14 7.50 6.17
C SER A 34 6.75 6.04 6.05
N TRP A 35 5.84 5.75 5.13
CA TRP A 35 5.38 4.38 4.90
C TRP A 35 5.46 4.01 3.43
N THR A 36 6.12 2.90 3.13
CA THR A 36 6.27 2.44 1.76
C THR A 36 5.65 1.06 1.57
N VAL A 37 4.45 1.02 0.99
CA VAL A 37 3.75 -0.23 0.74
C VAL A 37 3.89 -0.67 -0.70
N GLU A 38 4.71 -1.68 -0.94
CA GLU A 38 4.93 -2.20 -2.29
C GLU A 38 4.55 -3.67 -2.37
N TRP A 39 4.14 -4.09 -3.57
CA TRP A 39 3.74 -5.47 -3.79
C TRP A 39 3.96 -5.88 -5.24
N ASP A 40 3.88 -7.18 -5.51
CA ASP A 40 4.07 -7.70 -6.85
C ASP A 40 2.73 -7.93 -7.55
N PHE A 41 2.60 -7.39 -8.76
CA PHE A 41 1.36 -7.53 -9.53
C PHE A 41 1.59 -8.40 -10.76
N PRO A 42 1.65 -9.73 -10.56
CA PRO A 42 1.87 -10.69 -11.63
C PRO A 42 0.66 -10.80 -12.56
N THR A 43 -0.52 -10.97 -11.98
CA THR A 43 -1.74 -11.09 -12.75
C THR A 43 -2.15 -9.75 -13.35
N GLY A 44 -2.73 -9.79 -14.54
CA GLY A 44 -3.15 -8.56 -15.21
C GLY A 44 -3.70 -7.54 -14.23
N THR A 45 -2.85 -6.59 -13.84
CA THR A 45 -3.26 -5.55 -12.90
C THR A 45 -2.41 -4.29 -13.09
N LYS A 46 -2.97 -3.14 -12.72
CA LYS A 46 -2.27 -1.87 -12.85
C LYS A 46 -3.08 -0.74 -12.22
N VAL A 47 -2.43 0.05 -11.38
CA VAL A 47 -3.09 1.17 -10.71
C VAL A 47 -3.21 2.36 -11.65
N THR A 48 -4.31 2.42 -12.39
CA THR A 48 -4.55 3.52 -13.32
C THR A 48 -4.67 4.86 -12.59
N SER A 49 -5.33 4.83 -11.45
CA SER A 49 -5.51 6.04 -10.65
C SER A 49 -5.10 5.81 -9.19
N ALA A 50 -4.58 6.85 -8.55
CA ALA A 50 -4.15 6.76 -7.17
C ALA A 50 -4.42 8.07 -6.43
N TRP A 51 -5.05 7.96 -5.27
CA TRP A 51 -5.37 9.14 -4.46
C TRP A 51 -4.86 8.97 -3.02
N ASP A 52 -4.39 10.07 -2.44
CA ASP A 52 -3.88 10.04 -1.07
C ASP A 52 -2.64 9.16 -0.98
N ALA A 53 -2.05 8.84 -2.12
CA ALA A 53 -0.86 8.01 -2.18
C ALA A 53 -0.27 7.95 -3.59
N THR A 54 0.99 8.36 -3.71
CA THR A 54 1.66 8.37 -5.00
C THR A 54 2.12 6.97 -5.39
N VAL A 55 1.37 6.33 -6.28
CA VAL A 55 1.70 4.98 -6.73
C VAL A 55 2.66 5.02 -7.91
N THR A 56 3.54 4.02 -8.00
CA THR A 56 4.51 3.95 -9.08
C THR A 56 4.66 2.51 -9.58
N ASN A 57 4.79 2.36 -10.90
CA ASN A 57 4.93 1.04 -11.50
C ASN A 57 6.36 0.84 -12.00
N SER A 58 6.76 -0.42 -12.14
CA SER A 58 8.11 -0.76 -12.61
C SER A 58 8.15 -2.20 -13.13
N GLY A 59 7.81 -2.37 -14.40
CA GLY A 59 7.82 -3.69 -15.00
C GLY A 59 6.69 -4.57 -14.49
N ASP A 60 6.96 -5.32 -13.42
CA ASP A 60 5.97 -6.21 -12.84
C ASP A 60 5.80 -5.93 -11.34
N HIS A 61 6.46 -4.88 -10.86
CA HIS A 61 6.38 -4.51 -9.46
C HIS A 61 5.82 -3.09 -9.29
N TRP A 62 5.09 -2.87 -8.21
CA TRP A 62 4.50 -1.57 -7.94
C TRP A 62 4.84 -1.10 -6.53
N THR A 63 4.74 0.20 -6.30
CA THR A 63 5.04 0.79 -5.00
C THR A 63 4.14 1.98 -4.71
N ALA A 64 3.85 2.20 -3.43
CA ALA A 64 3.01 3.31 -3.02
C ALA A 64 3.66 4.11 -1.90
N LYS A 65 3.89 5.40 -2.15
CA LYS A 65 4.51 6.28 -1.16
C LYS A 65 3.77 7.60 -1.07
N ASN A 66 3.84 8.24 0.09
CA ASN A 66 3.18 9.51 0.32
C ASN A 66 4.14 10.53 0.93
N VAL A 67 4.79 10.13 2.01
CA VAL A 67 5.74 11.01 2.69
C VAL A 67 7.18 10.68 2.30
N GLY A 68 7.37 10.38 1.02
CA GLY A 68 8.70 10.06 0.52
C GLY A 68 9.57 11.29 0.33
N TRP A 69 9.00 12.45 0.60
CA TRP A 69 9.72 13.71 0.44
C TRP A 69 9.94 14.39 1.80
N ASN A 70 9.07 14.08 2.75
CA ASN A 70 9.16 14.66 4.09
C ASN A 70 9.64 13.61 5.10
N GLY A 71 9.03 12.43 5.05
CA GLY A 71 9.39 11.37 5.96
C GLY A 71 9.42 11.83 7.41
N THR A 72 8.31 12.37 7.88
CA THR A 72 8.21 12.85 9.25
C THR A 72 6.84 12.54 9.84
N LEU A 73 6.76 11.44 10.58
CA LEU A 73 5.51 11.03 11.22
C LEU A 73 5.75 10.54 12.64
N ALA A 74 4.69 10.53 13.44
CA ALA A 74 4.78 10.07 14.82
C ALA A 74 4.99 8.57 14.90
N PRO A 75 5.46 8.09 16.06
CA PRO A 75 5.71 6.66 16.28
C PRO A 75 4.43 5.85 16.36
N GLY A 76 3.29 6.55 16.39
CA GLY A 76 2.00 5.87 16.46
C GLY A 76 0.92 6.61 15.70
N ALA A 77 0.36 5.96 14.69
CA ALA A 77 -0.69 6.56 13.88
C ALA A 77 -1.18 5.59 12.81
N SER A 78 -2.25 5.98 12.13
CA SER A 78 -2.83 5.15 11.07
C SER A 78 -3.08 5.96 9.81
N VAL A 79 -2.65 5.43 8.67
CA VAL A 79 -2.81 6.10 7.40
C VAL A 79 -3.32 5.13 6.34
N SER A 80 -4.55 5.35 5.87
CA SER A 80 -5.16 4.50 4.86
C SER A 80 -5.27 5.24 3.53
N PHE A 81 -4.72 4.64 2.47
CA PHE A 81 -4.76 5.24 1.15
C PHE A 81 -5.47 4.32 0.16
N GLY A 82 -6.26 4.93 -0.73
CA GLY A 82 -6.98 4.14 -1.73
C GLY A 82 -6.54 4.45 -3.14
N PHE A 83 -6.95 3.61 -4.08
CA PHE A 83 -6.59 3.79 -5.48
C PHE A 83 -7.54 3.01 -6.40
N ASN A 84 -7.34 3.16 -7.70
CA ASN A 84 -8.18 2.48 -8.68
C ASN A 84 -7.33 1.81 -9.75
N GLY A 85 -7.56 0.51 -9.94
CA GLY A 85 -6.80 -0.23 -10.94
C GLY A 85 -7.69 -1.09 -11.81
N SER A 86 -7.25 -1.33 -13.05
CA SER A 86 -8.02 -2.14 -13.99
C SER A 86 -7.59 -3.60 -13.92
N GLY A 87 -8.47 -4.44 -13.38
CA GLY A 87 -8.17 -5.86 -13.26
C GLY A 87 -9.08 -6.56 -12.27
N PRO A 88 -8.66 -7.76 -11.84
CA PRO A 88 -9.43 -8.56 -10.87
C PRO A 88 -9.45 -7.93 -9.48
N GLY A 89 -8.31 -7.37 -9.08
CA GLY A 89 -8.23 -6.74 -7.76
C GLY A 89 -7.76 -7.71 -6.70
N SER A 90 -7.02 -8.73 -7.11
CA SER A 90 -6.52 -9.73 -6.18
C SER A 90 -5.00 -9.65 -6.05
N PRO A 91 -4.53 -8.64 -5.30
CA PRO A 91 -3.08 -8.43 -5.09
C PRO A 91 -2.46 -9.51 -4.20
N SER A 92 -1.15 -9.66 -4.31
CA SER A 92 -0.43 -10.66 -3.52
C SER A 92 0.97 -10.16 -3.17
N ASN A 93 1.67 -10.95 -2.36
CA ASN A 93 3.03 -10.60 -1.94
C ASN A 93 3.07 -9.18 -1.39
N CYS A 94 2.37 -8.97 -0.27
CA CYS A 94 2.33 -7.65 0.36
C CYS A 94 3.55 -7.45 1.26
N LYS A 95 4.23 -6.33 1.07
CA LYS A 95 5.41 -6.00 1.85
C LYS A 95 5.61 -4.50 1.97
N LEU A 96 6.07 -4.05 3.13
CA LEU A 96 6.31 -2.62 3.36
C LEU A 96 7.46 -2.41 4.33
N ASN A 97 8.07 -1.24 4.27
CA ASN A 97 9.19 -0.91 5.13
C ASN A 97 10.41 -1.76 4.82
N GLY A 98 10.67 -1.97 3.52
CA GLY A 98 11.79 -2.78 3.11
C GLY A 98 11.59 -4.25 3.40
N GLY A 99 10.38 -4.74 3.14
CA GLY A 99 10.08 -6.14 3.39
C GLY A 99 9.65 -6.40 4.82
N SER A 100 8.44 -5.96 5.16
CA SER A 100 7.91 -6.15 6.50
C SER A 100 6.39 -6.11 6.50
N CYS A 101 5.77 -7.27 6.61
CA CYS A 101 4.31 -7.37 6.63
C CYS A 101 3.87 -8.75 7.11
N ASP A 102 3.23 -8.78 8.28
CA ASP A 102 2.75 -10.03 8.86
C ASP A 102 1.49 -10.52 8.14
N GLY A 103 1.17 -11.79 8.32
CA GLY A 103 0.00 -12.35 7.68
C GLY A 103 0.01 -12.17 6.18
N THR A 104 1.19 -12.29 5.58
CA THR A 104 1.34 -12.14 4.14
C THR A 104 1.04 -13.45 3.42
N SER A 105 0.51 -13.33 2.20
CA SER A 105 0.16 -14.50 1.40
C SER A 105 0.35 -14.22 -0.09
N ALA A 1 13.59 -1.16 15.25
CA ALA A 1 12.93 -2.01 14.27
C ALA A 1 11.52 -1.51 13.96
N THR A 2 11.38 -0.78 12.85
CA THR A 2 10.08 -0.24 12.45
C THR A 2 9.04 -1.34 12.33
N SER A 3 7.98 -1.24 13.13
CA SER A 3 6.91 -2.22 13.12
C SER A 3 5.66 -1.66 12.43
N ALA A 4 5.52 -1.95 11.14
CA ALA A 4 4.37 -1.49 10.37
C ALA A 4 3.58 -2.66 9.81
N THR A 5 2.26 -2.60 9.95
CA THR A 5 1.40 -3.66 9.46
C THR A 5 0.49 -3.15 8.33
N ALA A 6 0.25 -4.00 7.34
CA ALA A 6 -0.60 -3.64 6.21
C ALA A 6 -1.74 -4.63 6.04
N THR A 7 -2.92 -4.11 5.72
CA THR A 7 -4.09 -4.95 5.53
C THR A 7 -4.86 -4.55 4.27
N PHE A 8 -4.91 -5.46 3.29
CA PHE A 8 -5.61 -5.19 2.04
C PHE A 8 -7.11 -5.09 2.27
N ALA A 9 -7.76 -4.21 1.50
CA ALA A 9 -9.20 -4.02 1.62
C ALA A 9 -9.82 -3.70 0.27
N LYS A 10 -11.15 -3.82 0.18
CA LYS A 10 -11.87 -3.54 -1.06
C LYS A 10 -12.65 -2.24 -0.96
N THR A 11 -12.65 -1.46 -2.03
CA THR A 11 -13.35 -0.19 -2.06
C THR A 11 -14.61 -0.28 -2.92
N SER A 12 -14.43 -0.55 -4.21
CA SER A 12 -15.55 -0.67 -5.13
C SER A 12 -15.08 -1.07 -6.52
N ASP A 13 -15.75 -2.05 -7.12
CA ASP A 13 -15.39 -2.52 -8.45
C ASP A 13 -16.55 -2.31 -9.43
N TRP A 14 -16.26 -1.67 -10.55
CA TRP A 14 -17.27 -1.39 -11.56
C TRP A 14 -17.00 -2.20 -12.82
N GLY A 15 -17.58 -3.40 -12.89
CA GLY A 15 -17.39 -4.25 -14.05
C GLY A 15 -16.01 -4.88 -14.09
N THR A 16 -15.08 -4.22 -14.78
CA THR A 16 -13.72 -4.73 -14.89
C THR A 16 -12.77 -3.97 -13.97
N GLY A 17 -13.20 -2.80 -13.52
CA GLY A 17 -12.39 -1.98 -12.64
C GLY A 17 -12.59 -2.34 -11.18
N PHE A 18 -11.53 -2.18 -10.39
CA PHE A 18 -11.59 -2.49 -8.96
C PHE A 18 -10.92 -1.39 -8.14
N GLY A 19 -11.43 -1.17 -6.92
CA GLY A 19 -10.86 -0.15 -6.06
C GLY A 19 -10.10 -0.74 -4.89
N GLY A 20 -8.79 -0.52 -4.88
CA GLY A 20 -7.97 -1.04 -3.80
C GLY A 20 -7.93 -0.12 -2.59
N SER A 21 -7.81 -0.71 -1.41
CA SER A 21 -7.77 0.06 -0.18
C SER A 21 -6.77 -0.53 0.81
N TRP A 22 -5.57 0.05 0.85
CA TRP A 22 -4.52 -0.43 1.75
C TRP A 22 -4.59 0.29 3.10
N THR A 23 -4.44 -0.47 4.17
CA THR A 23 -4.48 0.09 5.52
C THR A 23 -3.12 0.00 6.20
N VAL A 24 -2.45 1.15 6.32
CA VAL A 24 -1.14 1.20 6.96
C VAL A 24 -1.24 1.72 8.39
N LYS A 25 -0.60 1.00 9.32
CA LYS A 25 -0.62 1.38 10.72
C LYS A 25 0.76 1.19 11.35
N ASN A 26 1.30 2.27 11.92
CA ASN A 26 2.61 2.21 12.55
C ASN A 26 2.49 2.41 14.06
N THR A 27 3.05 1.48 14.83
CA THR A 27 3.00 1.55 16.28
C THR A 27 3.95 0.55 16.92
N GLY A 28 4.48 0.90 18.09
CA GLY A 28 5.40 0.02 18.77
C GLY A 28 6.85 0.45 18.62
N THR A 29 7.21 0.90 17.42
CA THR A 29 8.56 1.35 17.15
C THR A 29 8.74 2.83 17.46
N THR A 30 9.98 3.30 17.46
CA THR A 30 10.28 4.70 17.75
C THR A 30 9.60 5.62 16.75
N SER A 31 9.92 6.91 16.82
CA SER A 31 9.35 7.90 15.93
C SER A 31 9.50 7.47 14.47
N LEU A 32 8.38 7.45 13.75
CA LEU A 32 8.39 7.05 12.34
C LEU A 32 8.70 8.24 11.45
N SER A 33 8.64 8.02 10.13
CA SER A 33 8.93 9.08 9.17
C SER A 33 7.99 8.97 7.97
N SER A 34 7.94 7.79 7.35
CA SER A 34 7.09 7.57 6.20
C SER A 34 6.71 6.09 6.09
N TRP A 35 5.87 5.78 5.10
CA TRP A 35 5.44 4.40 4.89
C TRP A 35 5.50 4.04 3.40
N THR A 36 6.18 2.95 3.10
CA THR A 36 6.32 2.48 1.72
C THR A 36 5.73 1.09 1.54
N VAL A 37 4.53 1.03 0.98
CA VAL A 37 3.85 -0.24 0.74
C VAL A 37 3.98 -0.68 -0.70
N GLU A 38 4.84 -1.66 -0.96
CA GLU A 38 5.05 -2.17 -2.31
C GLU A 38 4.68 -3.64 -2.40
N TRP A 39 4.19 -4.05 -3.56
CA TRP A 39 3.80 -5.44 -3.79
C TRP A 39 4.02 -5.85 -5.24
N ASP A 40 3.94 -7.14 -5.50
CA ASP A 40 4.12 -7.66 -6.85
C ASP A 40 2.78 -7.89 -7.54
N PHE A 41 2.63 -7.36 -8.74
CA PHE A 41 1.40 -7.50 -9.51
C PHE A 41 1.62 -8.37 -10.74
N PRO A 42 1.69 -9.70 -10.54
CA PRO A 42 1.90 -10.66 -11.61
C PRO A 42 0.68 -10.77 -12.54
N THR A 43 -0.49 -10.96 -11.94
CA THR A 43 -1.72 -11.08 -12.71
C THR A 43 -2.13 -9.74 -13.31
N GLY A 44 -2.72 -9.78 -14.50
CA GLY A 44 -3.15 -8.56 -15.16
C GLY A 44 -3.69 -7.53 -14.18
N THR A 45 -2.85 -6.58 -13.80
CA THR A 45 -3.25 -5.53 -12.86
C THR A 45 -2.41 -4.28 -13.05
N LYS A 46 -2.98 -3.13 -12.69
CA LYS A 46 -2.28 -1.86 -12.82
C LYS A 46 -3.09 -0.73 -12.19
N VAL A 47 -2.44 0.07 -11.34
CA VAL A 47 -3.10 1.19 -10.68
C VAL A 47 -3.22 2.38 -11.61
N THR A 48 -4.32 2.43 -12.37
CA THR A 48 -4.56 3.51 -13.30
C THR A 48 -4.72 4.84 -12.57
N SER A 49 -5.39 4.80 -11.42
CA SER A 49 -5.61 6.00 -10.62
C SER A 49 -5.16 5.79 -9.18
N ALA A 50 -4.64 6.85 -8.56
CA ALA A 50 -4.17 6.78 -7.19
C ALA A 50 -4.44 8.09 -6.46
N TRP A 51 -5.04 8.00 -5.27
CA TRP A 51 -5.34 9.17 -4.47
C TRP A 51 -4.84 9.01 -3.04
N ASP A 52 -4.35 10.09 -2.46
CA ASP A 52 -3.84 10.07 -1.10
C ASP A 52 -2.62 9.16 -0.99
N ALA A 53 -2.03 8.83 -2.14
CA ALA A 53 -0.86 7.96 -2.17
C ALA A 53 -0.29 7.89 -3.58
N THR A 54 0.97 8.32 -3.72
CA THR A 54 1.63 8.30 -5.03
C THR A 54 2.10 6.90 -5.38
N VAL A 55 1.40 6.25 -6.31
CA VAL A 55 1.75 4.91 -6.73
C VAL A 55 2.66 4.94 -7.96
N THR A 56 3.65 4.04 -7.98
CA THR A 56 4.59 3.97 -9.09
C THR A 56 4.76 2.54 -9.56
N ASN A 57 4.88 2.37 -10.88
CA ASN A 57 5.04 1.04 -11.47
C ASN A 57 6.46 0.87 -12.02
N SER A 58 6.90 -0.38 -12.11
CA SER A 58 8.23 -0.69 -12.62
C SER A 58 8.31 -2.13 -13.11
N GLY A 59 7.92 -2.34 -14.36
CA GLY A 59 7.96 -3.67 -14.93
C GLY A 59 6.81 -4.55 -14.44
N ASP A 60 7.07 -5.30 -13.38
CA ASP A 60 6.05 -6.18 -12.81
C ASP A 60 5.88 -5.92 -11.32
N HIS A 61 6.52 -4.86 -10.83
CA HIS A 61 6.43 -4.50 -9.42
C HIS A 61 5.88 -3.08 -9.26
N TRP A 62 5.12 -2.87 -8.20
CA TRP A 62 4.52 -1.56 -7.93
C TRP A 62 4.87 -1.09 -6.51
N THR A 63 4.78 0.22 -6.30
CA THR A 63 5.09 0.79 -5.00
C THR A 63 4.18 1.98 -4.70
N ALA A 64 3.90 2.19 -3.41
CA ALA A 64 3.05 3.30 -2.99
C ALA A 64 3.71 4.10 -1.87
N LYS A 65 3.89 5.40 -2.13
CA LYS A 65 4.50 6.29 -1.15
C LYS A 65 3.73 7.60 -1.04
N ASN A 66 3.82 8.25 0.12
CA ASN A 66 3.14 9.51 0.34
C ASN A 66 4.08 10.54 0.95
N VAL A 67 4.75 10.16 2.03
CA VAL A 67 5.70 11.05 2.70
C VAL A 67 7.13 10.74 2.29
N GLY A 68 7.33 10.44 1.02
CA GLY A 68 8.65 10.13 0.52
C GLY A 68 9.50 11.37 0.31
N TRP A 69 8.92 12.53 0.59
CA TRP A 69 9.63 13.79 0.42
C TRP A 69 9.83 14.48 1.78
N ASN A 70 8.99 14.13 2.74
CA ASN A 70 9.07 14.72 4.07
C ASN A 70 9.55 13.69 5.09
N GLY A 71 8.96 12.51 5.05
CA GLY A 71 9.34 11.45 5.97
C GLY A 71 9.37 11.93 7.42
N THR A 72 8.24 12.45 7.88
CA THR A 72 8.13 12.94 9.25
C THR A 72 6.77 12.63 9.85
N LEU A 73 6.70 11.53 10.59
CA LEU A 73 5.44 11.11 11.22
C LEU A 73 5.69 10.62 12.64
N ALA A 74 4.63 10.60 13.44
CA ALA A 74 4.74 10.14 14.83
C ALA A 74 4.96 8.63 14.90
N PRO A 75 5.43 8.15 16.06
CA PRO A 75 5.70 6.73 16.27
C PRO A 75 4.41 5.90 16.35
N GLY A 76 3.29 6.58 16.57
CA GLY A 76 2.02 5.89 16.66
C GLY A 76 0.92 6.61 15.89
N ALA A 77 0.40 5.95 14.86
CA ALA A 77 -0.66 6.53 14.04
C ALA A 77 -1.11 5.57 12.95
N SER A 78 -2.17 5.92 12.25
CA SER A 78 -2.70 5.08 11.17
C SER A 78 -2.99 5.92 9.93
N VAL A 79 -2.52 5.44 8.78
CA VAL A 79 -2.73 6.14 7.52
C VAL A 79 -3.20 5.18 6.43
N SER A 80 -4.40 5.41 5.92
CA SER A 80 -4.96 4.57 4.87
C SER A 80 -5.06 5.33 3.55
N PHE A 81 -4.73 4.64 2.46
CA PHE A 81 -4.77 5.25 1.13
C PHE A 81 -5.50 4.34 0.14
N GLY A 82 -6.30 4.94 -0.72
CA GLY A 82 -7.04 4.18 -1.71
C GLY A 82 -6.61 4.49 -3.13
N PHE A 83 -6.97 3.60 -4.06
CA PHE A 83 -6.60 3.78 -5.46
C PHE A 83 -7.55 3.00 -6.37
N ASN A 84 -7.34 3.14 -7.68
CA ASN A 84 -8.18 2.44 -8.65
C ASN A 84 -7.33 1.77 -9.72
N GLY A 85 -7.56 0.48 -9.94
CA GLY A 85 -6.79 -0.25 -10.94
C GLY A 85 -7.68 -1.13 -11.80
N SER A 86 -7.24 -1.37 -13.04
CA SER A 86 -8.00 -2.19 -13.97
C SER A 86 -7.54 -3.64 -13.90
N GLY A 87 -8.41 -4.50 -13.37
CA GLY A 87 -8.09 -5.91 -13.25
C GLY A 87 -9.00 -6.64 -12.29
N PRO A 88 -8.57 -7.83 -11.84
CA PRO A 88 -9.35 -8.65 -10.91
C PRO A 88 -9.40 -8.05 -9.51
N GLY A 89 -8.30 -7.44 -9.10
CA GLY A 89 -8.25 -6.82 -7.78
C GLY A 89 -7.75 -7.78 -6.72
N SER A 90 -6.97 -8.77 -7.13
CA SER A 90 -6.43 -9.76 -6.20
C SER A 90 -4.91 -9.62 -6.08
N PRO A 91 -4.47 -8.60 -5.33
CA PRO A 91 -3.05 -8.33 -5.10
C PRO A 91 -2.40 -9.38 -4.22
N SER A 92 -1.09 -9.53 -4.36
CA SER A 92 -0.34 -10.50 -3.56
C SER A 92 1.08 -10.01 -3.29
N ASN A 93 1.79 -10.72 -2.42
CA ASN A 93 3.15 -10.35 -2.07
C ASN A 93 3.21 -8.91 -1.55
N CYS A 94 2.58 -8.67 -0.40
CA CYS A 94 2.56 -7.34 0.18
C CYS A 94 3.75 -7.14 1.12
N LYS A 95 4.74 -6.38 0.66
CA LYS A 95 5.94 -6.12 1.45
C LYS A 95 6.17 -4.62 1.60
N LEU A 96 6.16 -4.15 2.85
CA LEU A 96 6.37 -2.74 3.13
C LEU A 96 7.48 -2.55 4.16
N ASN A 97 8.10 -1.37 4.13
CA ASN A 97 9.18 -1.06 5.07
C ASN A 97 10.38 -1.98 4.83
N GLY A 98 10.52 -2.46 3.60
CA GLY A 98 11.63 -3.34 3.27
C GLY A 98 11.34 -4.79 3.62
N GLY A 99 10.12 -5.23 3.34
CA GLY A 99 9.74 -6.60 3.63
C GLY A 99 9.07 -6.73 4.98
N SER A 100 7.84 -6.22 5.09
CA SER A 100 7.09 -6.27 6.33
C SER A 100 5.59 -6.18 6.07
N CYS A 101 4.83 -7.08 6.68
CA CYS A 101 3.38 -7.10 6.52
C CYS A 101 2.73 -8.12 7.46
N ASP A 102 1.64 -7.72 8.09
CA ASP A 102 0.93 -8.59 9.02
C ASP A 102 -0.54 -8.69 8.66
N GLY A 103 -1.19 -9.75 9.11
CA GLY A 103 -2.60 -9.95 8.81
C GLY A 103 -2.87 -10.10 7.33
N THR A 104 -1.83 -10.46 6.59
CA THR A 104 -1.96 -10.65 5.14
C THR A 104 -0.72 -11.29 4.56
N SER A 105 -0.69 -11.44 3.24
CA SER A 105 0.45 -12.05 2.56
C SER A 105 0.86 -11.21 1.35
N ALA A 1 -0.24 -5.72 18.23
CA ALA A 1 1.14 -5.91 17.81
C ALA A 1 2.02 -4.78 18.34
N THR A 2 3.33 -4.88 18.05
CA THR A 2 4.28 -3.86 18.50
C THR A 2 5.15 -3.38 17.34
N SER A 3 4.54 -3.25 16.17
CA SER A 3 5.27 -2.80 14.99
C SER A 3 4.32 -2.24 13.94
N ALA A 4 4.86 -1.87 12.79
CA ALA A 4 4.05 -1.32 11.71
C ALA A 4 3.58 -2.42 10.75
N THR A 5 2.31 -2.37 10.37
CA THR A 5 1.74 -3.36 9.47
C THR A 5 0.67 -2.74 8.59
N ALA A 6 0.29 -3.47 7.53
CA ALA A 6 -0.73 -2.99 6.61
C ALA A 6 -1.59 -4.15 6.12
N THR A 7 -2.79 -3.81 5.63
CA THR A 7 -3.72 -4.82 5.12
C THR A 7 -4.45 -4.32 3.88
N PHE A 8 -4.78 -5.23 2.98
CA PHE A 8 -5.48 -4.88 1.75
C PHE A 8 -6.99 -4.89 1.97
N ALA A 9 -7.69 -4.01 1.28
CA ALA A 9 -9.14 -3.92 1.39
C ALA A 9 -9.78 -3.61 0.04
N LYS A 10 -11.11 -3.59 0.02
CA LYS A 10 -11.84 -3.30 -1.21
C LYS A 10 -12.60 -1.98 -1.10
N THR A 11 -12.91 -1.37 -2.24
CA THR A 11 -13.63 -0.11 -2.28
C THR A 11 -14.86 -0.20 -3.17
N SER A 12 -14.65 -0.59 -4.42
CA SER A 12 -15.74 -0.72 -5.38
C SER A 12 -15.23 -1.20 -6.73
N ASP A 13 -15.90 -2.20 -7.29
CA ASP A 13 -15.52 -2.76 -8.58
C ASP A 13 -16.62 -2.54 -9.61
N TRP A 14 -16.24 -1.97 -10.75
CA TRP A 14 -17.21 -1.70 -11.82
C TRP A 14 -16.94 -2.61 -13.02
N GLY A 15 -17.44 -3.84 -12.96
CA GLY A 15 -17.25 -4.78 -14.05
C GLY A 15 -15.84 -5.32 -14.10
N THR A 16 -14.96 -4.61 -14.81
CA THR A 16 -13.57 -5.02 -14.93
C THR A 16 -12.67 -4.24 -14.00
N GLY A 17 -13.17 -3.11 -13.51
CA GLY A 17 -12.40 -2.28 -12.60
C GLY A 17 -12.59 -2.67 -11.15
N PHE A 18 -11.61 -2.34 -10.32
CA PHE A 18 -11.67 -2.67 -8.90
C PHE A 18 -11.03 -1.57 -8.05
N GLY A 19 -11.58 -1.34 -6.87
CA GLY A 19 -11.06 -0.30 -5.99
C GLY A 19 -10.27 -0.88 -4.84
N GLY A 20 -9.00 -0.50 -4.73
CA GLY A 20 -8.16 -1.01 -3.66
C GLY A 20 -8.09 -0.04 -2.49
N SER A 21 -7.92 -0.59 -1.29
CA SER A 21 -7.84 0.22 -0.08
C SER A 21 -6.82 -0.35 0.89
N TRP A 22 -5.63 0.24 0.89
CA TRP A 22 -4.55 -0.21 1.77
C TRP A 22 -4.59 0.54 3.10
N THR A 23 -4.78 -0.20 4.18
CA THR A 23 -4.83 0.40 5.51
C THR A 23 -3.50 0.24 6.24
N VAL A 24 -2.84 1.36 6.49
CA VAL A 24 -1.55 1.35 7.19
C VAL A 24 -1.69 1.86 8.61
N LYS A 25 -1.13 1.12 9.56
CA LYS A 25 -1.19 1.51 10.97
C LYS A 25 0.14 1.20 11.67
N ASN A 26 0.77 2.25 12.18
CA ASN A 26 2.05 2.09 12.88
C ASN A 26 1.86 2.25 14.39
N THR A 27 2.39 1.30 15.14
CA THR A 27 2.29 1.32 16.59
C THR A 27 3.27 0.34 17.24
N GLY A 28 3.88 0.76 18.33
CA GLY A 28 4.84 -0.08 19.02
C GLY A 28 6.25 0.09 18.51
N THR A 29 6.39 0.09 17.18
CA THR A 29 7.71 0.25 16.56
C THR A 29 8.39 1.52 17.01
N THR A 30 9.60 1.75 16.55
CA THR A 30 10.37 2.93 16.91
C THR A 30 9.93 4.14 16.09
N SER A 31 10.44 5.31 16.44
CA SER A 31 10.11 6.54 15.73
C SER A 31 10.28 6.37 14.23
N LEU A 32 9.17 6.33 13.50
CA LEU A 32 9.21 6.17 12.05
C LEU A 32 9.48 7.50 11.37
N SER A 33 9.45 7.49 10.04
CA SER A 33 9.69 8.71 9.26
C SER A 33 8.84 8.73 8.01
N SER A 34 8.92 7.66 7.22
CA SER A 34 8.15 7.55 5.98
C SER A 34 7.63 6.13 5.79
N TRP A 35 6.40 6.02 5.28
CA TRP A 35 5.80 4.71 5.04
C TRP A 35 5.64 4.46 3.55
N THR A 36 6.15 3.31 3.10
CA THR A 36 6.07 2.94 1.69
C THR A 36 5.44 1.56 1.52
N VAL A 37 4.26 1.53 0.92
CA VAL A 37 3.54 0.28 0.69
C VAL A 37 3.70 -0.19 -0.76
N GLU A 38 4.53 -1.21 -0.95
CA GLU A 38 4.76 -1.75 -2.29
C GLU A 38 4.44 -3.24 -2.34
N TRP A 39 4.10 -3.72 -3.52
CA TRP A 39 3.76 -5.13 -3.70
C TRP A 39 4.01 -5.57 -5.14
N ASP A 40 3.96 -6.87 -5.38
CA ASP A 40 4.20 -7.42 -6.71
C ASP A 40 2.87 -7.72 -7.40
N PHE A 41 2.74 -7.25 -8.64
CA PHE A 41 1.51 -7.46 -9.41
C PHE A 41 1.78 -8.38 -10.61
N PRO A 42 1.92 -9.68 -10.34
CA PRO A 42 2.17 -10.69 -11.37
C PRO A 42 0.97 -10.90 -12.28
N THR A 43 -0.20 -11.11 -11.68
CA THR A 43 -1.42 -11.34 -12.43
C THR A 43 -1.89 -10.05 -13.11
N GLY A 44 -2.47 -10.18 -14.30
CA GLY A 44 -2.95 -9.03 -15.03
C GLY A 44 -3.54 -7.97 -14.11
N THR A 45 -2.75 -6.94 -13.81
CA THR A 45 -3.19 -5.86 -12.94
C THR A 45 -2.44 -4.57 -13.24
N LYS A 46 -3.03 -3.44 -12.87
CA LYS A 46 -2.42 -2.14 -13.10
C LYS A 46 -3.23 -1.03 -12.44
N VAL A 47 -2.56 -0.17 -11.69
CA VAL A 47 -3.23 0.93 -11.01
C VAL A 47 -3.26 2.18 -11.90
N THR A 48 -4.44 2.48 -12.43
CA THR A 48 -4.62 3.63 -13.29
C THR A 48 -4.75 4.91 -12.48
N SER A 49 -5.40 4.82 -11.33
CA SER A 49 -5.61 5.96 -10.45
C SER A 49 -5.12 5.67 -9.05
N ALA A 50 -4.62 6.69 -8.37
CA ALA A 50 -4.11 6.55 -7.01
C ALA A 50 -4.14 7.88 -6.26
N TRP A 51 -4.45 7.81 -4.97
CA TRP A 51 -4.51 9.02 -4.15
C TRP A 51 -3.99 8.75 -2.75
N ASP A 52 -3.46 9.79 -2.10
CA ASP A 52 -2.93 9.65 -0.75
C ASP A 52 -1.70 8.74 -0.74
N ALA A 53 -1.16 8.47 -1.92
CA ALA A 53 0.00 7.60 -2.04
C ALA A 53 0.53 7.59 -3.48
N THR A 54 1.72 8.15 -3.67
CA THR A 54 2.34 8.21 -4.99
C THR A 54 2.66 6.80 -5.51
N VAL A 55 1.70 6.22 -6.23
CA VAL A 55 1.88 4.89 -6.79
C VAL A 55 2.69 4.94 -8.09
N THR A 56 3.89 4.39 -8.04
CA THR A 56 4.76 4.37 -9.22
C THR A 56 5.04 2.94 -9.68
N ASN A 57 4.64 2.64 -10.91
CA ASN A 57 4.84 1.31 -11.46
C ASN A 57 6.27 1.13 -11.95
N SER A 58 6.70 -0.12 -12.11
CA SER A 58 8.04 -0.42 -12.56
C SER A 58 8.13 -1.86 -13.08
N GLY A 59 7.79 -2.04 -14.36
CA GLY A 59 7.84 -3.36 -14.95
C GLY A 59 6.76 -4.27 -14.42
N ASP A 60 7.07 -4.98 -13.33
CA ASP A 60 6.11 -5.90 -12.72
C ASP A 60 5.94 -5.59 -11.23
N HIS A 61 6.56 -4.50 -10.79
CA HIS A 61 6.46 -4.10 -9.39
C HIS A 61 5.73 -2.77 -9.25
N TRP A 62 5.00 -2.61 -8.14
CA TRP A 62 4.26 -1.38 -7.89
C TRP A 62 4.44 -0.92 -6.45
N THR A 63 4.97 0.28 -6.30
CA THR A 63 5.21 0.85 -4.98
C THR A 63 4.46 2.17 -4.80
N ALA A 64 4.04 2.45 -3.57
CA ALA A 64 3.31 3.68 -3.27
C ALA A 64 3.94 4.41 -2.09
N LYS A 65 3.97 5.74 -2.17
CA LYS A 65 4.55 6.55 -1.11
C LYS A 65 3.89 7.93 -1.06
N ASN A 66 3.32 8.26 0.09
CA ASN A 66 2.64 9.54 0.27
C ASN A 66 3.60 10.57 0.88
N VAL A 67 4.51 10.09 1.72
CA VAL A 67 5.48 10.97 2.38
C VAL A 67 6.86 10.82 1.75
N GLY A 68 6.89 10.66 0.43
CA GLY A 68 8.16 10.52 -0.27
C GLY A 68 8.87 11.85 -0.48
N TRP A 69 8.25 12.92 0.00
CA TRP A 69 8.82 14.25 -0.15
C TRP A 69 9.16 14.85 1.21
N ASN A 70 8.36 14.51 2.22
CA ASN A 70 8.57 15.02 3.57
C ASN A 70 9.22 13.95 4.45
N GLY A 71 8.82 12.70 4.24
CA GLY A 71 9.39 11.61 5.02
C GLY A 71 9.32 11.88 6.52
N THR A 72 8.16 12.31 6.99
CA THR A 72 7.98 12.61 8.41
C THR A 72 6.80 11.82 8.98
N LEU A 73 7.09 10.95 9.94
CA LEU A 73 6.06 10.14 10.57
C LEU A 73 6.42 9.83 12.02
N ALA A 74 5.42 9.44 12.81
CA ALA A 74 5.64 9.11 14.21
C ALA A 74 5.57 7.61 14.44
N PRO A 75 6.09 7.15 15.59
CA PRO A 75 6.08 5.73 15.96
C PRO A 75 4.68 5.21 16.26
N GLY A 76 3.71 6.12 16.32
CA GLY A 76 2.35 5.73 16.61
C GLY A 76 1.33 6.59 15.87
N ALA A 77 0.59 5.97 14.95
CA ALA A 77 -0.42 6.68 14.17
C ALA A 77 -1.10 5.74 13.19
N SER A 78 -2.14 6.25 12.53
CA SER A 78 -2.89 5.45 11.56
C SER A 78 -3.13 6.25 10.27
N VAL A 79 -2.84 5.63 9.14
CA VAL A 79 -3.02 6.27 7.85
C VAL A 79 -3.46 5.27 6.78
N SER A 80 -4.48 5.63 6.02
CA SER A 80 -5.00 4.75 4.97
C SER A 80 -5.07 5.50 3.64
N PHE A 81 -4.68 4.82 2.57
CA PHE A 81 -4.70 5.41 1.23
C PHE A 81 -5.42 4.49 0.24
N GLY A 82 -6.29 5.07 -0.58
CA GLY A 82 -7.02 4.29 -1.56
C GLY A 82 -6.52 4.51 -2.97
N PHE A 83 -7.10 3.82 -3.92
CA PHE A 83 -6.71 3.94 -5.32
C PHE A 83 -7.64 3.13 -6.23
N ASN A 84 -7.45 3.27 -7.54
CA ASN A 84 -8.27 2.56 -8.50
C ASN A 84 -7.40 1.76 -9.47
N GLY A 85 -7.78 0.50 -9.69
CA GLY A 85 -7.02 -0.35 -10.60
C GLY A 85 -7.92 -1.22 -11.46
N SER A 86 -7.42 -1.59 -12.64
CA SER A 86 -8.17 -2.42 -13.56
C SER A 86 -7.70 -3.87 -13.52
N GLY A 87 -8.59 -4.77 -13.12
CA GLY A 87 -8.23 -6.18 -13.04
C GLY A 87 -9.06 -6.94 -12.03
N PRO A 88 -8.55 -8.10 -11.59
CA PRO A 88 -9.24 -8.94 -10.60
C PRO A 88 -9.25 -8.31 -9.21
N GLY A 89 -8.17 -7.61 -8.88
CA GLY A 89 -8.08 -6.97 -7.57
C GLY A 89 -7.52 -7.90 -6.51
N SER A 90 -6.71 -8.86 -6.94
CA SER A 90 -6.11 -9.81 -6.02
C SER A 90 -4.60 -9.61 -5.93
N PRO A 91 -4.18 -8.56 -5.22
CA PRO A 91 -2.76 -8.23 -5.04
C PRO A 91 -2.04 -9.23 -4.15
N SER A 92 -0.71 -9.27 -4.27
CA SER A 92 0.09 -10.20 -3.47
C SER A 92 1.45 -9.59 -3.17
N ASN A 93 2.25 -10.30 -2.37
CA ASN A 93 3.58 -9.84 -1.99
C ASN A 93 3.51 -8.49 -1.29
N CYS A 94 2.70 -8.42 -0.25
CA CYS A 94 2.54 -7.19 0.52
C CYS A 94 3.77 -6.92 1.37
N LYS A 95 4.62 -6.00 0.91
CA LYS A 95 5.83 -5.65 1.63
C LYS A 95 5.97 -4.14 1.77
N LEU A 96 6.00 -3.67 3.02
CA LEU A 96 6.12 -2.24 3.30
C LEU A 96 7.26 -1.97 4.27
N ASN A 97 7.80 -0.76 4.22
CA ASN A 97 8.89 -0.36 5.10
C ASN A 97 10.14 -1.20 4.81
N GLY A 98 10.25 -1.69 3.58
CA GLY A 98 11.39 -2.51 3.20
C GLY A 98 11.22 -3.96 3.57
N GLY A 99 10.02 -4.49 3.33
CA GLY A 99 9.74 -5.88 3.66
C GLY A 99 9.14 -6.06 5.03
N SER A 100 7.87 -5.69 5.16
CA SER A 100 7.18 -5.80 6.44
C SER A 100 5.67 -5.90 6.23
N CYS A 101 5.05 -6.90 6.86
CA CYS A 101 3.61 -7.10 6.75
C CYS A 101 3.16 -8.29 7.59
N ASP A 102 1.86 -8.35 7.88
CA ASP A 102 1.31 -9.44 8.67
C ASP A 102 0.13 -10.09 7.95
N GLY A 103 0.39 -11.20 7.26
CA GLY A 103 -0.67 -11.89 6.55
C GLY A 103 -0.53 -11.75 5.05
N THR A 104 0.71 -11.85 4.56
CA THR A 104 0.97 -11.75 3.13
C THR A 104 0.25 -12.83 2.35
N SER A 105 0.12 -12.63 1.03
CA SER A 105 -0.55 -13.59 0.17
C SER A 105 0.16 -13.71 -1.17
N ALA A 1 14.52 -1.41 13.64
CA ALA A 1 13.42 -2.31 13.98
C ALA A 1 12.24 -1.53 14.57
N THR A 2 11.14 -1.49 13.83
CA THR A 2 9.95 -0.78 14.29
C THR A 2 8.70 -1.63 14.09
N SER A 3 7.63 -1.29 14.82
CA SER A 3 6.38 -2.02 14.73
C SER A 3 5.44 -1.36 13.73
N ALA A 4 5.35 -1.93 12.53
CA ALA A 4 4.47 -1.40 11.50
C ALA A 4 3.88 -2.51 10.66
N THR A 5 2.58 -2.42 10.40
CA THR A 5 1.87 -3.43 9.60
C THR A 5 0.70 -2.81 8.85
N ALA A 6 0.17 -3.55 7.89
CA ALA A 6 -0.96 -3.09 7.10
C ALA A 6 -1.86 -4.25 6.68
N THR A 7 -3.08 -3.93 6.25
CA THR A 7 -4.03 -4.94 5.82
C THR A 7 -4.67 -4.56 4.49
N PHE A 8 -5.00 -5.58 3.69
CA PHE A 8 -5.61 -5.36 2.39
C PHE A 8 -7.13 -5.26 2.51
N ALA A 9 -7.74 -4.42 1.67
CA ALA A 9 -9.18 -4.24 1.69
C ALA A 9 -9.70 -3.81 0.32
N LYS A 10 -10.91 -4.23 -0.01
CA LYS A 10 -11.52 -3.89 -1.29
C LYS A 10 -12.35 -2.61 -1.17
N THR A 11 -12.37 -1.82 -2.23
CA THR A 11 -13.13 -0.58 -2.25
C THR A 11 -14.40 -0.71 -3.10
N SER A 12 -14.21 -0.94 -4.40
CA SER A 12 -15.33 -1.09 -5.32
C SER A 12 -14.84 -1.52 -6.70
N ASP A 13 -15.43 -2.60 -7.21
CA ASP A 13 -15.07 -3.13 -8.52
C ASP A 13 -16.24 -3.04 -9.49
N TRP A 14 -15.99 -2.43 -10.64
CA TRP A 14 -17.03 -2.28 -11.66
C TRP A 14 -16.75 -3.16 -12.87
N GLY A 15 -17.11 -4.44 -12.76
CA GLY A 15 -16.87 -5.37 -13.86
C GLY A 15 -15.41 -5.74 -14.01
N THR A 16 -14.69 -4.96 -14.81
CA THR A 16 -13.27 -5.22 -15.05
C THR A 16 -12.40 -4.34 -14.15
N GLY A 17 -13.00 -3.30 -13.59
CA GLY A 17 -12.27 -2.39 -12.73
C GLY A 17 -12.33 -2.81 -11.27
N PHE A 18 -11.35 -2.38 -10.48
CA PHE A 18 -11.30 -2.73 -9.07
C PHE A 18 -10.72 -1.57 -8.26
N GLY A 19 -11.26 -1.37 -7.05
CA GLY A 19 -10.79 -0.30 -6.20
C GLY A 19 -9.93 -0.79 -5.06
N GLY A 20 -8.66 -0.40 -5.06
CA GLY A 20 -7.75 -0.82 -4.02
C GLY A 20 -7.94 -0.04 -2.73
N SER A 21 -7.84 -0.73 -1.59
CA SER A 21 -8.01 -0.09 -0.29
C SER A 21 -7.02 -0.66 0.71
N TRP A 22 -5.89 0.02 0.86
CA TRP A 22 -4.85 -0.42 1.80
C TRP A 22 -4.92 0.38 3.09
N THR A 23 -4.52 -0.24 4.20
CA THR A 23 -4.54 0.42 5.50
C THR A 23 -3.21 0.25 6.21
N VAL A 24 -2.45 1.35 6.30
CA VAL A 24 -1.15 1.34 6.95
C VAL A 24 -1.24 1.91 8.36
N LYS A 25 -0.67 1.20 9.32
CA LYS A 25 -0.67 1.63 10.71
C LYS A 25 0.72 1.53 11.33
N ASN A 26 1.19 2.63 11.91
CA ASN A 26 2.50 2.67 12.53
C ASN A 26 2.39 3.01 14.01
N THR A 27 2.91 2.12 14.85
CA THR A 27 2.88 2.32 16.30
C THR A 27 3.70 1.25 17.02
N GLY A 28 4.13 1.58 18.24
CA GLY A 28 4.92 0.64 19.01
C GLY A 28 6.35 1.12 19.22
N THR A 29 6.80 2.01 18.35
CA THR A 29 8.16 2.54 18.43
C THR A 29 8.15 4.06 18.36
N THR A 30 9.34 4.66 18.48
CA THR A 30 9.47 6.11 18.44
C THR A 30 8.99 6.66 17.10
N SER A 31 9.23 7.95 16.87
CA SER A 31 8.81 8.60 15.63
C SER A 31 9.30 7.81 14.42
N LEU A 32 8.36 7.36 13.59
CA LEU A 32 8.69 6.60 12.40
C LEU A 32 9.62 7.40 11.48
N SER A 33 9.98 6.80 10.36
CA SER A 33 10.87 7.45 9.40
C SER A 33 10.19 7.58 8.04
N SER A 34 9.34 6.61 7.71
CA SER A 34 8.63 6.62 6.44
C SER A 34 7.73 5.39 6.32
N TRP A 35 6.75 5.46 5.42
CA TRP A 35 5.82 4.36 5.21
C TRP A 35 5.56 4.15 3.72
N THR A 36 5.71 2.92 3.26
CA THR A 36 5.48 2.59 1.86
C THR A 36 4.99 1.16 1.71
N VAL A 37 3.92 0.99 0.93
CA VAL A 37 3.35 -0.33 0.70
C VAL A 37 3.52 -0.75 -0.76
N GLU A 38 4.44 -1.69 -0.99
CA GLU A 38 4.70 -2.18 -2.34
C GLU A 38 4.41 -3.67 -2.43
N TRP A 39 3.73 -4.06 -3.50
CA TRP A 39 3.38 -5.47 -3.72
C TRP A 39 3.65 -5.88 -5.16
N ASP A 40 3.50 -7.16 -5.44
CA ASP A 40 3.72 -7.69 -6.79
C ASP A 40 2.40 -7.84 -7.54
N PHE A 41 2.38 -7.39 -8.79
CA PHE A 41 1.18 -7.47 -9.61
C PHE A 41 1.44 -8.29 -10.87
N PRO A 42 1.46 -9.63 -10.71
CA PRO A 42 1.69 -10.56 -11.83
C PRO A 42 0.53 -10.59 -12.81
N THR A 43 -0.68 -10.74 -12.28
CA THR A 43 -1.87 -10.79 -13.13
C THR A 43 -2.22 -9.41 -13.66
N GLY A 44 -2.75 -9.36 -14.88
CA GLY A 44 -3.11 -8.11 -15.49
C GLY A 44 -3.67 -7.12 -14.49
N THR A 45 -2.84 -6.17 -14.06
CA THR A 45 -3.26 -5.16 -13.10
C THR A 45 -2.42 -3.90 -13.23
N LYS A 46 -3.03 -2.76 -12.89
CA LYS A 46 -2.34 -1.48 -12.97
C LYS A 46 -3.20 -0.37 -12.38
N VAL A 47 -2.60 0.44 -11.51
CA VAL A 47 -3.32 1.54 -10.87
C VAL A 47 -3.30 2.78 -11.76
N THR A 48 -4.39 2.98 -12.50
CA THR A 48 -4.50 4.14 -13.39
C THR A 48 -4.48 5.45 -12.61
N SER A 49 -5.19 5.47 -11.48
CA SER A 49 -5.25 6.66 -10.64
C SER A 49 -5.12 6.29 -9.16
N ALA A 50 -4.47 7.17 -8.40
CA ALA A 50 -4.28 6.94 -6.98
C ALA A 50 -4.50 8.22 -6.17
N TRP A 51 -4.58 8.09 -4.86
CA TRP A 51 -4.80 9.23 -3.99
C TRP A 51 -4.24 8.97 -2.60
N ASP A 52 -3.64 9.99 -1.99
CA ASP A 52 -3.07 9.87 -0.66
C ASP A 52 -1.90 8.88 -0.66
N ALA A 53 -1.42 8.54 -1.86
CA ALA A 53 -0.31 7.61 -2.00
C ALA A 53 0.14 7.50 -3.45
N THR A 54 1.30 8.07 -3.74
CA THR A 54 1.85 8.05 -5.09
C THR A 54 2.15 6.63 -5.55
N VAL A 55 1.18 6.00 -6.21
CA VAL A 55 1.34 4.63 -6.70
C VAL A 55 2.11 4.60 -8.01
N THR A 56 3.31 4.06 -7.97
CA THR A 56 4.15 3.97 -9.17
C THR A 56 4.18 2.54 -9.71
N ASN A 57 4.79 2.38 -10.88
CA ASN A 57 4.89 1.07 -11.51
C ASN A 57 6.30 0.81 -12.04
N SER A 58 6.64 -0.45 -12.22
CA SER A 58 7.96 -0.83 -12.71
C SER A 58 7.96 -2.26 -13.23
N GLY A 59 7.58 -2.43 -14.50
CA GLY A 59 7.54 -3.74 -15.09
C GLY A 59 6.39 -4.58 -14.58
N ASP A 60 6.65 -5.37 -13.54
CA ASP A 60 5.63 -6.22 -12.94
C ASP A 60 5.51 -5.96 -11.44
N HIS A 61 6.06 -4.84 -10.99
CA HIS A 61 6.01 -4.47 -9.58
C HIS A 61 5.41 -3.08 -9.40
N TRP A 62 4.70 -2.88 -8.29
CA TRP A 62 4.07 -1.60 -8.00
C TRP A 62 4.34 -1.18 -6.56
N THR A 63 4.57 0.11 -6.36
CA THR A 63 4.85 0.65 -5.04
C THR A 63 3.99 1.87 -4.74
N ALA A 64 3.63 2.06 -3.48
CA ALA A 64 2.82 3.19 -3.07
C ALA A 64 3.47 3.96 -1.91
N LYS A 65 3.82 5.21 -2.16
CA LYS A 65 4.45 6.05 -1.15
C LYS A 65 3.89 7.46 -1.19
N ASN A 66 3.71 8.07 -0.01
CA ASN A 66 3.19 9.42 0.09
C ASN A 66 4.19 10.33 0.78
N VAL A 67 4.90 9.80 1.77
CA VAL A 67 5.89 10.57 2.52
C VAL A 67 7.27 10.43 1.90
N GLY A 68 7.33 10.49 0.57
CA GLY A 68 8.60 10.37 -0.12
C GLY A 68 9.41 11.65 -0.09
N TRP A 69 8.86 12.67 0.59
CA TRP A 69 9.54 13.96 0.68
C TRP A 69 9.92 14.26 2.13
N ASN A 70 9.08 13.81 3.06
CA ASN A 70 9.33 14.04 4.48
C ASN A 70 9.68 12.73 5.19
N GLY A 71 8.69 11.85 5.33
CA GLY A 71 8.92 10.58 5.99
C GLY A 71 8.66 10.64 7.48
N THR A 72 9.05 11.76 8.10
CA THR A 72 8.85 11.93 9.53
C THR A 72 7.40 11.67 9.93
N LEU A 73 7.18 10.58 10.65
CA LEU A 73 5.84 10.21 11.09
C LEU A 73 5.80 10.04 12.61
N ALA A 74 4.68 10.43 13.21
CA ALA A 74 4.52 10.32 14.65
C ALA A 74 4.79 8.89 15.13
N PRO A 75 5.07 8.74 16.43
CA PRO A 75 5.36 7.44 17.04
C PRO A 75 4.13 6.54 17.10
N GLY A 76 2.98 7.11 16.77
CA GLY A 76 1.74 6.34 16.79
C GLY A 76 0.63 7.01 16.00
N ALA A 77 0.20 6.34 14.93
CA ALA A 77 -0.86 6.87 14.09
C ALA A 77 -1.21 5.90 12.97
N SER A 78 -2.28 6.21 12.23
CA SER A 78 -2.72 5.36 11.13
C SER A 78 -2.88 6.16 9.85
N VAL A 79 -2.32 5.66 8.76
CA VAL A 79 -2.41 6.33 7.47
C VAL A 79 -2.93 5.39 6.39
N SER A 80 -4.15 5.64 5.93
CA SER A 80 -4.77 4.81 4.91
C SER A 80 -4.65 5.48 3.53
N PHE A 81 -4.56 4.65 2.50
CA PHE A 81 -4.44 5.15 1.13
C PHE A 81 -5.15 4.22 0.15
N GLY A 82 -5.91 4.82 -0.77
CA GLY A 82 -6.63 4.02 -1.76
C GLY A 82 -6.29 4.44 -3.18
N PHE A 83 -6.87 3.73 -4.15
CA PHE A 83 -6.63 4.02 -5.56
C PHE A 83 -7.55 3.19 -6.45
N ASN A 84 -7.48 3.44 -7.75
CA ASN A 84 -8.31 2.73 -8.71
C ASN A 84 -7.46 2.02 -9.76
N GLY A 85 -7.71 0.73 -9.95
CA GLY A 85 -6.95 -0.04 -10.92
C GLY A 85 -7.83 -0.88 -11.81
N SER A 86 -7.40 -1.10 -13.04
CA SER A 86 -8.16 -1.91 -13.99
C SER A 86 -7.69 -3.35 -14.00
N GLY A 87 -8.53 -4.24 -13.46
CA GLY A 87 -8.17 -5.65 -13.41
C GLY A 87 -9.05 -6.43 -12.44
N PRO A 88 -8.58 -7.63 -12.05
CA PRO A 88 -9.31 -8.49 -11.13
C PRO A 88 -9.35 -7.93 -9.70
N GLY A 89 -8.25 -7.30 -9.30
CA GLY A 89 -8.18 -6.72 -7.97
C GLY A 89 -7.66 -7.70 -6.94
N SER A 90 -6.87 -8.67 -7.39
CA SER A 90 -6.31 -9.68 -6.49
C SER A 90 -4.80 -9.52 -6.38
N PRO A 91 -4.37 -8.54 -5.59
CA PRO A 91 -2.95 -8.26 -5.37
C PRO A 91 -2.27 -9.35 -4.53
N SER A 92 -0.94 -9.36 -4.57
CA SER A 92 -0.18 -10.35 -3.83
C SER A 92 1.17 -9.77 -3.37
N ASN A 93 1.86 -10.51 -2.53
CA ASN A 93 3.15 -10.07 -2.01
C ASN A 93 3.03 -8.73 -1.29
N CYS A 94 2.09 -8.65 -0.37
CA CYS A 94 1.86 -7.43 0.39
C CYS A 94 3.04 -7.13 1.30
N LYS A 95 3.95 -6.27 0.84
CA LYS A 95 5.13 -5.90 1.61
C LYS A 95 5.16 -4.40 1.86
N LEU A 96 5.64 -4.01 3.03
CA LEU A 96 5.73 -2.60 3.39
C LEU A 96 6.81 -2.38 4.45
N ASN A 97 7.34 -1.15 4.49
CA ASN A 97 8.37 -0.81 5.47
C ASN A 97 9.64 -1.64 5.24
N GLY A 98 9.98 -1.84 3.97
CA GLY A 98 11.16 -2.61 3.62
C GLY A 98 10.92 -4.10 3.70
N GLY A 99 9.76 -4.55 3.21
CA GLY A 99 9.43 -5.96 3.24
C GLY A 99 9.09 -6.44 4.63
N SER A 100 8.02 -5.90 5.21
CA SER A 100 7.59 -6.29 6.55
C SER A 100 6.10 -6.02 6.74
N CYS A 101 5.31 -7.09 6.72
CA CYS A 101 3.87 -6.98 6.88
C CYS A 101 3.29 -8.23 7.53
N ASP A 102 2.32 -8.05 8.41
CA ASP A 102 1.69 -9.17 9.09
C ASP A 102 0.17 -9.12 8.93
N GLY A 103 -0.47 -10.28 9.07
CA GLY A 103 -1.92 -10.35 8.93
C GLY A 103 -2.34 -10.73 7.53
N THR A 104 -1.49 -10.46 6.56
CA THR A 104 -1.78 -10.77 5.16
C THR A 104 -0.50 -10.94 4.36
N SER A 105 -0.65 -11.41 3.12
CA SER A 105 0.50 -11.61 2.24
C SER A 105 0.06 -11.68 0.78
N ALA A 1 5.17 -8.43 16.54
CA ALA A 1 6.19 -8.19 17.54
C ALA A 1 6.52 -6.69 17.62
N THR A 2 5.49 -5.87 17.82
CA THR A 2 5.67 -4.43 17.93
C THR A 2 6.35 -3.88 16.67
N SER A 3 5.55 -3.39 15.74
CA SER A 3 6.08 -2.84 14.50
C SER A 3 4.95 -2.30 13.62
N ALA A 4 5.28 -1.94 12.39
CA ALA A 4 4.30 -1.40 11.45
C ALA A 4 3.70 -2.51 10.59
N THR A 5 2.38 -2.48 10.45
CA THR A 5 1.67 -3.49 9.66
C THR A 5 0.61 -2.85 8.78
N ALA A 6 0.03 -3.64 7.88
CA ALA A 6 -1.00 -3.16 6.98
C ALA A 6 -1.96 -4.28 6.58
N THR A 7 -3.12 -3.90 6.06
CA THR A 7 -4.12 -4.87 5.63
C THR A 7 -4.79 -4.44 4.33
N PHE A 8 -5.06 -5.41 3.47
CA PHE A 8 -5.70 -5.13 2.18
C PHE A 8 -7.21 -4.95 2.36
N ALA A 9 -7.76 -3.98 1.63
CA ALA A 9 -9.20 -3.71 1.70
C ALA A 9 -9.77 -3.42 0.32
N LYS A 10 -11.08 -3.51 0.19
CA LYS A 10 -11.76 -3.27 -1.07
C LYS A 10 -12.54 -1.95 -1.02
N THR A 11 -12.76 -1.35 -2.18
CA THR A 11 -13.49 -0.10 -2.27
C THR A 11 -14.75 -0.26 -3.12
N SER A 12 -14.57 -0.67 -4.37
CA SER A 12 -15.69 -0.85 -5.29
C SER A 12 -15.20 -1.32 -6.66
N ASP A 13 -15.82 -2.38 -7.17
CA ASP A 13 -15.45 -2.93 -8.47
C ASP A 13 -16.59 -2.79 -9.47
N TRP A 14 -16.29 -2.22 -10.62
CA TRP A 14 -17.29 -2.02 -11.66
C TRP A 14 -17.02 -2.93 -12.86
N GLY A 15 -17.46 -4.18 -12.75
CA GLY A 15 -17.24 -5.13 -13.83
C GLY A 15 -15.81 -5.59 -13.94
N THR A 16 -15.01 -4.83 -14.68
CA THR A 16 -13.60 -5.16 -14.87
C THR A 16 -12.71 -4.32 -13.96
N GLY A 17 -13.26 -3.22 -13.45
CA GLY A 17 -12.51 -2.35 -12.57
C GLY A 17 -12.63 -2.74 -11.11
N PHE A 18 -11.64 -2.37 -10.32
CA PHE A 18 -11.65 -2.69 -8.89
C PHE A 18 -11.05 -1.55 -8.07
N GLY A 19 -11.62 -1.31 -6.89
CA GLY A 19 -11.12 -0.25 -6.04
C GLY A 19 -10.23 -0.77 -4.92
N GLY A 20 -8.97 -0.37 -4.94
CA GLY A 20 -8.03 -0.81 -3.92
C GLY A 20 -8.00 0.11 -2.72
N SER A 21 -7.85 -0.46 -1.53
CA SER A 21 -7.80 0.32 -0.31
C SER A 21 -6.82 -0.27 0.69
N TRP A 22 -5.60 0.25 0.68
CA TRP A 22 -4.56 -0.24 1.60
C TRP A 22 -4.58 0.54 2.91
N THR A 23 -4.52 -0.18 4.02
CA THR A 23 -4.54 0.45 5.34
C THR A 23 -3.18 0.29 6.03
N VAL A 24 -2.52 1.41 6.30
CA VAL A 24 -1.23 1.39 6.96
C VAL A 24 -1.31 1.97 8.37
N LYS A 25 -0.75 1.26 9.33
CA LYS A 25 -0.75 1.71 10.72
C LYS A 25 0.60 1.47 11.38
N ASN A 26 1.06 2.46 12.15
CA ASN A 26 2.34 2.36 12.83
C ASN A 26 2.15 2.48 14.34
N THR A 27 2.84 1.62 15.08
CA THR A 27 2.76 1.63 16.54
C THR A 27 3.87 0.78 17.16
N GLY A 28 4.12 0.99 18.45
CA GLY A 28 5.15 0.23 19.14
C GLY A 28 6.46 0.98 19.22
N THR A 29 7.39 0.66 18.31
CA THR A 29 8.69 1.31 18.28
C THR A 29 8.55 2.82 18.18
N THR A 30 9.67 3.53 18.34
CA THR A 30 9.67 4.98 18.26
C THR A 30 9.16 5.46 16.90
N SER A 31 9.22 6.77 16.69
CA SER A 31 8.76 7.36 15.44
C SER A 31 9.41 6.66 14.24
N LEU A 32 8.64 6.53 13.16
CA LEU A 32 9.14 5.88 11.96
C LEU A 32 9.91 6.87 11.08
N SER A 33 10.32 6.41 9.90
CA SER A 33 11.07 7.25 8.98
C SER A 33 10.28 7.48 7.69
N SER A 34 9.42 6.53 7.36
CA SER A 34 8.61 6.64 6.14
C SER A 34 7.72 5.41 5.98
N TRP A 35 6.61 5.57 5.27
CA TRP A 35 5.68 4.47 5.04
C TRP A 35 5.43 4.27 3.55
N THR A 36 5.57 3.03 3.09
CA THR A 36 5.36 2.71 1.68
C THR A 36 4.91 1.26 1.51
N VAL A 37 3.75 1.08 0.89
CA VAL A 37 3.20 -0.25 0.66
C VAL A 37 3.43 -0.70 -0.78
N GLU A 38 4.30 -1.68 -0.96
CA GLU A 38 4.61 -2.19 -2.30
C GLU A 38 4.22 -3.66 -2.41
N TRP A 39 3.90 -4.09 -3.63
CA TRP A 39 3.51 -5.47 -3.87
C TRP A 39 3.84 -5.88 -5.31
N ASP A 40 3.71 -7.18 -5.59
CA ASP A 40 4.00 -7.70 -6.92
C ASP A 40 2.71 -7.86 -7.72
N PHE A 41 2.71 -7.37 -8.95
CA PHE A 41 1.54 -7.46 -9.82
C PHE A 41 1.82 -8.37 -11.02
N PRO A 42 1.87 -9.69 -10.77
CA PRO A 42 2.13 -10.67 -11.82
C PRO A 42 0.97 -10.80 -12.80
N THR A 43 -0.23 -10.96 -12.26
CA THR A 43 -1.43 -11.09 -13.10
C THR A 43 -1.83 -9.76 -13.70
N GLY A 44 -2.36 -9.80 -14.92
CA GLY A 44 -2.77 -8.58 -15.59
C GLY A 44 -3.41 -7.58 -14.64
N THR A 45 -2.62 -6.61 -14.20
CA THR A 45 -3.12 -5.59 -13.28
C THR A 45 -2.31 -4.30 -13.40
N LYS A 46 -2.93 -3.18 -13.04
CA LYS A 46 -2.26 -1.89 -13.12
C LYS A 46 -3.14 -0.80 -12.51
N VAL A 47 -2.56 0.01 -11.63
CA VAL A 47 -3.28 1.10 -10.99
C VAL A 47 -3.48 2.27 -11.93
N THR A 48 -4.70 2.42 -12.44
CA THR A 48 -5.02 3.51 -13.35
C THR A 48 -4.85 4.87 -12.69
N SER A 49 -5.41 5.00 -11.49
CA SER A 49 -5.31 6.25 -10.74
C SER A 49 -5.19 5.98 -9.24
N ALA A 50 -4.55 6.92 -8.53
CA ALA A 50 -4.37 6.78 -7.09
C ALA A 50 -4.48 8.13 -6.40
N TRP A 51 -4.69 8.10 -5.09
CA TRP A 51 -4.82 9.32 -4.30
C TRP A 51 -4.26 9.13 -2.90
N ASP A 52 -3.66 10.19 -2.36
CA ASP A 52 -3.09 10.14 -1.02
C ASP A 52 -1.93 9.15 -0.97
N ALA A 53 -1.44 8.75 -2.14
CA ALA A 53 -0.33 7.81 -2.22
C ALA A 53 0.15 7.65 -3.66
N THR A 54 1.29 8.25 -3.95
CA THR A 54 1.87 8.18 -5.30
C THR A 54 2.20 6.75 -5.68
N VAL A 55 1.26 6.10 -6.36
CA VAL A 55 1.44 4.71 -6.79
C VAL A 55 2.16 4.65 -8.13
N THR A 56 3.38 4.15 -8.13
CA THR A 56 4.18 4.03 -9.35
C THR A 56 4.40 2.57 -9.72
N ASN A 57 4.82 2.33 -10.96
CA ASN A 57 5.08 0.99 -11.44
C ASN A 57 6.52 0.85 -11.92
N SER A 58 6.99 -0.39 -12.01
CA SER A 58 8.35 -0.67 -12.45
C SER A 58 8.49 -2.10 -12.95
N GLY A 59 8.16 -2.32 -14.22
CA GLY A 59 8.25 -3.64 -14.80
C GLY A 59 7.12 -4.54 -14.36
N ASP A 60 7.35 -5.31 -13.30
CA ASP A 60 6.33 -6.22 -12.77
C ASP A 60 6.10 -5.97 -11.29
N HIS A 61 6.64 -4.87 -10.78
CA HIS A 61 6.48 -4.51 -9.37
C HIS A 61 5.86 -3.13 -9.22
N TRP A 62 5.07 -2.96 -8.17
CA TRP A 62 4.42 -1.67 -7.91
C TRP A 62 4.69 -1.20 -6.48
N THR A 63 4.60 0.11 -6.28
CA THR A 63 4.83 0.69 -4.95
C THR A 63 4.00 1.96 -4.76
N ALA A 64 3.61 2.21 -3.51
CA ALA A 64 2.82 3.39 -3.19
C ALA A 64 3.43 4.15 -2.01
N LYS A 65 3.79 5.41 -2.26
CA LYS A 65 4.38 6.25 -1.23
C LYS A 65 3.82 7.66 -1.28
N ASN A 66 3.64 8.27 -0.11
CA ASN A 66 3.11 9.63 -0.03
C ASN A 66 4.09 10.56 0.70
N VAL A 67 4.78 10.02 1.69
CA VAL A 67 5.74 10.78 2.47
C VAL A 67 7.13 10.73 1.84
N GLY A 68 7.17 10.83 0.51
CA GLY A 68 8.44 10.79 -0.19
C GLY A 68 9.19 12.10 -0.12
N TRP A 69 8.61 13.07 0.58
CA TRP A 69 9.22 14.39 0.71
C TRP A 69 9.67 14.64 2.14
N ASN A 70 9.07 13.90 3.08
CA ASN A 70 9.40 14.05 4.49
C ASN A 70 9.70 12.69 5.12
N GLY A 71 8.66 11.88 5.28
CA GLY A 71 8.83 10.56 5.87
C GLY A 71 8.65 10.57 7.37
N THR A 72 9.14 11.63 8.01
CA THR A 72 9.04 11.76 9.47
C THR A 72 7.60 11.53 9.93
N LEU A 73 7.37 10.38 10.56
CA LEU A 73 6.04 10.03 11.06
C LEU A 73 6.08 9.73 12.56
N ALA A 74 5.00 10.06 13.25
CA ALA A 74 4.92 9.83 14.69
C ALA A 74 5.02 8.34 15.00
N PRO A 75 5.35 8.02 16.26
CA PRO A 75 5.49 6.62 16.71
C PRO A 75 4.15 5.91 16.79
N GLY A 76 3.07 6.66 16.61
CA GLY A 76 1.74 6.08 16.67
C GLY A 76 0.73 6.86 15.85
N ALA A 77 0.20 6.22 14.81
CA ALA A 77 -0.79 6.85 13.94
C ALA A 77 -1.27 5.89 12.86
N SER A 78 -2.28 6.32 12.12
CA SER A 78 -2.85 5.48 11.06
C SER A 78 -3.00 6.28 9.76
N VAL A 79 -2.51 5.71 8.66
CA VAL A 79 -2.60 6.36 7.36
C VAL A 79 -3.04 5.38 6.28
N SER A 80 -4.25 5.57 5.78
CA SER A 80 -4.80 4.71 4.74
C SER A 80 -4.91 5.45 3.41
N PHE A 81 -4.47 4.80 2.35
CA PHE A 81 -4.52 5.40 1.01
C PHE A 81 -5.31 4.51 0.05
N GLY A 82 -6.18 5.13 -0.73
CA GLY A 82 -6.98 4.40 -1.69
C GLY A 82 -6.57 4.66 -3.12
N PHE A 83 -7.19 3.95 -4.06
CA PHE A 83 -6.89 4.11 -5.48
C PHE A 83 -7.83 3.28 -6.34
N ASN A 84 -7.68 3.41 -7.65
CA ASN A 84 -8.53 2.67 -8.59
C ASN A 84 -7.67 1.88 -9.57
N GLY A 85 -7.92 0.58 -9.65
CA GLY A 85 -7.17 -0.27 -10.57
C GLY A 85 -8.06 -1.04 -11.52
N SER A 86 -7.52 -1.37 -12.68
CA SER A 86 -8.27 -2.10 -13.70
C SER A 86 -7.87 -3.57 -13.72
N GLY A 87 -8.77 -4.43 -13.25
CA GLY A 87 -8.50 -5.85 -13.23
C GLY A 87 -9.27 -6.58 -12.15
N PRO A 88 -8.77 -7.75 -11.74
CA PRO A 88 -9.41 -8.57 -10.71
C PRO A 88 -9.32 -7.94 -9.32
N GLY A 89 -8.18 -7.30 -9.05
CA GLY A 89 -7.97 -6.67 -7.76
C GLY A 89 -7.42 -7.62 -6.72
N SER A 90 -6.70 -8.63 -7.18
CA SER A 90 -6.12 -9.63 -6.27
C SER A 90 -4.59 -9.51 -6.25
N PRO A 91 -4.08 -8.52 -5.51
CA PRO A 91 -2.64 -8.28 -5.39
C PRO A 91 -1.93 -9.37 -4.60
N SER A 92 -0.61 -9.32 -4.58
CA SER A 92 0.18 -10.31 -3.86
C SER A 92 1.48 -9.69 -3.33
N ASN A 93 2.19 -10.44 -2.50
CA ASN A 93 3.45 -9.96 -1.92
C ASN A 93 3.25 -8.62 -1.22
N CYS A 94 2.27 -8.57 -0.33
CA CYS A 94 1.98 -7.34 0.41
C CYS A 94 3.10 -7.02 1.39
N LYS A 95 4.06 -6.22 0.94
CA LYS A 95 5.19 -5.83 1.77
C LYS A 95 5.30 -4.32 1.89
N LEU A 96 5.69 -3.84 3.06
CA LEU A 96 5.83 -2.41 3.31
C LEU A 96 7.00 -2.13 4.23
N ASN A 97 7.53 -0.91 4.15
CA ASN A 97 8.66 -0.51 5.00
C ASN A 97 9.91 -1.30 4.64
N GLY A 98 10.04 -1.64 3.36
CA GLY A 98 11.20 -2.39 2.91
C GLY A 98 11.13 -3.86 3.28
N GLY A 99 9.95 -4.45 3.14
CA GLY A 99 9.77 -5.85 3.48
C GLY A 99 9.26 -6.04 4.90
N SER A 100 8.00 -5.70 5.12
CA SER A 100 7.41 -5.84 6.45
C SER A 100 5.88 -5.95 6.34
N CYS A 101 5.32 -6.95 7.01
CA CYS A 101 3.88 -7.17 7.00
C CYS A 101 3.51 -8.39 7.83
N ASP A 102 2.31 -8.36 8.41
CA ASP A 102 1.83 -9.46 9.23
C ASP A 102 0.46 -9.94 8.76
N GLY A 103 0.45 -10.92 7.86
CA GLY A 103 -0.79 -11.45 7.35
C GLY A 103 -0.96 -11.18 5.87
N THR A 104 0.15 -11.20 5.13
CA THR A 104 0.11 -10.96 3.69
C THR A 104 -0.30 -12.21 2.94
N SER A 105 -0.72 -12.03 1.68
CA SER A 105 -1.14 -13.15 0.86
C SER A 105 -0.36 -13.19 -0.45
N ALA A 1 14.69 -0.83 13.30
CA ALA A 1 13.68 -1.84 12.98
C ALA A 1 12.30 -1.40 13.43
N THR A 2 11.53 -0.81 12.52
CA THR A 2 10.19 -0.34 12.83
C THR A 2 9.16 -1.44 12.60
N SER A 3 8.25 -1.60 13.56
CA SER A 3 7.21 -2.62 13.45
C SER A 3 5.91 -2.02 12.92
N ALA A 4 5.70 -2.13 11.62
CA ALA A 4 4.51 -1.60 10.99
C ALA A 4 3.68 -2.72 10.36
N THR A 5 2.36 -2.64 10.51
CA THR A 5 1.46 -3.63 9.96
C THR A 5 0.49 -3.01 8.96
N ALA A 6 0.00 -3.83 8.03
CA ALA A 6 -0.95 -3.37 7.02
C ALA A 6 -1.91 -4.46 6.62
N THR A 7 -3.01 -4.08 5.97
CA THR A 7 -4.01 -5.04 5.53
C THR A 7 -4.68 -4.57 4.24
N PHE A 8 -5.02 -5.54 3.38
CA PHE A 8 -5.68 -5.23 2.11
C PHE A 8 -7.19 -5.20 2.27
N ALA A 9 -7.84 -4.28 1.56
CA ALA A 9 -9.29 -4.15 1.61
C ALA A 9 -9.86 -3.70 0.28
N LYS A 10 -11.10 -4.07 0.01
CA LYS A 10 -11.76 -3.69 -1.24
C LYS A 10 -12.63 -2.45 -1.05
N THR A 11 -12.72 -1.63 -2.07
CA THR A 11 -13.53 -0.41 -2.02
C THR A 11 -14.78 -0.54 -2.87
N SER A 12 -14.59 -0.79 -4.17
CA SER A 12 -15.72 -0.93 -5.09
C SER A 12 -15.22 -1.22 -6.50
N ASP A 13 -15.90 -2.14 -7.18
CA ASP A 13 -15.54 -2.51 -8.54
C ASP A 13 -16.65 -2.14 -9.52
N TRP A 14 -16.29 -1.41 -10.58
CA TRP A 14 -17.26 -0.99 -11.59
C TRP A 14 -17.01 -1.71 -12.91
N GLY A 15 -17.70 -2.84 -13.10
CA GLY A 15 -17.54 -3.60 -14.32
C GLY A 15 -16.23 -4.36 -14.36
N THR A 16 -15.19 -3.71 -14.90
CA THR A 16 -13.88 -4.34 -15.00
C THR A 16 -12.88 -3.67 -14.06
N GLY A 17 -13.22 -2.47 -13.61
CA GLY A 17 -12.34 -1.75 -12.70
C GLY A 17 -12.57 -2.12 -11.25
N PHE A 18 -11.50 -2.10 -10.46
CA PHE A 18 -11.59 -2.43 -9.05
C PHE A 18 -11.01 -1.32 -8.19
N GLY A 19 -11.55 -1.18 -6.98
CA GLY A 19 -11.09 -0.14 -6.08
C GLY A 19 -10.25 -0.69 -4.94
N GLY A 20 -8.95 -0.40 -4.97
CA GLY A 20 -8.06 -0.89 -3.93
C GLY A 20 -8.06 -0.01 -2.70
N SER A 21 -7.97 -0.62 -1.53
CA SER A 21 -7.97 0.12 -0.27
C SER A 21 -6.96 -0.47 0.71
N TRP A 22 -5.76 0.09 0.72
CA TRP A 22 -4.71 -0.38 1.61
C TRP A 22 -4.74 0.36 2.94
N THR A 23 -4.33 -0.32 4.01
CA THR A 23 -4.33 0.27 5.34
C THR A 23 -2.96 0.11 6.01
N VAL A 24 -2.44 1.19 6.56
CA VAL A 24 -1.15 1.18 7.23
C VAL A 24 -1.24 1.81 8.62
N LYS A 25 -0.68 1.13 9.61
CA LYS A 25 -0.69 1.64 10.98
C LYS A 25 0.62 1.30 11.69
N ASN A 26 1.23 2.32 12.30
CA ASN A 26 2.49 2.14 13.01
C ASN A 26 2.26 2.15 14.51
N THR A 27 3.10 1.40 15.23
CA THR A 27 2.99 1.32 16.68
C THR A 27 4.17 0.55 17.28
N GLY A 28 4.38 0.72 18.58
CA GLY A 28 5.47 0.03 19.25
C GLY A 28 6.80 0.73 19.05
N THR A 29 7.38 0.54 17.87
CA THR A 29 8.66 1.15 17.54
C THR A 29 8.60 2.66 17.66
N THR A 30 9.75 3.31 17.55
CA THR A 30 9.84 4.76 17.66
C THR A 30 9.15 5.44 16.47
N SER A 31 9.31 6.75 16.38
CA SER A 31 8.71 7.52 15.29
C SER A 31 9.25 7.06 13.94
N LEU A 32 8.35 6.65 13.06
CA LEU A 32 8.74 6.18 11.73
C LEU A 32 9.39 7.30 10.94
N SER A 33 9.99 6.94 9.80
CA SER A 33 10.66 7.91 8.94
C SER A 33 9.99 7.99 7.57
N SER A 34 9.18 6.98 7.27
CA SER A 34 8.47 6.94 5.98
C SER A 34 7.64 5.67 5.88
N TRP A 35 6.51 5.76 5.18
CA TRP A 35 5.62 4.62 4.99
C TRP A 35 5.36 4.37 3.52
N THR A 36 5.54 3.13 3.09
CA THR A 36 5.32 2.76 1.69
C THR A 36 4.90 1.30 1.56
N VAL A 37 3.75 1.07 0.95
CA VAL A 37 3.23 -0.28 0.77
C VAL A 37 3.43 -0.75 -0.67
N GLU A 38 4.39 -1.65 -0.86
CA GLU A 38 4.69 -2.18 -2.19
C GLU A 38 4.31 -3.66 -2.28
N TRP A 39 3.97 -4.10 -3.48
CA TRP A 39 3.60 -5.50 -3.70
C TRP A 39 3.93 -5.93 -5.11
N ASP A 40 3.80 -7.24 -5.37
CA ASP A 40 4.08 -7.77 -6.69
C ASP A 40 2.80 -7.95 -7.50
N PHE A 41 2.80 -7.45 -8.73
CA PHE A 41 1.63 -7.55 -9.60
C PHE A 41 1.92 -8.45 -10.79
N PRO A 42 1.98 -9.77 -10.55
CA PRO A 42 2.24 -10.76 -11.59
C PRO A 42 1.08 -10.90 -12.57
N THR A 43 -0.12 -11.07 -12.03
CA THR A 43 -1.31 -11.22 -12.86
C THR A 43 -1.70 -9.89 -13.49
N GLY A 44 -2.23 -9.96 -14.72
CA GLY A 44 -2.64 -8.76 -15.41
C GLY A 44 -3.28 -7.74 -14.47
N THR A 45 -2.49 -6.76 -14.05
CA THR A 45 -2.98 -5.72 -13.15
C THR A 45 -2.17 -4.44 -13.29
N LYS A 46 -2.79 -3.31 -12.96
CA LYS A 46 -2.12 -2.02 -13.05
C LYS A 46 -2.99 -0.92 -12.45
N VAL A 47 -2.40 -0.10 -11.58
CA VAL A 47 -3.12 0.99 -10.95
C VAL A 47 -3.26 2.18 -11.89
N THR A 48 -4.47 2.39 -12.40
CA THR A 48 -4.73 3.50 -13.31
C THR A 48 -4.49 4.85 -12.63
N SER A 49 -5.06 5.02 -11.45
CA SER A 49 -4.91 6.26 -10.70
C SER A 49 -4.86 5.99 -9.20
N ALA A 50 -3.99 6.71 -8.50
CA ALA A 50 -3.85 6.56 -7.05
C ALA A 50 -4.01 7.89 -6.33
N TRP A 51 -4.74 7.87 -5.23
CA TRP A 51 -4.97 9.08 -4.45
C TRP A 51 -4.47 8.92 -3.02
N ASP A 52 -3.92 9.98 -2.46
CA ASP A 52 -3.39 9.95 -1.09
C ASP A 52 -2.19 9.01 -0.99
N ALA A 53 -1.68 8.59 -2.14
CA ALA A 53 -0.53 7.70 -2.18
C ALA A 53 -0.02 7.51 -3.61
N THR A 54 1.08 8.18 -3.93
CA THR A 54 1.66 8.10 -5.26
C THR A 54 2.06 6.67 -5.60
N VAL A 55 1.18 5.95 -6.29
CA VAL A 55 1.45 4.56 -6.67
C VAL A 55 2.12 4.49 -8.03
N THR A 56 3.38 4.07 -8.04
CA THR A 56 4.15 3.95 -9.27
C THR A 56 4.32 2.49 -9.68
N ASN A 57 4.95 2.27 -10.82
CA ASN A 57 5.18 0.92 -11.32
C ASN A 57 6.63 0.75 -11.79
N SER A 58 7.06 -0.51 -11.89
CA SER A 58 8.42 -0.81 -12.31
C SER A 58 8.54 -2.25 -12.80
N GLY A 59 8.22 -2.46 -14.07
CA GLY A 59 8.29 -3.80 -14.63
C GLY A 59 7.14 -4.68 -14.18
N ASP A 60 7.37 -5.44 -13.12
CA ASP A 60 6.35 -6.33 -12.58
C ASP A 60 6.12 -6.07 -11.10
N HIS A 61 6.63 -4.93 -10.61
CA HIS A 61 6.48 -4.56 -9.21
C HIS A 61 5.88 -3.17 -9.07
N TRP A 62 5.09 -2.97 -8.02
CA TRP A 62 4.46 -1.68 -7.78
C TRP A 62 4.71 -1.22 -6.34
N THR A 63 4.64 0.10 -6.14
CA THR A 63 4.85 0.68 -4.82
C THR A 63 4.03 1.94 -4.62
N ALA A 64 3.53 2.14 -3.41
CA ALA A 64 2.72 3.31 -3.09
C ALA A 64 3.36 4.14 -1.98
N LYS A 65 3.63 5.40 -2.27
CA LYS A 65 4.24 6.30 -1.29
C LYS A 65 3.63 7.69 -1.36
N ASN A 66 3.37 8.27 -0.20
CA ASN A 66 2.78 9.61 -0.13
C ASN A 66 3.71 10.58 0.59
N VAL A 67 4.50 10.06 1.53
CA VAL A 67 5.43 10.88 2.29
C VAL A 67 6.80 10.93 1.61
N GLY A 68 6.79 11.07 0.30
CA GLY A 68 8.03 11.13 -0.45
C GLY A 68 8.69 12.48 -0.37
N TRP A 69 8.10 13.39 0.39
CA TRP A 69 8.64 14.73 0.56
C TRP A 69 9.04 14.99 2.01
N ASN A 70 8.28 14.42 2.94
CA ASN A 70 8.55 14.59 4.36
C ASN A 70 9.07 13.30 4.98
N GLY A 71 8.18 12.30 5.09
CA GLY A 71 8.58 11.02 5.66
C GLY A 71 8.33 10.96 7.15
N THR A 72 8.57 12.07 7.84
CA THR A 72 8.37 12.13 9.28
C THR A 72 7.01 11.59 9.68
N LEU A 73 7.02 10.51 10.45
CA LEU A 73 5.77 9.89 10.90
C LEU A 73 5.86 9.51 12.39
N ALA A 74 4.82 9.89 13.14
CA ALA A 74 4.78 9.59 14.56
C ALA A 74 4.91 8.09 14.81
N PRO A 75 5.28 7.72 16.05
CA PRO A 75 5.45 6.33 16.45
C PRO A 75 4.12 5.57 16.52
N GLY A 76 3.03 6.33 16.55
CA GLY A 76 1.71 5.72 16.62
C GLY A 76 0.66 6.53 15.90
N ALA A 77 0.09 5.96 14.84
CA ALA A 77 -0.93 6.64 14.06
C ALA A 77 -1.46 5.74 12.95
N SER A 78 -2.51 6.20 12.26
CA SER A 78 -3.11 5.44 11.18
C SER A 78 -3.03 6.21 9.87
N VAL A 79 -2.56 5.53 8.83
CA VAL A 79 -2.42 6.14 7.51
C VAL A 79 -2.86 5.19 6.40
N SER A 80 -3.99 5.48 5.78
CA SER A 80 -4.51 4.64 4.71
C SER A 80 -4.49 5.38 3.38
N PHE A 81 -4.64 4.64 2.29
CA PHE A 81 -4.62 5.22 0.95
C PHE A 81 -5.37 4.32 -0.04
N GLY A 82 -6.21 4.94 -0.85
CA GLY A 82 -6.98 4.18 -1.83
C GLY A 82 -6.54 4.47 -3.25
N PHE A 83 -7.14 3.78 -4.21
CA PHE A 83 -6.81 3.95 -5.62
C PHE A 83 -7.74 3.15 -6.51
N ASN A 84 -7.55 3.26 -7.81
CA ASN A 84 -8.38 2.54 -8.78
C ASN A 84 -7.51 1.82 -9.81
N GLY A 85 -7.74 0.52 -9.95
CA GLY A 85 -6.97 -0.27 -10.90
C GLY A 85 -7.86 -1.07 -11.84
N SER A 86 -7.33 -1.39 -13.01
CA SER A 86 -8.08 -2.16 -14.00
C SER A 86 -7.70 -3.65 -13.94
N GLY A 87 -8.63 -4.47 -13.45
CA GLY A 87 -8.38 -5.90 -13.35
C GLY A 87 -9.20 -6.55 -12.26
N PRO A 88 -8.73 -7.71 -11.77
CA PRO A 88 -9.42 -8.47 -10.72
C PRO A 88 -9.37 -7.75 -9.37
N GLY A 89 -8.22 -7.16 -9.06
CA GLY A 89 -8.06 -6.46 -7.81
C GLY A 89 -7.61 -7.37 -6.69
N SER A 90 -6.93 -8.45 -7.05
CA SER A 90 -6.44 -9.41 -6.07
C SER A 90 -4.92 -9.40 -5.98
N PRO A 91 -4.37 -8.36 -5.34
CA PRO A 91 -2.92 -8.20 -5.19
C PRO A 91 -2.33 -9.24 -4.23
N SER A 92 -1.02 -9.44 -4.33
CA SER A 92 -0.33 -10.41 -3.48
C SER A 92 1.11 -9.95 -3.19
N ASN A 93 1.77 -10.65 -2.29
CA ASN A 93 3.14 -10.32 -1.91
C ASN A 93 3.21 -8.94 -1.27
N CYS A 94 2.40 -8.73 -0.24
CA CYS A 94 2.38 -7.46 0.46
C CYS A 94 3.69 -7.21 1.20
N LYS A 95 4.30 -6.07 0.94
CA LYS A 95 5.56 -5.71 1.59
C LYS A 95 5.69 -4.20 1.75
N LEU A 96 5.79 -3.74 2.98
CA LEU A 96 5.92 -2.32 3.27
C LEU A 96 7.09 -2.05 4.22
N ASN A 97 7.62 -0.83 4.17
CA ASN A 97 8.74 -0.46 5.02
C ASN A 97 9.95 -1.34 4.76
N GLY A 98 10.15 -1.71 3.50
CA GLY A 98 11.28 -2.56 3.15
C GLY A 98 10.96 -4.03 3.29
N GLY A 99 9.67 -4.36 3.31
CA GLY A 99 9.26 -5.75 3.44
C GLY A 99 9.00 -6.14 4.88
N SER A 100 7.92 -5.59 5.44
CA SER A 100 7.56 -5.88 6.83
C SER A 100 6.06 -5.65 7.05
N CYS A 101 5.32 -6.75 7.13
CA CYS A 101 3.87 -6.68 7.35
C CYS A 101 3.34 -7.97 7.97
N ASP A 102 2.89 -7.88 9.21
CA ASP A 102 2.36 -9.04 9.92
C ASP A 102 1.05 -9.50 9.30
N GLY A 103 1.06 -10.67 8.68
CA GLY A 103 -0.13 -11.21 8.07
C GLY A 103 -0.01 -11.29 6.55
N THR A 104 1.07 -11.90 6.08
CA THR A 104 1.31 -12.04 4.65
C THR A 104 0.10 -12.66 3.95
N SER A 105 0.05 -12.53 2.63
CA SER A 105 -1.05 -13.08 1.84
C SER A 105 -0.82 -12.85 0.36
N ALA A 1 13.96 -1.93 15.76
CA ALA A 1 12.78 -2.74 15.99
C ALA A 1 11.80 -2.64 14.82
N THR A 2 10.64 -3.27 14.96
CA THR A 2 9.63 -3.26 13.92
C THR A 2 8.24 -3.51 14.50
N SER A 3 7.42 -2.46 14.51
CA SER A 3 6.06 -2.58 15.04
C SER A 3 5.07 -1.88 14.12
N ALA A 4 4.44 -2.65 13.24
CA ALA A 4 3.47 -2.12 12.31
C ALA A 4 2.83 -3.23 11.48
N THR A 5 1.60 -3.01 11.03
CA THR A 5 0.89 -3.99 10.22
C THR A 5 -0.03 -3.31 9.21
N ALA A 6 -0.45 -4.07 8.20
CA ALA A 6 -1.34 -3.53 7.17
C ALA A 6 -2.37 -4.58 6.75
N THR A 7 -3.42 -4.12 6.06
CA THR A 7 -4.48 -5.01 5.61
C THR A 7 -5.02 -4.57 4.26
N PHE A 8 -5.35 -5.53 3.41
CA PHE A 8 -5.88 -5.24 2.08
C PHE A 8 -7.40 -5.25 2.08
N ALA A 9 -7.99 -4.15 1.62
CA ALA A 9 -9.44 -4.02 1.57
C ALA A 9 -9.91 -3.60 0.18
N LYS A 10 -11.21 -3.74 -0.07
CA LYS A 10 -11.78 -3.38 -1.36
C LYS A 10 -12.56 -2.07 -1.25
N THR A 11 -12.96 -1.54 -2.41
CA THR A 11 -13.72 -0.29 -2.45
C THR A 11 -14.94 -0.42 -3.35
N SER A 12 -14.72 -0.75 -4.61
CA SER A 12 -15.80 -0.89 -5.57
C SER A 12 -15.28 -1.28 -6.94
N ASP A 13 -15.94 -2.25 -7.57
CA ASP A 13 -15.53 -2.71 -8.90
C ASP A 13 -16.61 -2.41 -9.93
N TRP A 14 -16.21 -1.75 -11.01
CA TRP A 14 -17.14 -1.40 -12.08
C TRP A 14 -16.86 -2.22 -13.33
N GLY A 15 -17.40 -3.43 -13.38
CA GLY A 15 -17.20 -4.29 -14.53
C GLY A 15 -15.79 -4.87 -14.59
N THR A 16 -14.87 -4.11 -15.19
CA THR A 16 -13.49 -4.56 -15.31
C THR A 16 -12.60 -3.84 -14.30
N GLY A 17 -13.08 -2.72 -13.76
CA GLY A 17 -12.31 -1.96 -12.80
C GLY A 17 -12.54 -2.43 -11.38
N PHE A 18 -11.55 -2.22 -10.51
CA PHE A 18 -11.64 -2.62 -9.12
C PHE A 18 -11.04 -1.57 -8.21
N GLY A 19 -11.64 -1.39 -7.03
CA GLY A 19 -11.15 -0.41 -6.08
C GLY A 19 -10.30 -1.04 -5.00
N GLY A 20 -9.09 -0.51 -4.81
CA GLY A 20 -8.20 -1.05 -3.79
C GLY A 20 -8.04 -0.10 -2.61
N SER A 21 -8.17 -0.65 -1.41
CA SER A 21 -8.04 0.16 -0.19
C SER A 21 -7.02 -0.45 0.77
N TRP A 22 -5.83 0.15 0.81
CA TRP A 22 -4.77 -0.33 1.68
C TRP A 22 -4.81 0.37 3.03
N THR A 23 -4.54 -0.39 4.09
CA THR A 23 -4.55 0.16 5.45
C THR A 23 -3.17 0.04 6.09
N VAL A 24 -2.66 1.15 6.59
CA VAL A 24 -1.36 1.18 7.25
C VAL A 24 -1.46 1.73 8.67
N LYS A 25 -0.86 1.01 9.61
CA LYS A 25 -0.87 1.43 11.02
C LYS A 25 0.45 1.08 11.70
N ASN A 26 1.14 2.12 12.18
CA ASN A 26 2.41 1.93 12.86
C ASN A 26 2.29 2.25 14.35
N THR A 27 2.83 1.37 15.19
CA THR A 27 2.78 1.57 16.63
C THR A 27 3.61 0.52 17.36
N GLY A 28 4.49 0.97 18.25
CA GLY A 28 5.32 0.06 19.00
C GLY A 28 6.79 0.20 18.65
N THR A 29 7.07 0.79 17.49
CA THR A 29 8.44 0.99 17.04
C THR A 29 8.92 2.40 17.32
N THR A 30 10.18 2.68 17.00
CA THR A 30 10.75 4.00 17.22
C THR A 30 10.13 5.03 16.30
N SER A 31 10.51 6.30 16.49
CA SER A 31 9.98 7.39 15.67
C SER A 31 10.11 7.06 14.19
N LEU A 32 8.98 6.99 13.49
CA LEU A 32 8.97 6.70 12.07
C LEU A 32 9.28 7.94 11.25
N SER A 33 9.22 7.82 9.93
CA SER A 33 9.50 8.94 9.03
C SER A 33 8.58 8.90 7.82
N SER A 34 8.56 7.76 7.14
CA SER A 34 7.72 7.60 5.95
C SER A 34 7.34 6.14 5.75
N TRP A 35 6.15 5.91 5.21
CA TRP A 35 5.66 4.55 4.96
C TRP A 35 5.61 4.25 3.47
N THR A 36 6.25 3.16 3.07
CA THR A 36 6.28 2.76 1.67
C THR A 36 5.64 1.39 1.48
N VAL A 37 4.46 1.39 0.86
CA VAL A 37 3.73 0.14 0.61
C VAL A 37 3.89 -0.30 -0.84
N GLU A 38 4.64 -1.38 -1.04
CA GLU A 38 4.87 -1.90 -2.39
C GLU A 38 4.64 -3.41 -2.43
N TRP A 39 3.97 -3.88 -3.47
CA TRP A 39 3.67 -5.29 -3.63
C TRP A 39 3.95 -5.75 -5.06
N ASP A 40 3.88 -7.06 -5.27
CA ASP A 40 4.12 -7.63 -6.60
C ASP A 40 2.80 -7.89 -7.32
N PHE A 41 2.72 -7.42 -8.57
CA PHE A 41 1.51 -7.61 -9.37
C PHE A 41 1.78 -8.57 -10.52
N PRO A 42 1.76 -9.87 -10.23
CA PRO A 42 1.98 -10.92 -11.23
C PRO A 42 0.84 -11.03 -12.23
N THR A 43 -0.39 -11.08 -11.71
CA THR A 43 -1.57 -11.19 -12.56
C THR A 43 -1.88 -9.86 -13.25
N GLY A 44 -2.37 -9.93 -14.48
CA GLY A 44 -2.69 -8.73 -15.21
C GLY A 44 -3.41 -7.70 -14.36
N THR A 45 -2.65 -6.75 -13.82
CA THR A 45 -3.21 -5.71 -12.98
C THR A 45 -2.32 -4.47 -12.96
N LYS A 46 -2.93 -3.30 -13.04
CA LYS A 46 -2.20 -2.04 -13.02
C LYS A 46 -3.05 -0.92 -12.44
N VAL A 47 -2.47 -0.17 -11.50
CA VAL A 47 -3.17 0.94 -10.88
C VAL A 47 -3.31 2.12 -11.83
N THR A 48 -4.52 2.28 -12.38
CA THR A 48 -4.79 3.36 -13.32
C THR A 48 -4.61 4.73 -12.65
N SER A 49 -5.20 4.86 -11.46
CA SER A 49 -5.12 6.11 -10.72
C SER A 49 -5.01 5.85 -9.22
N ALA A 50 -4.30 6.73 -8.52
CA ALA A 50 -4.12 6.59 -7.08
C ALA A 50 -4.25 7.94 -6.37
N TRP A 51 -4.83 7.92 -5.17
CA TRP A 51 -5.01 9.14 -4.40
C TRP A 51 -4.48 8.97 -2.98
N ASP A 52 -3.89 10.03 -2.45
CA ASP A 52 -3.34 10.00 -1.09
C ASP A 52 -2.18 9.02 -1.01
N ALA A 53 -1.69 8.58 -2.15
CA ALA A 53 -0.57 7.64 -2.21
C ALA A 53 -0.10 7.42 -3.64
N THR A 54 0.90 8.20 -4.05
CA THR A 54 1.45 8.11 -5.40
C THR A 54 1.91 6.69 -5.70
N VAL A 55 1.07 5.94 -6.41
CA VAL A 55 1.39 4.57 -6.77
C VAL A 55 2.02 4.49 -8.15
N THR A 56 3.30 4.12 -8.19
CA THR A 56 4.03 4.01 -9.46
C THR A 56 4.17 2.56 -9.89
N ASN A 57 4.73 2.35 -11.06
CA ASN A 57 4.93 1.00 -11.60
C ASN A 57 6.34 0.83 -12.14
N SER A 58 6.79 -0.41 -12.22
CA SER A 58 8.12 -0.72 -12.73
C SER A 58 8.22 -2.17 -13.18
N GLY A 59 7.81 -2.41 -14.43
CA GLY A 59 7.86 -3.76 -14.96
C GLY A 59 6.75 -4.65 -14.42
N ASP A 60 7.03 -5.36 -13.34
CA ASP A 60 6.05 -6.23 -12.72
C ASP A 60 5.90 -5.93 -11.23
N HIS A 61 6.50 -4.83 -10.80
CA HIS A 61 6.43 -4.42 -9.40
C HIS A 61 5.77 -3.04 -9.27
N TRP A 62 5.05 -2.84 -8.18
CA TRP A 62 4.38 -1.57 -7.93
C TRP A 62 4.64 -1.08 -6.51
N THR A 63 4.72 0.24 -6.35
CA THR A 63 4.97 0.83 -5.04
C THR A 63 4.18 2.12 -4.86
N ALA A 64 3.79 2.41 -3.62
CA ALA A 64 3.03 3.61 -3.32
C ALA A 64 3.65 4.38 -2.16
N LYS A 65 3.64 5.70 -2.25
CA LYS A 65 4.20 6.55 -1.22
C LYS A 65 3.34 7.80 -1.00
N ASN A 66 3.51 8.44 0.15
CA ASN A 66 2.75 9.64 0.48
C ASN A 66 3.67 10.74 1.00
N VAL A 67 4.47 10.40 2.01
CA VAL A 67 5.40 11.36 2.60
C VAL A 67 6.84 11.03 2.22
N GLY A 68 7.03 10.63 0.96
CA GLY A 68 8.37 10.29 0.50
C GLY A 68 9.21 11.52 0.20
N TRP A 69 8.66 12.70 0.49
CA TRP A 69 9.35 13.95 0.24
C TRP A 69 9.73 14.63 1.56
N ASN A 70 8.98 14.34 2.61
CA ASN A 70 9.23 14.92 3.92
C ASN A 70 9.71 13.85 4.90
N GLY A 71 9.13 12.67 4.81
CA GLY A 71 9.50 11.58 5.70
C GLY A 71 9.55 12.01 7.15
N THR A 72 8.43 12.53 7.65
CA THR A 72 8.35 12.98 9.03
C THR A 72 7.06 12.51 9.69
N LEU A 73 7.13 11.38 10.39
CA LEU A 73 5.97 10.82 11.07
C LEU A 73 6.32 10.38 12.48
N ALA A 74 5.30 10.23 13.32
CA ALA A 74 5.50 9.81 14.71
C ALA A 74 5.58 8.30 14.81
N PRO A 75 6.11 7.81 15.94
CA PRO A 75 6.25 6.38 16.20
C PRO A 75 4.91 5.69 16.43
N GLY A 76 3.85 6.49 16.53
CA GLY A 76 2.53 5.94 16.74
C GLY A 76 1.46 6.71 15.99
N ALA A 77 0.81 6.05 15.04
CA ALA A 77 -0.25 6.68 14.25
C ALA A 77 -0.83 5.71 13.23
N SER A 78 -1.90 6.12 12.57
CA SER A 78 -2.55 5.29 11.58
C SER A 78 -2.84 6.07 10.31
N VAL A 79 -2.48 5.50 9.16
CA VAL A 79 -2.70 6.16 7.87
C VAL A 79 -3.20 5.15 6.84
N SER A 80 -4.20 5.57 6.07
CA SER A 80 -4.77 4.71 5.03
C SER A 80 -4.93 5.47 3.71
N PHE A 81 -4.81 4.76 2.61
CA PHE A 81 -4.94 5.36 1.28
C PHE A 81 -5.73 4.46 0.34
N GLY A 82 -6.33 5.06 -0.69
CA GLY A 82 -7.10 4.29 -1.64
C GLY A 82 -6.68 4.55 -3.08
N PHE A 83 -7.27 3.82 -4.01
CA PHE A 83 -6.95 3.96 -5.42
C PHE A 83 -7.89 3.13 -6.29
N ASN A 84 -7.65 3.15 -7.59
CA ASN A 84 -8.47 2.38 -8.53
C ASN A 84 -7.61 1.72 -9.60
N GLY A 85 -7.76 0.41 -9.75
CA GLY A 85 -7.00 -0.32 -10.73
C GLY A 85 -7.87 -1.09 -11.70
N SER A 86 -7.36 -1.32 -12.91
CA SER A 86 -8.11 -2.04 -13.92
C SER A 86 -7.64 -3.48 -14.02
N GLY A 87 -8.50 -4.41 -13.62
CA GLY A 87 -8.15 -5.83 -13.66
C GLY A 87 -8.98 -6.65 -12.70
N PRO A 88 -8.43 -7.81 -12.29
CA PRO A 88 -9.11 -8.73 -11.36
C PRO A 88 -9.19 -8.15 -9.95
N GLY A 89 -8.12 -7.51 -9.51
CA GLY A 89 -8.10 -6.93 -8.18
C GLY A 89 -7.58 -7.89 -7.13
N SER A 90 -6.74 -8.83 -7.55
CA SER A 90 -6.18 -9.83 -6.64
C SER A 90 -4.69 -9.62 -6.46
N PRO A 91 -4.33 -8.60 -5.66
CA PRO A 91 -2.93 -8.26 -5.38
C PRO A 91 -2.25 -9.32 -4.51
N SER A 92 -0.92 -9.35 -4.58
CA SER A 92 -0.15 -10.32 -3.79
C SER A 92 1.21 -9.74 -3.41
N ASN A 93 1.94 -10.46 -2.56
CA ASN A 93 3.25 -10.02 -2.11
C ASN A 93 3.16 -8.66 -1.43
N CYS A 94 2.23 -8.54 -0.47
CA CYS A 94 2.04 -7.29 0.24
C CYS A 94 3.25 -6.99 1.13
N LYS A 95 4.08 -6.05 0.70
CA LYS A 95 5.27 -5.67 1.45
C LYS A 95 5.27 -4.17 1.75
N LEU A 96 5.77 -3.81 2.93
CA LEU A 96 5.83 -2.40 3.33
C LEU A 96 6.85 -2.20 4.44
N ASN A 97 7.51 -1.05 4.45
CA ASN A 97 8.50 -0.73 5.46
C ASN A 97 9.65 -1.73 5.42
N GLY A 98 10.27 -1.88 4.26
CA GLY A 98 11.37 -2.80 4.12
C GLY A 98 10.92 -4.25 4.07
N GLY A 99 9.81 -4.49 3.37
CA GLY A 99 9.28 -5.84 3.27
C GLY A 99 8.91 -6.42 4.63
N SER A 100 7.95 -5.81 5.29
CA SER A 100 7.50 -6.27 6.59
C SER A 100 6.02 -5.97 6.81
N CYS A 101 5.20 -7.01 6.77
CA CYS A 101 3.76 -6.85 6.96
C CYS A 101 3.17 -8.06 7.68
N ASP A 102 2.25 -7.80 8.61
CA ASP A 102 1.63 -8.86 9.37
C ASP A 102 0.11 -8.87 9.13
N GLY A 103 -0.48 -10.06 9.16
CA GLY A 103 -1.91 -10.18 8.95
C GLY A 103 -2.25 -10.71 7.58
N THR A 104 -1.36 -10.46 6.61
CA THR A 104 -1.57 -10.91 5.25
C THR A 104 -0.32 -10.71 4.40
N SER A 105 -0.23 -11.44 3.30
CA SER A 105 0.92 -11.35 2.40
C SER A 105 0.57 -11.86 1.01
N ALA A 1 13.46 -3.50 14.95
CA ALA A 1 13.34 -2.06 15.15
C ALA A 1 11.98 -1.55 14.68
N THR A 2 11.81 -1.46 13.37
CA THR A 2 10.55 -0.99 12.79
C THR A 2 9.44 -2.01 12.98
N SER A 3 8.24 -1.53 13.26
CA SER A 3 7.09 -2.40 13.48
C SER A 3 5.81 -1.78 12.91
N ALA A 4 5.49 -2.16 11.68
CA ALA A 4 4.29 -1.65 11.02
C ALA A 4 3.46 -2.77 10.42
N THR A 5 2.16 -2.74 10.66
CA THR A 5 1.26 -3.77 10.15
C THR A 5 0.29 -3.17 9.13
N ALA A 6 -0.10 -3.98 8.15
CA ALA A 6 -1.02 -3.54 7.11
C ALA A 6 -1.96 -4.67 6.69
N THR A 7 -3.05 -4.32 6.02
CA THR A 7 -4.02 -5.30 5.57
C THR A 7 -4.74 -4.82 4.31
N PHE A 8 -4.84 -5.70 3.31
CA PHE A 8 -5.50 -5.36 2.06
C PHE A 8 -7.02 -5.33 2.25
N ALA A 9 -7.68 -4.43 1.53
CA ALA A 9 -9.13 -4.29 1.60
C ALA A 9 -9.71 -3.87 0.26
N LYS A 10 -11.04 -3.89 0.16
CA LYS A 10 -11.73 -3.52 -1.06
C LYS A 10 -12.67 -2.34 -0.82
N THR A 11 -12.64 -1.37 -1.72
CA THR A 11 -13.50 -0.19 -1.61
C THR A 11 -14.75 -0.34 -2.46
N SER A 12 -14.55 -0.49 -3.76
CA SER A 12 -15.67 -0.64 -4.70
C SER A 12 -15.16 -0.81 -6.12
N ASP A 13 -15.88 -1.62 -6.91
CA ASP A 13 -15.50 -1.86 -8.29
C ASP A 13 -16.62 -1.45 -9.24
N TRP A 14 -16.29 -0.61 -10.20
CA TRP A 14 -17.27 -0.13 -11.18
C TRP A 14 -16.97 -0.66 -12.57
N GLY A 15 -17.72 -1.69 -12.98
CA GLY A 15 -17.51 -2.27 -14.29
C GLY A 15 -16.25 -3.11 -14.36
N THR A 16 -15.14 -2.49 -14.76
CA THR A 16 -13.87 -3.19 -14.88
C THR A 16 -12.83 -2.59 -13.93
N GLY A 17 -13.09 -1.37 -13.47
CA GLY A 17 -12.17 -0.69 -12.58
C GLY A 17 -12.48 -0.97 -11.12
N PHE A 18 -11.53 -1.59 -10.43
CA PHE A 18 -11.70 -1.92 -9.01
C PHE A 18 -11.00 -0.89 -8.13
N GLY A 19 -11.47 -0.78 -6.89
CA GLY A 19 -10.87 0.17 -5.96
C GLY A 19 -10.15 -0.52 -4.82
N GLY A 20 -8.82 -0.44 -4.83
CA GLY A 20 -8.03 -1.06 -3.78
C GLY A 20 -7.93 -0.19 -2.54
N SER A 21 -7.98 -0.82 -1.38
CA SER A 21 -7.90 -0.10 -0.11
C SER A 21 -6.81 -0.69 0.78
N TRP A 22 -5.65 -0.06 0.78
CA TRP A 22 -4.52 -0.51 1.59
C TRP A 22 -4.56 0.13 2.97
N THR A 23 -4.56 -0.70 4.01
CA THR A 23 -4.59 -0.21 5.38
C THR A 23 -3.18 -0.16 5.97
N VAL A 24 -2.76 1.04 6.36
CA VAL A 24 -1.43 1.23 6.95
C VAL A 24 -1.53 1.66 8.41
N LYS A 25 -0.77 1.00 9.27
CA LYS A 25 -0.77 1.31 10.69
C LYS A 25 0.65 1.26 11.26
N ASN A 26 1.13 2.38 11.76
CA ASN A 26 2.46 2.47 12.34
C ASN A 26 2.40 2.60 13.85
N THR A 27 2.97 1.64 14.56
CA THR A 27 2.98 1.66 16.01
C THR A 27 3.86 0.54 16.57
N GLY A 28 4.54 0.83 17.67
CA GLY A 28 5.41 -0.15 18.29
C GLY A 28 6.87 0.21 18.16
N THR A 29 7.23 0.89 17.07
CA THR A 29 8.61 1.28 16.83
C THR A 29 8.82 2.75 17.19
N THR A 30 10.08 3.19 17.13
CA THR A 30 10.42 4.56 17.46
C THR A 30 9.74 5.55 16.50
N SER A 31 10.08 6.82 16.62
CA SER A 31 9.50 7.85 15.78
C SER A 31 9.62 7.48 14.30
N LEU A 32 8.49 7.40 13.61
CA LEU A 32 8.46 7.05 12.20
C LEU A 32 8.72 8.27 11.33
N SER A 33 8.63 8.09 10.02
CA SER A 33 8.86 9.18 9.07
C SER A 33 7.92 9.06 7.88
N SER A 34 7.93 7.90 7.24
CA SER A 34 7.08 7.66 6.08
C SER A 34 6.78 6.17 5.92
N TRP A 35 5.81 5.86 5.07
CA TRP A 35 5.43 4.47 4.82
C TRP A 35 5.54 4.13 3.35
N THR A 36 6.27 3.06 3.05
CA THR A 36 6.46 2.62 1.67
C THR A 36 5.94 1.20 1.46
N VAL A 37 4.75 1.08 0.90
CA VAL A 37 4.15 -0.23 0.64
C VAL A 37 4.27 -0.61 -0.83
N GLU A 38 4.95 -1.71 -1.09
CA GLU A 38 5.14 -2.20 -2.46
C GLU A 38 4.81 -3.68 -2.56
N TRP A 39 4.18 -4.06 -3.67
CA TRP A 39 3.80 -5.45 -3.89
C TRP A 39 4.06 -5.85 -5.34
N ASP A 40 3.99 -7.15 -5.60
CA ASP A 40 4.22 -7.67 -6.95
C ASP A 40 2.89 -7.93 -7.65
N PHE A 41 2.77 -7.41 -8.88
CA PHE A 41 1.55 -7.59 -9.66
C PHE A 41 1.81 -8.47 -10.88
N PRO A 42 1.91 -9.79 -10.64
CA PRO A 42 2.16 -10.76 -11.71
C PRO A 42 0.96 -10.92 -12.64
N THR A 43 -0.21 -11.14 -12.05
CA THR A 43 -1.44 -11.31 -12.83
C THR A 43 -1.87 -9.99 -13.46
N GLY A 44 -2.45 -10.07 -14.66
CA GLY A 44 -2.89 -8.88 -15.35
C GLY A 44 -3.46 -7.85 -14.40
N THR A 45 -2.66 -6.86 -14.04
CA THR A 45 -3.08 -5.80 -13.13
C THR A 45 -2.27 -4.53 -13.33
N LYS A 46 -2.85 -3.40 -12.97
CA LYS A 46 -2.17 -2.12 -13.11
C LYS A 46 -2.99 -0.99 -12.47
N VAL A 47 -2.34 -0.19 -11.65
CA VAL A 47 -3.00 0.92 -10.98
C VAL A 47 -3.16 2.11 -11.91
N THR A 48 -4.35 2.27 -12.49
CA THR A 48 -4.62 3.36 -13.40
C THR A 48 -4.51 4.71 -12.69
N SER A 49 -5.09 4.79 -11.49
CA SER A 49 -5.06 6.02 -10.71
C SER A 49 -4.93 5.71 -9.22
N ALA A 50 -4.48 6.70 -8.46
CA ALA A 50 -4.31 6.54 -7.02
C ALA A 50 -4.49 7.87 -6.29
N TRP A 51 -5.07 7.81 -5.10
CA TRP A 51 -5.30 9.01 -4.30
C TRP A 51 -4.75 8.84 -2.89
N ASP A 52 -4.26 9.94 -2.32
CA ASP A 52 -3.71 9.91 -0.96
C ASP A 52 -2.46 9.03 -0.90
N ALA A 53 -1.92 8.71 -2.07
CA ALA A 53 -0.73 7.88 -2.15
C ALA A 53 -0.20 7.80 -3.58
N THR A 54 1.04 8.24 -3.78
CA THR A 54 1.66 8.24 -5.10
C THR A 54 2.15 6.84 -5.46
N VAL A 55 1.46 6.20 -6.40
CA VAL A 55 1.83 4.87 -6.85
C VAL A 55 2.77 4.92 -8.04
N THR A 56 3.67 3.95 -8.13
CA THR A 56 4.63 3.88 -9.22
C THR A 56 4.83 2.45 -9.70
N ASN A 57 4.96 2.29 -11.02
CA ASN A 57 5.15 0.97 -11.60
C ASN A 57 6.57 0.81 -12.14
N SER A 58 7.04 -0.43 -12.18
CA SER A 58 8.39 -0.72 -12.67
C SER A 58 8.49 -2.15 -13.16
N GLY A 59 8.13 -2.38 -14.42
CA GLY A 59 8.19 -3.72 -14.98
C GLY A 59 7.05 -4.60 -14.50
N ASP A 60 7.29 -5.34 -13.44
CA ASP A 60 6.27 -6.24 -12.89
C ASP A 60 6.06 -5.96 -11.40
N HIS A 61 6.71 -4.92 -10.90
CA HIS A 61 6.59 -4.55 -9.49
C HIS A 61 6.02 -3.14 -9.34
N TRP A 62 5.24 -2.93 -8.29
CA TRP A 62 4.64 -1.63 -8.04
C TRP A 62 4.94 -1.15 -6.62
N THR A 63 4.96 0.16 -6.44
CA THR A 63 5.24 0.75 -5.12
C THR A 63 4.32 1.92 -4.84
N ALA A 64 4.03 2.14 -3.56
CA ALA A 64 3.17 3.25 -3.15
C ALA A 64 3.82 4.07 -2.04
N LYS A 65 3.91 5.38 -2.26
CA LYS A 65 4.50 6.28 -1.28
C LYS A 65 3.76 7.61 -1.25
N ASN A 66 3.59 8.14 -0.04
CA ASN A 66 2.89 9.42 0.14
C ASN A 66 3.84 10.48 0.71
N VAL A 67 4.48 10.14 1.81
CA VAL A 67 5.42 11.06 2.46
C VAL A 67 6.86 10.71 2.12
N GLY A 68 7.09 10.34 0.86
CA GLY A 68 8.44 10.00 0.42
C GLY A 68 9.30 11.22 0.20
N TRP A 69 8.72 12.40 0.40
CA TRP A 69 9.45 13.65 0.22
C TRP A 69 9.65 14.36 1.55
N ASN A 70 8.70 14.19 2.46
CA ASN A 70 8.77 14.80 3.78
C ASN A 70 9.23 13.81 4.84
N GLY A 71 8.63 12.62 4.82
CA GLY A 71 8.99 11.59 5.78
C GLY A 71 8.97 12.11 7.21
N THR A 72 7.83 12.65 7.63
CA THR A 72 7.68 13.17 8.98
C THR A 72 6.39 12.68 9.62
N LEU A 73 6.49 11.59 10.38
CA LEU A 73 5.33 11.02 11.05
C LEU A 73 5.67 10.61 12.48
N ALA A 74 4.65 10.45 13.31
CA ALA A 74 4.84 10.04 14.70
C ALA A 74 5.01 8.54 14.82
N PRO A 75 5.55 8.10 15.96
CA PRO A 75 5.78 6.67 16.23
C PRO A 75 4.48 5.90 16.43
N GLY A 76 3.37 6.64 16.51
CA GLY A 76 2.08 6.00 16.70
C GLY A 76 0.98 6.69 15.91
N ALA A 77 0.40 5.96 14.96
CA ALA A 77 -0.67 6.51 14.14
C ALA A 77 -1.18 5.47 13.14
N SER A 78 -2.27 5.81 12.44
CA SER A 78 -2.85 4.90 11.47
C SER A 78 -3.44 5.69 10.29
N VAL A 79 -3.10 5.25 9.07
CA VAL A 79 -3.59 5.91 7.87
C VAL A 79 -3.89 4.89 6.77
N SER A 80 -4.87 5.21 5.93
CA SER A 80 -5.26 4.31 4.85
C SER A 80 -5.33 5.08 3.53
N PHE A 81 -4.79 4.49 2.47
CA PHE A 81 -4.81 5.11 1.15
C PHE A 81 -5.47 4.20 0.13
N GLY A 82 -6.34 4.78 -0.70
CA GLY A 82 -7.04 4.02 -1.71
C GLY A 82 -6.55 4.32 -3.11
N PHE A 83 -7.12 3.64 -4.09
CA PHE A 83 -6.74 3.84 -5.49
C PHE A 83 -7.64 3.04 -6.42
N ASN A 84 -7.38 3.14 -7.72
CA ASN A 84 -8.16 2.42 -8.72
C ASN A 84 -7.26 1.63 -9.66
N GLY A 85 -7.77 0.52 -10.17
CA GLY A 85 -6.99 -0.31 -11.07
C GLY A 85 -7.87 -1.16 -11.97
N SER A 86 -7.31 -1.58 -13.11
CA SER A 86 -8.05 -2.40 -14.07
C SER A 86 -7.63 -3.86 -13.96
N GLY A 87 -8.53 -4.69 -13.44
CA GLY A 87 -8.22 -6.10 -13.30
C GLY A 87 -9.09 -6.78 -12.25
N PRO A 88 -8.64 -7.94 -11.77
CA PRO A 88 -9.36 -8.71 -10.75
C PRO A 88 -9.33 -8.02 -9.38
N GLY A 89 -8.20 -7.41 -9.05
CA GLY A 89 -8.08 -6.74 -7.78
C GLY A 89 -7.61 -7.66 -6.67
N SER A 90 -6.88 -8.71 -7.04
CA SER A 90 -6.38 -9.68 -6.07
C SER A 90 -4.86 -9.61 -5.97
N PRO A 91 -4.35 -8.57 -5.31
CA PRO A 91 -2.91 -8.36 -5.14
C PRO A 91 -2.29 -9.38 -4.20
N SER A 92 -0.97 -9.54 -4.28
CA SER A 92 -0.26 -10.49 -3.43
C SER A 92 1.15 -9.99 -3.13
N ASN A 93 1.76 -10.55 -2.09
CA ASN A 93 3.11 -10.17 -1.69
C ASN A 93 3.15 -8.71 -1.27
N CYS A 94 2.47 -8.40 -0.16
CA CYS A 94 2.43 -7.03 0.35
C CYS A 94 3.55 -6.80 1.35
N LYS A 95 4.67 -6.28 0.88
CA LYS A 95 5.82 -6.01 1.75
C LYS A 95 6.06 -4.51 1.87
N LEU A 96 5.97 -3.99 3.09
CA LEU A 96 6.19 -2.57 3.33
C LEU A 96 7.24 -2.36 4.43
N ASN A 97 7.88 -1.20 4.42
CA ASN A 97 8.90 -0.88 5.40
C ASN A 97 10.08 -1.83 5.28
N GLY A 98 10.22 -2.46 4.13
CA GLY A 98 11.32 -3.38 3.90
C GLY A 98 10.95 -4.81 4.25
N GLY A 99 9.75 -5.22 3.88
CA GLY A 99 9.30 -6.58 4.18
C GLY A 99 8.71 -6.71 5.57
N SER A 100 7.53 -6.13 5.76
CA SER A 100 6.87 -6.18 7.06
C SER A 100 5.36 -6.01 6.90
N CYS A 101 4.62 -7.11 7.02
CA CYS A 101 3.17 -7.08 6.90
C CYS A 101 2.54 -8.32 7.52
N ASP A 102 1.81 -8.11 8.61
CA ASP A 102 1.15 -9.21 9.31
C ASP A 102 -0.31 -9.35 8.86
N GLY A 103 -0.90 -10.49 9.19
CA GLY A 103 -2.29 -10.73 8.82
C GLY A 103 -2.51 -10.61 7.31
N THR A 104 -1.54 -11.09 6.54
CA THR A 104 -1.63 -11.04 5.09
C THR A 104 -0.86 -12.19 4.45
N SER A 105 -0.81 -12.19 3.13
CA SER A 105 -0.11 -13.25 2.39
C SER A 105 -0.14 -12.98 0.89
N ALA A 1 3.20 -6.51 19.90
CA ALA A 1 3.27 -5.76 18.64
C ALA A 1 4.21 -4.57 18.77
N THR A 2 5.26 -4.55 17.96
CA THR A 2 6.23 -3.46 17.98
C THR A 2 6.76 -3.16 16.59
N SER A 3 5.86 -3.14 15.61
CA SER A 3 6.24 -2.87 14.22
C SER A 3 5.05 -2.37 13.43
N ALA A 4 5.24 -2.18 12.12
CA ALA A 4 4.18 -1.71 11.25
C ALA A 4 3.47 -2.87 10.58
N THR A 5 2.15 -2.73 10.40
CA THR A 5 1.35 -3.77 9.78
C THR A 5 0.36 -3.17 8.78
N ALA A 6 0.04 -3.95 7.74
CA ALA A 6 -0.91 -3.50 6.73
C ALA A 6 -1.71 -4.66 6.18
N THR A 7 -2.82 -4.35 5.50
CA THR A 7 -3.69 -5.37 4.93
C THR A 7 -4.44 -4.83 3.72
N PHE A 8 -4.71 -5.71 2.76
CA PHE A 8 -5.44 -5.32 1.55
C PHE A 8 -6.93 -5.27 1.81
N ALA A 9 -7.62 -4.32 1.17
CA ALA A 9 -9.06 -4.17 1.33
C ALA A 9 -9.71 -3.75 0.02
N LYS A 10 -11.03 -3.88 -0.05
CA LYS A 10 -11.77 -3.51 -1.24
C LYS A 10 -12.63 -2.28 -1.00
N THR A 11 -12.63 -1.36 -1.96
CA THR A 11 -13.40 -0.13 -1.85
C THR A 11 -14.68 -0.21 -2.67
N SER A 12 -14.54 -0.24 -3.98
CA SER A 12 -15.69 -0.31 -4.88
C SER A 12 -15.25 -0.54 -6.32
N ASP A 13 -15.97 -1.39 -7.03
CA ASP A 13 -15.65 -1.69 -8.42
C ASP A 13 -16.80 -1.29 -9.34
N TRP A 14 -16.49 -0.49 -10.36
CA TRP A 14 -17.50 -0.04 -11.31
C TRP A 14 -17.26 -0.65 -12.68
N GLY A 15 -18.09 -1.62 -13.05
CA GLY A 15 -17.95 -2.26 -14.34
C GLY A 15 -16.75 -3.19 -14.40
N THR A 16 -15.61 -2.66 -14.83
CA THR A 16 -14.39 -3.44 -14.93
C THR A 16 -13.32 -2.92 -14.00
N GLY A 17 -13.49 -1.68 -13.55
CA GLY A 17 -12.52 -1.07 -12.65
C GLY A 17 -12.79 -1.40 -11.20
N PHE A 18 -11.72 -1.52 -10.42
CA PHE A 18 -11.85 -1.84 -9.00
C PHE A 18 -11.06 -0.84 -8.15
N GLY A 19 -11.58 -0.54 -6.97
CA GLY A 19 -10.91 0.40 -6.07
C GLY A 19 -10.19 -0.30 -4.93
N GLY A 20 -8.86 -0.27 -4.98
CA GLY A 20 -8.08 -0.91 -3.94
C GLY A 20 -7.93 -0.05 -2.71
N SER A 21 -8.15 -0.63 -1.54
CA SER A 21 -8.05 0.10 -0.29
C SER A 21 -6.98 -0.53 0.62
N TRP A 22 -5.80 0.07 0.62
CA TRP A 22 -4.70 -0.42 1.44
C TRP A 22 -4.70 0.23 2.81
N THR A 23 -4.63 -0.58 3.86
CA THR A 23 -4.63 -0.09 5.23
C THR A 23 -3.24 -0.18 5.84
N VAL A 24 -2.76 0.93 6.40
CA VAL A 24 -1.44 0.97 7.02
C VAL A 24 -1.50 1.67 8.38
N LYS A 25 -0.89 1.04 9.38
CA LYS A 25 -0.88 1.60 10.73
C LYS A 25 0.46 1.31 11.41
N ASN A 26 0.98 2.30 12.12
CA ASN A 26 2.25 2.16 12.83
C ASN A 26 2.07 2.37 14.33
N THR A 27 2.60 1.45 15.12
CA THR A 27 2.50 1.54 16.57
C THR A 27 3.59 0.71 17.25
N GLY A 28 3.85 1.01 18.52
CA GLY A 28 4.85 0.27 19.26
C GLY A 28 6.26 0.74 18.93
N THR A 29 6.63 0.64 17.66
CA THR A 29 7.95 1.05 17.20
C THR A 29 8.17 2.54 17.43
N THR A 30 9.44 2.94 17.43
CA THR A 30 9.79 4.35 17.65
C THR A 30 9.13 5.24 16.61
N SER A 31 9.40 6.54 16.69
CA SER A 31 8.82 7.50 15.75
C SER A 31 9.11 7.10 14.31
N LEU A 32 8.06 6.94 13.53
CA LEU A 32 8.20 6.56 12.13
C LEU A 32 8.91 7.64 11.33
N SER A 33 9.60 7.23 10.27
CA SER A 33 10.33 8.17 9.43
C SER A 33 9.76 8.20 8.02
N SER A 34 9.00 7.16 7.67
CA SER A 34 8.40 7.06 6.35
C SER A 34 7.62 5.76 6.21
N TRP A 35 6.59 5.78 5.37
CA TRP A 35 5.76 4.60 5.14
C TRP A 35 5.55 4.36 3.65
N THR A 36 5.83 3.14 3.21
CA THR A 36 5.68 2.78 1.80
C THR A 36 5.17 1.35 1.66
N VAL A 37 4.07 1.19 0.93
CA VAL A 37 3.48 -0.13 0.72
C VAL A 37 3.64 -0.56 -0.74
N GLU A 38 4.55 -1.50 -0.98
CA GLU A 38 4.79 -1.99 -2.32
C GLU A 38 4.47 -3.49 -2.42
N TRP A 39 4.07 -3.92 -3.60
CA TRP A 39 3.72 -5.32 -3.83
C TRP A 39 3.97 -5.72 -5.28
N ASP A 40 3.95 -7.02 -5.55
CA ASP A 40 4.17 -7.52 -6.89
C ASP A 40 2.84 -7.84 -7.57
N PHE A 41 2.68 -7.38 -8.81
CA PHE A 41 1.46 -7.62 -9.57
C PHE A 41 1.72 -8.54 -10.76
N PRO A 42 1.86 -9.84 -10.48
CA PRO A 42 2.13 -10.85 -11.51
C PRO A 42 0.91 -11.07 -12.41
N THR A 43 -0.24 -11.30 -11.80
CA THR A 43 -1.47 -11.53 -12.55
C THR A 43 -1.95 -10.25 -13.24
N GLY A 44 -2.54 -10.41 -14.41
CA GLY A 44 -3.02 -9.25 -15.16
C GLY A 44 -3.61 -8.19 -14.25
N THR A 45 -2.80 -7.18 -13.95
CA THR A 45 -3.24 -6.09 -13.09
C THR A 45 -2.45 -4.81 -13.36
N LYS A 46 -3.03 -3.67 -13.01
CA LYS A 46 -2.38 -2.39 -13.22
C LYS A 46 -3.19 -1.26 -12.58
N VAL A 47 -2.50 -0.41 -11.81
CA VAL A 47 -3.16 0.71 -11.14
C VAL A 47 -3.28 1.91 -12.07
N THR A 48 -4.48 2.14 -12.58
CA THR A 48 -4.73 3.26 -13.48
C THR A 48 -4.47 4.59 -12.80
N SER A 49 -5.02 4.74 -11.59
CA SER A 49 -4.85 5.97 -10.82
C SER A 49 -4.67 5.66 -9.34
N ALA A 50 -4.20 6.66 -8.60
CA ALA A 50 -3.98 6.50 -7.16
C ALA A 50 -4.14 7.83 -6.43
N TRP A 51 -4.76 7.78 -5.25
CA TRP A 51 -4.96 8.98 -4.45
C TRP A 51 -4.44 8.80 -3.04
N ASP A 52 -3.89 9.85 -2.47
CA ASP A 52 -3.35 9.81 -1.11
C ASP A 52 -2.17 8.84 -1.03
N ALA A 53 -1.64 8.47 -2.19
CA ALA A 53 -0.51 7.55 -2.25
C ALA A 53 0.02 7.43 -3.67
N THR A 54 1.11 8.14 -3.96
CA THR A 54 1.71 8.11 -5.28
C THR A 54 2.16 6.70 -5.66
N VAL A 55 1.31 5.98 -6.38
CA VAL A 55 1.63 4.63 -6.80
C VAL A 55 2.40 4.62 -8.11
N THR A 56 3.46 3.82 -8.16
CA THR A 56 4.29 3.72 -9.36
C THR A 56 4.39 2.27 -9.84
N ASN A 57 4.95 2.09 -11.03
CA ASN A 57 5.11 0.76 -11.60
C ASN A 57 6.53 0.55 -12.12
N SER A 58 6.96 -0.71 -12.16
CA SER A 58 8.30 -1.03 -12.63
C SER A 58 8.38 -2.49 -13.07
N GLY A 59 8.01 -2.76 -14.31
CA GLY A 59 8.05 -4.12 -14.82
C GLY A 59 6.91 -4.97 -14.29
N ASP A 60 7.18 -5.70 -13.22
CA ASP A 60 6.17 -6.56 -12.62
C ASP A 60 6.01 -6.25 -11.13
N HIS A 61 6.56 -5.11 -10.70
CA HIS A 61 6.47 -4.70 -9.30
C HIS A 61 5.94 -3.27 -9.19
N TRP A 62 5.21 -3.00 -8.13
CA TRP A 62 4.64 -1.68 -7.89
C TRP A 62 4.97 -1.18 -6.49
N THR A 63 4.79 0.12 -6.28
CA THR A 63 5.08 0.73 -4.98
C THR A 63 4.23 1.97 -4.76
N ALA A 64 3.81 2.18 -3.51
CA ALA A 64 2.99 3.34 -3.17
C ALA A 64 3.66 4.18 -2.08
N LYS A 65 3.87 5.45 -2.38
CA LYS A 65 4.50 6.36 -1.42
C LYS A 65 3.78 7.71 -1.41
N ASN A 66 3.61 8.27 -0.21
CA ASN A 66 2.95 9.56 -0.06
C ASN A 66 3.85 10.55 0.68
N VAL A 67 4.58 10.05 1.66
CA VAL A 67 5.48 10.90 2.44
C VAL A 67 6.88 10.91 1.85
N GLY A 68 6.95 10.99 0.53
CA GLY A 68 8.24 11.01 -0.15
C GLY A 68 8.91 12.36 -0.09
N TRP A 69 8.26 13.31 0.60
CA TRP A 69 8.81 14.65 0.73
C TRP A 69 9.11 14.98 2.19
N ASN A 70 8.29 14.44 3.10
CA ASN A 70 8.47 14.67 4.52
C ASN A 70 8.96 13.41 5.22
N GLY A 71 8.08 12.42 5.34
CA GLY A 71 8.45 11.17 5.98
C GLY A 71 8.20 11.21 7.48
N THR A 72 8.48 12.35 8.10
CA THR A 72 8.29 12.50 9.53
C THR A 72 6.90 12.06 9.96
N LEU A 73 6.84 10.98 10.73
CA LEU A 73 5.58 10.44 11.20
C LEU A 73 5.69 9.95 12.64
N ALA A 74 4.73 10.33 13.48
CA ALA A 74 4.73 9.93 14.88
C ALA A 74 4.85 8.41 15.01
N PRO A 75 5.26 7.95 16.20
CA PRO A 75 5.42 6.53 16.49
C PRO A 75 4.09 5.79 16.55
N GLY A 76 3.01 6.55 16.68
CA GLY A 76 1.68 5.95 16.76
C GLY A 76 0.66 6.72 15.95
N ALA A 77 0.12 6.08 14.92
CA ALA A 77 -0.88 6.71 14.07
C ALA A 77 -1.37 5.73 13.00
N SER A 78 -2.40 6.15 12.26
CA SER A 78 -2.97 5.31 11.21
C SER A 78 -3.00 6.07 9.88
N VAL A 79 -2.52 5.41 8.83
CA VAL A 79 -2.48 6.01 7.50
C VAL A 79 -3.09 5.08 6.46
N SER A 80 -4.17 5.54 5.83
CA SER A 80 -4.85 4.74 4.81
C SER A 80 -4.83 5.44 3.45
N PHE A 81 -4.59 4.68 2.40
CA PHE A 81 -4.54 5.23 1.04
C PHE A 81 -5.26 4.32 0.06
N GLY A 82 -6.05 4.91 -0.82
CA GLY A 82 -6.78 4.14 -1.81
C GLY A 82 -6.29 4.39 -3.22
N PHE A 83 -6.92 3.74 -4.19
CA PHE A 83 -6.55 3.90 -5.60
C PHE A 83 -7.52 3.15 -6.50
N ASN A 84 -7.33 3.30 -7.81
CA ASN A 84 -8.18 2.64 -8.79
C ASN A 84 -7.35 1.81 -9.77
N GLY A 85 -7.71 0.53 -9.90
CA GLY A 85 -6.99 -0.34 -10.81
C GLY A 85 -7.92 -1.10 -11.74
N SER A 86 -7.38 -1.56 -12.87
CA SER A 86 -8.16 -2.29 -13.85
C SER A 86 -7.77 -3.76 -13.86
N GLY A 87 -8.68 -4.62 -13.36
CA GLY A 87 -8.41 -6.04 -13.32
C GLY A 87 -9.28 -6.76 -12.31
N PRO A 88 -8.83 -7.95 -11.88
CA PRO A 88 -9.57 -8.77 -10.91
C PRO A 88 -9.56 -8.15 -9.51
N GLY A 89 -8.45 -7.51 -9.16
CA GLY A 89 -8.34 -6.88 -7.86
C GLY A 89 -7.81 -7.84 -6.80
N SER A 90 -7.05 -8.83 -7.23
CA SER A 90 -6.49 -9.82 -6.32
C SER A 90 -4.98 -9.68 -6.23
N PRO A 91 -4.52 -8.66 -5.49
CA PRO A 91 -3.09 -8.39 -5.30
C PRO A 91 -2.41 -9.45 -4.44
N SER A 92 -1.08 -9.53 -4.53
CA SER A 92 -0.32 -10.49 -3.77
C SER A 92 1.07 -9.95 -3.43
N ASN A 93 1.82 -10.69 -2.63
CA ASN A 93 3.16 -10.28 -2.22
C ASN A 93 3.14 -8.87 -1.66
N CYS A 94 2.45 -8.69 -0.54
CA CYS A 94 2.36 -7.38 0.11
C CYS A 94 3.53 -7.16 1.05
N LYS A 95 4.18 -6.01 0.92
CA LYS A 95 5.33 -5.67 1.76
C LYS A 95 5.45 -4.16 1.92
N LEU A 96 5.88 -3.72 3.10
CA LEU A 96 6.04 -2.30 3.38
C LEU A 96 7.19 -2.08 4.37
N ASN A 97 7.74 -0.87 4.35
CA ASN A 97 8.84 -0.52 5.23
C ASN A 97 10.10 -1.31 4.88
N GLY A 98 10.35 -1.47 3.58
CA GLY A 98 11.51 -2.20 3.14
C GLY A 98 11.39 -3.69 3.38
N GLY A 99 10.21 -4.24 3.11
CA GLY A 99 9.99 -5.66 3.32
C GLY A 99 9.50 -5.97 4.73
N SER A 100 8.25 -5.62 5.01
CA SER A 100 7.67 -5.86 6.32
C SER A 100 6.15 -5.90 6.23
N CYS A 101 5.55 -6.86 6.94
CA CYS A 101 4.10 -7.01 6.95
C CYS A 101 3.68 -8.11 7.93
N ASP A 102 2.72 -7.77 8.79
CA ASP A 102 2.23 -8.72 9.78
C ASP A 102 0.71 -8.83 9.72
N GLY A 103 0.22 -9.94 9.18
CA GLY A 103 -1.21 -10.14 9.06
C GLY A 103 -1.70 -10.13 7.63
N THR A 104 -0.86 -10.64 6.72
CA THR A 104 -1.21 -10.68 5.31
C THR A 104 -0.10 -11.35 4.50
N SER A 105 -0.32 -11.47 3.19
CA SER A 105 0.65 -12.09 2.31
C SER A 105 0.83 -11.27 1.03
N ALA A 1 15.33 -1.88 10.76
CA ALA A 1 14.19 -2.50 11.44
C ALA A 1 12.97 -1.58 11.41
N THR A 2 11.78 -2.16 11.40
CA THR A 2 10.54 -1.39 11.37
C THR A 2 9.39 -2.21 11.93
N SER A 3 8.32 -1.51 12.33
CA SER A 3 7.15 -2.17 12.88
C SER A 3 5.86 -1.55 12.33
N ALA A 4 5.32 -2.17 11.29
CA ALA A 4 4.09 -1.68 10.66
C ALA A 4 3.41 -2.77 9.86
N THR A 5 2.07 -2.80 9.91
CA THR A 5 1.30 -3.79 9.18
C THR A 5 0.32 -3.14 8.23
N ALA A 6 -0.02 -3.83 7.15
CA ALA A 6 -0.94 -3.31 6.15
C ALA A 6 -2.20 -4.17 6.08
N THR A 7 -3.31 -3.57 5.65
CA THR A 7 -4.57 -4.28 5.54
C THR A 7 -5.24 -4.00 4.20
N PHE A 8 -5.32 -5.03 3.35
CA PHE A 8 -5.94 -4.89 2.04
C PHE A 8 -7.45 -4.83 2.16
N ALA A 9 -8.05 -3.79 1.57
CA ALA A 9 -9.50 -3.62 1.62
C ALA A 9 -10.05 -3.30 0.22
N LYS A 10 -11.35 -3.50 0.05
CA LYS A 10 -12.01 -3.23 -1.22
C LYS A 10 -12.78 -1.92 -1.17
N THR A 11 -12.98 -1.32 -2.34
CA THR A 11 -13.71 -0.06 -2.43
C THR A 11 -14.93 -0.20 -3.33
N SER A 12 -14.70 -0.58 -4.58
CA SER A 12 -15.78 -0.75 -5.54
C SER A 12 -15.25 -1.23 -6.89
N ASP A 13 -15.86 -2.26 -7.43
CA ASP A 13 -15.45 -2.83 -8.71
C ASP A 13 -16.55 -2.66 -9.76
N TRP A 14 -16.20 -2.09 -10.90
CA TRP A 14 -17.16 -1.87 -11.98
C TRP A 14 -16.85 -2.78 -13.16
N GLY A 15 -17.30 -4.02 -13.09
CA GLY A 15 -17.07 -4.96 -14.17
C GLY A 15 -15.63 -5.44 -14.22
N THR A 16 -14.78 -4.70 -14.91
CA THR A 16 -13.37 -5.05 -15.04
C THR A 16 -12.51 -4.23 -14.09
N GLY A 17 -13.07 -3.13 -13.60
CA GLY A 17 -12.34 -2.26 -12.69
C GLY A 17 -12.53 -2.66 -11.23
N PHE A 18 -11.57 -2.30 -10.39
CA PHE A 18 -11.64 -2.62 -8.98
C PHE A 18 -11.04 -1.50 -8.13
N GLY A 19 -11.64 -1.27 -6.97
CA GLY A 19 -11.16 -0.22 -6.09
C GLY A 19 -10.34 -0.76 -4.93
N GLY A 20 -9.07 -0.36 -4.89
CA GLY A 20 -8.19 -0.83 -3.83
C GLY A 20 -8.15 0.12 -2.65
N SER A 21 -7.89 -0.42 -1.47
CA SER A 21 -7.83 0.38 -0.24
C SER A 21 -6.85 -0.21 0.75
N TRP A 22 -5.63 0.30 0.76
CA TRP A 22 -4.60 -0.18 1.67
C TRP A 22 -4.63 0.60 2.98
N THR A 23 -4.51 -0.11 4.10
CA THR A 23 -4.51 0.51 5.41
C THR A 23 -3.18 0.34 6.11
N VAL A 24 -2.37 1.40 6.10
CA VAL A 24 -1.05 1.36 6.73
C VAL A 24 -1.14 1.79 8.20
N LYS A 25 -0.52 0.99 9.07
CA LYS A 25 -0.53 1.27 10.50
C LYS A 25 0.87 1.14 11.08
N ASN A 26 1.31 2.18 11.80
CA ASN A 26 2.63 2.19 12.41
C ASN A 26 2.52 2.07 13.93
N THR A 27 3.32 1.18 14.51
CA THR A 27 3.31 0.96 15.94
C THR A 27 4.44 0.03 16.37
N GLY A 28 5.32 0.51 17.24
CA GLY A 28 6.43 -0.29 17.71
C GLY A 28 7.76 0.44 17.61
N THR A 29 8.34 0.46 16.42
CA THR A 29 9.62 1.13 16.20
C THR A 29 9.55 2.59 16.63
N THR A 30 10.71 3.24 16.70
CA THR A 30 10.79 4.64 17.09
C THR A 30 9.99 5.53 16.13
N SER A 31 10.17 6.83 16.26
CA SER A 31 9.47 7.79 15.41
C SER A 31 9.54 7.36 13.94
N LEU A 32 8.37 7.17 13.34
CA LEU A 32 8.30 6.76 11.93
C LEU A 32 8.86 7.84 11.02
N SER A 33 9.81 7.47 10.17
CA SER A 33 10.43 8.40 9.25
C SER A 33 9.60 8.53 7.97
N SER A 34 8.82 7.50 7.68
CA SER A 34 7.97 7.50 6.49
C SER A 34 7.19 6.19 6.37
N TRP A 35 6.24 6.15 5.45
CA TRP A 35 5.42 4.96 5.24
C TRP A 35 5.27 4.65 3.76
N THR A 36 5.40 3.38 3.40
CA THR A 36 5.27 2.96 2.01
C THR A 36 4.79 1.52 1.92
N VAL A 37 3.97 1.24 0.91
CA VAL A 37 3.44 -0.11 0.70
C VAL A 37 3.65 -0.56 -0.74
N GLU A 38 4.59 -1.47 -0.93
CA GLU A 38 4.90 -1.99 -2.26
C GLU A 38 4.64 -3.49 -2.32
N TRP A 39 3.97 -3.93 -3.39
CA TRP A 39 3.67 -5.34 -3.57
C TRP A 39 4.00 -5.79 -4.99
N ASP A 40 3.88 -7.10 -5.23
CA ASP A 40 4.17 -7.66 -6.54
C ASP A 40 2.89 -7.87 -7.34
N PHE A 41 2.87 -7.39 -8.58
CA PHE A 41 1.70 -7.52 -9.44
C PHE A 41 2.00 -8.43 -10.62
N PRO A 42 2.08 -9.75 -10.35
CA PRO A 42 2.36 -10.75 -11.38
C PRO A 42 1.20 -10.91 -12.35
N THR A 43 0.00 -11.10 -11.82
CA THR A 43 -1.19 -11.28 -12.64
C THR A 43 -1.61 -9.95 -13.29
N GLY A 44 -2.14 -10.04 -14.50
CA GLY A 44 -2.57 -8.85 -15.22
C GLY A 44 -3.22 -7.83 -14.30
N THR A 45 -2.45 -6.84 -13.89
CA THR A 45 -2.96 -5.80 -13.00
C THR A 45 -2.17 -4.50 -13.15
N LYS A 46 -2.81 -3.38 -12.84
CA LYS A 46 -2.16 -2.07 -12.95
C LYS A 46 -3.05 -0.98 -12.36
N VAL A 47 -2.47 -0.15 -11.50
CA VAL A 47 -3.22 0.95 -10.89
C VAL A 47 -3.38 2.11 -11.85
N THR A 48 -4.61 2.31 -12.33
CA THR A 48 -4.90 3.39 -13.27
C THR A 48 -4.79 4.75 -12.59
N SER A 49 -5.38 4.85 -11.40
CA SER A 49 -5.35 6.11 -10.65
C SER A 49 -5.16 5.84 -9.15
N ALA A 50 -4.66 6.83 -8.43
CA ALA A 50 -4.45 6.70 -7.00
C ALA A 50 -4.50 8.06 -6.31
N TRP A 51 -4.78 8.05 -5.01
CA TRP A 51 -4.87 9.29 -4.24
C TRP A 51 -4.27 9.10 -2.85
N ASP A 52 -3.66 10.17 -2.33
CA ASP A 52 -3.05 10.12 -1.01
C ASP A 52 -1.88 9.14 -0.99
N ALA A 53 -1.42 8.75 -2.17
CA ALA A 53 -0.31 7.81 -2.29
C ALA A 53 0.13 7.66 -3.74
N THR A 54 1.27 8.26 -4.08
CA THR A 54 1.79 8.19 -5.44
C THR A 54 2.19 6.77 -5.81
N VAL A 55 1.23 6.02 -6.37
CA VAL A 55 1.48 4.65 -6.77
C VAL A 55 2.19 4.58 -8.12
N THR A 56 3.39 4.01 -8.12
CA THR A 56 4.18 3.89 -9.34
C THR A 56 4.28 2.44 -9.79
N ASN A 57 4.89 2.22 -10.95
CA ASN A 57 5.06 0.88 -11.48
C ASN A 57 6.49 0.67 -11.98
N SER A 58 6.89 -0.60 -12.12
CA SER A 58 8.22 -0.93 -12.58
C SER A 58 8.29 -2.39 -13.05
N GLY A 59 7.93 -2.61 -14.31
CA GLY A 59 7.94 -3.96 -14.86
C GLY A 59 6.83 -4.82 -14.32
N ASP A 60 7.12 -5.55 -13.25
CA ASP A 60 6.13 -6.43 -12.62
C ASP A 60 6.00 -6.13 -11.13
N HIS A 61 6.47 -4.95 -10.73
CA HIS A 61 6.40 -4.54 -9.33
C HIS A 61 5.79 -3.16 -9.20
N TRP A 62 5.06 -2.93 -8.12
CA TRP A 62 4.41 -1.65 -7.88
C TRP A 62 4.68 -1.16 -6.46
N THR A 63 4.72 0.16 -6.28
CA THR A 63 4.96 0.75 -4.97
C THR A 63 4.12 2.00 -4.77
N ALA A 64 3.69 2.22 -3.53
CA ALA A 64 2.88 3.39 -3.20
C ALA A 64 3.54 4.23 -2.12
N LYS A 65 3.92 5.45 -2.48
CA LYS A 65 4.57 6.36 -1.55
C LYS A 65 3.92 7.73 -1.59
N ASN A 66 3.70 8.31 -0.42
CA ASN A 66 3.08 9.63 -0.32
C ASN A 66 3.98 10.60 0.43
N VAL A 67 4.43 10.18 1.62
CA VAL A 67 5.29 11.01 2.44
C VAL A 67 6.76 10.69 2.19
N GLY A 68 7.11 10.47 0.93
CA GLY A 68 8.48 10.15 0.58
C GLY A 68 9.39 11.36 0.66
N TRP A 69 8.83 12.50 1.03
CA TRP A 69 9.59 13.74 1.15
C TRP A 69 9.84 14.07 2.61
N ASN A 70 8.94 13.64 3.49
CA ASN A 70 9.07 13.90 4.91
C ASN A 70 8.83 12.64 5.72
N GLY A 71 7.58 12.19 5.76
CA GLY A 71 7.24 10.99 6.49
C GLY A 71 7.48 11.13 7.98
N THR A 72 7.68 12.37 8.42
CA THR A 72 7.93 12.64 9.84
C THR A 72 6.65 12.50 10.65
N LEU A 73 6.44 11.31 11.22
CA LEU A 73 5.26 11.05 12.02
C LEU A 73 5.62 10.20 13.24
N ALA A 74 4.85 10.36 14.32
CA ALA A 74 5.07 9.60 15.55
C ALA A 74 5.13 8.11 15.26
N PRO A 75 5.67 7.34 16.23
CA PRO A 75 5.79 5.89 16.11
C PRO A 75 4.44 5.19 16.18
N GLY A 76 3.40 5.95 16.48
CA GLY A 76 2.07 5.38 16.57
C GLY A 76 1.03 6.19 15.81
N ALA A 77 0.46 5.58 14.77
CA ALA A 77 -0.54 6.26 13.96
C ALA A 77 -1.07 5.34 12.86
N SER A 78 -2.10 5.79 12.15
CA SER A 78 -2.70 5.01 11.08
C SER A 78 -2.99 5.89 9.87
N VAL A 79 -2.59 5.42 8.69
CA VAL A 79 -2.82 6.16 7.46
C VAL A 79 -3.13 5.22 6.30
N SER A 80 -4.38 5.25 5.84
CA SER A 80 -4.80 4.39 4.74
C SER A 80 -4.92 5.19 3.45
N PHE A 81 -4.41 4.63 2.36
CA PHE A 81 -4.45 5.30 1.06
C PHE A 81 -5.25 4.46 0.05
N GLY A 82 -6.24 5.08 -0.56
CA GLY A 82 -7.06 4.39 -1.54
C GLY A 82 -6.61 4.64 -2.97
N PHE A 83 -7.22 3.95 -3.91
CA PHE A 83 -6.89 4.11 -5.32
C PHE A 83 -7.82 3.27 -6.21
N ASN A 84 -7.65 3.40 -7.51
CA ASN A 84 -8.48 2.68 -8.46
C ASN A 84 -7.61 1.92 -9.48
N GLY A 85 -7.85 0.61 -9.58
CA GLY A 85 -7.09 -0.20 -10.51
C GLY A 85 -7.97 -0.97 -11.47
N SER A 86 -7.38 -1.43 -12.57
CA SER A 86 -8.12 -2.18 -13.57
C SER A 86 -7.72 -3.65 -13.56
N GLY A 87 -8.63 -4.51 -13.11
CA GLY A 87 -8.35 -5.94 -13.07
C GLY A 87 -9.16 -6.64 -12.00
N PRO A 88 -8.68 -7.82 -11.57
CA PRO A 88 -9.35 -8.63 -10.54
C PRO A 88 -9.27 -7.99 -9.16
N GLY A 89 -8.14 -7.34 -8.88
CA GLY A 89 -7.98 -6.69 -7.59
C GLY A 89 -7.43 -7.64 -6.53
N SER A 90 -6.69 -8.66 -6.97
CA SER A 90 -6.12 -9.63 -6.06
C SER A 90 -4.60 -9.53 -6.03
N PRO A 91 -4.09 -8.50 -5.32
CA PRO A 91 -2.65 -8.26 -5.19
C PRO A 91 -1.95 -9.32 -4.34
N SER A 92 -0.63 -9.32 -4.37
CA SER A 92 0.15 -10.28 -3.61
C SER A 92 1.48 -9.67 -3.17
N ASN A 93 2.18 -10.38 -2.27
CA ASN A 93 3.46 -9.91 -1.77
C ASN A 93 3.32 -8.56 -1.09
N CYS A 94 2.33 -8.45 -0.20
CA CYS A 94 2.09 -7.20 0.52
C CYS A 94 3.25 -6.86 1.44
N LYS A 95 4.15 -6.01 0.96
CA LYS A 95 5.31 -5.61 1.75
C LYS A 95 5.34 -4.10 1.94
N LEU A 96 5.34 -3.67 3.20
CA LEU A 96 5.36 -2.24 3.53
C LEU A 96 6.53 -1.92 4.45
N ASN A 97 6.97 -0.66 4.42
CA ASN A 97 8.08 -0.22 5.26
C ASN A 97 9.36 -0.96 4.89
N GLY A 98 9.45 -1.38 3.63
CA GLY A 98 10.63 -2.10 3.17
C GLY A 98 10.59 -3.57 3.50
N GLY A 99 9.42 -4.18 3.30
CA GLY A 99 9.26 -5.59 3.58
C GLY A 99 8.73 -5.85 4.98
N SER A 100 7.47 -5.52 5.21
CA SER A 100 6.84 -5.71 6.51
C SER A 100 5.33 -5.82 6.38
N CYS A 101 4.75 -6.83 7.02
CA CYS A 101 3.32 -7.05 6.97
C CYS A 101 2.92 -8.24 7.83
N ASP A 102 1.62 -8.45 7.99
CA ASP A 102 1.10 -9.55 8.79
C ASP A 102 0.10 -10.38 7.99
N GLY A 103 0.62 -11.30 7.19
CA GLY A 103 -0.25 -12.14 6.38
C GLY A 103 -0.13 -11.86 4.90
N THR A 104 1.11 -11.79 4.42
CA THR A 104 1.35 -11.51 3.00
C THR A 104 0.97 -12.69 2.13
N SER A 105 0.65 -12.42 0.87
CA SER A 105 0.26 -13.46 -0.07
C SER A 105 1.42 -13.84 -0.98
N ALA A 1 12.21 -4.41 19.06
CA ALA A 1 11.24 -5.05 18.18
C ALA A 1 10.36 -4.03 17.49
N THR A 2 9.79 -4.40 16.36
CA THR A 2 8.92 -3.51 15.59
C THR A 2 7.45 -3.88 15.80
N SER A 3 6.56 -3.04 15.27
CA SER A 3 5.13 -3.27 15.41
C SER A 3 4.35 -2.40 14.42
N ALA A 4 4.01 -2.98 13.27
CA ALA A 4 3.27 -2.26 12.25
C ALA A 4 2.93 -3.18 11.07
N THR A 5 1.69 -3.11 10.61
CA THR A 5 1.24 -3.94 9.49
C THR A 5 0.22 -3.19 8.63
N ALA A 6 -0.08 -3.76 7.46
CA ALA A 6 -1.04 -3.15 6.56
C ALA A 6 -2.01 -4.19 6.00
N THR A 7 -3.30 -3.94 6.20
CA THR A 7 -4.32 -4.85 5.72
C THR A 7 -4.93 -4.37 4.41
N PHE A 8 -5.18 -5.31 3.50
CA PHE A 8 -5.76 -4.97 2.20
C PHE A 8 -7.28 -4.96 2.27
N ALA A 9 -7.90 -4.04 1.53
CA ALA A 9 -9.35 -3.93 1.51
C ALA A 9 -9.84 -3.55 0.12
N LYS A 10 -11.09 -3.91 -0.18
CA LYS A 10 -11.69 -3.60 -1.47
C LYS A 10 -12.58 -2.37 -1.38
N THR A 11 -12.60 -1.57 -2.45
CA THR A 11 -13.41 -0.36 -2.49
C THR A 11 -14.69 -0.58 -3.29
N SER A 12 -14.52 -0.94 -4.55
CA SER A 12 -15.67 -1.19 -5.42
C SER A 12 -15.20 -1.59 -6.83
N ASP A 13 -16.01 -2.41 -7.50
CA ASP A 13 -15.69 -2.87 -8.84
C ASP A 13 -16.73 -2.40 -9.84
N TRP A 14 -16.27 -1.74 -10.91
CA TRP A 14 -17.17 -1.24 -11.93
C TRP A 14 -16.97 -2.00 -13.24
N GLY A 15 -17.68 -3.12 -13.38
CA GLY A 15 -17.57 -3.91 -14.59
C GLY A 15 -16.27 -4.70 -14.65
N THR A 16 -15.20 -4.05 -15.08
CA THR A 16 -13.90 -4.69 -15.18
C THR A 16 -12.88 -4.03 -14.25
N GLY A 17 -13.20 -2.82 -13.80
CA GLY A 17 -12.30 -2.11 -12.91
C GLY A 17 -12.52 -2.48 -11.45
N PHE A 18 -11.58 -2.09 -10.59
CA PHE A 18 -11.68 -2.38 -9.17
C PHE A 18 -11.01 -1.28 -8.34
N GLY A 19 -11.41 -1.18 -7.08
CA GLY A 19 -10.85 -0.17 -6.21
C GLY A 19 -10.07 -0.77 -5.05
N GLY A 20 -8.85 -0.27 -4.84
CA GLY A 20 -8.03 -0.79 -3.76
C GLY A 20 -8.03 0.12 -2.55
N SER A 21 -7.95 -0.47 -1.37
CA SER A 21 -7.95 0.30 -0.12
C SER A 21 -6.93 -0.26 0.87
N TRP A 22 -5.74 0.32 0.87
CA TRP A 22 -4.68 -0.11 1.76
C TRP A 22 -4.74 0.64 3.09
N THR A 23 -4.80 -0.12 4.19
CA THR A 23 -4.86 0.48 5.52
C THR A 23 -3.57 0.24 6.29
N VAL A 24 -2.73 1.27 6.36
CA VAL A 24 -1.46 1.16 7.07
C VAL A 24 -1.58 1.66 8.50
N LYS A 25 -1.09 0.87 9.45
CA LYS A 25 -1.15 1.23 10.85
C LYS A 25 0.14 0.85 11.57
N ASN A 26 0.85 1.84 12.09
CA ASN A 26 2.10 1.61 12.81
C ASN A 26 2.00 2.09 14.25
N THR A 27 2.30 1.20 15.19
CA THR A 27 2.25 1.53 16.61
C THR A 27 2.98 0.49 17.45
N GLY A 28 3.72 0.94 18.45
CA GLY A 28 4.45 0.04 19.30
C GLY A 28 5.91 -0.11 18.89
N THR A 29 6.34 0.75 17.97
CA THR A 29 7.72 0.72 17.50
C THR A 29 8.34 2.11 17.51
N THR A 30 9.63 2.18 17.20
CA THR A 30 10.35 3.45 17.18
C THR A 30 9.61 4.49 16.34
N SER A 31 10.00 5.74 16.49
CA SER A 31 9.37 6.83 15.75
C SER A 31 9.71 6.75 14.26
N LEU A 32 8.79 6.20 13.49
CA LEU A 32 8.99 6.05 12.05
C LEU A 32 9.24 7.41 11.39
N SER A 33 9.48 7.40 10.09
CA SER A 33 9.73 8.63 9.34
C SER A 33 8.96 8.64 8.02
N SER A 34 9.12 7.58 7.24
CA SER A 34 8.45 7.47 5.95
C SER A 34 7.82 6.09 5.78
N TRP A 35 6.62 6.06 5.21
CA TRP A 35 5.91 4.80 4.99
C TRP A 35 5.74 4.53 3.50
N THR A 36 6.16 3.33 3.08
CA THR A 36 6.06 2.95 1.68
C THR A 36 5.51 1.53 1.53
N VAL A 37 4.33 1.42 0.90
CA VAL A 37 3.71 0.12 0.70
C VAL A 37 3.85 -0.35 -0.74
N GLU A 38 4.74 -1.32 -0.93
CA GLU A 38 4.99 -1.85 -2.27
C GLU A 38 4.68 -3.35 -2.31
N TRP A 39 4.01 -3.78 -3.38
CA TRP A 39 3.66 -5.19 -3.54
C TRP A 39 3.91 -5.65 -4.98
N ASP A 40 3.81 -6.96 -5.21
CA ASP A 40 4.02 -7.52 -6.54
C ASP A 40 2.68 -7.78 -7.23
N PHE A 41 2.57 -7.30 -8.47
CA PHE A 41 1.35 -7.47 -9.23
C PHE A 41 1.58 -8.38 -10.44
N PRO A 42 1.66 -9.70 -10.17
CA PRO A 42 1.89 -10.71 -11.21
C PRO A 42 0.68 -10.87 -12.13
N THR A 43 -0.49 -11.04 -11.53
CA THR A 43 -1.72 -11.21 -12.29
C THR A 43 -2.13 -9.90 -12.97
N GLY A 44 -2.70 -10.01 -14.16
CA GLY A 44 -3.14 -8.83 -14.88
C GLY A 44 -3.69 -7.76 -13.97
N THR A 45 -2.87 -6.76 -13.65
CA THR A 45 -3.29 -5.69 -12.77
C THR A 45 -2.47 -4.41 -13.05
N LYS A 46 -3.05 -3.26 -12.71
CA LYS A 46 -2.38 -1.98 -12.92
C LYS A 46 -3.19 -0.84 -12.32
N VAL A 47 -2.52 0.00 -11.53
CA VAL A 47 -3.17 1.13 -10.89
C VAL A 47 -3.23 2.34 -11.83
N THR A 48 -4.36 2.52 -12.49
CA THR A 48 -4.53 3.63 -13.41
C THR A 48 -4.46 4.97 -12.68
N SER A 49 -5.12 5.05 -11.54
CA SER A 49 -5.12 6.28 -10.74
C SER A 49 -4.93 5.97 -9.26
N ALA A 50 -4.53 6.98 -8.49
CA ALA A 50 -4.32 6.82 -7.06
C ALA A 50 -4.50 8.14 -6.33
N TRP A 51 -4.69 8.06 -5.01
CA TRP A 51 -4.88 9.25 -4.19
C TRP A 51 -4.33 9.04 -2.79
N ASP A 52 -3.74 10.08 -2.22
CA ASP A 52 -3.16 10.01 -0.88
C ASP A 52 -2.01 9.02 -0.84
N ALA A 53 -1.51 8.64 -2.01
CA ALA A 53 -0.40 7.69 -2.11
C ALA A 53 0.08 7.56 -3.54
N THR A 54 1.19 8.22 -3.86
CA THR A 54 1.76 8.18 -5.20
C THR A 54 2.17 6.76 -5.57
N VAL A 55 1.31 6.06 -6.30
CA VAL A 55 1.59 4.69 -6.72
C VAL A 55 2.36 4.67 -8.04
N THR A 56 3.47 3.93 -8.05
CA THR A 56 4.30 3.82 -9.25
C THR A 56 4.35 2.39 -9.76
N ASN A 57 4.88 2.22 -10.96
CA ASN A 57 4.99 0.90 -11.57
C ASN A 57 6.40 0.65 -12.08
N SER A 58 6.78 -0.62 -12.15
CA SER A 58 8.11 -0.99 -12.63
C SER A 58 8.14 -2.46 -13.07
N GLY A 59 7.76 -2.68 -14.32
CA GLY A 59 7.74 -4.05 -14.85
C GLY A 59 6.59 -4.86 -14.32
N ASP A 60 6.84 -5.60 -13.25
CA ASP A 60 5.81 -6.45 -12.64
C ASP A 60 5.68 -6.14 -11.14
N HIS A 61 6.25 -5.01 -10.73
CA HIS A 61 6.20 -4.61 -9.32
C HIS A 61 5.71 -3.17 -9.19
N TRP A 62 4.98 -2.90 -8.11
CA TRP A 62 4.46 -1.55 -7.86
C TRP A 62 4.80 -1.08 -6.45
N THR A 63 4.85 0.23 -6.28
CA THR A 63 5.17 0.81 -4.97
C THR A 63 4.30 2.03 -4.69
N ALA A 64 4.00 2.25 -3.41
CA ALA A 64 3.17 3.37 -3.00
C ALA A 64 3.90 4.24 -1.98
N LYS A 65 3.82 5.56 -2.17
CA LYS A 65 4.47 6.50 -1.26
C LYS A 65 3.77 7.85 -1.29
N ASN A 66 3.47 8.40 -0.11
CA ASN A 66 2.80 9.69 0.00
C ASN A 66 3.72 10.72 0.64
N VAL A 67 4.63 10.25 1.50
CA VAL A 67 5.56 11.14 2.17
C VAL A 67 6.96 11.01 1.59
N GLY A 68 7.03 10.89 0.27
CA GLY A 68 8.32 10.77 -0.40
C GLY A 68 9.02 12.10 -0.56
N TRP A 69 8.42 13.14 -0.01
CA TRP A 69 8.99 14.49 -0.10
C TRP A 69 9.32 15.04 1.28
N ASN A 70 8.50 14.66 2.26
CA ASN A 70 8.71 15.11 3.64
C ASN A 70 9.28 13.99 4.50
N GLY A 71 8.83 12.77 4.25
CA GLY A 71 9.30 11.64 5.02
C GLY A 71 9.20 11.85 6.51
N THR A 72 8.01 12.20 6.98
CA THR A 72 7.78 12.44 8.40
C THR A 72 6.67 11.55 8.94
N LEU A 73 7.00 10.70 9.91
CA LEU A 73 6.03 9.80 10.51
C LEU A 73 6.21 9.73 12.02
N ALA A 74 5.19 9.28 12.72
CA ALA A 74 5.24 9.15 14.17
C ALA A 74 5.31 7.69 14.60
N PRO A 75 5.71 7.45 15.85
CA PRO A 75 5.84 6.10 16.41
C PRO A 75 4.48 5.44 16.62
N GLY A 76 3.42 6.21 16.44
CA GLY A 76 2.08 5.67 16.62
C GLY A 76 1.03 6.47 15.86
N ALA A 77 0.42 5.83 14.87
CA ALA A 77 -0.61 6.49 14.07
C ALA A 77 -1.12 5.56 12.97
N SER A 78 -2.17 6.00 12.28
CA SER A 78 -2.76 5.19 11.21
C SER A 78 -2.96 6.04 9.95
N VAL A 79 -2.53 5.51 8.82
CA VAL A 79 -2.66 6.20 7.54
C VAL A 79 -3.11 5.25 6.44
N SER A 80 -4.30 5.50 5.90
CA SER A 80 -4.85 4.66 4.84
C SER A 80 -4.84 5.40 3.51
N PHE A 81 -4.55 4.67 2.43
CA PHE A 81 -4.50 5.25 1.10
C PHE A 81 -5.21 4.35 0.09
N GLY A 82 -6.05 4.96 -0.75
CA GLY A 82 -6.77 4.19 -1.75
C GLY A 82 -6.31 4.51 -3.16
N PHE A 83 -6.93 3.86 -4.14
CA PHE A 83 -6.57 4.07 -5.54
C PHE A 83 -7.56 3.37 -6.47
N ASN A 84 -7.37 3.55 -7.77
CA ASN A 84 -8.24 2.93 -8.76
C ASN A 84 -7.43 2.19 -9.83
N GLY A 85 -7.75 0.92 -10.02
CA GLY A 85 -7.04 0.12 -11.01
C GLY A 85 -7.95 -0.81 -11.76
N SER A 86 -7.48 -1.30 -12.91
CA SER A 86 -8.27 -2.21 -13.74
C SER A 86 -7.75 -3.63 -13.63
N GLY A 87 -8.63 -4.56 -13.28
CA GLY A 87 -8.24 -5.95 -13.15
C GLY A 87 -9.11 -6.71 -12.18
N PRO A 88 -8.63 -7.87 -11.73
CA PRO A 88 -9.36 -8.73 -10.78
C PRO A 88 -9.44 -8.11 -9.39
N GLY A 89 -8.36 -7.44 -8.99
CA GLY A 89 -8.33 -6.81 -7.68
C GLY A 89 -7.81 -7.75 -6.61
N SER A 90 -7.00 -8.72 -7.00
CA SER A 90 -6.45 -9.68 -6.07
C SER A 90 -4.94 -9.51 -5.93
N PRO A 91 -4.52 -8.46 -5.19
CA PRO A 91 -3.11 -8.15 -4.97
C PRO A 91 -2.43 -9.18 -4.06
N SER A 92 -1.11 -9.27 -4.18
CA SER A 92 -0.34 -10.22 -3.37
C SER A 92 1.02 -9.65 -3.02
N ASN A 93 1.79 -10.39 -2.24
CA ASN A 93 3.12 -9.97 -1.83
C ASN A 93 3.08 -8.57 -1.21
N CYS A 94 2.30 -8.43 -0.15
CA CYS A 94 2.17 -7.15 0.54
C CYS A 94 3.39 -6.87 1.40
N LYS A 95 4.19 -5.89 0.99
CA LYS A 95 5.40 -5.51 1.72
C LYS A 95 5.47 -4.01 1.92
N LEU A 96 5.98 -3.58 3.06
CA LEU A 96 6.11 -2.17 3.37
C LEU A 96 7.20 -1.94 4.41
N ASN A 97 7.78 -0.73 4.40
CA ASN A 97 8.83 -0.38 5.34
C ASN A 97 10.06 -1.27 5.13
N GLY A 98 10.48 -1.41 3.88
CA GLY A 98 11.63 -2.22 3.57
C GLY A 98 11.31 -3.71 3.57
N GLY A 99 10.02 -4.03 3.44
CA GLY A 99 9.61 -5.42 3.43
C GLY A 99 9.30 -5.95 4.81
N SER A 100 8.19 -5.47 5.39
CA SER A 100 7.78 -5.90 6.72
C SER A 100 6.29 -5.70 6.91
N CYS A 101 5.54 -6.79 6.87
CA CYS A 101 4.09 -6.74 7.04
C CYS A 101 3.56 -8.04 7.63
N ASP A 102 3.07 -7.96 8.86
CA ASP A 102 2.54 -9.13 9.55
C ASP A 102 1.03 -9.25 9.35
N GLY A 103 0.57 -10.45 9.04
CA GLY A 103 -0.85 -10.67 8.82
C GLY A 103 -1.20 -10.84 7.35
N THR A 104 -0.37 -10.25 6.48
CA THR A 104 -0.60 -10.34 5.05
C THR A 104 0.72 -10.42 4.29
N SER A 105 0.74 -11.23 3.23
CA SER A 105 1.95 -11.41 2.42
C SER A 105 1.66 -12.27 1.19
N ALA A 1 1.27 -6.40 18.36
CA ALA A 1 2.49 -6.30 17.57
C ALA A 1 3.27 -5.04 17.93
N THR A 2 4.60 -5.15 17.93
CA THR A 2 5.47 -4.03 18.25
C THR A 2 6.20 -3.52 17.01
N SER A 3 5.50 -3.51 15.88
CA SER A 3 6.08 -3.05 14.62
C SER A 3 5.01 -2.49 13.70
N ALA A 4 5.41 -2.18 12.47
CA ALA A 4 4.47 -1.62 11.49
C ALA A 4 3.86 -2.73 10.63
N THR A 5 2.54 -2.66 10.45
CA THR A 5 1.83 -3.66 9.66
C THR A 5 0.67 -3.04 8.90
N ALA A 6 0.23 -3.70 7.84
CA ALA A 6 -0.88 -3.22 7.04
C ALA A 6 -1.76 -4.37 6.56
N THR A 7 -2.97 -4.04 6.11
CA THR A 7 -3.91 -5.03 5.63
C THR A 7 -4.58 -4.58 4.34
N PHE A 8 -4.89 -5.55 3.47
CA PHE A 8 -5.54 -5.25 2.21
C PHE A 8 -7.05 -5.10 2.38
N ALA A 9 -7.63 -4.15 1.64
CA ALA A 9 -9.07 -3.90 1.73
C ALA A 9 -9.64 -3.53 0.36
N LYS A 10 -10.91 -3.83 0.15
CA LYS A 10 -11.57 -3.54 -1.11
C LYS A 10 -12.41 -2.26 -1.01
N THR A 11 -12.51 -1.54 -2.12
CA THR A 11 -13.28 -0.30 -2.14
C THR A 11 -14.53 -0.45 -3.00
N SER A 12 -14.34 -0.77 -4.27
CA SER A 12 -15.46 -0.94 -5.18
C SER A 12 -14.97 -1.34 -6.58
N ASP A 13 -15.55 -2.40 -7.13
CA ASP A 13 -15.17 -2.88 -8.45
C ASP A 13 -16.33 -2.74 -9.43
N TRP A 14 -16.07 -2.12 -10.57
CA TRP A 14 -17.09 -1.92 -11.59
C TRP A 14 -16.80 -2.77 -12.82
N GLY A 15 -17.18 -4.04 -12.77
CA GLY A 15 -16.95 -4.94 -13.89
C GLY A 15 -15.49 -5.34 -14.02
N THR A 16 -14.72 -4.52 -14.74
CA THR A 16 -13.30 -4.80 -14.95
C THR A 16 -12.45 -3.96 -14.01
N GLY A 17 -13.03 -2.90 -13.46
CA GLY A 17 -12.30 -2.03 -12.56
C GLY A 17 -12.41 -2.47 -11.12
N PHE A 18 -11.40 -2.13 -10.32
CA PHE A 18 -11.39 -2.50 -8.91
C PHE A 18 -10.79 -1.39 -8.06
N GLY A 19 -11.37 -1.19 -6.87
CA GLY A 19 -10.88 -0.15 -5.98
C GLY A 19 -10.00 -0.70 -4.87
N GLY A 20 -8.71 -0.35 -4.91
CA GLY A 20 -7.79 -0.82 -3.90
C GLY A 20 -7.76 0.09 -2.68
N SER A 21 -7.86 -0.52 -1.49
CA SER A 21 -7.84 0.25 -0.25
C SER A 21 -6.86 -0.37 0.75
N TRP A 22 -5.67 0.20 0.82
CA TRP A 22 -4.64 -0.29 1.74
C TRP A 22 -4.70 0.45 3.07
N THR A 23 -4.45 -0.28 4.15
CA THR A 23 -4.48 0.30 5.49
C THR A 23 -3.16 0.08 6.22
N VAL A 24 -2.43 1.17 6.44
CA VAL A 24 -1.14 1.10 7.12
C VAL A 24 -1.22 1.71 8.51
N LYS A 25 -0.70 1.01 9.50
CA LYS A 25 -0.71 1.49 10.88
C LYS A 25 0.63 1.22 11.56
N ASN A 26 1.18 2.25 12.20
CA ASN A 26 2.47 2.12 12.88
C ASN A 26 2.27 2.15 14.39
N THR A 27 3.08 1.38 15.11
CA THR A 27 2.99 1.32 16.56
C THR A 27 4.15 0.50 17.14
N GLY A 28 4.40 0.67 18.44
CA GLY A 28 5.47 -0.05 19.09
C GLY A 28 6.84 0.54 18.79
N THR A 29 7.22 0.51 17.52
CA THR A 29 8.50 1.06 17.10
C THR A 29 8.57 2.56 17.32
N THR A 30 9.79 3.10 17.30
CA THR A 30 9.99 4.52 17.51
C THR A 30 9.26 5.34 16.45
N SER A 31 9.46 6.66 16.49
CA SER A 31 8.80 7.55 15.53
C SER A 31 9.14 7.15 14.09
N LEU A 32 8.10 6.83 13.33
CA LEU A 32 8.28 6.43 11.94
C LEU A 32 9.02 7.51 11.15
N SER A 33 9.71 7.10 10.09
CA SER A 33 10.46 8.03 9.26
C SER A 33 9.91 8.06 7.84
N SER A 34 9.09 7.05 7.51
CA SER A 34 8.51 6.95 6.19
C SER A 34 7.65 5.69 6.06
N TRP A 35 6.65 5.75 5.19
CA TRP A 35 5.75 4.62 4.98
C TRP A 35 5.48 4.41 3.49
N THR A 36 5.65 3.18 3.04
CA THR A 36 5.42 2.84 1.64
C THR A 36 5.03 1.38 1.48
N VAL A 37 3.87 1.14 0.88
CA VAL A 37 3.37 -0.22 0.67
C VAL A 37 3.57 -0.65 -0.79
N GLU A 38 4.40 -1.67 -0.98
CA GLU A 38 4.68 -2.18 -2.32
C GLU A 38 4.24 -3.64 -2.44
N TRP A 39 3.90 -4.04 -3.66
CA TRP A 39 3.46 -5.41 -3.92
C TRP A 39 3.72 -5.79 -5.37
N ASP A 40 3.61 -7.10 -5.66
CA ASP A 40 3.83 -7.60 -7.01
C ASP A 40 2.51 -7.78 -7.74
N PHE A 41 2.44 -7.31 -8.98
CA PHE A 41 1.23 -7.43 -9.79
C PHE A 41 1.45 -8.39 -10.95
N PRO A 42 1.43 -9.70 -10.66
CA PRO A 42 1.63 -10.75 -11.67
C PRO A 42 0.44 -10.84 -12.62
N THR A 43 -0.76 -10.92 -12.06
CA THR A 43 -1.97 -11.03 -12.87
C THR A 43 -2.30 -9.70 -13.54
N GLY A 44 -2.83 -9.77 -14.76
CA GLY A 44 -3.18 -8.57 -15.49
C GLY A 44 -3.81 -7.50 -14.60
N THR A 45 -2.99 -6.57 -14.15
CA THR A 45 -3.46 -5.49 -13.28
C THR A 45 -2.54 -4.28 -13.37
N LYS A 46 -3.08 -3.10 -13.05
CA LYS A 46 -2.31 -1.87 -13.08
C LYS A 46 -3.13 -0.71 -12.51
N VAL A 47 -2.51 0.05 -11.61
CA VAL A 47 -3.18 1.19 -10.99
C VAL A 47 -3.27 2.37 -11.95
N THR A 48 -4.43 2.53 -12.57
CA THR A 48 -4.64 3.62 -13.53
C THR A 48 -4.62 4.97 -12.82
N SER A 49 -5.23 5.03 -11.65
CA SER A 49 -5.28 6.28 -10.88
C SER A 49 -5.16 5.99 -9.38
N ALA A 50 -4.56 6.93 -8.66
CA ALA A 50 -4.39 6.78 -7.21
C ALA A 50 -4.51 8.13 -6.51
N TRP A 51 -4.72 8.09 -5.20
CA TRP A 51 -4.86 9.30 -4.40
C TRP A 51 -4.32 9.09 -3.00
N ASP A 52 -3.72 10.13 -2.43
CA ASP A 52 -3.17 10.07 -1.08
C ASP A 52 -2.03 9.06 -1.02
N ALA A 53 -1.52 8.67 -2.18
CA ALA A 53 -0.42 7.71 -2.25
C ALA A 53 0.11 7.58 -3.68
N THR A 54 1.17 8.32 -3.96
CA THR A 54 1.78 8.30 -5.30
C THR A 54 2.14 6.88 -5.71
N VAL A 55 1.29 6.28 -6.55
CA VAL A 55 1.51 4.92 -7.02
C VAL A 55 2.45 4.91 -8.23
N THR A 56 3.49 4.09 -8.15
CA THR A 56 4.47 3.98 -9.23
C THR A 56 4.65 2.53 -9.66
N ASN A 57 4.80 2.32 -10.97
CA ASN A 57 4.99 0.98 -11.51
C ASN A 57 6.42 0.78 -11.99
N SER A 58 6.82 -0.48 -12.11
CA SER A 58 8.18 -0.80 -12.56
C SER A 58 8.25 -2.24 -13.06
N GLY A 59 7.92 -2.43 -14.33
CA GLY A 59 7.95 -3.77 -14.91
C GLY A 59 6.83 -4.65 -14.41
N ASP A 60 7.10 -5.37 -13.32
CA ASP A 60 6.11 -6.26 -12.74
C ASP A 60 5.91 -5.97 -11.26
N HIS A 61 6.53 -4.88 -10.79
CA HIS A 61 6.43 -4.49 -9.40
C HIS A 61 5.81 -3.10 -9.27
N TRP A 62 5.05 -2.89 -8.19
CA TRP A 62 4.39 -1.62 -7.95
C TRP A 62 4.72 -1.09 -6.56
N THR A 63 4.54 0.22 -6.37
CA THR A 63 4.80 0.84 -5.07
C THR A 63 3.88 2.02 -4.83
N ALA A 64 3.57 2.27 -3.57
CA ALA A 64 2.70 3.38 -3.20
C ALA A 64 3.26 4.17 -2.02
N LYS A 65 3.69 5.40 -2.30
CA LYS A 65 4.26 6.26 -1.26
C LYS A 65 3.67 7.66 -1.33
N ASN A 66 3.45 8.26 -0.17
CA ASN A 66 2.89 9.60 -0.10
C ASN A 66 3.85 10.56 0.61
N VAL A 67 4.59 10.03 1.58
CA VAL A 67 5.56 10.84 2.33
C VAL A 67 6.95 10.77 1.69
N GLY A 68 6.98 10.84 0.37
CA GLY A 68 8.25 10.79 -0.34
C GLY A 68 8.99 12.11 -0.30
N TRP A 69 8.42 13.09 0.39
CA TRP A 69 9.03 14.41 0.50
C TRP A 69 9.38 14.73 1.95
N ASN A 70 8.55 14.25 2.87
CA ASN A 70 8.77 14.48 4.30
C ASN A 70 9.23 13.21 4.99
N GLY A 71 8.31 12.25 5.13
CA GLY A 71 8.63 10.99 5.78
C GLY A 71 8.38 11.03 7.27
N THR A 72 8.69 12.17 7.89
CA THR A 72 8.50 12.33 9.33
C THR A 72 7.10 11.89 9.75
N LEU A 73 7.04 10.86 10.59
CA LEU A 73 5.77 10.34 11.08
C LEU A 73 5.88 9.89 12.53
N ALA A 74 4.82 10.11 13.30
CA ALA A 74 4.80 9.73 14.70
C ALA A 74 4.93 8.21 14.86
N PRO A 75 5.33 7.77 16.06
CA PRO A 75 5.50 6.34 16.36
C PRO A 75 4.17 5.60 16.42
N GLY A 76 3.09 6.34 16.57
CA GLY A 76 1.77 5.74 16.63
C GLY A 76 0.72 6.52 15.87
N ALA A 77 0.18 5.94 14.82
CA ALA A 77 -0.84 6.60 14.01
C ALA A 77 -1.32 5.69 12.88
N SER A 78 -2.36 6.12 12.18
CA SER A 78 -2.92 5.35 11.08
C SER A 78 -2.86 6.14 9.77
N VAL A 79 -2.36 5.50 8.72
CA VAL A 79 -2.24 6.14 7.42
C VAL A 79 -2.69 5.20 6.30
N SER A 80 -3.83 5.50 5.71
CA SER A 80 -4.38 4.68 4.63
C SER A 80 -4.38 5.45 3.31
N PHE A 81 -4.55 4.73 2.21
CA PHE A 81 -4.57 5.33 0.89
C PHE A 81 -5.35 4.47 -0.10
N GLY A 82 -6.25 5.11 -0.85
CA GLY A 82 -7.04 4.38 -1.82
C GLY A 82 -6.61 4.66 -3.25
N PHE A 83 -7.20 3.93 -4.19
CA PHE A 83 -6.88 4.11 -5.61
C PHE A 83 -7.78 3.24 -6.48
N ASN A 84 -7.62 3.37 -7.80
CA ASN A 84 -8.42 2.61 -8.74
C ASN A 84 -7.53 1.93 -9.77
N GLY A 85 -7.86 0.68 -10.11
CA GLY A 85 -7.08 -0.06 -11.08
C GLY A 85 -7.94 -0.93 -11.98
N SER A 86 -7.41 -1.30 -13.14
CA SER A 86 -8.14 -2.14 -14.08
C SER A 86 -7.66 -3.58 -14.02
N GLY A 87 -8.53 -4.47 -13.54
CA GLY A 87 -8.17 -5.87 -13.44
C GLY A 87 -8.96 -6.58 -12.35
N PRO A 88 -8.41 -7.71 -11.87
CA PRO A 88 -9.04 -8.50 -10.81
C PRO A 88 -9.02 -7.81 -9.46
N GLY A 89 -7.89 -7.18 -9.14
CA GLY A 89 -7.76 -6.48 -7.88
C GLY A 89 -7.32 -7.40 -6.75
N SER A 90 -6.60 -8.46 -7.11
CA SER A 90 -6.11 -9.42 -6.11
C SER A 90 -4.59 -9.37 -6.00
N PRO A 91 -4.08 -8.32 -5.36
CA PRO A 91 -2.64 -8.13 -5.16
C PRO A 91 -2.04 -9.15 -4.20
N SER A 92 -0.73 -9.35 -4.29
CA SER A 92 -0.03 -10.30 -3.43
C SER A 92 1.34 -9.77 -3.04
N ASN A 93 1.95 -10.40 -2.04
CA ASN A 93 3.26 -9.99 -1.56
C ASN A 93 3.26 -8.54 -1.10
N CYS A 94 2.47 -8.26 -0.06
CA CYS A 94 2.38 -6.91 0.48
C CYS A 94 3.57 -6.58 1.37
N LYS A 95 4.61 -5.99 0.77
CA LYS A 95 5.81 -5.63 1.51
C LYS A 95 5.93 -4.12 1.65
N LEU A 96 5.92 -3.65 2.89
CA LEU A 96 6.04 -2.21 3.16
C LEU A 96 7.12 -1.94 4.20
N ASN A 97 7.65 -0.73 4.18
CA ASN A 97 8.70 -0.33 5.11
C ASN A 97 9.95 -1.19 4.93
N GLY A 98 10.07 -1.81 3.76
CA GLY A 98 11.22 -2.66 3.48
C GLY A 98 10.92 -4.12 3.68
N GLY A 99 9.65 -4.49 3.56
CA GLY A 99 9.25 -5.88 3.74
C GLY A 99 8.83 -6.19 5.15
N SER A 100 7.66 -5.68 5.54
CA SER A 100 7.14 -5.89 6.89
C SER A 100 5.63 -5.74 6.92
N CYS A 101 4.92 -6.87 6.98
CA CYS A 101 3.47 -6.86 7.01
C CYS A 101 2.94 -8.04 7.81
N ASP A 102 1.92 -7.80 8.63
CA ASP A 102 1.33 -8.84 9.45
C ASP A 102 -0.19 -8.88 9.26
N GLY A 103 -0.80 -10.00 9.64
CA GLY A 103 -2.23 -10.14 9.50
C GLY A 103 -2.62 -10.83 8.20
N THR A 104 -1.80 -10.65 7.17
CA THR A 104 -2.07 -11.26 5.87
C THR A 104 -0.82 -11.23 5.00
N SER A 105 -0.98 -11.62 3.73
CA SER A 105 0.12 -11.64 2.79
C SER A 105 -0.36 -11.32 1.37
N ALA A 1 13.58 -3.17 15.45
CA ALA A 1 12.99 -1.86 15.68
C ALA A 1 12.20 -1.39 14.46
N THR A 2 11.12 -2.12 14.15
CA THR A 2 10.29 -1.78 13.01
C THR A 2 8.96 -2.52 13.06
N SER A 3 7.99 -1.95 13.77
CA SER A 3 6.68 -2.56 13.91
C SER A 3 5.67 -1.91 12.97
N ALA A 4 5.49 -2.51 11.79
CA ALA A 4 4.55 -1.99 10.80
C ALA A 4 3.66 -3.09 10.25
N THR A 5 2.36 -2.82 10.18
CA THR A 5 1.40 -3.80 9.66
C THR A 5 0.47 -3.16 8.64
N ALA A 6 0.00 -3.97 7.70
CA ALA A 6 -0.90 -3.49 6.66
C ALA A 6 -2.01 -4.51 6.37
N THR A 7 -3.17 -4.01 5.97
CA THR A 7 -4.30 -4.88 5.68
C THR A 7 -5.00 -4.44 4.39
N PHE A 8 -5.03 -5.33 3.41
CA PHE A 8 -5.66 -5.04 2.13
C PHE A 8 -7.18 -4.96 2.27
N ALA A 9 -7.80 -4.08 1.50
CA ALA A 9 -9.24 -3.91 1.54
C ALA A 9 -9.79 -3.50 0.17
N LYS A 10 -11.07 -3.81 -0.06
CA LYS A 10 -11.71 -3.47 -1.33
C LYS A 10 -12.48 -2.15 -1.21
N THR A 11 -12.68 -1.51 -2.35
CA THR A 11 -13.40 -0.24 -2.39
C THR A 11 -14.65 -0.33 -3.27
N SER A 12 -14.45 -0.66 -4.54
CA SER A 12 -15.54 -0.79 -5.49
C SER A 12 -15.04 -1.25 -6.85
N ASP A 13 -15.67 -2.29 -7.38
CA ASP A 13 -15.30 -2.83 -8.68
C ASP A 13 -16.43 -2.66 -9.69
N TRP A 14 -16.10 -2.08 -10.84
CA TRP A 14 -17.10 -1.86 -11.89
C TRP A 14 -16.82 -2.76 -13.09
N GLY A 15 -17.29 -4.00 -13.01
CA GLY A 15 -17.10 -4.94 -14.10
C GLY A 15 -15.66 -5.44 -14.18
N THR A 16 -14.81 -4.68 -14.86
CA THR A 16 -13.41 -5.05 -15.01
C THR A 16 -12.52 -4.23 -14.08
N GLY A 17 -13.05 -3.11 -13.58
CA GLY A 17 -12.30 -2.27 -12.69
C GLY A 17 -12.45 -2.67 -11.24
N PHE A 18 -11.46 -2.30 -10.42
CA PHE A 18 -11.48 -2.63 -9.00
C PHE A 18 -10.86 -1.51 -8.17
N GLY A 19 -11.43 -1.27 -6.99
CA GLY A 19 -10.91 -0.23 -6.13
C GLY A 19 -10.09 -0.78 -4.98
N GLY A 20 -8.83 -0.36 -4.88
CA GLY A 20 -7.97 -0.82 -3.83
C GLY A 20 -8.03 0.04 -2.59
N SER A 21 -7.81 -0.56 -1.42
CA SER A 21 -7.85 0.18 -0.17
C SER A 21 -6.84 -0.41 0.83
N TRP A 22 -5.65 0.17 0.88
CA TRP A 22 -4.61 -0.30 1.78
C TRP A 22 -4.69 0.44 3.12
N THR A 23 -4.58 -0.31 4.21
CA THR A 23 -4.64 0.27 5.54
C THR A 23 -3.30 0.14 6.25
N VAL A 24 -2.56 1.24 6.30
CA VAL A 24 -1.25 1.26 6.95
C VAL A 24 -1.38 1.67 8.41
N LYS A 25 -0.74 0.89 9.30
CA LYS A 25 -0.78 1.19 10.73
C LYS A 25 0.59 0.97 11.36
N ASN A 26 1.15 2.04 11.92
CA ASN A 26 2.46 1.97 12.55
C ASN A 26 2.36 2.28 14.04
N THR A 27 3.00 1.44 14.86
CA THR A 27 2.97 1.62 16.31
C THR A 27 3.93 0.65 16.99
N GLY A 28 4.42 1.05 18.18
CA GLY A 28 5.34 0.20 18.92
C GLY A 28 6.79 0.52 18.60
N THR A 29 7.01 1.20 17.48
CA THR A 29 8.36 1.55 17.07
C THR A 29 8.69 2.98 17.45
N THR A 30 9.96 3.36 17.29
CA THR A 30 10.41 4.71 17.62
C THR A 30 9.84 5.73 16.65
N SER A 31 10.31 6.97 16.74
CA SER A 31 9.85 8.04 15.87
C SER A 31 9.90 7.61 14.40
N LEU A 32 8.76 7.73 13.72
CA LEU A 32 8.68 7.36 12.32
C LEU A 32 8.91 8.57 11.41
N SER A 33 8.86 8.34 10.11
CA SER A 33 9.07 9.41 9.13
C SER A 33 8.17 9.22 7.91
N SER A 34 8.25 8.03 7.32
CA SER A 34 7.45 7.71 6.14
C SER A 34 7.18 6.21 6.04
N TRP A 35 6.37 5.82 5.08
CA TRP A 35 6.03 4.41 4.88
C TRP A 35 5.98 4.06 3.40
N THR A 36 6.72 3.03 3.02
CA THR A 36 6.75 2.60 1.62
C THR A 36 6.13 1.22 1.45
N VAL A 37 4.89 1.20 0.96
CA VAL A 37 4.17 -0.05 0.74
C VAL A 37 4.21 -0.46 -0.72
N GLU A 38 4.85 -1.60 -1.00
CA GLU A 38 4.94 -2.10 -2.36
C GLU A 38 4.58 -3.58 -2.43
N TRP A 39 4.07 -4.01 -3.58
CA TRP A 39 3.67 -5.40 -3.77
C TRP A 39 3.90 -5.83 -5.22
N ASP A 40 3.77 -7.13 -5.46
CA ASP A 40 3.96 -7.68 -6.79
C ASP A 40 2.61 -7.89 -7.49
N PHE A 41 2.49 -7.35 -8.70
CA PHE A 41 1.26 -7.48 -9.47
C PHE A 41 1.47 -8.36 -10.70
N PRO A 42 1.52 -9.68 -10.49
CA PRO A 42 1.72 -10.66 -11.57
C PRO A 42 0.52 -10.75 -12.49
N THR A 43 -0.67 -10.91 -11.90
CA THR A 43 -1.90 -11.02 -12.67
C THR A 43 -2.29 -9.68 -13.27
N GLY A 44 -2.88 -9.71 -14.47
CA GLY A 44 -3.28 -8.49 -15.13
C GLY A 44 -3.81 -7.45 -14.16
N THR A 45 -2.95 -6.50 -13.80
CA THR A 45 -3.33 -5.45 -12.86
C THR A 45 -2.48 -4.20 -13.07
N LYS A 46 -3.03 -3.05 -12.72
CA LYS A 46 -2.32 -1.79 -12.86
C LYS A 46 -3.12 -0.64 -12.24
N VAL A 47 -2.46 0.16 -11.41
CA VAL A 47 -3.11 1.29 -10.75
C VAL A 47 -3.22 2.48 -11.70
N THR A 48 -4.38 2.62 -12.33
CA THR A 48 -4.62 3.72 -13.26
C THR A 48 -4.56 5.07 -12.55
N SER A 49 -5.13 5.13 -11.35
CA SER A 49 -5.14 6.36 -10.57
C SER A 49 -5.02 6.05 -9.08
N ALA A 50 -4.39 6.97 -8.36
CA ALA A 50 -4.21 6.80 -6.91
C ALA A 50 -4.31 8.14 -6.19
N TRP A 51 -4.63 8.08 -4.90
CA TRP A 51 -4.76 9.29 -4.09
C TRP A 51 -4.21 9.07 -2.69
N ASP A 52 -3.58 10.11 -2.14
CA ASP A 52 -3.01 10.03 -0.80
C ASP A 52 -1.88 9.01 -0.76
N ALA A 53 -1.40 8.61 -1.93
CA ALA A 53 -0.32 7.63 -2.02
C ALA A 53 0.15 7.47 -3.46
N THR A 54 1.19 8.22 -3.83
CA THR A 54 1.74 8.15 -5.18
C THR A 54 2.13 6.72 -5.55
N VAL A 55 1.27 6.05 -6.29
CA VAL A 55 1.54 4.67 -6.71
C VAL A 55 2.26 4.64 -8.05
N THR A 56 3.45 4.03 -8.06
CA THR A 56 4.24 3.93 -9.27
C THR A 56 4.32 2.49 -9.76
N ASN A 57 4.89 2.31 -10.95
CA ASN A 57 5.02 0.98 -11.54
C ASN A 57 6.44 0.76 -12.07
N SER A 58 6.85 -0.51 -12.14
CA SER A 58 8.17 -0.86 -12.63
C SER A 58 8.22 -2.30 -13.11
N GLY A 59 7.84 -2.52 -14.36
CA GLY A 59 7.85 -3.86 -14.92
C GLY A 59 6.68 -4.69 -14.44
N ASP A 60 6.91 -5.46 -13.37
CA ASP A 60 5.87 -6.31 -12.80
C ASP A 60 5.69 -6.03 -11.31
N HIS A 61 6.32 -4.96 -10.84
CA HIS A 61 6.24 -4.59 -9.43
C HIS A 61 5.74 -3.16 -9.28
N TRP A 62 5.00 -2.90 -8.20
CA TRP A 62 4.46 -1.58 -7.94
C TRP A 62 4.81 -1.11 -6.53
N THR A 63 4.75 0.21 -6.31
CA THR A 63 5.07 0.77 -5.01
C THR A 63 4.24 2.02 -4.74
N ALA A 64 3.93 2.26 -3.48
CA ALA A 64 3.14 3.42 -3.08
C ALA A 64 3.82 4.19 -1.95
N LYS A 65 3.86 5.51 -2.08
CA LYS A 65 4.48 6.36 -1.06
C LYS A 65 3.63 7.60 -0.80
N ASN A 66 3.78 8.18 0.38
CA ASN A 66 3.03 9.37 0.75
C ASN A 66 3.96 10.44 1.33
N VAL A 67 4.75 10.05 2.31
CA VAL A 67 5.69 10.97 2.95
C VAL A 67 7.12 10.68 2.52
N GLY A 68 7.30 10.33 1.25
CA GLY A 68 8.62 10.05 0.74
C GLY A 68 9.40 11.29 0.39
N TRP A 69 8.78 12.45 0.62
CA TRP A 69 9.44 13.73 0.34
C TRP A 69 9.65 14.53 1.61
N ASN A 70 8.84 14.25 2.62
CA ASN A 70 8.93 14.95 3.91
C ASN A 70 9.41 14.01 5.00
N GLY A 71 8.93 12.77 4.96
CA GLY A 71 9.33 11.79 5.96
C GLY A 71 9.14 12.30 7.37
N THR A 72 7.93 12.77 7.67
CA THR A 72 7.63 13.29 9.00
C THR A 72 6.35 12.66 9.55
N LEU A 73 6.51 11.61 10.35
CA LEU A 73 5.36 10.92 10.94
C LEU A 73 5.65 10.54 12.40
N ALA A 74 4.59 10.29 13.15
CA ALA A 74 4.73 9.91 14.56
C ALA A 74 4.97 8.41 14.70
N PRO A 75 5.48 8.00 15.86
CA PRO A 75 5.77 6.60 16.15
C PRO A 75 4.50 5.77 16.32
N GLY A 76 3.36 6.45 16.35
CA GLY A 76 2.09 5.76 16.51
C GLY A 76 0.95 6.47 15.79
N ALA A 77 0.39 5.81 14.78
CA ALA A 77 -0.71 6.38 14.02
C ALA A 77 -1.19 5.43 12.93
N SER A 78 -2.29 5.78 12.28
CA SER A 78 -2.84 4.94 11.22
C SER A 78 -3.22 5.79 10.01
N VAL A 79 -2.79 5.35 8.83
CA VAL A 79 -3.09 6.06 7.59
C VAL A 79 -3.43 5.10 6.46
N SER A 80 -4.66 5.18 5.97
CA SER A 80 -5.11 4.32 4.89
C SER A 80 -5.25 5.09 3.58
N PHE A 81 -4.59 4.60 2.54
CA PHE A 81 -4.63 5.24 1.23
C PHE A 81 -5.40 4.38 0.22
N GLY A 82 -6.24 5.04 -0.58
CA GLY A 82 -7.02 4.32 -1.57
C GLY A 82 -6.57 4.62 -2.99
N PHE A 83 -7.16 3.93 -3.95
CA PHE A 83 -6.82 4.13 -5.36
C PHE A 83 -7.73 3.30 -6.26
N ASN A 84 -7.53 3.42 -7.57
CA ASN A 84 -8.33 2.69 -8.54
C ASN A 84 -7.44 1.97 -9.54
N GLY A 85 -7.84 0.75 -9.91
CA GLY A 85 -7.07 -0.04 -10.85
C GLY A 85 -7.95 -0.89 -11.74
N SER A 86 -7.39 -1.31 -12.88
CA SER A 86 -8.14 -2.13 -13.83
C SER A 86 -7.67 -3.59 -13.78
N GLY A 87 -8.55 -4.47 -13.32
CA GLY A 87 -8.21 -5.88 -13.23
C GLY A 87 -9.10 -6.63 -12.26
N PRO A 88 -8.64 -7.81 -11.82
CA PRO A 88 -9.38 -8.64 -10.88
C PRO A 88 -9.45 -8.04 -9.48
N GLY A 89 -8.35 -7.40 -9.07
CA GLY A 89 -8.30 -6.78 -7.75
C GLY A 89 -7.81 -7.74 -6.68
N SER A 90 -7.01 -8.72 -7.09
CA SER A 90 -6.48 -9.71 -6.15
C SER A 90 -4.97 -9.56 -6.01
N PRO A 91 -4.55 -8.52 -5.28
CA PRO A 91 -3.12 -8.24 -5.05
C PRO A 91 -2.47 -9.28 -4.14
N SER A 92 -1.16 -9.41 -4.24
CA SER A 92 -0.41 -10.37 -3.43
C SER A 92 0.99 -9.84 -3.14
N ASN A 93 1.69 -10.52 -2.21
CA ASN A 93 3.03 -10.13 -1.84
C ASN A 93 3.06 -8.71 -1.28
N CYS A 94 2.35 -8.51 -0.17
CA CYS A 94 2.29 -7.20 0.47
C CYS A 94 3.48 -6.99 1.40
N LYS A 95 4.52 -6.33 0.89
CA LYS A 95 5.71 -6.07 1.67
C LYS A 95 5.97 -4.57 1.78
N LEU A 96 6.10 -4.09 3.01
CA LEU A 96 6.36 -2.66 3.25
C LEU A 96 7.44 -2.48 4.30
N ASN A 97 8.11 -1.33 4.26
CA ASN A 97 9.16 -1.02 5.21
C ASN A 97 10.33 -2.00 5.05
N GLY A 98 10.47 -2.57 3.86
CA GLY A 98 11.54 -3.51 3.60
C GLY A 98 11.11 -4.95 3.87
N GLY A 99 9.83 -5.22 3.70
CA GLY A 99 9.32 -6.57 3.93
C GLY A 99 8.80 -6.75 5.34
N SER A 100 7.63 -6.20 5.62
CA SER A 100 7.02 -6.30 6.95
C SER A 100 5.51 -6.13 6.86
N CYS A 101 4.79 -7.23 6.98
CA CYS A 101 3.33 -7.20 6.92
C CYS A 101 2.73 -8.39 7.66
N ASP A 102 1.65 -8.14 8.40
CA ASP A 102 0.99 -9.20 9.16
C ASP A 102 -0.51 -9.22 8.84
N GLY A 103 -0.93 -10.23 8.08
CA GLY A 103 -2.32 -10.36 7.72
C GLY A 103 -2.56 -10.12 6.23
N THR A 104 -1.79 -10.81 5.40
CA THR A 104 -1.92 -10.68 3.95
C THR A 104 -1.73 -12.02 3.26
N SER A 105 -1.95 -12.04 1.95
CA SER A 105 -1.81 -13.27 1.17
C SER A 105 -1.25 -12.96 -0.22
#